data_5G4G
#
_entry.id   5G4G
#
_cell.length_a   1.000
_cell.length_b   1.000
_cell.length_c   1.000
_cell.angle_alpha   90.00
_cell.angle_beta   90.00
_cell.angle_gamma   90.00
#
_symmetry.space_group_name_H-M   'P 1'
#
_entity_poly.entity_id   1
_entity_poly.type   'polypeptide(L)'
_entity_poly.pdbx_seq_one_letter_code
;GIILRVAEANSTDPGMSRVRLDESSRRLLDAEIGDVVEIEKVRKTVGRVYRARPEDENKGIVRIDSVMRNNCGASIGDKV
KVRKVRTEIAKKVTLAPIIRKDQRLKFGEGIEEYVQRALIRRPMLEQDNISVPGLTLAGQTGLLFKVVKTLPSKVPVEIG
EETKIEIREEPASEVLEEVSRISYEDIGGLSEQLGKIREMIELPLKHPELFERLGITPPKGVILYGPPGTGKTLIARAVA
NESGANFLSINGPEIMSKYYGQSEQKLREIFSKAEETAPSIIFIDEIDSIAPKREEVQGEVERRVVAQLLTLMDGMKERG
HVIVIGATNRIDAIDPALRRPGRFDREIEIGVPDRNGRKEILMIHTRNMPLGMSEEEKNKFLEEMADYTYGFVGADLAAL
VRESAMNALRRYLPEIDLDKPIPTEILEKMVVTEDDFKNALKSIEPSSLREVMVEVPNVHWDDIGGLEDVKREIKETVEL
PLLKPDVFKRLGIRPSKGFLLYGPPGVGKTLLAKAVATESNANFISIKGPEVLSKWVGESEKAIREIFKKAKQVAPAIVF
LDEIDSIAPRRGTTSDSGVTERIVNQLLTSLDGIEVMNGVVVIGATNRPDIMDPALLRAGRFDKLIYIPPPDKEARLSIL
KVHTKNMPLAPDVDLNDIAQRTEGYVGADLENLCREAGMNAYRENPDATSVSQKNFLDALKTIRPSVDEEVIKFYRTLSE
T
;
_entity_poly.pdbx_strand_id   A,B,C,D,E,F
#
# COMPACT_ATOMS: atom_id res chain seq x y z
N GLY A 1 -32.00 -59.28 19.87
CA GLY A 1 -32.28 -60.69 20.14
C GLY A 1 -31.85 -61.59 19.01
N ILE A 2 -32.53 -61.44 17.87
CA ILE A 2 -32.13 -61.96 16.58
C ILE A 2 -31.65 -60.77 15.74
N ILE A 3 -31.65 -59.60 16.36
CA ILE A 3 -31.83 -58.31 15.73
C ILE A 3 -30.49 -57.75 15.23
N LEU A 4 -29.46 -58.59 15.20
CA LEU A 4 -28.06 -58.16 15.15
C LEU A 4 -27.80 -57.05 14.13
N ARG A 5 -27.01 -56.06 14.53
CA ARG A 5 -26.90 -54.77 13.87
C ARG A 5 -26.26 -54.88 12.49
N VAL A 6 -26.45 -53.83 11.69
CA VAL A 6 -25.69 -53.64 10.45
C VAL A 6 -24.73 -52.47 10.67
N ALA A 7 -23.58 -52.51 10.00
CA ALA A 7 -22.55 -51.50 10.18
C ALA A 7 -21.73 -51.36 8.90
N GLU A 8 -20.69 -50.54 8.97
CA GLU A 8 -19.77 -50.32 7.85
C GLU A 8 -18.57 -51.23 8.02
N ALA A 9 -18.34 -52.10 7.04
CA ALA A 9 -17.31 -53.13 7.17
C ALA A 9 -15.92 -52.50 7.17
N ASN A 10 -15.16 -52.78 8.23
CA ASN A 10 -13.74 -52.41 8.29
C ASN A 10 -12.89 -53.31 7.40
N SER A 11 -12.82 -54.59 7.73
CA SER A 11 -12.36 -55.59 6.78
C SER A 11 -13.47 -55.71 5.75
N THR A 12 -13.14 -55.45 4.49
CA THR A 12 -14.18 -55.32 3.47
C THR A 12 -14.69 -56.68 3.00
N ASP A 13 -13.77 -57.64 2.83
CA ASP A 13 -14.08 -58.88 2.12
C ASP A 13 -14.67 -58.49 0.76
N PRO A 14 -13.83 -58.05 -0.19
CA PRO A 14 -14.34 -57.55 -1.48
C PRO A 14 -15.28 -58.53 -2.17
N GLY A 15 -15.08 -59.82 -1.94
CA GLY A 15 -16.09 -60.79 -2.33
C GLY A 15 -17.34 -60.60 -1.49
N MET A 16 -18.47 -60.35 -2.14
CA MET A 16 -19.69 -60.04 -1.42
C MET A 16 -20.25 -61.31 -0.78
N SER A 17 -21.15 -61.14 0.20
CA SER A 17 -21.80 -62.26 0.90
C SER A 17 -20.84 -62.93 1.87
N ARG A 18 -19.61 -62.42 1.94
CA ARG A 18 -18.57 -62.90 2.85
C ARG A 18 -18.64 -62.21 4.20
N VAL A 19 -19.73 -61.48 4.46
CA VAL A 19 -19.88 -60.53 5.57
C VAL A 19 -19.41 -61.09 6.89
N ARG A 20 -18.64 -60.28 7.63
CA ARG A 20 -18.04 -60.66 8.90
C ARG A 20 -19.13 -60.72 9.98
N LEU A 21 -19.17 -61.82 10.72
CA LEU A 21 -20.01 -61.95 11.91
C LEU A 21 -19.11 -62.44 13.04
N ASP A 22 -19.23 -61.80 14.22
CA ASP A 22 -18.38 -62.14 15.35
C ASP A 22 -18.60 -63.56 15.85
N GLU A 23 -17.57 -64.15 16.46
CA GLU A 23 -17.74 -65.44 17.11
C GLU A 23 -18.59 -65.31 18.36
N SER A 24 -18.47 -64.17 19.05
CA SER A 24 -19.30 -63.94 20.23
C SER A 24 -20.72 -63.51 19.84
N SER A 25 -20.87 -62.92 18.66
CA SER A 25 -22.20 -62.52 18.21
C SER A 25 -22.97 -63.71 17.64
N ARG A 26 -22.28 -64.66 17.02
CA ARG A 26 -22.96 -65.81 16.44
C ARG A 26 -23.37 -66.82 17.51
N ARG A 27 -22.66 -66.86 18.64
CA ARG A 27 -23.05 -67.76 19.72
C ARG A 27 -24.26 -67.21 20.48
N LEU A 28 -24.51 -65.91 20.36
CA LEU A 28 -25.74 -65.35 20.89
C LEU A 28 -26.94 -65.83 20.09
N LEU A 29 -26.76 -66.04 18.79
CA LEU A 29 -27.82 -66.58 17.95
C LEU A 29 -27.79 -68.11 17.91
N ASP A 30 -26.76 -68.71 18.51
CA ASP A 30 -26.55 -70.15 18.49
C ASP A 30 -26.40 -70.67 17.07
N ALA A 31 -25.72 -69.90 16.23
CA ALA A 31 -25.42 -70.31 14.86
C ALA A 31 -23.92 -70.52 14.70
N GLU A 32 -23.52 -71.71 14.26
CA GLU A 32 -22.10 -72.02 14.19
C GLU A 32 -21.47 -71.34 12.98
N ILE A 33 -20.15 -71.53 12.85
CA ILE A 33 -19.38 -70.84 11.82
C ILE A 33 -19.47 -71.61 10.49
N GLY A 34 -19.46 -70.86 9.39
CA GLY A 34 -19.41 -71.43 8.07
C GLY A 34 -20.71 -72.04 7.58
N ASP A 35 -21.82 -71.32 7.78
CA ASP A 35 -23.12 -71.79 7.34
C ASP A 35 -23.80 -70.71 6.51
N VAL A 36 -24.83 -71.12 5.77
CA VAL A 36 -25.59 -70.19 4.95
C VAL A 36 -26.50 -69.36 5.85
N VAL A 37 -26.53 -68.05 5.62
CA VAL A 37 -27.28 -67.12 6.46
C VAL A 37 -28.43 -66.54 5.65
N GLU A 38 -29.58 -66.38 6.30
CA GLU A 38 -30.74 -65.72 5.74
C GLU A 38 -31.00 -64.42 6.46
N ILE A 39 -30.79 -63.30 5.77
CA ILE A 39 -31.03 -61.97 6.32
C ILE A 39 -32.42 -61.51 5.90
N GLU A 40 -33.31 -61.38 6.88
CA GLU A 40 -34.68 -60.96 6.64
C GLU A 40 -34.99 -59.74 7.48
N LYS A 41 -35.57 -58.72 6.85
CA LYS A 41 -35.89 -57.47 7.54
C LYS A 41 -37.22 -56.91 7.06
N VAL A 42 -37.52 -55.67 7.45
CA VAL A 42 -38.75 -55.02 7.01
C VAL A 42 -38.72 -54.84 5.49
N ARG A 43 -39.91 -54.68 4.91
CA ARG A 43 -40.17 -54.60 3.46
C ARG A 43 -40.02 -55.96 2.79
N LYS A 44 -39.64 -57.00 3.55
CA LYS A 44 -39.54 -58.36 3.04
C LYS A 44 -38.48 -58.49 1.96
N THR A 45 -37.43 -57.67 2.07
CA THR A 45 -36.24 -57.81 1.24
C THR A 45 -35.25 -58.73 1.96
N VAL A 46 -34.66 -59.64 1.19
CA VAL A 46 -33.85 -60.72 1.75
C VAL A 46 -32.50 -60.77 1.02
N GLY A 47 -31.54 -61.42 1.67
CA GLY A 47 -30.22 -61.63 1.12
C GLY A 47 -29.47 -62.66 1.94
N ARG A 48 -28.45 -63.30 1.34
CA ARG A 48 -27.72 -64.35 2.01
C ARG A 48 -26.24 -64.02 2.09
N VAL A 49 -25.65 -64.28 3.26
CA VAL A 49 -24.24 -63.99 3.51
C VAL A 49 -23.57 -65.20 4.14
N TYR A 50 -22.24 -65.18 4.18
CA TYR A 50 -21.44 -66.25 4.76
C TYR A 50 -20.73 -65.73 6.01
N ARG A 51 -20.77 -66.52 7.08
CA ARG A 51 -20.20 -66.07 8.34
C ARG A 51 -18.68 -66.30 8.38
N ALA A 52 -17.96 -65.23 8.73
CA ALA A 52 -16.53 -65.29 8.98
C ALA A 52 -16.20 -64.39 10.17
N ARG A 53 -15.38 -64.86 11.09
CA ARG A 53 -15.20 -64.19 12.36
C ARG A 53 -14.13 -63.10 12.28
N PRO A 54 -14.47 -61.86 12.62
CA PRO A 54 -13.44 -60.85 12.90
C PRO A 54 -13.04 -60.89 14.37
N GLU A 55 -12.22 -59.95 14.82
CA GLU A 55 -11.68 -60.00 16.17
C GLU A 55 -12.09 -58.79 17.01
N ASP A 56 -11.66 -57.59 16.60
CA ASP A 56 -11.80 -56.41 17.45
C ASP A 56 -13.26 -56.07 17.74
N GLU A 57 -14.17 -56.49 16.86
CA GLU A 57 -15.57 -56.14 17.03
C GLU A 57 -16.18 -56.90 18.21
N ASN A 58 -17.21 -56.32 18.81
CA ASN A 58 -17.91 -56.92 19.94
C ASN A 58 -19.33 -57.31 19.52
N LYS A 59 -20.05 -57.93 20.46
CA LYS A 59 -21.38 -58.47 20.18
C LYS A 59 -22.45 -57.38 20.07
N GLY A 60 -22.14 -56.14 20.45
CA GLY A 60 -23.11 -55.06 20.35
C GLY A 60 -23.59 -54.77 18.95
N ILE A 61 -22.73 -54.95 17.94
CA ILE A 61 -23.07 -54.72 16.56
C ILE A 61 -22.50 -55.85 15.71
N VAL A 62 -23.06 -56.03 14.52
CA VAL A 62 -22.51 -56.92 13.51
C VAL A 62 -22.10 -56.08 12.32
N ARG A 63 -20.83 -56.18 11.92
CA ARG A 63 -20.28 -55.30 10.91
C ARG A 63 -20.43 -55.93 9.52
N ILE A 64 -21.24 -55.28 8.68
CA ILE A 64 -21.74 -55.88 7.45
C ILE A 64 -21.20 -55.13 6.24
N ASP A 65 -21.07 -55.82 5.12
CA ASP A 65 -20.56 -55.23 3.89
C ASP A 65 -21.53 -54.19 3.34
N SER A 66 -21.01 -53.32 2.47
CA SER A 66 -21.81 -52.21 1.96
C SER A 66 -22.91 -52.68 1.02
N VAL A 67 -22.55 -53.46 0.00
CA VAL A 67 -23.50 -53.80 -1.05
C VAL A 67 -24.62 -54.68 -0.51
N MET A 68 -24.29 -55.59 0.42
CA MET A 68 -25.34 -56.40 1.03
C MET A 68 -26.26 -55.56 1.91
N ARG A 69 -25.76 -54.45 2.43
CA ARG A 69 -26.65 -53.46 3.02
C ARG A 69 -27.29 -52.60 1.93
N ASN A 70 -26.63 -52.49 0.78
CA ASN A 70 -27.21 -51.76 -0.34
C ASN A 70 -28.22 -52.62 -1.10
N ASN A 71 -28.20 -53.94 -0.85
CA ASN A 71 -29.22 -54.80 -1.44
C ASN A 71 -30.51 -54.75 -0.64
N CYS A 72 -30.40 -54.76 0.69
CA CYS A 72 -31.60 -54.70 1.53
C CYS A 72 -31.96 -53.26 1.87
N GLY A 73 -31.22 -52.30 1.33
CA GLY A 73 -31.40 -50.89 1.67
C GLY A 73 -31.18 -50.59 3.15
N ALA A 74 -30.21 -51.25 3.78
CA ALA A 74 -30.05 -51.15 5.22
C ALA A 74 -29.37 -49.85 5.61
N SER A 75 -29.89 -49.23 6.67
CA SER A 75 -29.26 -48.08 7.30
C SER A 75 -28.78 -48.51 8.67
N ILE A 76 -27.74 -47.83 9.16
CA ILE A 76 -27.10 -48.22 10.42
C ILE A 76 -28.13 -48.22 11.54
N GLY A 77 -28.24 -49.34 12.25
CA GLY A 77 -29.17 -49.48 13.34
C GLY A 77 -30.55 -50.00 12.97
N ASP A 78 -30.68 -50.72 11.87
CA ASP A 78 -31.97 -51.27 11.47
C ASP A 78 -32.28 -52.55 12.23
N LYS A 79 -33.37 -53.20 11.85
CA LYS A 79 -33.87 -54.41 12.48
C LYS A 79 -33.95 -55.53 11.46
N VAL A 80 -33.26 -56.64 11.74
CA VAL A 80 -33.21 -57.79 10.84
C VAL A 80 -33.47 -59.06 11.64
N LYS A 81 -33.82 -60.12 10.91
CA LYS A 81 -34.00 -61.45 11.46
C LYS A 81 -33.08 -62.41 10.70
N VAL A 82 -32.11 -62.98 11.40
CA VAL A 82 -31.12 -63.85 10.76
C VAL A 82 -31.06 -65.18 11.53
N ARG A 83 -30.91 -66.25 10.76
CA ARG A 83 -30.76 -67.59 11.34
C ARG A 83 -30.07 -68.48 10.33
N LYS A 84 -29.52 -69.59 10.83
CA LYS A 84 -28.86 -70.54 9.96
C LYS A 84 -29.89 -71.42 9.26
N VAL A 85 -29.59 -71.77 8.00
CA VAL A 85 -30.50 -72.56 7.17
C VAL A 85 -29.73 -73.72 6.57
N ARG A 86 -30.42 -74.46 5.71
CA ARG A 86 -29.83 -75.60 5.02
C ARG A 86 -28.80 -75.14 3.99
N THR A 87 -27.88 -76.02 3.62
CA THR A 87 -26.80 -75.67 2.70
C THR A 87 -26.93 -76.47 1.41
N GLU A 88 -26.93 -75.76 0.28
CA GLU A 88 -27.00 -76.42 -1.03
C GLU A 88 -25.92 -75.81 -1.92
N ILE A 89 -25.90 -76.21 -3.19
CA ILE A 89 -24.95 -75.69 -4.17
C ILE A 89 -25.68 -75.46 -5.48
N ALA A 90 -25.26 -74.45 -6.24
CA ALA A 90 -25.92 -74.13 -7.50
C ALA A 90 -25.56 -75.17 -8.56
N LYS A 91 -26.14 -74.99 -9.75
CA LYS A 91 -25.86 -75.87 -10.88
C LYS A 91 -25.50 -75.05 -12.11
N LYS A 92 -26.48 -74.34 -12.67
CA LYS A 92 -26.24 -73.44 -13.79
C LYS A 92 -27.04 -72.16 -13.56
N VAL A 93 -26.34 -71.03 -13.56
CA VAL A 93 -26.93 -69.74 -13.24
C VAL A 93 -26.86 -68.86 -14.48
N THR A 94 -27.89 -68.03 -14.66
CA THR A 94 -27.98 -67.10 -15.78
C THR A 94 -28.02 -65.68 -15.24
N LEU A 95 -27.20 -64.80 -15.83
CA LEU A 95 -27.08 -63.43 -15.39
C LEU A 95 -27.42 -62.48 -16.55
N ALA A 96 -27.74 -61.24 -16.19
CA ALA A 96 -28.12 -60.23 -17.17
C ALA A 96 -27.52 -58.88 -16.79
N PRO A 97 -27.21 -58.03 -17.77
CA PRO A 97 -26.64 -56.72 -17.45
C PRO A 97 -27.66 -55.79 -16.83
N ILE A 98 -27.15 -54.79 -16.11
CA ILE A 98 -27.99 -53.75 -15.51
C ILE A 98 -27.70 -52.46 -16.28
N ILE A 99 -28.67 -52.02 -17.07
CA ILE A 99 -28.47 -50.86 -17.95
C ILE A 99 -29.40 -49.73 -17.53
N ARG A 100 -28.83 -48.67 -16.95
CA ARG A 100 -29.59 -47.45 -16.70
C ARG A 100 -28.78 -46.28 -17.23
N LYS A 101 -27.71 -45.87 -16.57
CA LYS A 101 -26.81 -44.85 -17.08
C LYS A 101 -25.57 -45.48 -17.70
N ASP A 102 -25.52 -46.82 -17.69
CA ASP A 102 -24.30 -47.57 -17.96
C ASP A 102 -23.91 -47.52 -19.43
N GLN A 103 -24.87 -47.24 -20.32
CA GLN A 103 -24.64 -47.28 -21.76
C GLN A 103 -24.14 -48.66 -22.18
N ARG A 104 -25.04 -49.64 -22.15
CA ARG A 104 -24.76 -51.06 -22.35
C ARG A 104 -23.69 -51.51 -21.36
N LEU A 105 -22.79 -52.42 -21.74
CA LEU A 105 -21.86 -53.04 -20.81
C LEU A 105 -20.83 -53.87 -21.58
N LYS A 106 -20.03 -54.66 -20.86
CA LYS A 106 -19.03 -55.56 -21.42
C LYS A 106 -19.59 -56.43 -22.55
N PHE A 107 -18.81 -56.56 -23.62
CA PHE A 107 -19.22 -57.28 -24.82
C PHE A 107 -18.68 -58.71 -24.84
N GLY A 108 -17.35 -58.84 -24.85
CA GLY A 108 -16.70 -60.09 -25.18
C GLY A 108 -16.79 -61.13 -24.07
N GLU A 109 -15.86 -62.08 -24.14
CA GLU A 109 -15.87 -63.27 -23.30
C GLU A 109 -15.42 -62.91 -21.90
N GLY A 110 -15.20 -63.95 -21.09
CA GLY A 110 -14.95 -63.77 -19.68
C GLY A 110 -16.16 -64.11 -18.83
N ILE A 111 -17.15 -64.75 -19.45
CA ILE A 111 -18.30 -65.25 -18.74
C ILE A 111 -17.94 -66.33 -17.73
N GLU A 112 -16.88 -67.09 -17.99
CA GLU A 112 -16.34 -68.05 -17.03
C GLU A 112 -15.21 -67.52 -16.18
N GLU A 113 -14.06 -67.13 -16.77
CA GLU A 113 -12.91 -66.65 -16.02
C GLU A 113 -13.28 -65.63 -14.96
N TYR A 114 -13.78 -64.47 -15.40
CA TYR A 114 -14.00 -63.35 -14.50
C TYR A 114 -15.02 -63.68 -13.42
N VAL A 115 -16.06 -64.45 -13.77
CA VAL A 115 -17.10 -64.76 -12.80
C VAL A 115 -16.64 -65.87 -11.86
N GLN A 116 -16.08 -66.95 -12.41
CA GLN A 116 -15.89 -68.18 -11.64
C GLN A 116 -14.95 -67.97 -10.46
N ARG A 117 -13.74 -67.46 -10.71
CA ARG A 117 -12.75 -67.35 -9.65
C ARG A 117 -13.14 -66.31 -8.62
N ALA A 118 -14.10 -65.45 -8.96
CA ALA A 118 -14.56 -64.44 -8.00
C ALA A 118 -15.80 -64.89 -7.23
N LEU A 119 -16.27 -66.11 -7.46
CA LEU A 119 -17.47 -66.58 -6.78
C LEU A 119 -17.19 -66.89 -5.31
N ILE A 120 -16.11 -67.65 -5.05
CA ILE A 120 -15.63 -67.99 -3.71
C ILE A 120 -16.77 -68.37 -2.78
N ARG A 121 -17.71 -69.17 -3.27
CA ARG A 121 -18.80 -69.74 -2.47
C ARG A 121 -19.66 -68.65 -1.81
N ARG A 122 -20.22 -67.75 -2.64
CA ARG A 122 -21.15 -66.71 -2.16
C ARG A 122 -22.53 -67.28 -1.99
N PRO A 123 -23.09 -67.29 -0.77
CA PRO A 123 -24.53 -67.54 -0.62
C PRO A 123 -25.33 -66.41 -1.25
N MET A 124 -26.39 -66.77 -1.97
CA MET A 124 -27.21 -65.79 -2.68
C MET A 124 -28.54 -66.42 -3.09
N LEU A 125 -29.37 -65.62 -3.75
CA LEU A 125 -30.68 -66.04 -4.24
C LEU A 125 -30.91 -65.48 -5.63
N GLU A 126 -31.97 -65.98 -6.27
CA GLU A 126 -32.35 -65.50 -7.59
C GLU A 126 -32.68 -64.01 -7.56
N GLN A 127 -32.41 -63.33 -8.68
CA GLN A 127 -32.69 -61.91 -8.84
C GLN A 127 -31.94 -61.07 -7.81
N ASP A 128 -30.69 -61.44 -7.53
CA ASP A 128 -29.85 -60.65 -6.65
C ASP A 128 -28.68 -60.04 -7.41
N ASN A 129 -28.32 -58.83 -7.03
CA ASN A 129 -27.25 -58.07 -7.68
C ASN A 129 -25.95 -58.31 -6.92
N ILE A 130 -24.99 -58.94 -7.59
CA ILE A 130 -23.68 -59.23 -7.01
C ILE A 130 -22.69 -58.19 -7.52
N SER A 131 -21.78 -57.79 -6.65
CA SER A 131 -20.75 -56.81 -6.98
C SER A 131 -19.40 -57.51 -7.09
N VAL A 132 -18.81 -57.43 -8.28
CA VAL A 132 -17.54 -58.08 -8.58
C VAL A 132 -16.56 -57.07 -9.17
N PRO A 133 -15.73 -56.42 -8.36
CA PRO A 133 -14.70 -55.52 -8.91
C PRO A 133 -13.50 -56.28 -9.45
N GLY A 134 -12.43 -55.57 -9.76
CA GLY A 134 -11.20 -56.22 -10.18
C GLY A 134 -10.80 -55.99 -11.62
N LEU A 135 -9.56 -56.43 -11.89
CA LEU A 135 -8.85 -56.43 -13.17
C LEU A 135 -8.22 -55.09 -13.54
N THR A 136 -8.65 -53.98 -12.92
CA THR A 136 -8.04 -52.68 -13.14
C THR A 136 -8.75 -51.58 -12.36
N LEU A 137 -8.09 -50.42 -12.20
CA LEU A 137 -8.72 -49.27 -11.59
C LEU A 137 -9.62 -48.53 -12.58
N ALA A 138 -9.14 -48.32 -13.80
CA ALA A 138 -9.86 -47.54 -14.81
C ALA A 138 -10.50 -48.44 -15.84
N GLY A 139 -11.82 -48.32 -15.96
CA GLY A 139 -12.59 -49.12 -16.88
C GLY A 139 -13.33 -50.26 -16.20
N GLN A 140 -12.85 -50.66 -15.02
CA GLN A 140 -13.51 -51.69 -14.22
C GLN A 140 -13.67 -51.19 -12.80
N THR A 141 -14.92 -51.04 -12.37
CA THR A 141 -15.24 -50.63 -11.01
C THR A 141 -16.23 -51.61 -10.41
N GLY A 142 -16.75 -51.32 -9.23
CA GLY A 142 -17.81 -52.16 -8.68
C GLY A 142 -18.98 -52.22 -9.63
N LEU A 143 -19.32 -53.45 -10.04
CA LEU A 143 -20.28 -53.65 -11.11
C LEU A 143 -21.31 -54.69 -10.67
N LEU A 144 -22.58 -54.37 -10.90
CA LEU A 144 -23.69 -55.20 -10.46
C LEU A 144 -24.28 -55.95 -11.64
N PHE A 145 -24.53 -57.25 -11.44
CA PHE A 145 -25.15 -58.10 -12.44
C PHE A 145 -26.50 -58.57 -11.94
N LYS A 146 -27.50 -58.50 -12.82
CA LYS A 146 -28.84 -58.99 -12.54
C LYS A 146 -28.89 -60.47 -12.86
N VAL A 147 -29.22 -61.28 -11.87
CA VAL A 147 -29.28 -62.74 -12.04
C VAL A 147 -30.70 -63.08 -12.48
N VAL A 148 -30.81 -63.72 -13.65
CA VAL A 148 -32.14 -64.06 -14.17
C VAL A 148 -32.67 -65.32 -13.51
N LYS A 149 -32.07 -66.47 -13.80
CA LYS A 149 -32.56 -67.74 -13.29
C LYS A 149 -31.40 -68.67 -13.00
N THR A 150 -31.46 -69.36 -11.87
CA THR A 150 -30.60 -70.48 -11.56
C THR A 150 -31.47 -71.72 -11.40
N LEU A 151 -30.88 -72.90 -11.64
CA LEU A 151 -31.66 -74.13 -11.59
C LEU A 151 -32.18 -74.39 -10.18
N PRO A 152 -31.35 -74.26 -9.12
CA PRO A 152 -31.91 -74.25 -7.76
C PRO A 152 -32.37 -72.85 -7.36
N SER A 153 -33.54 -72.44 -7.81
CA SER A 153 -34.05 -71.09 -7.64
C SER A 153 -34.72 -70.93 -6.28
N LYS A 154 -34.52 -69.74 -5.68
CA LYS A 154 -35.19 -69.31 -4.45
C LYS A 154 -34.74 -70.09 -3.23
N VAL A 155 -34.01 -71.19 -3.42
CA VAL A 155 -33.49 -71.99 -2.32
C VAL A 155 -32.09 -71.47 -1.97
N PRO A 156 -31.62 -71.67 -0.73
CA PRO A 156 -30.25 -71.23 -0.41
C PRO A 156 -29.20 -71.94 -1.24
N VAL A 157 -28.32 -71.19 -1.88
CA VAL A 157 -27.34 -71.76 -2.80
C VAL A 157 -26.01 -71.02 -2.64
N GLU A 158 -24.93 -71.79 -2.63
CA GLU A 158 -23.59 -71.26 -2.76
C GLU A 158 -22.98 -71.76 -4.08
N ILE A 159 -22.82 -70.85 -5.02
CA ILE A 159 -22.38 -71.18 -6.38
C ILE A 159 -20.96 -71.71 -6.27
N GLY A 160 -20.72 -72.91 -6.81
CA GLY A 160 -19.44 -73.55 -6.65
C GLY A 160 -18.50 -73.30 -7.81
N GLU A 161 -17.30 -73.87 -7.68
CA GLU A 161 -16.24 -73.71 -8.67
C GLU A 161 -16.44 -74.57 -9.91
N GLU A 162 -17.18 -75.67 -9.81
CA GLU A 162 -17.43 -76.55 -10.94
C GLU A 162 -18.75 -76.23 -11.64
N THR A 163 -19.45 -75.19 -11.19
CA THR A 163 -20.75 -74.80 -11.75
C THR A 163 -20.52 -73.76 -12.84
N LYS A 164 -21.16 -73.96 -13.99
CA LYS A 164 -21.03 -73.04 -15.11
C LYS A 164 -21.84 -71.77 -14.87
N ILE A 165 -21.46 -70.71 -15.55
CA ILE A 165 -22.13 -69.41 -15.47
C ILE A 165 -22.44 -68.94 -16.88
N GLU A 166 -23.69 -68.54 -17.11
CA GLU A 166 -24.12 -68.03 -18.41
C GLU A 166 -24.53 -66.58 -18.28
N ILE A 167 -24.06 -65.77 -19.22
CA ILE A 167 -24.38 -64.34 -19.28
C ILE A 167 -25.29 -64.15 -20.49
N ARG A 168 -26.54 -63.75 -20.25
CA ARG A 168 -27.48 -63.58 -21.35
C ARG A 168 -27.13 -62.38 -22.20
N GLU A 169 -26.58 -61.32 -21.59
CA GLU A 169 -26.20 -60.06 -22.22
C GLU A 169 -27.40 -59.25 -22.70
N GLU A 170 -28.62 -59.77 -22.57
CA GLU A 170 -29.81 -59.03 -22.99
C GLU A 170 -29.96 -57.79 -22.10
N PRO A 171 -30.03 -56.59 -22.69
CA PRO A 171 -30.03 -55.38 -21.88
C PRO A 171 -31.29 -55.25 -21.03
N ALA A 172 -31.09 -54.91 -19.75
CA ALA A 172 -32.19 -54.70 -18.83
C ALA A 172 -31.76 -53.77 -17.70
N SER A 173 -32.64 -53.54 -16.73
CA SER A 173 -32.31 -52.64 -15.63
C SER A 173 -32.18 -53.43 -14.32
N GLU A 174 -31.90 -52.74 -13.22
CA GLU A 174 -31.75 -53.41 -11.95
C GLU A 174 -33.11 -53.78 -11.37
N VAL A 175 -33.17 -54.97 -10.79
CA VAL A 175 -34.34 -55.36 -10.01
C VAL A 175 -34.23 -54.76 -8.62
N LEU A 176 -33.02 -54.75 -8.05
CA LEU A 176 -32.85 -54.31 -6.68
C LEU A 176 -31.73 -53.30 -6.52
N GLU A 177 -32.10 -52.04 -6.22
CA GLU A 177 -31.23 -51.03 -5.61
C GLU A 177 -29.81 -50.99 -6.17
N GLU A 178 -29.66 -50.50 -7.41
CA GLU A 178 -28.36 -50.39 -8.07
C GLU A 178 -27.63 -49.19 -7.48
N VAL A 179 -26.49 -48.85 -8.07
CA VAL A 179 -25.58 -47.80 -7.60
C VAL A 179 -26.22 -46.45 -7.93
N SER A 180 -25.45 -45.35 -7.80
CA SER A 180 -25.88 -43.95 -7.73
C SER A 180 -26.19 -43.60 -6.29
N ARG A 181 -26.12 -44.60 -5.41
CA ARG A 181 -26.14 -44.39 -3.97
C ARG A 181 -24.77 -44.72 -3.42
N ILE A 182 -24.31 -43.91 -2.47
CA ILE A 182 -23.02 -44.13 -1.84
C ILE A 182 -23.20 -44.35 -0.35
N SER A 183 -22.93 -45.57 0.11
CA SER A 183 -23.07 -45.94 1.51
C SER A 183 -21.93 -45.37 2.35
N TYR A 184 -22.14 -45.31 3.68
CA TYR A 184 -21.09 -44.85 4.58
C TYR A 184 -19.84 -45.70 4.48
N GLU A 185 -19.99 -47.00 4.19
CA GLU A 185 -18.81 -47.81 3.90
C GLU A 185 -18.19 -47.44 2.57
N ASP A 186 -19.00 -47.16 1.55
CA ASP A 186 -18.47 -46.63 0.31
C ASP A 186 -17.78 -45.29 0.50
N ILE A 187 -18.15 -44.56 1.55
CA ILE A 187 -17.47 -43.34 1.97
C ILE A 187 -16.21 -43.74 2.72
N GLY A 188 -15.20 -42.88 2.69
CA GLY A 188 -14.02 -43.11 3.49
C GLY A 188 -13.38 -41.80 3.91
N GLY A 189 -12.67 -41.83 5.03
CA GLY A 189 -12.15 -40.60 5.61
C GLY A 189 -12.03 -40.69 7.11
N LEU A 190 -12.09 -39.53 7.77
CA LEU A 190 -12.14 -39.45 9.24
C LEU A 190 -13.32 -40.29 9.73
N SER A 191 -13.04 -41.13 10.72
CA SER A 191 -14.04 -42.10 11.18
C SER A 191 -15.01 -41.46 12.18
N GLU A 192 -14.50 -41.04 13.34
CA GLU A 192 -15.36 -40.48 14.38
C GLU A 192 -16.07 -39.23 13.88
N GLN A 193 -15.42 -38.46 13.01
CA GLN A 193 -16.04 -37.27 12.46
C GLN A 193 -17.21 -37.62 11.54
N LEU A 194 -17.12 -38.74 10.83
CA LEU A 194 -18.22 -39.16 9.97
C LEU A 194 -19.47 -39.48 10.80
N GLY A 195 -19.28 -40.07 11.97
CA GLY A 195 -20.41 -40.35 12.83
C GLY A 195 -20.90 -39.13 13.59
N LYS A 196 -20.00 -38.17 13.83
CA LYS A 196 -20.39 -36.97 14.56
C LYS A 196 -21.15 -35.99 13.66
N ILE A 197 -20.75 -35.91 12.39
CA ILE A 197 -21.46 -35.04 11.45
C ILE A 197 -22.86 -35.55 11.18
N ARG A 198 -23.01 -36.88 11.07
CA ARG A 198 -24.29 -37.46 10.68
C ARG A 198 -25.27 -37.50 11.85
N GLU A 199 -24.76 -37.68 13.08
CA GLU A 199 -25.63 -37.95 14.21
C GLU A 199 -26.55 -36.78 14.52
N MET A 200 -26.17 -35.57 14.11
CA MET A 200 -27.05 -34.41 14.35
C MET A 200 -28.22 -34.39 13.39
N ILE A 201 -27.98 -34.78 12.13
CA ILE A 201 -29.06 -34.83 11.16
C ILE A 201 -29.61 -36.25 11.02
N GLU A 202 -29.03 -37.21 11.74
CA GLU A 202 -29.50 -38.59 11.65
C GLU A 202 -30.96 -38.71 12.06
N LEU A 203 -31.26 -38.46 13.33
CA LEU A 203 -32.61 -38.67 13.83
C LEU A 203 -33.67 -37.80 13.14
N PRO A 204 -33.46 -36.49 12.92
CA PRO A 204 -34.52 -35.71 12.25
C PRO A 204 -34.86 -36.20 10.86
N LEU A 205 -33.85 -36.45 10.01
CA LEU A 205 -34.12 -36.75 8.61
C LEU A 205 -34.84 -38.08 8.45
N LYS A 206 -34.54 -39.06 9.30
CA LYS A 206 -35.26 -40.34 9.25
C LYS A 206 -36.75 -40.14 9.48
N HIS A 207 -37.13 -39.76 10.70
CA HIS A 207 -38.53 -39.47 11.00
C HIS A 207 -38.62 -38.06 11.58
N PRO A 208 -39.64 -37.28 11.20
CA PRO A 208 -39.80 -35.95 11.80
C PRO A 208 -40.15 -35.97 13.28
N GLU A 209 -41.02 -36.88 13.72
CA GLU A 209 -41.49 -36.91 15.09
C GLU A 209 -40.62 -37.72 16.04
N LEU A 210 -39.65 -38.49 15.53
CA LEU A 210 -38.75 -39.22 16.42
C LEU A 210 -37.94 -38.26 17.29
N PHE A 211 -37.20 -37.37 16.65
CA PHE A 211 -36.51 -36.27 17.33
C PHE A 211 -36.88 -34.98 16.62
N GLU A 212 -37.66 -34.13 17.29
CA GLU A 212 -38.04 -32.87 16.66
C GLU A 212 -37.67 -31.67 17.53
N ARG A 213 -38.47 -31.39 18.58
CA ARG A 213 -38.06 -30.42 19.60
C ARG A 213 -37.54 -31.08 20.88
N LEU A 214 -37.54 -32.41 20.95
CA LEU A 214 -37.34 -33.11 22.21
C LEU A 214 -36.05 -32.74 22.92
N GLY A 215 -34.91 -33.19 22.40
CA GLY A 215 -33.64 -32.93 23.04
C GLY A 215 -33.22 -31.48 23.00
N ILE A 216 -33.08 -30.93 21.79
CA ILE A 216 -32.63 -29.55 21.59
C ILE A 216 -33.32 -29.00 20.34
N THR A 217 -32.92 -27.80 19.94
CA THR A 217 -33.32 -27.23 18.66
C THR A 217 -32.53 -27.96 17.59
N PRO A 218 -33.15 -28.38 16.49
CA PRO A 218 -32.42 -29.15 15.47
C PRO A 218 -31.35 -28.29 14.82
N PRO A 219 -30.51 -28.88 13.94
CA PRO A 219 -29.44 -28.08 13.34
C PRO A 219 -29.95 -26.96 12.44
N LYS A 220 -29.40 -25.77 12.63
CA LYS A 220 -29.72 -24.63 11.77
C LYS A 220 -28.92 -24.74 10.48
N GLY A 221 -27.59 -24.69 10.59
CA GLY A 221 -26.72 -24.87 9.45
C GLY A 221 -25.41 -25.50 9.79
N VAL A 222 -24.72 -26.06 8.79
CA VAL A 222 -23.44 -26.74 8.97
C VAL A 222 -22.49 -26.26 7.88
N ILE A 223 -21.30 -25.83 8.28
CA ILE A 223 -20.27 -25.37 7.35
C ILE A 223 -19.17 -26.41 7.30
N LEU A 224 -18.81 -26.83 6.08
CA LEU A 224 -17.83 -27.88 5.86
C LEU A 224 -16.57 -27.29 5.23
N TYR A 225 -15.45 -27.95 5.48
CA TYR A 225 -14.14 -27.51 5.05
C TYR A 225 -13.40 -28.64 4.35
N GLY A 226 -12.29 -28.29 3.72
CA GLY A 226 -11.46 -29.27 3.05
C GLY A 226 -11.56 -29.25 1.54
N PRO A 227 -11.01 -30.28 0.91
CA PRO A 227 -10.83 -30.28 -0.56
C PRO A 227 -12.15 -30.45 -1.29
N PRO A 228 -12.79 -29.33 -1.69
CA PRO A 228 -14.18 -29.37 -2.14
C PRO A 228 -14.39 -30.06 -3.49
N GLY A 229 -14.64 -31.36 -3.47
CA GLY A 229 -14.67 -32.17 -4.66
C GLY A 229 -13.59 -33.22 -4.78
N THR A 230 -12.75 -33.40 -3.76
CA THR A 230 -11.89 -34.57 -3.68
C THR A 230 -12.66 -35.85 -3.37
N GLY A 231 -13.96 -35.75 -3.16
CA GLY A 231 -14.72 -36.80 -2.48
C GLY A 231 -15.26 -36.32 -1.15
N LYS A 232 -14.84 -35.13 -0.72
CA LYS A 232 -15.58 -34.43 0.33
C LYS A 232 -16.94 -33.96 -0.19
N THR A 233 -16.98 -33.52 -1.45
CA THR A 233 -18.26 -33.16 -2.06
C THR A 233 -19.08 -34.41 -2.38
N LEU A 234 -18.40 -35.52 -2.69
CA LEU A 234 -19.11 -36.77 -2.91
C LEU A 234 -19.84 -37.22 -1.65
N ILE A 235 -19.35 -36.82 -0.47
CA ILE A 235 -20.03 -37.14 0.77
C ILE A 235 -21.40 -36.46 0.83
N ALA A 236 -21.49 -35.22 0.31
CA ALA A 236 -22.75 -34.52 0.27
C ALA A 236 -23.83 -35.35 -0.41
N ARG A 237 -23.64 -35.66 -1.70
CA ARG A 237 -24.59 -36.52 -2.40
C ARG A 237 -24.71 -37.89 -1.75
N ALA A 238 -23.67 -38.31 -1.02
CA ALA A 238 -23.70 -39.62 -0.38
C ALA A 238 -24.63 -39.63 0.83
N VAL A 239 -24.59 -38.57 1.64
CA VAL A 239 -25.41 -38.51 2.85
C VAL A 239 -26.90 -38.57 2.50
N ALA A 240 -27.26 -38.00 1.35
CA ALA A 240 -28.67 -38.00 0.96
C ALA A 240 -29.12 -39.37 0.49
N ASN A 241 -28.18 -40.30 0.30
CA ASN A 241 -28.56 -41.63 -0.18
C ASN A 241 -29.15 -42.48 0.94
N GLU A 242 -28.52 -42.48 2.12
CA GLU A 242 -29.06 -43.27 3.24
C GLU A 242 -30.37 -42.68 3.73
N SER A 243 -30.47 -41.35 3.80
CA SER A 243 -31.69 -40.70 4.24
C SER A 243 -32.84 -40.89 3.27
N GLY A 244 -32.56 -41.04 1.99
CA GLY A 244 -33.61 -41.23 0.98
C GLY A 244 -34.36 -39.99 0.58
N ALA A 245 -34.05 -38.85 1.21
CA ALA A 245 -34.72 -37.60 0.91
C ALA A 245 -34.15 -36.97 -0.36
N ASN A 246 -34.69 -35.82 -0.75
CA ASN A 246 -34.22 -35.13 -1.94
C ASN A 246 -32.94 -34.37 -1.66
N PHE A 247 -32.08 -34.29 -2.68
CA PHE A 247 -30.80 -33.59 -2.57
C PHE A 247 -30.77 -32.44 -3.56
N LEU A 248 -30.75 -31.22 -3.05
CA LEU A 248 -30.67 -30.01 -3.87
C LEU A 248 -29.20 -29.68 -4.11
N SER A 249 -28.86 -29.38 -5.36
CA SER A 249 -27.49 -29.15 -5.76
C SER A 249 -27.30 -27.68 -6.14
N ILE A 250 -26.56 -26.96 -5.32
CA ILE A 250 -26.12 -25.59 -5.62
C ILE A 250 -24.69 -25.72 -6.14
N ASN A 251 -24.48 -25.39 -7.41
CA ASN A 251 -23.23 -25.69 -8.09
C ASN A 251 -22.64 -24.46 -8.77
N GLY A 252 -21.38 -24.57 -9.17
CA GLY A 252 -20.66 -23.53 -9.83
C GLY A 252 -21.20 -23.12 -11.20
N PRO A 253 -21.37 -24.08 -12.12
CA PRO A 253 -21.79 -23.71 -13.48
C PRO A 253 -23.14 -23.01 -13.55
N GLU A 254 -24.04 -23.23 -12.59
CA GLU A 254 -25.34 -22.56 -12.66
C GLU A 254 -25.24 -21.12 -12.16
N ILE A 255 -24.45 -20.88 -11.11
CA ILE A 255 -24.34 -19.53 -10.58
C ILE A 255 -23.48 -18.67 -11.49
N MET A 256 -22.59 -19.29 -12.26
CA MET A 256 -21.79 -18.55 -13.24
C MET A 256 -22.59 -18.25 -14.50
N SER A 257 -23.48 -19.15 -14.90
CA SER A 257 -24.23 -18.96 -16.14
C SER A 257 -25.42 -18.02 -15.92
N LYS A 258 -25.83 -17.81 -14.68
CA LYS A 258 -26.97 -16.95 -14.38
C LYS A 258 -26.45 -15.61 -13.88
N TYR A 259 -26.63 -14.59 -14.71
CA TYR A 259 -26.24 -13.21 -14.39
C TYR A 259 -27.42 -12.48 -13.75
N TYR A 260 -27.32 -11.14 -13.70
CA TYR A 260 -28.31 -10.32 -13.02
C TYR A 260 -29.73 -10.63 -13.49
N GLY A 261 -30.60 -10.98 -12.54
CA GLY A 261 -31.98 -11.30 -12.83
C GLY A 261 -32.23 -12.75 -13.14
N GLN A 262 -31.21 -13.46 -13.65
CA GLN A 262 -31.34 -14.90 -13.84
C GLN A 262 -31.03 -15.65 -12.54
N SER A 263 -29.99 -15.24 -11.83
CA SER A 263 -29.61 -15.92 -10.59
C SER A 263 -30.50 -15.47 -9.44
N GLU A 264 -30.90 -14.20 -9.43
CA GLU A 264 -31.74 -13.68 -8.35
C GLU A 264 -33.08 -14.40 -8.29
N GLN A 265 -33.64 -14.74 -9.46
CA GLN A 265 -34.87 -15.52 -9.47
C GLN A 265 -34.60 -17.00 -9.22
N LYS A 266 -33.39 -17.47 -9.58
CA LYS A 266 -33.04 -18.87 -9.37
C LYS A 266 -32.86 -19.18 -7.90
N LEU A 267 -32.45 -18.19 -7.10
CA LEU A 267 -32.28 -18.41 -5.66
C LEU A 267 -33.61 -18.75 -5.00
N ARG A 268 -34.69 -18.07 -5.41
CA ARG A 268 -36.01 -18.44 -4.90
C ARG A 268 -36.54 -19.68 -5.62
N GLU A 269 -36.06 -19.92 -6.85
CA GLU A 269 -36.51 -21.10 -7.59
C GLU A 269 -36.00 -22.38 -6.94
N ILE A 270 -34.72 -22.41 -6.55
CA ILE A 270 -34.19 -23.57 -5.86
C ILE A 270 -34.74 -23.62 -4.44
N PHE A 271 -35.12 -22.47 -3.88
CA PHE A 271 -35.73 -22.46 -2.56
C PHE A 271 -37.20 -22.87 -2.63
N SER A 272 -37.85 -22.64 -3.77
CA SER A 272 -39.23 -23.09 -3.95
C SER A 272 -39.29 -24.61 -4.00
N LYS A 273 -38.27 -25.24 -4.60
CA LYS A 273 -38.22 -26.70 -4.59
C LYS A 273 -37.85 -27.23 -3.21
N ALA A 274 -37.19 -26.41 -2.39
CA ALA A 274 -36.86 -26.83 -1.03
C ALA A 274 -38.13 -27.02 -0.21
N GLU A 275 -39.14 -26.18 -0.43
CA GLU A 275 -40.40 -26.34 0.28
C GLU A 275 -41.24 -27.47 -0.33
N GLU A 276 -41.12 -27.68 -1.65
CA GLU A 276 -41.89 -28.73 -2.29
C GLU A 276 -41.29 -30.11 -2.02
N THR A 277 -39.97 -30.23 -2.16
CA THR A 277 -39.31 -31.51 -1.93
C THR A 277 -39.15 -31.81 -0.45
N ALA A 278 -39.51 -30.86 0.42
CA ALA A 278 -39.42 -31.04 1.86
C ALA A 278 -40.15 -32.31 2.30
N PRO A 279 -39.51 -33.13 3.15
CA PRO A 279 -38.16 -32.96 3.71
C PRO A 279 -37.03 -33.12 2.71
N SER A 280 -36.05 -32.21 2.76
CA SER A 280 -34.89 -32.24 1.89
C SER A 280 -33.74 -31.53 2.57
N ILE A 281 -32.53 -31.81 2.08
CA ILE A 281 -31.30 -31.23 2.63
C ILE A 281 -30.73 -30.30 1.58
N ILE A 282 -30.16 -29.18 2.01
CA ILE A 282 -29.61 -28.19 1.09
C ILE A 282 -28.11 -28.10 1.31
N PHE A 283 -27.34 -28.54 0.31
CA PHE A 283 -25.88 -28.50 0.35
C PHE A 283 -25.38 -27.44 -0.61
N ILE A 284 -24.55 -26.53 -0.11
CA ILE A 284 -23.94 -25.48 -0.91
C ILE A 284 -22.43 -25.59 -0.78
N ASP A 285 -21.77 -25.97 -1.87
CA ASP A 285 -20.31 -25.93 -1.95
C ASP A 285 -19.81 -24.64 -2.57
N GLU A 286 -20.72 -23.71 -2.88
CA GLU A 286 -20.41 -22.47 -3.57
C GLU A 286 -20.14 -21.31 -2.62
N ILE A 287 -20.07 -21.57 -1.30
CA ILE A 287 -19.81 -20.53 -0.32
C ILE A 287 -18.58 -19.72 -0.73
N ASP A 288 -17.61 -20.38 -1.37
CA ASP A 288 -16.46 -19.66 -1.91
C ASP A 288 -16.88 -18.68 -3.01
N SER A 289 -17.73 -19.12 -3.94
CA SER A 289 -18.20 -18.24 -4.99
C SER A 289 -19.32 -17.32 -4.50
N ILE A 290 -20.30 -17.89 -3.79
CA ILE A 290 -21.42 -17.10 -3.28
C ILE A 290 -20.94 -15.99 -2.36
N ALA A 291 -20.37 -16.34 -1.21
CA ALA A 291 -19.99 -15.36 -0.19
C ALA A 291 -18.50 -15.46 0.13
N PRO A 292 -17.63 -15.09 -0.81
CA PRO A 292 -16.22 -14.89 -0.45
C PRO A 292 -15.98 -13.66 0.41
N LYS A 293 -17.00 -12.80 0.54
CA LYS A 293 -16.84 -11.40 0.90
C LYS A 293 -16.05 -11.16 2.19
N ARG A 294 -14.97 -10.39 2.06
CA ARG A 294 -14.17 -9.85 3.16
C ARG A 294 -14.61 -8.43 3.48
N GLU A 295 -15.77 -8.03 2.96
CA GLU A 295 -16.24 -6.64 2.89
C GLU A 295 -15.35 -5.79 1.99
N GLU A 296 -15.38 -6.10 0.69
CA GLU A 296 -14.92 -5.23 -0.38
C GLU A 296 -16.03 -5.17 -1.42
N VAL A 297 -15.75 -4.54 -2.55
CA VAL A 297 -16.75 -4.46 -3.61
C VAL A 297 -16.43 -5.49 -4.70
N GLN A 298 -17.24 -6.54 -4.74
CA GLN A 298 -17.15 -7.55 -5.79
C GLN A 298 -18.18 -7.30 -6.87
N GLY A 299 -18.95 -6.22 -6.72
CA GLY A 299 -20.07 -5.96 -7.61
C GLY A 299 -21.41 -6.17 -6.94
N GLU A 300 -22.49 -5.72 -7.59
CA GLU A 300 -23.80 -5.79 -6.97
C GLU A 300 -24.32 -7.23 -6.92
N VAL A 301 -23.97 -8.04 -7.91
CA VAL A 301 -24.48 -9.41 -7.97
C VAL A 301 -23.96 -10.23 -6.80
N GLU A 302 -22.74 -9.94 -6.34
CA GLU A 302 -22.16 -10.69 -5.24
C GLU A 302 -22.85 -10.35 -3.93
N ARG A 303 -23.17 -9.07 -3.72
CA ARG A 303 -23.87 -8.67 -2.50
C ARG A 303 -25.35 -9.05 -2.58
N ARG A 304 -25.88 -9.19 -3.79
CA ARG A 304 -27.29 -9.54 -3.93
C ARG A 304 -27.52 -11.04 -3.71
N VAL A 305 -26.58 -11.87 -4.16
CA VAL A 305 -26.77 -13.32 -4.04
C VAL A 305 -26.59 -13.76 -2.59
N VAL A 306 -25.72 -13.06 -1.84
CA VAL A 306 -25.51 -13.43 -0.44
C VAL A 306 -26.64 -12.89 0.44
N ALA A 307 -27.12 -11.67 0.14
CA ALA A 307 -28.20 -11.11 0.93
C ALA A 307 -29.49 -11.90 0.77
N GLN A 308 -29.70 -12.47 -0.42
CA GLN A 308 -30.88 -13.31 -0.62
C GLN A 308 -30.74 -14.62 0.13
N LEU A 309 -29.58 -15.27 0.02
CA LEU A 309 -29.36 -16.53 0.71
C LEU A 309 -29.52 -16.36 2.23
N LEU A 310 -29.20 -15.18 2.74
CA LEU A 310 -29.46 -14.90 4.15
C LEU A 310 -30.95 -14.83 4.41
N THR A 311 -31.71 -14.20 3.50
CA THR A 311 -33.15 -14.10 3.68
C THR A 311 -33.86 -15.39 3.31
N LEU A 312 -33.26 -16.19 2.42
CA LEU A 312 -33.85 -17.48 2.09
C LEU A 312 -33.89 -18.40 3.31
N MET A 313 -32.84 -18.37 4.13
CA MET A 313 -32.86 -19.13 5.37
C MET A 313 -33.70 -18.42 6.43
N ASP A 314 -33.73 -17.08 6.37
CA ASP A 314 -34.59 -16.32 7.28
C ASP A 314 -36.05 -16.42 6.89
N GLY A 315 -36.34 -16.59 5.59
CA GLY A 315 -37.72 -16.74 5.17
C GLY A 315 -38.35 -18.02 5.66
N MET A 316 -37.52 -18.98 6.06
CA MET A 316 -38.02 -20.23 6.61
C MET A 316 -38.19 -20.11 8.12
N LYS A 317 -39.29 -20.67 8.62
CA LYS A 317 -39.54 -20.70 10.06
C LYS A 317 -38.54 -21.60 10.78
N GLU A 318 -37.69 -22.29 10.03
CA GLU A 318 -36.77 -23.35 10.45
C GLU A 318 -37.50 -24.68 10.46
N ARG A 319 -38.82 -24.66 10.32
CA ARG A 319 -39.53 -25.91 10.05
C ARG A 319 -40.18 -25.91 8.69
N GLY A 320 -39.52 -26.53 7.71
CA GLY A 320 -40.18 -27.20 6.62
C GLY A 320 -39.81 -28.66 6.81
N HIS A 321 -39.16 -28.90 7.94
CA HIS A 321 -38.29 -30.05 8.19
C HIS A 321 -37.18 -30.16 7.15
N VAL A 322 -36.30 -29.15 7.07
CA VAL A 322 -35.19 -29.13 6.13
C VAL A 322 -33.95 -28.63 6.85
N ILE A 323 -32.78 -29.04 6.36
CA ILE A 323 -31.50 -28.64 6.93
C ILE A 323 -30.60 -28.12 5.83
N VAL A 324 -30.19 -26.86 5.93
CA VAL A 324 -29.30 -26.24 4.97
C VAL A 324 -27.88 -26.37 5.49
N ILE A 325 -26.97 -26.85 4.64
CA ILE A 325 -25.57 -27.01 5.00
C ILE A 325 -24.71 -26.37 3.92
N GLY A 326 -23.42 -26.22 4.22
CA GLY A 326 -22.52 -25.55 3.31
C GLY A 326 -21.11 -26.12 3.42
N ALA A 327 -20.32 -25.85 2.37
CA ALA A 327 -18.96 -26.37 2.28
C ALA A 327 -18.10 -25.37 1.52
N THR A 328 -16.81 -25.37 1.83
CA THR A 328 -15.85 -24.49 1.18
C THR A 328 -14.46 -25.10 1.30
N ASN A 329 -13.54 -24.58 0.48
CA ASN A 329 -12.20 -25.15 0.36
C ASN A 329 -11.45 -25.11 1.69
N ARG A 330 -11.42 -23.96 2.34
CA ARG A 330 -10.61 -23.82 3.55
C ARG A 330 -11.31 -22.98 4.61
N ILE A 331 -10.59 -22.63 5.68
CA ILE A 331 -11.17 -21.83 6.75
C ILE A 331 -11.47 -20.42 6.27
N ASP A 332 -11.04 -20.09 5.06
CA ASP A 332 -11.20 -18.76 4.49
C ASP A 332 -12.20 -18.81 3.34
N ALA A 333 -12.38 -17.68 2.67
CA ALA A 333 -13.41 -17.51 1.63
C ALA A 333 -14.79 -17.82 2.21
N ILE A 334 -15.21 -17.02 3.20
CA ILE A 334 -16.50 -17.21 3.85
C ILE A 334 -16.95 -15.84 4.36
N ASP A 335 -18.29 -15.64 4.38
CA ASP A 335 -18.75 -14.35 4.86
C ASP A 335 -18.73 -14.31 6.39
N PRO A 336 -18.15 -13.25 6.96
CA PRO A 336 -18.05 -13.18 8.43
C PRO A 336 -19.40 -13.12 9.14
N ALA A 337 -20.45 -12.64 8.47
CA ALA A 337 -21.74 -12.53 9.14
C ALA A 337 -22.46 -13.87 9.22
N LEU A 338 -21.90 -14.90 8.57
CA LEU A 338 -22.55 -16.21 8.56
C LEU A 338 -22.49 -16.86 9.93
N ARG A 339 -21.63 -16.36 10.83
CA ARG A 339 -21.53 -16.95 12.16
C ARG A 339 -22.49 -16.29 13.14
N ARG A 340 -23.16 -15.22 12.70
CA ARG A 340 -24.17 -14.56 13.51
C ARG A 340 -25.38 -15.47 13.63
N PRO A 341 -26.16 -15.35 14.72
CA PRO A 341 -27.40 -16.14 14.84
C PRO A 341 -28.41 -15.82 13.75
N GLY A 342 -29.55 -16.53 13.77
CA GLY A 342 -30.51 -16.47 12.69
C GLY A 342 -30.08 -17.16 11.42
N ARG A 343 -28.88 -17.75 11.41
CA ARG A 343 -28.31 -18.39 10.23
C ARG A 343 -27.30 -19.42 10.72
N PHE A 344 -26.43 -19.87 9.81
CA PHE A 344 -25.55 -21.01 10.08
C PHE A 344 -24.85 -20.87 11.44
N ASP A 345 -24.92 -21.93 12.24
CA ASP A 345 -24.41 -21.89 13.61
C ASP A 345 -23.30 -22.92 13.81
N ARG A 346 -23.61 -24.20 13.63
CA ARG A 346 -22.63 -25.28 13.76
C ARG A 346 -21.64 -25.21 12.60
N GLU A 347 -20.35 -25.21 12.94
CA GLU A 347 -19.31 -25.35 11.93
C GLU A 347 -18.46 -26.57 12.28
N ILE A 348 -18.43 -27.54 11.37
CA ILE A 348 -17.65 -28.75 11.56
C ILE A 348 -16.46 -28.71 10.60
N GLU A 349 -15.26 -28.59 11.17
CA GLU A 349 -14.03 -28.53 10.40
C GLU A 349 -13.62 -29.95 10.02
N ILE A 350 -13.49 -30.19 8.72
CA ILE A 350 -13.06 -31.48 8.19
C ILE A 350 -11.56 -31.40 7.94
N GLY A 351 -10.79 -32.20 8.68
CA GLY A 351 -9.35 -32.17 8.59
C GLY A 351 -8.80 -33.08 7.50
N VAL A 352 -7.60 -33.63 7.73
CA VAL A 352 -6.96 -34.51 6.76
C VAL A 352 -6.82 -35.88 7.42
N PRO A 353 -6.36 -36.92 6.71
CA PRO A 353 -6.25 -38.24 7.36
C PRO A 353 -4.93 -38.45 8.07
N ASP A 354 -4.80 -39.62 8.70
CA ASP A 354 -3.59 -40.06 9.36
C ASP A 354 -3.16 -41.38 8.72
N ARG A 355 -2.09 -41.99 9.26
CA ARG A 355 -1.63 -43.27 8.73
C ARG A 355 -2.76 -44.30 8.73
N ASN A 356 -3.59 -44.32 9.78
CA ASN A 356 -4.76 -45.19 9.79
C ASN A 356 -5.89 -44.59 8.98
N GLY A 357 -6.03 -43.26 9.02
CA GLY A 357 -7.11 -42.61 8.27
C GLY A 357 -6.89 -42.68 6.77
N ARG A 358 -5.63 -42.64 6.34
CA ARG A 358 -5.33 -42.77 4.92
C ARG A 358 -5.70 -44.16 4.41
N LYS A 359 -5.49 -45.18 5.25
CA LYS A 359 -5.86 -46.54 4.88
C LYS A 359 -7.36 -46.65 4.63
N GLU A 360 -8.15 -45.89 5.40
CA GLU A 360 -9.60 -45.88 5.18
C GLU A 360 -9.94 -45.18 3.87
N ILE A 361 -9.24 -44.10 3.54
CA ILE A 361 -9.45 -43.43 2.27
C ILE A 361 -8.96 -44.29 1.11
N LEU A 362 -7.79 -44.92 1.28
CA LEU A 362 -7.28 -45.81 0.24
C LEU A 362 -8.20 -47.01 0.03
N MET A 363 -8.79 -47.52 1.12
CA MET A 363 -9.63 -48.71 1.01
C MET A 363 -10.80 -48.48 0.07
N ILE A 364 -11.28 -47.24 -0.03
CA ILE A 364 -12.34 -46.92 -0.98
C ILE A 364 -11.83 -47.07 -2.41
N HIS A 365 -10.63 -46.56 -2.67
CA HIS A 365 -10.05 -46.65 -4.01
C HIS A 365 -9.14 -47.86 -4.17
N THR A 366 -8.96 -48.64 -3.10
CA THR A 366 -8.16 -49.86 -3.19
C THR A 366 -8.76 -50.87 -4.17
N ARG A 367 -10.05 -51.18 -4.05
CA ARG A 367 -10.63 -52.21 -4.90
C ARG A 367 -11.55 -51.57 -5.94
N ASN A 368 -10.96 -51.31 -7.10
CA ASN A 368 -11.61 -51.50 -8.39
C ASN A 368 -10.92 -52.66 -9.09
N MET A 369 -9.85 -53.16 -8.45
CA MET A 369 -8.76 -53.87 -9.11
C MET A 369 -8.41 -55.15 -8.36
N PRO A 370 -7.48 -55.99 -8.88
CA PRO A 370 -7.18 -57.24 -8.17
C PRO A 370 -6.11 -57.09 -7.10
N LEU A 371 -6.45 -56.43 -5.99
CA LEU A 371 -5.57 -56.39 -4.84
C LEU A 371 -6.20 -57.10 -3.65
N GLY A 372 -5.51 -57.14 -2.52
CA GLY A 372 -6.03 -57.80 -1.35
C GLY A 372 -5.41 -57.33 -0.05
N MET A 373 -6.11 -57.52 1.05
CA MET A 373 -5.64 -57.16 2.38
C MET A 373 -5.12 -58.35 3.17
N SER A 374 -5.98 -59.34 3.46
CA SER A 374 -5.54 -60.53 4.17
C SER A 374 -4.78 -61.46 3.23
N GLU A 375 -5.08 -61.40 1.93
CA GLU A 375 -4.50 -62.32 0.96
C GLU A 375 -3.09 -61.89 0.54
N GLU A 376 -2.78 -60.60 0.53
CA GLU A 376 -1.40 -60.15 0.62
C GLU A 376 -1.19 -59.42 1.94
N GLU A 377 -0.43 -60.02 2.85
CA GLU A 377 -0.33 -59.53 4.22
C GLU A 377 0.41 -58.20 4.31
N LYS A 378 1.52 -58.06 3.57
CA LYS A 378 2.38 -56.89 3.74
C LYS A 378 2.62 -56.14 2.45
N ASN A 379 3.25 -56.80 1.47
CA ASN A 379 3.70 -56.15 0.23
C ASN A 379 2.66 -55.28 -0.45
N LYS A 380 1.42 -55.76 -0.62
CA LYS A 380 0.37 -54.93 -1.20
C LYS A 380 -0.52 -54.24 -0.17
N PHE A 381 -0.26 -54.39 1.13
CA PHE A 381 -1.11 -53.79 2.15
C PHE A 381 -0.97 -52.27 2.11
N LEU A 382 -1.99 -51.55 2.60
CA LEU A 382 -2.05 -50.11 2.38
C LEU A 382 -1.07 -49.35 3.27
N GLU A 383 -0.67 -49.91 4.41
CA GLU A 383 0.20 -49.18 5.32
C GLU A 383 1.59 -48.97 4.71
N GLU A 384 2.07 -49.95 3.93
CA GLU A 384 3.34 -49.77 3.22
C GLU A 384 3.23 -48.65 2.19
N MET A 385 2.04 -48.46 1.63
CA MET A 385 1.82 -47.32 0.73
C MET A 385 1.53 -46.05 1.51
N ALA A 386 1.10 -46.19 2.76
CA ALA A 386 0.73 -45.03 3.56
C ALA A 386 1.95 -44.32 4.13
N ASP A 387 2.96 -45.08 4.57
CA ASP A 387 4.10 -44.48 5.25
C ASP A 387 4.92 -43.59 4.32
N TYR A 388 5.01 -43.95 3.04
CA TYR A 388 5.77 -43.15 2.09
C TYR A 388 4.97 -41.92 1.65
N THR A 389 3.67 -42.09 1.42
CA THR A 389 2.82 -40.99 0.98
C THR A 389 2.55 -40.02 2.12
N TYR A 390 2.69 -38.72 1.85
CA TYR A 390 2.47 -37.66 2.83
C TYR A 390 1.79 -36.49 2.13
N GLY A 391 0.74 -35.96 2.74
CA GLY A 391 0.05 -34.81 2.20
C GLY A 391 -0.70 -35.06 0.91
N PHE A 392 -1.57 -36.08 0.91
CA PHE A 392 -2.39 -36.38 -0.25
C PHE A 392 -3.86 -36.35 0.16
N VAL A 393 -4.72 -36.68 -0.80
CA VAL A 393 -6.16 -36.67 -0.59
C VAL A 393 -6.79 -37.64 -1.58
N GLY A 394 -8.06 -38.00 -1.32
CA GLY A 394 -8.70 -39.08 -2.07
C GLY A 394 -8.60 -38.91 -3.57
N ALA A 395 -9.04 -37.76 -4.08
CA ALA A 395 -8.98 -37.53 -5.53
C ALA A 395 -7.55 -37.50 -6.03
N ASP A 396 -6.64 -36.91 -5.25
CA ASP A 396 -5.23 -36.94 -5.60
C ASP A 396 -4.71 -38.38 -5.59
N LEU A 397 -5.08 -39.15 -4.56
CA LEU A 397 -4.74 -40.56 -4.54
C LEU A 397 -5.43 -41.33 -5.66
N ALA A 398 -6.67 -40.96 -5.97
CA ALA A 398 -7.37 -41.60 -7.09
C ALA A 398 -6.68 -41.31 -8.42
N ALA A 399 -6.33 -40.04 -8.65
CA ALA A 399 -5.63 -39.70 -9.89
C ALA A 399 -4.20 -40.20 -9.87
N LEU A 400 -3.62 -40.39 -8.68
CA LEU A 400 -2.26 -40.92 -8.59
C LEU A 400 -2.23 -42.39 -8.97
N VAL A 401 -3.18 -43.18 -8.44
CA VAL A 401 -3.23 -44.60 -8.77
C VAL A 401 -3.68 -44.79 -10.21
N ARG A 402 -4.56 -43.90 -10.69
CA ARG A 402 -4.96 -43.95 -12.10
C ARG A 402 -3.77 -43.65 -13.01
N GLU A 403 -2.95 -42.68 -12.62
CA GLU A 403 -1.69 -42.47 -13.33
C GLU A 403 -0.74 -43.63 -13.09
N SER A 404 -0.80 -44.23 -11.90
CA SER A 404 -0.01 -45.42 -11.62
C SER A 404 -0.62 -46.64 -12.29
N ALA A 405 -1.91 -46.57 -12.65
CA ALA A 405 -2.49 -47.63 -13.46
C ALA A 405 -1.90 -47.64 -14.85
N MET A 406 -1.55 -46.46 -15.37
CA MET A 406 -0.89 -46.40 -16.68
C MET A 406 0.47 -47.08 -16.64
N ASN A 407 1.12 -47.09 -15.48
CA ASN A 407 2.32 -47.90 -15.31
C ASN A 407 1.99 -49.38 -15.50
N ALA A 408 0.85 -49.82 -14.98
CA ALA A 408 0.39 -51.18 -15.25
C ALA A 408 -0.02 -51.34 -16.71
N LEU A 409 -0.51 -50.27 -17.32
CA LEU A 409 -0.81 -50.33 -18.75
C LEU A 409 0.47 -50.39 -19.58
N ARG A 410 1.39 -49.43 -19.39
CA ARG A 410 2.55 -49.35 -20.25
C ARG A 410 3.41 -50.60 -20.20
N ARG A 411 3.27 -51.41 -19.14
CA ARG A 411 4.01 -52.67 -19.10
C ARG A 411 3.21 -53.79 -19.75
N TYR A 412 1.93 -53.53 -20.06
CA TYR A 412 1.07 -54.55 -20.63
C TYR A 412 0.34 -54.09 -21.89
N LEU A 413 -0.56 -53.12 -21.74
CA LEU A 413 -1.61 -52.90 -22.75
C LEU A 413 -1.08 -52.46 -24.11
N PRO A 414 -0.30 -51.37 -24.24
CA PRO A 414 0.01 -50.88 -25.59
C PRO A 414 0.78 -51.85 -26.47
N GLU A 415 1.82 -52.50 -25.94
CA GLU A 415 2.68 -53.30 -26.80
C GLU A 415 2.16 -54.73 -26.96
N ILE A 416 1.01 -55.03 -26.36
CA ILE A 416 0.45 -56.38 -26.50
C ILE A 416 -0.86 -56.33 -27.27
N ASP A 417 -1.91 -55.78 -26.67
CA ASP A 417 -3.23 -55.79 -27.29
C ASP A 417 -3.69 -54.36 -27.50
N LEU A 418 -3.72 -53.94 -28.77
CA LEU A 418 -4.32 -52.67 -29.16
C LEU A 418 -5.73 -52.88 -29.70
N ASP A 419 -6.16 -54.13 -29.77
CA ASP A 419 -7.44 -54.45 -30.40
C ASP A 419 -8.62 -53.99 -29.56
N LYS A 420 -9.69 -53.58 -30.23
CA LYS A 420 -10.92 -53.16 -29.55
C LYS A 420 -11.59 -54.35 -28.86
N PRO A 421 -11.72 -55.51 -29.51
CA PRO A 421 -12.17 -56.70 -28.79
C PRO A 421 -11.18 -57.08 -27.69
N ILE A 422 -11.71 -57.32 -26.50
CA ILE A 422 -10.88 -57.60 -25.33
C ILE A 422 -10.62 -59.11 -25.26
N PRO A 423 -9.36 -59.54 -25.40
CA PRO A 423 -9.07 -60.98 -25.34
C PRO A 423 -9.31 -61.53 -23.94
N THR A 424 -9.42 -62.87 -23.87
CA THR A 424 -9.58 -63.52 -22.56
C THR A 424 -8.24 -63.71 -21.88
N GLU A 425 -7.14 -63.65 -22.64
CA GLU A 425 -5.83 -63.87 -22.06
C GLU A 425 -5.32 -62.62 -21.33
N ILE A 426 -5.74 -61.44 -21.77
CA ILE A 426 -5.25 -60.21 -21.16
C ILE A 426 -5.82 -60.05 -19.76
N LEU A 427 -6.84 -60.84 -19.42
CA LEU A 427 -7.48 -60.70 -18.11
C LEU A 427 -6.61 -61.31 -17.01
N GLU A 428 -5.94 -62.43 -17.29
CA GLU A 428 -5.04 -63.00 -16.30
C GLU A 428 -3.78 -62.15 -16.15
N LYS A 429 -3.47 -61.36 -17.17
CA LYS A 429 -2.22 -60.59 -17.17
C LYS A 429 -2.34 -59.35 -16.29
N MET A 430 -3.53 -59.06 -15.80
CA MET A 430 -3.76 -57.82 -15.06
C MET A 430 -3.53 -58.05 -13.57
N VAL A 431 -2.45 -57.47 -13.05
CA VAL A 431 -2.15 -57.43 -11.63
C VAL A 431 -1.54 -56.06 -11.34
N VAL A 432 -1.20 -55.81 -10.08
CA VAL A 432 -0.53 -54.56 -9.70
C VAL A 432 0.64 -54.89 -8.79
N THR A 433 1.83 -54.58 -9.29
CA THR A 433 3.07 -54.68 -8.51
C THR A 433 3.29 -53.35 -7.81
N GLU A 434 3.86 -53.41 -6.60
CA GLU A 434 4.10 -52.20 -5.83
C GLU A 434 4.99 -51.20 -6.55
N ASP A 435 5.79 -51.66 -7.52
CA ASP A 435 6.68 -50.76 -8.24
C ASP A 435 5.90 -49.69 -9.00
N ASP A 436 4.69 -50.01 -9.46
CA ASP A 436 3.88 -49.01 -10.15
C ASP A 436 3.52 -47.85 -9.22
N PHE A 437 3.24 -48.15 -7.95
CA PHE A 437 2.94 -47.10 -6.99
C PHE A 437 4.21 -46.42 -6.49
N LYS A 438 5.35 -47.12 -6.56
CA LYS A 438 6.61 -46.51 -6.16
C LYS A 438 7.16 -45.58 -7.23
N ASN A 439 6.92 -45.91 -8.51
CA ASN A 439 7.39 -45.07 -9.60
C ASN A 439 6.72 -43.71 -9.57
N ALA A 440 5.47 -43.64 -9.10
CA ALA A 440 4.80 -42.36 -8.98
C ALA A 440 5.34 -41.55 -7.80
N LEU A 441 5.86 -42.24 -6.78
CA LEU A 441 6.46 -41.54 -5.65
C LEU A 441 7.78 -40.88 -6.04
N LYS A 442 8.55 -41.52 -6.93
CA LYS A 442 9.78 -40.91 -7.41
C LYS A 442 9.49 -39.79 -8.40
N SER A 443 8.45 -39.96 -9.21
CA SER A 443 8.05 -38.92 -10.15
C SER A 443 7.43 -37.74 -9.40
N ILE A 444 7.35 -36.60 -10.09
CA ILE A 444 7.10 -35.31 -9.45
C ILE A 444 5.67 -35.11 -8.95
N GLU A 445 4.76 -36.06 -9.22
CA GLU A 445 3.34 -35.86 -8.89
C GLU A 445 3.08 -35.44 -7.45
N PRO A 446 3.75 -36.03 -6.43
CA PRO A 446 3.49 -35.60 -5.05
C PRO A 446 3.78 -34.12 -4.80
N SER A 447 2.80 -33.41 -4.24
CA SER A 447 2.97 -32.03 -3.81
C SER A 447 2.11 -31.81 -2.58
N SER A 448 2.65 -31.14 -1.57
CA SER A 448 1.89 -30.82 -0.36
C SER A 448 1.88 -29.32 -0.15
N LEU A 449 0.72 -28.70 -0.34
CA LEU A 449 0.54 -27.27 -0.06
C LEU A 449 -0.11 -27.04 1.29
N ARG A 450 -0.40 -28.12 2.02
CA ARG A 450 -1.18 -28.01 3.25
C ARG A 450 -0.36 -27.37 4.36
N GLU A 451 -0.87 -26.26 4.89
CA GLU A 451 -0.18 -25.56 5.98
C GLU A 451 -0.05 -26.44 7.22
N VAL A 452 -1.19 -26.76 7.85
CA VAL A 452 -1.20 -27.45 9.13
C VAL A 452 -1.31 -28.95 8.89
N MET A 453 -0.37 -29.70 9.45
CA MET A 453 -0.36 -31.16 9.35
C MET A 453 0.09 -31.73 10.69
N VAL A 454 -0.22 -33.00 10.91
CA VAL A 454 0.21 -33.74 12.08
C VAL A 454 0.83 -35.05 11.62
N GLU A 455 1.34 -35.83 12.58
CA GLU A 455 1.98 -37.10 12.28
C GLU A 455 2.07 -37.94 13.55
N VAL A 456 2.58 -39.15 13.39
CA VAL A 456 2.88 -40.06 14.50
C VAL A 456 4.19 -40.78 14.18
N PRO A 457 5.03 -41.08 15.17
CA PRO A 457 6.33 -41.68 14.85
C PRO A 457 6.31 -43.20 14.83
N ASN A 458 7.42 -43.80 14.38
CA ASN A 458 7.64 -45.24 14.44
C ASN A 458 8.58 -45.66 15.56
N VAL A 459 9.13 -44.69 16.29
CA VAL A 459 10.27 -44.96 17.16
C VAL A 459 9.82 -45.61 18.47
N HIS A 460 10.46 -46.72 18.81
CA HIS A 460 10.23 -47.39 20.08
C HIS A 460 11.49 -47.28 20.93
N TRP A 461 11.44 -47.90 22.11
CA TRP A 461 12.59 -47.85 23.01
C TRP A 461 13.60 -48.96 22.72
N ASP A 462 13.30 -49.84 21.76
CA ASP A 462 14.26 -50.87 21.40
C ASP A 462 15.44 -50.29 20.64
N ASP A 463 15.22 -49.21 19.90
CA ASP A 463 16.32 -48.55 19.19
C ASP A 463 17.01 -47.50 20.07
N ILE A 464 16.46 -47.24 21.25
CA ILE A 464 17.02 -46.23 22.14
C ILE A 464 18.20 -46.81 22.91
N GLY A 465 19.18 -45.96 23.18
CA GLY A 465 20.38 -46.34 23.88
C GLY A 465 20.28 -46.12 25.38
N GLY A 466 21.40 -45.70 25.99
CA GLY A 466 21.47 -45.51 27.43
C GLY A 466 20.76 -44.26 27.89
N LEU A 467 21.18 -43.71 29.02
CA LEU A 467 20.51 -42.58 29.68
C LEU A 467 19.14 -43.00 30.19
N GLU A 468 19.10 -44.16 30.84
CA GLU A 468 17.86 -44.67 31.40
C GLU A 468 17.39 -43.83 32.57
N ASP A 469 18.25 -42.98 33.13
CA ASP A 469 17.83 -42.10 34.21
C ASP A 469 16.79 -41.10 33.74
N VAL A 470 16.95 -40.60 32.51
CA VAL A 470 15.95 -39.72 31.93
C VAL A 470 14.74 -40.52 31.44
N LYS A 471 14.97 -41.77 31.04
CA LYS A 471 13.89 -42.63 30.56
C LYS A 471 12.75 -42.71 31.58
N ARG A 472 13.04 -43.24 32.77
CA ARG A 472 12.02 -43.30 33.81
C ARG A 472 11.61 -41.91 34.26
N GLU A 473 12.45 -40.90 33.99
CA GLU A 473 12.09 -39.53 34.33
C GLU A 473 11.11 -38.96 33.31
N ILE A 474 11.24 -39.35 32.05
CA ILE A 474 10.25 -38.96 31.05
C ILE A 474 8.90 -39.61 31.35
N LYS A 475 8.92 -40.87 31.80
CA LYS A 475 7.69 -41.52 32.25
C LYS A 475 7.11 -40.80 33.46
N GLU A 476 7.98 -40.30 34.34
CA GLU A 476 7.52 -39.56 35.52
C GLU A 476 6.69 -38.35 35.11
N THR A 477 7.26 -37.47 34.29
CA THR A 477 6.55 -36.29 33.83
C THR A 477 5.29 -36.65 33.06
N VAL A 478 5.45 -37.31 31.91
CA VAL A 478 4.36 -37.41 30.95
C VAL A 478 3.32 -38.44 31.36
N GLU A 479 3.76 -39.64 31.73
CA GLU A 479 2.83 -40.78 31.79
C GLU A 479 2.04 -40.80 33.09
N LEU A 480 2.54 -40.17 34.15
CA LEU A 480 1.83 -40.22 35.43
C LEU A 480 0.49 -39.52 35.42
N PRO A 481 0.36 -38.27 34.95
CA PRO A 481 -0.95 -37.59 35.07
C PRO A 481 -2.09 -38.26 34.35
N LEU A 482 -1.82 -39.18 33.43
CA LEU A 482 -2.90 -39.82 32.67
C LEU A 482 -3.65 -40.85 33.51
N LEU A 483 -2.91 -41.80 34.10
CA LEU A 483 -3.55 -42.89 34.84
C LEU A 483 -3.91 -42.47 36.26
N LYS A 484 -3.02 -41.73 36.91
CA LYS A 484 -3.08 -41.34 38.32
C LYS A 484 -4.21 -40.45 38.82
N PRO A 485 -4.82 -39.52 38.02
CA PRO A 485 -5.36 -38.27 38.59
C PRO A 485 -6.08 -38.36 39.93
N ASP A 486 -6.75 -39.48 40.24
CA ASP A 486 -7.31 -39.63 41.58
C ASP A 486 -6.20 -39.71 42.62
N VAL A 487 -5.01 -40.13 42.20
CA VAL A 487 -3.83 -40.02 43.06
C VAL A 487 -3.26 -38.61 43.00
N PHE A 488 -3.37 -37.96 41.83
CA PHE A 488 -2.91 -36.57 41.70
C PHE A 488 -3.69 -35.66 42.64
N LYS A 489 -4.96 -35.97 42.90
CA LYS A 489 -5.74 -35.17 43.82
C LYS A 489 -5.42 -35.51 45.27
N ARG A 490 -4.76 -36.66 45.49
CA ARG A 490 -4.40 -37.04 46.86
C ARG A 490 -3.24 -36.20 47.38
N LEU A 491 -2.21 -36.02 46.54
CA LEU A 491 -1.08 -35.18 46.96
C LEU A 491 -1.44 -33.70 46.89
N GLY A 492 -2.22 -33.30 45.89
CA GLY A 492 -2.66 -31.93 45.76
C GLY A 492 -1.60 -30.99 45.24
N ILE A 493 -0.64 -31.52 44.47
CA ILE A 493 0.41 -30.71 43.89
C ILE A 493 -0.18 -29.86 42.77
N ARG A 494 0.50 -28.77 42.41
CA ARG A 494 -0.01 -27.83 41.42
C ARG A 494 0.19 -28.40 40.01
N PRO A 495 -0.33 -27.73 38.96
CA PRO A 495 -0.05 -28.20 37.60
C PRO A 495 1.25 -27.66 37.04
N SER A 496 1.51 -27.95 35.76
CA SER A 496 2.75 -27.55 35.08
C SER A 496 2.68 -27.92 33.61
N LYS A 497 3.58 -27.37 32.81
CA LYS A 497 3.55 -27.59 31.37
C LYS A 497 4.40 -28.81 30.98
N GLY A 498 5.72 -28.69 31.10
CA GLY A 498 6.60 -29.79 30.75
C GLY A 498 8.05 -29.38 30.81
N PHE A 499 8.91 -30.39 30.71
CA PHE A 499 10.35 -30.22 30.83
C PHE A 499 10.90 -29.60 29.55
N LEU A 500 12.23 -29.50 29.49
CA LEU A 500 12.93 -28.93 28.35
C LEU A 500 14.28 -29.62 28.21
N LEU A 501 14.77 -29.73 26.98
CA LEU A 501 16.00 -30.47 26.72
C LEU A 501 17.07 -29.55 26.15
N TYR A 502 18.33 -29.96 26.31
CA TYR A 502 19.43 -29.26 25.67
C TYR A 502 20.56 -30.25 25.38
N GLY A 503 21.22 -30.04 24.24
CA GLY A 503 22.30 -30.89 23.79
C GLY A 503 22.57 -30.70 22.32
N PRO A 504 23.69 -31.25 21.82
CA PRO A 504 24.02 -31.12 20.40
C PRO A 504 22.89 -31.64 19.52
N PRO A 505 22.71 -31.09 18.33
CA PRO A 505 21.45 -31.30 17.59
C PRO A 505 21.21 -32.77 17.24
N GLY A 506 20.03 -33.26 17.60
CA GLY A 506 19.58 -34.58 17.21
C GLY A 506 20.46 -35.73 17.64
N VAL A 507 21.23 -35.57 18.72
CA VAL A 507 22.08 -36.67 19.18
C VAL A 507 21.23 -37.90 19.51
N GLY A 508 20.57 -37.92 20.66
CA GLY A 508 19.42 -38.75 20.90
C GLY A 508 18.17 -37.90 21.03
N LYS A 509 18.39 -36.59 21.11
CA LYS A 509 17.34 -35.68 21.61
C LYS A 509 16.12 -35.66 20.70
N THR A 510 16.34 -35.62 19.38
CA THR A 510 15.20 -35.70 18.47
C THR A 510 14.59 -37.10 18.47
N LEU A 511 15.41 -38.12 18.75
CA LEU A 511 14.89 -39.48 18.80
C LEU A 511 14.23 -39.79 20.14
N LEU A 512 14.76 -39.22 21.24
CA LEU A 512 14.20 -39.50 22.56
C LEU A 512 12.78 -38.98 22.69
N ALA A 513 12.56 -37.70 22.36
CA ALA A 513 11.21 -37.16 22.42
C ALA A 513 10.32 -37.79 21.35
N LYS A 514 10.92 -38.39 20.34
CA LYS A 514 10.14 -39.06 19.30
C LYS A 514 9.74 -40.47 19.75
N ALA A 515 10.47 -41.03 20.72
CA ALA A 515 10.18 -42.38 21.18
C ALA A 515 9.01 -42.41 22.16
N VAL A 516 8.85 -41.34 22.94
CA VAL A 516 7.84 -41.35 24.00
C VAL A 516 6.43 -41.28 23.43
N ALA A 517 6.29 -40.72 22.22
CA ALA A 517 4.97 -40.59 21.63
C ALA A 517 4.38 -41.93 21.23
N THR A 518 5.23 -42.90 20.87
CA THR A 518 4.74 -44.20 20.43
C THR A 518 4.37 -45.08 21.63
N GLU A 519 5.18 -45.05 22.68
CA GLU A 519 4.92 -45.90 23.84
C GLU A 519 3.59 -45.54 24.50
N SER A 520 3.36 -44.25 24.74
CA SER A 520 2.10 -43.81 25.33
C SER A 520 0.92 -43.98 24.39
N ASN A 521 1.17 -44.34 23.13
CA ASN A 521 0.13 -44.52 22.11
C ASN A 521 -0.66 -43.24 21.87
N ALA A 522 -0.02 -42.10 22.11
CA ALA A 522 -0.61 -40.80 21.84
C ALA A 522 -0.13 -40.27 20.49
N ASN A 523 -0.61 -39.09 20.13
CA ASN A 523 -0.22 -38.47 18.87
C ASN A 523 1.08 -37.69 19.08
N PHE A 524 1.61 -37.12 18.00
CA PHE A 524 2.87 -36.39 18.07
C PHE A 524 2.75 -35.11 17.27
N ILE A 525 2.93 -33.97 17.94
CA ILE A 525 2.86 -32.67 17.29
C ILE A 525 4.25 -32.04 17.38
N SER A 526 4.88 -31.83 16.22
CA SER A 526 6.24 -31.30 16.14
C SER A 526 6.20 -29.89 15.61
N ILE A 527 6.75 -28.95 16.37
CA ILE A 527 6.95 -27.58 15.91
C ILE A 527 8.46 -27.36 15.86
N LYS A 528 9.01 -27.26 14.66
CA LYS A 528 10.45 -27.27 14.46
C LYS A 528 10.83 -26.07 13.60
N GLY A 529 12.10 -25.68 13.69
CA GLY A 529 12.60 -24.52 12.99
C GLY A 529 12.35 -24.56 11.49
N PRO A 530 12.85 -25.60 10.80
CA PRO A 530 12.51 -25.74 9.39
C PRO A 530 11.03 -25.97 9.14
N GLU A 531 10.29 -26.44 10.16
CA GLU A 531 8.85 -26.56 10.02
C GLU A 531 8.16 -25.22 10.25
N VAL A 532 8.74 -24.36 11.10
CA VAL A 532 8.16 -23.04 11.35
C VAL A 532 8.51 -22.10 10.20
N LEU A 533 9.74 -22.19 9.69
CA LEU A 533 10.13 -21.33 8.57
C LEU A 533 9.25 -21.56 7.35
N SER A 534 8.55 -22.70 7.31
CA SER A 534 7.52 -22.89 6.30
C SER A 534 6.23 -22.18 6.68
N LYS A 535 5.99 -21.97 7.98
CA LYS A 535 4.74 -21.41 8.43
C LYS A 535 4.66 -19.90 8.18
N TRP A 536 5.67 -19.15 8.64
CA TRP A 536 5.53 -17.69 8.65
C TRP A 536 5.86 -17.09 7.28
N VAL A 537 6.35 -17.90 6.35
CA VAL A 537 6.52 -17.44 4.98
C VAL A 537 5.19 -17.49 4.23
N GLY A 538 4.39 -18.52 4.49
CA GLY A 538 3.09 -18.65 3.85
C GLY A 538 1.96 -18.03 4.64
N GLU A 539 2.25 -17.09 5.53
CA GLU A 539 1.30 -16.39 6.38
C GLU A 539 0.55 -17.35 7.32
N SER A 540 1.22 -18.40 7.79
CA SER A 540 0.61 -19.35 8.71
C SER A 540 0.95 -19.04 10.16
N GLU A 541 1.70 -17.95 10.38
CA GLU A 541 2.05 -17.59 11.75
C GLU A 541 0.81 -17.24 12.58
N LYS A 542 -0.27 -16.80 11.93
CA LYS A 542 -1.53 -16.62 12.63
C LYS A 542 -2.21 -17.96 12.87
N ALA A 543 -1.97 -18.93 11.98
CA ALA A 543 -2.53 -20.27 12.17
C ALA A 543 -1.84 -21.00 13.31
N ILE A 544 -0.71 -20.50 13.78
CA ILE A 544 -0.06 -21.07 14.96
C ILE A 544 -0.98 -20.95 16.16
N ARG A 545 -1.76 -19.87 16.23
CA ARG A 545 -2.79 -19.75 17.25
C ARG A 545 -3.83 -20.85 17.10
N GLU A 546 -4.13 -21.26 15.87
CA GLU A 546 -5.07 -22.35 15.65
C GLU A 546 -4.44 -23.69 15.97
N ILE A 547 -3.14 -23.83 15.69
CA ILE A 547 -2.43 -25.06 16.06
C ILE A 547 -2.48 -25.27 17.57
N PHE A 548 -2.45 -24.18 18.34
CA PHE A 548 -2.66 -24.28 19.78
C PHE A 548 -4.04 -24.84 20.10
N LYS A 549 -5.07 -24.33 19.42
CA LYS A 549 -6.42 -24.86 19.61
C LYS A 549 -6.57 -26.21 18.92
N LYS A 550 -5.67 -26.53 17.98
CA LYS A 550 -5.73 -27.82 17.30
C LYS A 550 -5.26 -28.95 18.21
N ALA A 551 -4.46 -28.62 19.23
CA ALA A 551 -3.84 -29.66 20.05
C ALA A 551 -4.83 -30.24 21.06
N LYS A 552 -5.91 -29.52 21.35
CA LYS A 552 -6.81 -29.97 22.42
C LYS A 552 -7.75 -31.07 21.95
N GLN A 553 -8.15 -31.07 20.69
CA GLN A 553 -9.00 -32.15 20.19
C GLN A 553 -8.18 -33.40 19.89
N VAL A 554 -7.01 -33.25 19.28
CA VAL A 554 -6.13 -34.37 18.96
C VAL A 554 -5.53 -34.99 20.21
N ALA A 555 -5.68 -34.33 21.36
CA ALA A 555 -5.16 -34.84 22.63
C ALA A 555 -5.72 -36.23 22.95
N PRO A 556 -4.94 -37.07 23.66
CA PRO A 556 -3.56 -36.81 24.14
C PRO A 556 -2.53 -36.69 23.03
N ALA A 557 -1.74 -35.63 23.07
CA ALA A 557 -0.65 -35.41 22.13
C ALA A 557 0.40 -34.54 22.81
N ILE A 558 1.66 -34.73 22.44
CA ILE A 558 2.77 -33.95 22.97
C ILE A 558 3.10 -32.87 21.95
N VAL A 559 3.41 -31.67 22.43
CA VAL A 559 3.80 -30.56 21.57
C VAL A 559 5.32 -30.38 21.68
N PHE A 560 6.00 -30.43 20.55
CA PHE A 560 7.45 -30.41 20.49
C PHE A 560 7.89 -29.14 19.78
N LEU A 561 8.45 -28.19 20.54
CA LEU A 561 8.73 -26.84 20.05
C LEU A 561 10.22 -26.54 20.17
N ASP A 562 10.89 -26.38 19.04
CA ASP A 562 12.34 -26.17 19.01
C ASP A 562 12.71 -25.04 18.06
N GLU A 563 13.72 -24.26 18.46
CA GLU A 563 14.34 -23.19 17.68
C GLU A 563 13.37 -22.23 17.00
N ILE A 564 12.25 -21.92 17.64
CA ILE A 564 11.45 -20.79 17.19
C ILE A 564 12.10 -19.54 17.78
N ASP A 565 12.70 -19.70 18.96
CA ASP A 565 13.35 -18.57 19.63
C ASP A 565 14.68 -18.22 18.98
N SER A 566 15.12 -18.98 17.98
CA SER A 566 16.38 -18.70 17.33
C SER A 566 16.34 -17.36 16.59
N ILE A 567 15.15 -16.96 16.15
CA ILE A 567 15.01 -15.68 15.45
C ILE A 567 14.71 -14.55 16.42
N ALA A 568 14.59 -14.86 17.71
CA ALA A 568 14.36 -13.83 18.72
C ALA A 568 15.54 -12.89 18.95
N PRO A 569 16.78 -13.36 19.15
CA PRO A 569 17.84 -12.43 19.58
C PRO A 569 18.25 -11.43 18.51
N ARG A 570 17.90 -11.63 17.24
CA ARG A 570 18.38 -10.74 16.19
C ARG A 570 17.75 -9.36 16.29
N ARG A 571 16.47 -9.29 16.69
CA ARG A 571 15.82 -8.01 16.85
C ARG A 571 16.22 -7.32 18.15
N GLY A 572 16.31 -8.08 19.23
CA GLY A 572 16.77 -7.56 20.50
C GLY A 572 17.41 -8.66 21.32
N THR A 573 18.30 -8.30 22.25
CA THR A 573 19.10 -9.31 22.93
C THR A 573 18.27 -10.08 23.92
N THR A 574 18.19 -11.40 23.71
CA THR A 574 17.49 -12.26 24.66
C THR A 574 18.25 -13.56 24.93
N SER A 575 18.67 -13.72 26.18
CA SER A 575 19.07 -15.01 26.72
C SER A 575 18.42 -15.28 28.07
N ASP A 576 18.84 -14.55 29.10
CA ASP A 576 17.99 -14.37 30.28
C ASP A 576 17.28 -13.02 30.29
N SER A 577 17.45 -12.18 29.26
CA SER A 577 16.89 -10.84 29.23
C SER A 577 15.39 -10.87 28.91
N GLY A 578 15.04 -11.65 27.89
CA GLY A 578 13.66 -11.87 27.52
C GLY A 578 12.97 -10.80 26.69
N VAL A 579 13.65 -10.28 25.67
CA VAL A 579 13.03 -9.44 24.65
C VAL A 579 13.11 -10.23 23.34
N THR A 580 11.97 -10.72 22.86
CA THR A 580 12.01 -11.76 21.83
C THR A 580 11.67 -11.27 20.42
N GLU A 581 10.39 -11.09 20.10
CA GLU A 581 9.96 -10.85 18.72
C GLU A 581 8.44 -10.76 18.67
N ARG A 582 7.87 -10.21 17.60
CA ARG A 582 6.44 -9.89 17.58
C ARG A 582 5.59 -11.14 17.40
N ILE A 583 6.05 -12.10 16.59
CA ILE A 583 5.27 -13.32 16.39
C ILE A 583 5.48 -14.29 17.54
N VAL A 584 6.67 -14.25 18.14
CA VAL A 584 7.01 -15.23 19.18
C VAL A 584 6.21 -14.98 20.45
N ASN A 585 5.79 -13.72 20.68
CA ASN A 585 5.00 -13.43 21.86
C ASN A 585 3.63 -14.12 21.79
N GLN A 586 3.20 -14.49 20.59
CA GLN A 586 1.99 -15.30 20.45
C GLN A 586 2.20 -16.69 21.05
N LEU A 587 3.44 -17.18 21.01
CA LEU A 587 3.78 -18.41 21.72
C LEU A 587 3.74 -18.18 23.22
N LEU A 588 4.42 -17.11 23.68
CA LEU A 588 4.51 -16.80 25.10
C LEU A 588 3.12 -16.62 25.72
N THR A 589 2.37 -15.61 25.24
CA THR A 589 1.08 -15.27 25.83
C THR A 589 0.13 -16.48 25.81
N SER A 590 0.22 -17.31 24.78
CA SER A 590 -0.66 -18.47 24.70
C SER A 590 -0.35 -19.47 25.81
N LEU A 591 0.94 -19.75 26.05
CA LEU A 591 1.31 -20.69 27.10
C LEU A 591 0.87 -20.19 28.47
N ASP A 592 0.69 -18.87 28.60
CA ASP A 592 0.19 -18.31 29.87
C ASP A 592 -1.32 -18.49 29.99
N GLY A 593 -2.03 -18.45 28.86
CA GLY A 593 -3.48 -18.48 28.91
C GLY A 593 -4.07 -19.83 28.54
N ILE A 594 -3.24 -20.75 28.07
CA ILE A 594 -3.72 -22.07 27.68
C ILE A 594 -4.06 -22.86 28.94
N GLU A 595 -5.13 -23.64 28.88
CA GLU A 595 -5.62 -24.39 30.04
C GLU A 595 -4.68 -25.56 30.31
N VAL A 596 -4.43 -25.81 31.59
CA VAL A 596 -3.61 -26.94 32.02
C VAL A 596 -4.49 -28.18 32.12
N MET A 597 -3.95 -29.26 32.70
CA MET A 597 -4.68 -30.49 32.95
C MET A 597 -5.05 -31.22 31.66
N ASN A 598 -4.75 -30.61 30.51
CA ASN A 598 -5.08 -31.19 29.22
C ASN A 598 -4.11 -32.33 28.92
N GLY A 599 -4.29 -33.00 27.79
CA GLY A 599 -3.41 -34.09 27.41
C GLY A 599 -2.18 -33.63 26.66
N VAL A 600 -1.95 -32.31 26.64
CA VAL A 600 -0.82 -31.71 25.95
C VAL A 600 0.39 -31.72 26.87
N VAL A 601 1.57 -31.98 26.30
CA VAL A 601 2.83 -32.01 27.05
C VAL A 601 3.81 -31.09 26.34
N VAL A 602 4.22 -30.02 27.02
CA VAL A 602 5.11 -29.01 26.47
C VAL A 602 6.53 -29.54 26.52
N ILE A 603 7.21 -29.54 25.37
CA ILE A 603 8.57 -30.04 25.24
C ILE A 603 9.36 -29.08 24.37
N GLY A 604 10.62 -28.85 24.73
CA GLY A 604 11.50 -27.99 23.95
C GLY A 604 12.93 -28.48 24.02
N ALA A 605 13.75 -28.01 23.08
CA ALA A 605 15.13 -28.47 22.95
C ALA A 605 15.96 -27.45 22.20
N THR A 606 17.29 -27.58 22.32
CA THR A 606 18.24 -26.63 21.76
C THR A 606 19.69 -27.08 22.00
N ASN A 607 20.64 -26.52 21.25
CA ASN A 607 22.02 -26.98 21.37
C ASN A 607 22.67 -26.54 22.67
N ARG A 608 22.70 -25.23 22.93
CA ARG A 608 23.03 -24.64 24.21
C ARG A 608 21.85 -23.67 24.31
N PRO A 609 21.26 -23.50 25.49
CA PRO A 609 19.97 -22.79 25.51
C PRO A 609 20.07 -21.35 25.04
N ASP A 610 20.89 -20.54 25.70
CA ASP A 610 21.46 -19.26 25.26
C ASP A 610 20.49 -18.35 24.52
N ILE A 611 19.21 -18.72 24.45
CA ILE A 611 18.10 -17.87 24.03
C ILE A 611 16.88 -18.30 24.83
N MET A 612 16.27 -17.37 25.56
CA MET A 612 15.15 -17.64 26.46
C MET A 612 14.63 -16.32 27.02
N ASP A 613 13.53 -16.41 27.76
CA ASP A 613 12.96 -15.31 28.49
C ASP A 613 12.97 -15.68 29.97
N PRO A 614 13.12 -14.71 30.88
CA PRO A 614 12.98 -15.02 32.31
C PRO A 614 11.60 -15.54 32.65
N ALA A 615 10.61 -15.27 31.82
CA ALA A 615 9.29 -15.87 31.97
C ALA A 615 9.30 -17.32 31.52
N LEU A 616 10.12 -17.64 30.51
CA LEU A 616 10.21 -19.03 30.07
C LEU A 616 10.84 -19.91 31.14
N LEU A 617 11.63 -19.31 32.04
CA LEU A 617 12.17 -20.07 33.16
C LEU A 617 11.13 -20.20 34.28
N ARG A 618 10.23 -19.23 34.39
CA ARG A 618 9.19 -19.27 35.41
C ARG A 618 8.12 -20.31 35.06
N ALA A 619 7.33 -20.68 36.06
CA ALA A 619 6.34 -21.74 35.91
C ALA A 619 5.18 -21.28 35.03
N GLY A 620 4.22 -22.19 34.83
CA GLY A 620 3.20 -22.00 33.82
C GLY A 620 3.73 -21.98 32.40
N ARG A 621 4.98 -22.37 32.21
CA ARG A 621 5.74 -22.20 30.97
C ARG A 621 6.82 -23.27 30.98
N PHE A 622 7.84 -23.08 30.14
CA PHE A 622 8.97 -24.00 30.11
C PHE A 622 9.53 -24.18 31.53
N ASP A 623 10.07 -25.38 31.79
CA ASP A 623 10.32 -25.82 33.15
C ASP A 623 11.68 -26.48 33.29
N LYS A 624 11.90 -27.15 34.43
CA LYS A 624 13.21 -27.60 34.87
C LYS A 624 13.99 -28.33 33.78
N LEU A 625 15.24 -27.92 33.58
CA LEU A 625 16.05 -28.44 32.49
C LEU A 625 16.37 -29.91 32.73
N ILE A 626 16.50 -30.66 31.63
CA ILE A 626 16.89 -32.06 31.68
C ILE A 626 18.25 -32.19 31.00
N TYR A 627 19.27 -32.48 31.79
CA TYR A 627 20.64 -32.57 31.30
C TYR A 627 20.83 -33.87 30.53
N ILE A 628 21.28 -33.76 29.28
CA ILE A 628 21.58 -34.91 28.45
C ILE A 628 23.09 -35.17 28.54
N PRO A 629 23.54 -36.19 29.24
CA PRO A 629 24.98 -36.47 29.33
C PRO A 629 25.47 -37.15 28.07
N PRO A 630 26.77 -37.02 27.76
CA PRO A 630 27.33 -37.81 26.66
C PRO A 630 27.34 -39.28 27.01
N PRO A 631 27.01 -40.16 26.05
CA PRO A 631 26.94 -41.59 26.35
C PRO A 631 28.26 -42.14 26.87
N ASP A 632 28.17 -42.86 27.98
CA ASP A 632 29.31 -43.51 28.60
C ASP A 632 29.60 -44.82 27.87
N LYS A 633 30.58 -45.56 28.38
CA LYS A 633 30.96 -46.84 27.77
C LYS A 633 29.77 -47.80 27.71
N GLU A 634 29.08 -47.97 28.83
CA GLU A 634 27.90 -48.84 28.83
C GLU A 634 26.77 -48.24 28.01
N ALA A 635 26.71 -46.90 27.91
CA ALA A 635 25.70 -46.27 27.07
C ALA A 635 26.10 -46.31 25.60
N ARG A 636 27.38 -46.07 25.30
CA ARG A 636 27.84 -46.11 23.91
C ARG A 636 27.72 -47.51 23.33
N LEU A 637 28.11 -48.53 24.10
CA LEU A 637 27.98 -49.91 23.63
C LEU A 637 26.53 -50.25 23.32
N SER A 638 25.60 -49.73 24.12
CA SER A 638 24.19 -49.94 23.83
C SER A 638 23.75 -49.14 22.61
N ILE A 639 24.39 -48.01 22.35
CA ILE A 639 24.07 -47.23 21.15
C ILE A 639 24.74 -47.83 19.92
N LEU A 640 25.98 -48.32 20.09
CA LEU A 640 26.70 -48.88 18.93
C LEU A 640 26.04 -50.15 18.43
N LYS A 641 25.47 -50.96 19.33
CA LYS A 641 24.82 -52.18 18.89
C LYS A 641 23.53 -51.88 18.14
N VAL A 642 22.94 -50.71 18.38
CA VAL A 642 21.78 -50.29 17.60
C VAL A 642 22.19 -49.90 16.19
N HIS A 643 23.38 -49.32 16.04
CA HIS A 643 23.84 -48.90 14.72
C HIS A 643 24.34 -50.09 13.90
N THR A 644 24.92 -51.09 14.55
CA THR A 644 25.53 -52.20 13.84
C THR A 644 24.62 -53.42 13.70
N LYS A 645 23.38 -53.35 14.21
CA LYS A 645 22.48 -54.49 14.03
C LYS A 645 21.93 -54.53 12.62
N ASN A 646 21.78 -53.37 11.97
CA ASN A 646 21.33 -53.36 10.58
C ASN A 646 22.49 -53.67 9.64
N MET A 647 23.71 -53.32 10.01
CA MET A 647 24.89 -53.67 9.24
C MET A 647 25.30 -55.09 9.57
N PRO A 648 26.09 -55.73 8.70
CA PRO A 648 26.57 -57.09 8.99
C PRO A 648 27.42 -57.15 10.25
N LEU A 649 27.57 -58.34 10.82
CA LEU A 649 28.33 -58.54 12.04
C LEU A 649 29.51 -59.47 11.78
N ALA A 650 30.61 -59.21 12.49
CA ALA A 650 31.86 -59.94 12.34
C ALA A 650 32.87 -59.45 13.38
N PRO A 651 33.83 -60.30 13.78
CA PRO A 651 34.83 -59.88 14.77
C PRO A 651 35.69 -58.71 14.31
N ASP A 652 35.67 -58.43 13.01
CA ASP A 652 36.46 -57.34 12.44
C ASP A 652 36.09 -56.00 13.07
N VAL A 653 34.86 -55.87 13.57
CA VAL A 653 34.40 -54.66 14.23
C VAL A 653 34.32 -54.94 15.72
N ASP A 654 35.20 -54.29 16.49
CA ASP A 654 35.20 -54.42 17.94
C ASP A 654 34.68 -53.14 18.58
N LEU A 655 33.63 -53.29 19.39
CA LEU A 655 33.00 -52.12 19.99
C LEU A 655 33.59 -51.82 21.36
N ASN A 656 34.41 -52.73 21.89
CA ASN A 656 34.93 -52.55 23.24
C ASN A 656 36.11 -51.59 23.28
N ASP A 657 36.99 -51.67 22.28
CA ASP A 657 38.24 -50.92 22.33
C ASP A 657 37.99 -49.41 22.15
N ILE A 658 37.05 -49.06 21.27
CA ILE A 658 36.79 -47.65 21.02
C ILE A 658 35.92 -47.05 22.12
N ALA A 659 35.23 -47.89 22.88
CA ALA A 659 34.37 -47.39 23.95
C ALA A 659 35.19 -47.01 25.19
N GLN A 660 36.32 -47.67 25.39
CA GLN A 660 37.14 -47.39 26.57
C GLN A 660 37.94 -46.11 26.41
N ARG A 661 38.44 -45.85 25.19
CA ARG A 661 39.35 -44.73 24.99
C ARG A 661 38.58 -43.41 24.90
N THR A 662 37.38 -43.43 24.34
CA THR A 662 36.62 -42.21 24.08
C THR A 662 35.40 -42.17 24.98
N GLU A 663 35.42 -41.28 25.96
CA GLU A 663 34.29 -41.10 26.87
C GLU A 663 33.34 -40.00 26.45
N GLY A 664 33.71 -39.15 25.50
CA GLY A 664 32.98 -37.92 25.26
C GLY A 664 32.11 -37.80 24.03
N TYR A 665 32.06 -38.83 23.18
CA TYR A 665 31.28 -38.74 21.96
C TYR A 665 29.79 -38.74 22.27
N VAL A 666 29.06 -37.83 21.61
CA VAL A 666 27.63 -37.68 21.83
C VAL A 666 26.87 -38.61 20.90
N GLY A 667 25.54 -38.47 20.84
CA GLY A 667 24.75 -39.37 20.03
C GLY A 667 24.87 -39.10 18.54
N ALA A 668 25.03 -37.83 18.16
CA ALA A 668 25.13 -37.50 16.74
C ALA A 668 26.44 -38.01 16.15
N ASP A 669 27.54 -37.89 16.90
CA ASP A 669 28.81 -38.41 16.43
C ASP A 669 28.75 -39.93 16.26
N LEU A 670 28.23 -40.63 17.27
CA LEU A 670 28.08 -42.08 17.15
C LEU A 670 27.14 -42.44 16.00
N GLU A 671 26.14 -41.60 15.76
CA GLU A 671 25.25 -41.82 14.61
C GLU A 671 25.95 -41.43 13.31
N ASN A 672 26.89 -40.48 13.37
CA ASN A 672 27.59 -40.06 12.16
C ASN A 672 28.71 -41.02 11.80
N LEU A 673 29.46 -41.50 12.80
CA LEU A 673 30.63 -42.32 12.53
C LEU A 673 30.27 -43.58 11.75
N CYS A 674 29.07 -44.11 11.96
CA CYS A 674 28.68 -45.32 11.23
C CYS A 674 28.23 -45.00 9.82
N ARG A 675 27.82 -43.76 9.57
CA ARG A 675 27.36 -43.39 8.23
C ARG A 675 28.47 -43.55 7.19
N GLU A 676 29.51 -42.72 7.25
CA GLU A 676 30.51 -42.73 6.19
C GLU A 676 31.51 -43.88 6.38
N ALA A 677 31.84 -44.20 7.63
CA ALA A 677 32.80 -45.28 7.86
C ALA A 677 32.13 -46.64 7.73
N GLY A 678 30.82 -46.70 7.88
CA GLY A 678 30.09 -47.94 7.61
C GLY A 678 30.07 -48.29 6.14
N MET A 679 30.08 -47.27 5.27
CA MET A 679 30.30 -47.50 3.85
C MET A 679 31.71 -48.05 3.62
N ASN A 680 32.65 -47.68 4.50
CA ASN A 680 33.99 -48.25 4.43
C ASN A 680 34.06 -49.58 5.15
N ALA A 681 33.01 -49.94 5.89
CA ALA A 681 33.00 -51.19 6.64
C ALA A 681 32.66 -52.36 5.72
N TYR A 682 33.39 -53.46 5.92
CA TYR A 682 33.26 -54.67 5.13
C TYR A 682 33.41 -54.36 3.64
N ARG A 683 32.64 -55.02 2.78
CA ARG A 683 32.71 -54.74 1.35
C ARG A 683 31.39 -54.17 0.86
N GLU A 684 31.35 -52.84 0.73
CA GLU A 684 30.33 -52.16 -0.07
C GLU A 684 30.92 -51.66 -1.40
N ASN A 685 32.24 -51.79 -1.57
CA ASN A 685 32.99 -51.04 -2.57
C ASN A 685 34.47 -51.45 -2.57
N PRO A 686 35.17 -51.29 -3.69
CA PRO A 686 36.51 -51.89 -3.86
C PRO A 686 37.62 -51.33 -2.99
N ASP A 687 37.44 -50.20 -2.32
CA ASP A 687 38.55 -49.52 -1.68
C ASP A 687 39.20 -50.40 -0.60
N ALA A 688 40.46 -50.10 -0.30
CA ALA A 688 41.32 -50.97 0.50
C ALA A 688 41.15 -50.77 2.00
N THR A 689 40.24 -49.90 2.43
CA THR A 689 39.99 -49.66 3.84
C THR A 689 39.01 -50.67 4.44
N SER A 690 38.61 -51.67 3.64
CA SER A 690 37.60 -52.65 4.04
C SER A 690 38.05 -53.52 5.19
N VAL A 691 37.07 -54.12 5.89
CA VAL A 691 37.22 -55.14 6.93
C VAL A 691 38.34 -54.79 7.91
N SER A 692 38.33 -53.57 8.43
CA SER A 692 39.31 -53.13 9.41
C SER A 692 38.61 -52.38 10.53
N GLN A 693 39.19 -52.44 11.73
CA GLN A 693 38.71 -51.60 12.84
C GLN A 693 39.32 -50.21 12.78
N LYS A 694 40.39 -50.04 12.00
CA LYS A 694 41.07 -48.75 11.95
C LYS A 694 40.30 -47.75 11.11
N ASN A 695 39.38 -48.21 10.27
CA ASN A 695 38.57 -47.29 9.48
C ASN A 695 37.69 -46.44 10.38
N PHE A 696 37.18 -47.03 11.48
CA PHE A 696 36.49 -46.24 12.48
C PHE A 696 37.47 -45.36 13.24
N LEU A 697 38.72 -45.83 13.40
CA LEU A 697 39.72 -45.04 14.10
C LEU A 697 40.29 -43.94 13.21
N ASP A 698 40.39 -44.20 11.90
CA ASP A 698 40.86 -43.17 10.99
C ASP A 698 39.89 -41.99 10.94
N ALA A 699 38.59 -42.27 10.90
CA ALA A 699 37.60 -41.20 10.98
C ALA A 699 37.50 -40.65 12.40
N LEU A 700 37.98 -41.41 13.39
CA LEU A 700 37.93 -40.94 14.76
C LEU A 700 38.91 -39.78 14.98
N LYS A 701 40.04 -39.79 14.27
CA LYS A 701 41.02 -38.73 14.41
C LYS A 701 40.58 -37.48 13.64
N THR A 702 39.85 -37.68 12.54
CA THR A 702 39.41 -36.54 11.73
C THR A 702 38.28 -35.79 12.42
N ILE A 703 37.30 -36.52 12.96
CA ILE A 703 36.18 -35.87 13.62
C ILE A 703 36.63 -35.31 14.97
N ARG A 704 36.02 -34.20 15.35
CA ARG A 704 36.31 -33.57 16.63
C ARG A 704 35.91 -34.48 17.78
N PRO A 705 36.65 -34.44 18.90
CA PRO A 705 36.29 -35.25 20.06
C PRO A 705 34.96 -34.85 20.70
N SER A 706 34.50 -33.62 20.47
CA SER A 706 33.23 -33.12 21.00
C SER A 706 33.20 -33.20 22.53
N VAL A 707 34.38 -33.08 23.13
CA VAL A 707 34.54 -33.10 24.57
C VAL A 707 34.76 -31.66 25.01
N ASP A 708 33.74 -31.07 25.64
CA ASP A 708 33.84 -29.71 26.17
C ASP A 708 33.35 -29.73 27.62
N GLU A 709 34.27 -29.49 28.54
CA GLU A 709 33.88 -29.43 29.96
C GLU A 709 33.32 -28.06 30.31
N GLU A 710 33.63 -27.04 29.51
CA GLU A 710 33.23 -25.69 29.84
C GLU A 710 31.74 -25.47 29.58
N VAL A 711 31.21 -26.02 28.49
CA VAL A 711 29.80 -25.85 28.18
C VAL A 711 28.94 -26.66 29.14
N ILE A 712 29.46 -27.81 29.61
CA ILE A 712 28.76 -28.57 30.62
C ILE A 712 28.72 -27.79 31.93
N LYS A 713 29.82 -27.10 32.26
CA LYS A 713 29.82 -26.21 33.41
C LYS A 713 28.91 -25.01 33.19
N PHE A 714 28.82 -24.53 31.95
CA PHE A 714 27.92 -23.43 31.65
C PHE A 714 26.46 -23.83 31.81
N TYR A 715 26.15 -25.11 31.61
CA TYR A 715 24.78 -25.59 31.81
C TYR A 715 24.40 -25.54 33.28
N ARG A 716 25.32 -25.92 34.17
CA ARG A 716 24.99 -25.95 35.59
C ARG A 716 24.86 -24.54 36.17
N THR A 717 25.58 -23.58 35.58
CA THR A 717 25.50 -22.21 36.07
C THR A 717 24.21 -21.54 35.61
N LEU A 718 23.79 -21.82 34.37
CA LEU A 718 22.57 -21.19 33.85
C LEU A 718 21.33 -21.87 34.39
N SER A 719 21.43 -23.15 34.78
CA SER A 719 20.27 -23.88 35.26
C SER A 719 19.81 -23.36 36.62
N GLU A 720 20.75 -23.22 37.57
CA GLU A 720 20.38 -22.76 38.90
C GLU A 720 19.99 -21.28 38.88
N THR A 721 20.74 -20.46 38.16
CA THR A 721 20.46 -19.03 38.07
C THR A 721 19.27 -18.77 37.15
N GLY B 1 6.13 -59.07 -37.51
CA GLY B 1 6.64 -60.09 -38.39
C GLY B 1 7.24 -59.53 -39.67
N ILE B 2 6.36 -58.94 -40.48
CA ILE B 2 6.69 -58.06 -41.59
C ILE B 2 6.33 -56.64 -41.17
N ILE B 3 5.90 -56.50 -39.93
CA ILE B 3 4.97 -55.48 -39.47
C ILE B 3 5.72 -54.21 -39.05
N LEU B 4 7.01 -54.13 -39.40
CA LEU B 4 7.97 -53.22 -38.76
C LEU B 4 7.44 -51.81 -38.57
N ARG B 5 7.71 -51.24 -37.40
CA ARG B 5 7.02 -50.05 -36.89
C ARG B 5 7.34 -48.80 -37.70
N VAL B 6 6.50 -47.78 -37.53
CA VAL B 6 6.80 -46.44 -38.00
C VAL B 6 7.08 -45.56 -36.79
N ALA B 7 7.94 -44.56 -36.96
CA ALA B 7 8.34 -43.70 -35.84
C ALA B 7 8.71 -42.32 -36.37
N GLU B 8 9.20 -41.47 -35.47
CA GLU B 8 9.65 -40.12 -35.80
C GLU B 8 11.14 -40.14 -36.03
N ALA B 9 11.57 -39.75 -37.23
CA ALA B 9 12.98 -39.89 -37.60
C ALA B 9 13.85 -38.92 -36.81
N ASN B 10 14.84 -39.47 -36.12
CA ASN B 10 15.87 -38.68 -35.44
C ASN B 10 16.85 -38.09 -36.44
N SER B 11 17.62 -38.94 -37.12
CA SER B 11 18.30 -38.53 -38.34
C SER B 11 17.21 -38.35 -39.38
N THR B 12 17.11 -37.14 -39.94
CA THR B 12 15.97 -36.82 -40.78
C THR B 12 16.12 -37.39 -42.18
N ASP B 13 17.32 -37.33 -42.74
CA ASP B 13 17.52 -37.57 -44.16
C ASP B 13 16.57 -36.66 -44.93
N PRO B 14 16.87 -35.35 -45.02
CA PRO B 14 15.93 -34.40 -45.64
C PRO B 14 15.48 -34.82 -47.03
N GLY B 15 16.34 -35.55 -47.75
CA GLY B 15 15.88 -36.22 -48.95
C GLY B 15 14.89 -37.31 -48.60
N MET B 16 13.68 -37.23 -49.14
CA MET B 16 12.64 -38.18 -48.76
C MET B 16 12.92 -39.54 -49.39
N SER B 17 12.28 -40.60 -48.87
CA SER B 17 12.41 -41.96 -49.37
C SER B 17 13.76 -42.56 -48.96
N ARG B 18 14.56 -41.78 -48.24
CA ARG B 18 15.86 -42.20 -47.72
C ARG B 18 15.73 -42.88 -46.35
N VAL B 19 14.50 -43.21 -45.95
CA VAL B 19 14.12 -43.62 -44.60
C VAL B 19 15.08 -44.64 -43.99
N ARG B 20 15.47 -44.42 -42.75
CA ARG B 20 16.42 -45.26 -42.03
C ARG B 20 15.74 -46.57 -41.65
N LEU B 21 16.40 -47.69 -41.96
CA LEU B 21 16.00 -49.01 -41.48
C LEU B 21 17.22 -49.67 -40.87
N ASP B 22 17.06 -50.26 -39.68
CA ASP B 22 18.17 -50.85 -38.95
C ASP B 22 18.78 -52.04 -39.70
N GLU B 23 20.06 -52.29 -39.46
CA GLU B 23 20.69 -53.50 -39.99
C GLU B 23 20.15 -54.74 -39.30
N SER B 24 19.82 -54.63 -38.02
CA SER B 24 19.25 -55.76 -37.29
C SER B 24 17.77 -55.91 -37.60
N SER B 25 17.10 -54.82 -38.00
CA SER B 25 15.69 -54.92 -38.36
C SER B 25 15.51 -55.46 -39.77
N ARG B 26 16.45 -55.16 -40.67
CA ARG B 26 16.32 -55.64 -42.04
C ARG B 26 16.68 -57.11 -42.17
N ARG B 27 17.54 -57.61 -41.28
CA ARG B 27 17.86 -59.04 -41.32
C ARG B 27 16.73 -59.88 -40.74
N LEU B 28 15.84 -59.25 -39.97
CA LEU B 28 14.63 -59.94 -39.54
C LEU B 28 13.68 -60.16 -40.71
N LEU B 29 13.70 -59.22 -41.67
CA LEU B 29 12.88 -59.38 -42.88
C LEU B 29 13.65 -60.10 -43.97
N ASP B 30 14.94 -60.36 -43.74
CA ASP B 30 15.84 -60.98 -44.72
C ASP B 30 15.94 -60.12 -45.98
N ALA B 31 15.96 -58.79 -45.80
CA ALA B 31 16.13 -57.87 -46.92
C ALA B 31 17.47 -57.15 -46.79
N GLU B 32 18.31 -57.25 -47.81
CA GLU B 32 19.66 -56.69 -47.73
C GLU B 32 19.61 -55.17 -47.86
N ILE B 33 20.79 -54.55 -47.74
CA ILE B 33 20.89 -53.11 -47.73
C ILE B 33 20.92 -52.56 -49.15
N GLY B 34 20.35 -51.38 -49.33
CA GLY B 34 20.41 -50.68 -50.59
C GLY B 34 19.50 -51.23 -51.68
N ASP B 35 18.26 -51.53 -51.33
CA ASP B 35 17.29 -52.05 -52.29
C ASP B 35 16.02 -51.22 -52.23
N VAL B 36 15.20 -51.36 -53.28
CA VAL B 36 13.93 -50.66 -53.35
C VAL B 36 12.93 -51.32 -52.41
N VAL B 37 12.22 -50.51 -51.63
CA VAL B 37 11.30 -51.01 -50.62
C VAL B 37 9.88 -50.66 -51.03
N GLU B 38 8.96 -51.59 -50.79
CA GLU B 38 7.53 -51.39 -51.00
C GLU B 38 6.81 -51.38 -49.65
N ILE B 39 6.30 -50.23 -49.26
CA ILE B 39 5.55 -50.07 -48.01
C ILE B 39 4.08 -50.18 -48.32
N GLU B 40 3.45 -51.25 -47.81
CA GLU B 40 2.03 -51.50 -48.04
C GLU B 40 1.33 -51.65 -46.69
N LYS B 41 0.22 -50.94 -46.53
CA LYS B 41 -0.53 -50.97 -45.28
C LYS B 41 -2.03 -50.95 -45.53
N VAL B 42 -2.82 -50.76 -44.48
CA VAL B 42 -4.27 -50.69 -44.62
C VAL B 42 -4.64 -49.48 -45.47
N ARG B 43 -5.84 -49.52 -46.05
CA ARG B 43 -6.39 -48.55 -47.00
C ARG B 43 -5.72 -48.67 -48.36
N LYS B 44 -4.75 -49.56 -48.51
CA LYS B 44 -4.09 -49.84 -49.80
C LYS B 44 -3.35 -48.61 -50.31
N THR B 45 -2.84 -47.79 -49.38
CA THR B 45 -1.92 -46.71 -49.72
C THR B 45 -0.50 -47.23 -49.65
N VAL B 46 0.30 -46.85 -50.64
CA VAL B 46 1.64 -47.41 -50.83
C VAL B 46 2.64 -46.29 -51.00
N GLY B 47 3.91 -46.64 -50.78
CA GLY B 47 5.02 -45.73 -50.95
C GLY B 47 6.33 -46.49 -50.96
N ARG B 48 7.38 -45.90 -51.54
CA ARG B 48 8.66 -46.58 -51.67
C ARG B 48 9.76 -45.78 -50.99
N VAL B 49 10.63 -46.48 -50.27
CA VAL B 49 11.72 -45.87 -49.53
C VAL B 49 13.02 -46.63 -49.81
N TYR B 50 14.15 -46.03 -49.42
CA TYR B 50 15.47 -46.62 -49.59
C TYR B 50 16.05 -46.93 -48.23
N ARG B 51 16.63 -48.13 -48.09
CA ARG B 51 17.14 -48.56 -46.80
C ARG B 51 18.55 -48.00 -46.55
N ALA B 52 18.71 -47.38 -45.38
CA ALA B 52 20.00 -46.92 -44.88
C ALA B 52 20.07 -47.19 -43.39
N ARG B 53 21.19 -47.73 -42.91
CA ARG B 53 21.26 -48.22 -41.53
C ARG B 53 21.62 -47.12 -40.55
N PRO B 54 20.78 -46.91 -39.53
CA PRO B 54 21.22 -46.14 -38.36
C PRO B 54 21.87 -47.04 -37.33
N GLU B 55 22.19 -46.50 -36.15
CA GLU B 55 22.94 -47.27 -35.16
C GLU B 55 22.18 -47.48 -33.86
N ASP B 56 21.87 -46.37 -33.17
CA ASP B 56 21.33 -46.46 -31.81
C ASP B 56 19.99 -47.19 -31.75
N GLU B 57 19.25 -47.18 -32.86
CA GLU B 57 17.92 -47.77 -32.86
C GLU B 57 18.02 -49.30 -32.80
N ASN B 58 16.98 -49.94 -32.27
CA ASN B 58 16.92 -51.38 -32.13
C ASN B 58 15.82 -51.93 -33.04
N LYS B 59 15.70 -53.26 -33.07
CA LYS B 59 14.78 -53.94 -33.97
C LYS B 59 13.33 -53.82 -33.54
N GLY B 60 13.05 -53.34 -32.34
CA GLY B 60 11.68 -53.18 -31.89
C GLY B 60 10.85 -52.23 -32.71
N ILE B 61 11.46 -51.18 -33.27
CA ILE B 61 10.77 -50.21 -34.11
C ILE B 61 11.66 -49.89 -35.31
N VAL B 62 11.02 -49.36 -36.36
CA VAL B 62 11.73 -48.82 -37.52
C VAL B 62 11.41 -47.34 -37.59
N ARG B 63 12.46 -46.51 -37.59
CA ARG B 63 12.29 -45.08 -37.49
C ARG B 63 12.19 -44.46 -38.87
N ILE B 64 11.02 -43.88 -39.17
CA ILE B 64 10.64 -43.52 -40.54
C ILE B 64 10.48 -42.02 -40.65
N ASP B 65 10.71 -41.48 -41.84
CA ASP B 65 10.61 -40.05 -42.09
C ASP B 65 9.16 -39.58 -41.96
N SER B 66 8.99 -38.27 -41.78
CA SER B 66 7.67 -37.71 -41.53
C SER B 66 6.78 -37.77 -42.76
N VAL B 67 7.27 -37.25 -43.89
CA VAL B 67 6.42 -37.10 -45.06
C VAL B 67 6.01 -38.45 -45.62
N MET B 68 6.92 -39.43 -45.58
CA MET B 68 6.57 -40.77 -46.03
C MET B 68 5.54 -41.42 -45.10
N ARG B 69 5.52 -41.01 -43.84
CA ARG B 69 4.40 -41.37 -42.98
C ARG B 69 3.21 -40.45 -43.24
N ASN B 70 3.49 -39.23 -43.75
CA ASN B 70 2.41 -38.32 -44.11
C ASN B 70 1.84 -38.68 -45.47
N ASN B 71 2.55 -39.49 -46.25
CA ASN B 71 1.98 -39.98 -47.51
C ASN B 71 1.03 -41.14 -47.28
N CYS B 72 1.40 -42.06 -46.39
CA CYS B 72 0.52 -43.20 -46.12
C CYS B 72 -0.43 -42.90 -44.96
N GLY B 73 -0.38 -41.68 -44.43
CA GLY B 73 -1.15 -41.31 -43.25
C GLY B 73 -0.82 -42.13 -42.03
N ALA B 74 0.45 -42.47 -41.83
CA ALA B 74 0.82 -43.40 -40.78
C ALA B 74 0.85 -42.72 -39.42
N SER B 75 0.30 -43.41 -38.42
CA SER B 75 0.40 -43.01 -37.03
C SER B 75 1.30 -44.01 -36.32
N ILE B 76 1.94 -43.54 -35.24
CA ILE B 76 2.93 -44.35 -34.53
C ILE B 76 2.29 -45.64 -34.06
N GLY B 77 2.89 -46.78 -34.44
CA GLY B 77 2.38 -48.08 -34.05
C GLY B 77 1.40 -48.71 -35.03
N ASP B 78 1.42 -48.33 -36.30
CA ASP B 78 0.52 -48.91 -37.27
C ASP B 78 1.05 -50.25 -37.77
N LYS B 79 0.35 -50.81 -38.76
CA LYS B 79 0.67 -52.11 -39.34
C LYS B 79 0.95 -51.96 -40.83
N VAL B 80 2.13 -52.40 -41.26
CA VAL B 80 2.55 -52.29 -42.65
C VAL B 80 3.12 -53.63 -43.10
N LYS B 81 3.20 -53.79 -44.42
CA LYS B 81 3.83 -54.95 -45.06
C LYS B 81 4.92 -54.44 -45.99
N VAL B 82 6.15 -54.78 -45.69
CA VAL B 82 7.30 -54.30 -46.47
C VAL B 82 8.15 -55.49 -46.90
N ARG B 83 8.66 -55.40 -48.13
CA ARG B 83 9.55 -56.42 -48.66
C ARG B 83 10.39 -55.81 -49.78
N LYS B 84 11.50 -56.47 -50.10
CA LYS B 84 12.35 -56.01 -51.18
C LYS B 84 11.76 -56.41 -52.53
N VAL B 85 11.94 -55.54 -53.52
CA VAL B 85 11.39 -55.74 -54.85
C VAL B 85 12.49 -55.53 -55.88
N ARG B 86 12.10 -55.59 -57.15
CA ARG B 86 13.03 -55.39 -58.26
C ARG B 86 13.46 -53.92 -58.34
N THR B 87 14.60 -53.67 -58.96
CA THR B 87 15.15 -52.31 -59.04
C THR B 87 15.17 -51.83 -60.48
N GLU B 88 14.60 -50.65 -60.71
CA GLU B 88 14.61 -50.06 -62.05
C GLU B 88 15.04 -48.60 -61.92
N ILE B 89 15.00 -47.87 -63.04
CA ILE B 89 15.35 -46.45 -63.05
C ILE B 89 14.35 -45.71 -63.94
N ALA B 90 14.05 -44.47 -63.60
CA ALA B 90 13.09 -43.69 -64.37
C ALA B 90 13.69 -43.26 -65.71
N LYS B 91 12.87 -42.57 -66.50
CA LYS B 91 13.31 -42.06 -67.80
C LYS B 91 12.97 -40.59 -67.92
N LYS B 92 11.68 -40.28 -68.04
CA LYS B 92 11.20 -38.91 -68.06
C LYS B 92 9.95 -38.81 -67.21
N VAL B 93 9.99 -37.91 -66.23
CA VAL B 93 8.91 -37.77 -65.26
C VAL B 93 8.28 -36.39 -65.42
N THR B 94 6.97 -36.33 -65.21
CA THR B 94 6.21 -35.09 -65.31
C THR B 94 5.58 -34.78 -63.95
N LEU B 95 5.73 -33.53 -63.50
CA LEU B 95 5.23 -33.11 -62.20
C LEU B 95 4.26 -31.96 -62.37
N ALA B 96 3.44 -31.74 -61.34
CA ALA B 96 2.42 -30.69 -61.36
C ALA B 96 2.35 -30.02 -59.99
N PRO B 97 2.00 -28.74 -59.95
CA PRO B 97 1.89 -28.04 -58.66
C PRO B 97 0.69 -28.51 -57.86
N ILE B 98 0.77 -28.30 -56.54
CA ILE B 98 -0.34 -28.61 -55.63
C ILE B 98 -0.87 -27.26 -55.13
N ILE B 99 -2.07 -26.91 -55.59
CA ILE B 99 -2.65 -25.61 -55.30
C ILE B 99 -3.90 -25.77 -54.45
N ARG B 100 -3.84 -25.40 -53.17
CA ARG B 100 -5.02 -25.32 -52.34
C ARG B 100 -5.02 -23.98 -51.64
N LYS B 101 -4.18 -23.75 -50.64
CA LYS B 101 -4.03 -22.44 -50.02
C LYS B 101 -2.79 -21.74 -50.55
N ASP B 102 -2.09 -22.39 -51.48
CA ASP B 102 -0.75 -22.01 -51.87
C ASP B 102 -0.73 -20.72 -52.70
N GLN B 103 -1.86 -20.38 -53.33
CA GLN B 103 -1.94 -19.24 -54.24
C GLN B 103 -0.92 -19.40 -55.36
N ARG B 104 -1.19 -20.33 -56.27
CA ARG B 104 -0.30 -20.76 -57.35
C ARG B 104 1.03 -21.22 -56.74
N LEU B 105 2.16 -20.96 -57.42
CA LEU B 105 3.45 -21.53 -57.00
C LEU B 105 4.57 -20.90 -57.82
N LYS B 106 5.78 -21.44 -57.71
CA LYS B 106 6.96 -21.03 -58.46
C LYS B 106 6.69 -20.90 -59.95
N PHE B 107 7.20 -19.82 -60.55
CA PHE B 107 6.96 -19.49 -61.95
C PHE B 107 8.13 -19.94 -62.85
N GLY B 108 9.31 -19.38 -62.60
CA GLY B 108 10.40 -19.46 -63.53
C GLY B 108 11.07 -20.83 -63.57
N GLU B 109 12.31 -20.82 -64.06
CA GLU B 109 13.06 -22.03 -64.36
C GLU B 109 13.54 -22.68 -63.06
N GLY B 110 14.40 -23.69 -63.22
CA GLY B 110 14.81 -24.51 -62.10
C GLY B 110 14.13 -25.86 -62.11
N ILE B 111 13.48 -26.19 -63.23
CA ILE B 111 12.89 -27.50 -63.42
C ILE B 111 13.94 -28.61 -63.43
N GLU B 112 15.16 -28.30 -63.87
CA GLU B 112 16.27 -29.23 -63.78
C GLU B 112 17.14 -29.06 -62.55
N GLU B 113 17.80 -27.91 -62.37
CA GLU B 113 18.71 -27.67 -61.25
C GLU B 113 18.08 -28.11 -59.92
N TYR B 114 17.01 -27.44 -59.51
CA TYR B 114 16.45 -27.64 -58.18
C TYR B 114 15.97 -29.07 -57.97
N VAL B 115 15.40 -29.67 -59.02
CA VAL B 115 14.86 -31.03 -58.88
C VAL B 115 15.99 -32.06 -58.93
N GLN B 116 16.89 -31.94 -59.92
CA GLN B 116 17.80 -33.03 -60.24
C GLN B 116 18.74 -33.34 -59.08
N ARG B 117 19.46 -32.34 -58.57
CA ARG B 117 20.46 -32.59 -57.54
C ARG B 117 19.82 -33.01 -56.22
N ALA B 118 18.52 -32.78 -56.07
CA ALA B 118 17.83 -33.19 -54.86
C ALA B 118 17.16 -34.56 -54.99
N LEU B 119 17.31 -35.21 -56.14
CA LEU B 119 16.67 -36.52 -56.34
C LEU B 119 17.36 -37.61 -55.53
N ILE B 120 18.69 -37.68 -55.61
CA ILE B 120 19.54 -38.59 -54.85
C ILE B 120 18.95 -40.00 -54.81
N ARG B 121 18.44 -40.48 -55.95
CA ARG B 121 17.96 -41.85 -56.11
C ARG B 121 16.83 -42.19 -55.13
N ARG B 122 15.75 -41.39 -55.17
CA ARG B 122 14.55 -41.65 -54.37
C ARG B 122 13.69 -42.71 -55.02
N PRO B 123 13.46 -43.86 -54.37
CA PRO B 123 12.40 -44.77 -54.83
C PRO B 123 11.04 -44.11 -54.65
N MET B 124 10.17 -44.26 -55.65
CA MET B 124 8.85 -43.63 -55.62
C MET B 124 7.95 -44.27 -56.68
N LEU B 125 6.73 -43.77 -56.76
CA LEU B 125 5.73 -44.23 -57.71
C LEU B 125 4.97 -43.05 -58.28
N GLU B 126 4.19 -43.32 -59.33
CA GLU B 126 3.37 -42.29 -59.96
C GLU B 126 2.36 -41.73 -58.97
N GLN B 127 2.04 -40.45 -59.12
CA GLN B 127 1.06 -39.75 -58.30
C GLN B 127 1.50 -39.73 -56.84
N ASP B 128 2.78 -39.53 -56.59
CA ASP B 128 3.28 -39.39 -55.24
C ASP B 128 3.82 -37.99 -55.01
N ASN B 129 3.61 -37.49 -53.79
CA ASN B 129 4.01 -36.14 -53.40
C ASN B 129 5.38 -36.21 -52.74
N ILE B 130 6.37 -35.59 -53.38
CA ILE B 130 7.74 -35.55 -52.87
C ILE B 130 7.97 -34.20 -52.21
N SER B 131 8.71 -34.20 -51.10
CA SER B 131 9.03 -33.00 -50.36
C SER B 131 10.49 -32.63 -50.59
N VAL B 132 10.72 -31.45 -51.15
CA VAL B 132 12.05 -30.97 -51.48
C VAL B 132 12.26 -29.58 -50.89
N PRO B 133 12.81 -29.45 -49.68
CA PRO B 133 13.12 -28.13 -49.14
C PRO B 133 14.41 -27.55 -49.72
N GLY B 134 14.90 -26.47 -49.14
CA GLY B 134 16.18 -25.92 -49.55
C GLY B 134 16.12 -24.57 -50.23
N LEU B 135 17.32 -24.01 -50.40
CA LEU B 135 17.67 -22.75 -51.05
C LEU B 135 17.47 -21.51 -50.19
N THR B 136 16.68 -21.61 -49.10
CA THR B 136 16.52 -20.52 -48.15
C THR B 136 15.52 -20.86 -47.05
N LEU B 137 15.55 -20.10 -45.95
CA LEU B 137 14.56 -20.26 -44.90
C LEU B 137 13.24 -19.58 -45.24
N ALA B 138 13.30 -18.36 -45.77
CA ALA B 138 12.10 -17.56 -46.05
C ALA B 138 11.80 -17.57 -47.55
N GLY B 139 10.59 -18.04 -47.87
CA GLY B 139 10.16 -18.12 -49.25
C GLY B 139 10.23 -19.53 -49.80
N GLN B 140 11.06 -20.37 -49.18
CA GLN B 140 11.17 -21.77 -49.58
C GLN B 140 11.09 -22.64 -48.33
N THR B 141 10.04 -23.46 -48.27
CA THR B 141 9.84 -24.39 -47.17
C THR B 141 9.61 -25.78 -47.74
N GLY B 142 9.26 -26.74 -46.89
CA GLY B 142 8.88 -28.06 -47.40
C GLY B 142 7.73 -27.95 -48.37
N LEU B 143 7.96 -28.41 -49.60
CA LEU B 143 7.04 -28.18 -50.70
C LEU B 143 6.77 -29.49 -51.41
N LEU B 144 5.49 -29.76 -51.66
CA LEU B 144 5.04 -31.02 -52.25
C LEU B 144 4.68 -30.80 -53.71
N PHE B 145 5.15 -31.72 -54.57
CA PHE B 145 4.84 -31.70 -55.98
C PHE B 145 4.03 -32.93 -56.34
N LYS B 146 2.98 -32.72 -57.12
CA LYS B 146 2.14 -33.78 -57.64
C LYS B 146 2.76 -34.32 -58.92
N VAL B 147 3.08 -35.60 -58.93
CA VAL B 147 3.72 -36.24 -60.09
C VAL B 147 2.59 -36.74 -61.00
N VAL B 148 2.57 -36.26 -62.25
CA VAL B 148 1.52 -36.67 -63.16
C VAL B 148 1.83 -38.04 -63.76
N LYS B 149 2.84 -38.12 -64.62
CA LYS B 149 3.16 -39.36 -65.31
C LYS B 149 4.65 -39.48 -65.50
N THR B 150 5.17 -40.69 -65.26
CA THR B 150 6.51 -41.08 -65.64
C THR B 150 6.42 -42.22 -66.64
N LEU B 151 7.44 -42.36 -67.48
CA LEU B 151 7.40 -43.38 -68.53
C LEU B 151 7.37 -44.77 -67.92
N PRO B 152 8.23 -45.10 -66.92
CA PRO B 152 8.01 -46.34 -66.17
C PRO B 152 7.03 -46.16 -65.03
N SER B 153 5.74 -46.17 -65.34
CA SER B 153 4.69 -45.84 -64.39
C SER B 153 4.31 -47.07 -63.57
N LYS B 154 4.01 -46.83 -62.29
CA LYS B 154 3.48 -47.81 -61.35
C LYS B 154 4.50 -48.90 -60.98
N VAL B 155 5.60 -48.97 -61.71
CA VAL B 155 6.67 -49.93 -61.43
C VAL B 155 7.66 -49.27 -60.47
N PRO B 156 8.42 -50.04 -59.67
CA PRO B 156 9.42 -49.43 -58.79
C PRO B 156 10.49 -48.70 -59.57
N VAL B 157 10.74 -47.43 -59.23
CA VAL B 157 11.67 -46.59 -59.98
C VAL B 157 12.45 -45.73 -59.01
N GLU B 158 13.75 -45.62 -59.27
CA GLU B 158 14.60 -44.62 -58.63
C GLU B 158 15.09 -43.64 -59.68
N ILE B 159 14.59 -42.42 -59.62
CA ILE B 159 14.85 -41.39 -60.62
C ILE B 159 16.34 -41.06 -60.56
N GLY B 160 17.02 -41.16 -61.70
CA GLY B 160 18.46 -41.01 -61.73
C GLY B 160 18.91 -39.60 -62.06
N GLU B 161 20.22 -39.41 -62.07
CA GLU B 161 20.84 -38.12 -62.32
C GLU B 161 20.83 -37.74 -63.80
N GLU B 162 20.78 -38.71 -64.70
CA GLU B 162 20.78 -38.44 -66.14
C GLU B 162 19.36 -38.39 -66.71
N THR B 163 18.34 -38.52 -65.86
CA THR B 163 16.94 -38.52 -66.28
C THR B 163 16.41 -37.10 -66.19
N LYS B 164 15.73 -36.65 -67.26
CA LYS B 164 15.15 -35.32 -67.29
C LYS B 164 13.90 -35.24 -66.44
N ILE B 165 13.55 -34.02 -66.04
CA ILE B 165 12.37 -33.75 -65.23
C ILE B 165 11.58 -32.62 -65.89
N GLU B 166 10.28 -32.84 -66.09
CA GLU B 166 9.41 -31.84 -66.69
C GLU B 166 8.37 -31.39 -65.68
N ILE B 167 8.18 -30.08 -65.59
CA ILE B 167 7.19 -29.47 -64.70
C ILE B 167 6.08 -28.91 -65.58
N ARG B 168 4.88 -29.47 -65.47
CA ARG B 168 3.77 -29.02 -66.31
C ARG B 168 3.30 -27.63 -65.92
N GLU B 169 3.37 -27.30 -64.63
CA GLU B 169 2.95 -26.03 -64.04
C GLU B 169 1.44 -25.84 -64.09
N GLU B 170 0.69 -26.75 -64.70
CA GLU B 170 -0.77 -26.63 -64.74
C GLU B 170 -1.33 -26.73 -63.32
N PRO B 171 -2.09 -25.74 -62.88
CA PRO B 171 -2.53 -25.71 -61.47
C PRO B 171 -3.49 -26.85 -61.16
N ALA B 172 -3.23 -27.52 -60.04
CA ALA B 172 -4.08 -28.61 -59.57
C ALA B 172 -3.95 -28.76 -58.05
N SER B 173 -4.60 -29.77 -57.49
CA SER B 173 -4.55 -29.98 -56.04
C SER B 173 -3.79 -31.26 -55.71
N GLU B 174 -3.67 -31.58 -54.42
CA GLU B 174 -2.96 -32.78 -54.03
C GLU B 174 -3.81 -34.01 -54.27
N VAL B 175 -3.16 -35.07 -54.75
CA VAL B 175 -3.80 -36.38 -54.83
C VAL B 175 -3.72 -37.05 -53.46
N LEU B 176 -2.59 -36.90 -52.78
CA LEU B 176 -2.38 -37.60 -51.52
C LEU B 176 -1.90 -36.68 -50.40
N GLU B 177 -2.77 -36.45 -49.41
CA GLU B 177 -2.41 -35.97 -48.07
C GLU B 177 -1.34 -34.89 -48.04
N GLU B 178 -1.70 -33.66 -48.46
CA GLU B 178 -0.80 -32.53 -48.47
C GLU B 178 -0.65 -32.02 -47.04
N VAL B 179 0.03 -30.87 -46.90
CA VAL B 179 0.37 -30.28 -45.61
C VAL B 179 -0.90 -29.66 -45.03
N SER B 180 -0.76 -28.86 -43.96
CA SER B 180 -1.80 -28.40 -43.03
C SER B 180 -1.94 -29.43 -41.92
N ARG B 181 -1.21 -30.53 -42.04
CA ARG B 181 -1.05 -31.48 -40.96
C ARG B 181 0.39 -31.41 -40.48
N ILE B 182 0.57 -31.48 -39.16
CA ILE B 182 1.90 -31.45 -38.57
C ILE B 182 2.15 -32.74 -37.80
N SER B 183 3.07 -33.56 -38.30
CA SER B 183 3.41 -34.83 -37.68
C SER B 183 4.28 -34.63 -36.44
N TYR B 184 4.33 -35.66 -35.58
CA TYR B 184 5.18 -35.60 -34.39
C TYR B 184 6.64 -35.37 -34.74
N GLU B 185 7.09 -35.88 -35.89
CA GLU B 185 8.43 -35.55 -36.36
C GLU B 185 8.51 -34.09 -36.80
N ASP B 186 7.47 -33.58 -37.47
CA ASP B 186 7.41 -32.16 -37.77
C ASP B 186 7.37 -31.31 -36.51
N ILE B 187 6.91 -31.88 -35.40
CA ILE B 187 6.98 -31.25 -34.09
C ILE B 187 8.39 -31.42 -33.56
N GLY B 188 8.81 -30.50 -32.70
CA GLY B 188 10.09 -30.65 -32.03
C GLY B 188 10.07 -30.01 -30.66
N GLY B 189 10.91 -30.50 -29.77
CA GLY B 189 10.86 -30.08 -28.38
C GLY B 189 11.30 -31.16 -27.43
N LEU B 190 10.82 -31.09 -26.19
CA LEU B 190 11.04 -32.14 -25.19
C LEU B 190 10.54 -33.46 -25.77
N SER B 191 11.39 -34.48 -25.65
CA SER B 191 11.12 -35.77 -26.29
C SER B 191 10.19 -36.63 -25.45
N GLU B 192 10.65 -37.03 -24.26
CA GLU B 192 9.85 -37.91 -23.40
C GLU B 192 8.53 -37.25 -23.01
N GLN B 193 8.53 -35.92 -22.87
CA GLN B 193 7.31 -35.21 -22.54
C GLN B 193 6.30 -35.27 -23.69
N LEU B 194 6.79 -35.26 -24.93
CA LEU B 194 5.89 -35.36 -26.08
C LEU B 194 5.16 -36.70 -26.09
N GLY B 195 5.84 -37.77 -25.69
CA GLY B 195 5.21 -39.07 -25.62
C GLY B 195 4.34 -39.23 -24.38
N LYS B 196 4.67 -38.51 -23.31
CA LYS B 196 3.89 -38.62 -22.08
C LYS B 196 2.59 -37.83 -22.17
N ILE B 197 2.63 -36.67 -22.84
CA ILE B 197 1.42 -35.88 -23.01
C ILE B 197 0.43 -36.61 -23.92
N ARG B 198 0.93 -37.25 -24.97
CA ARG B 198 0.06 -37.85 -25.97
C ARG B 198 -0.52 -39.18 -25.49
N GLU B 199 0.25 -39.92 -24.68
CA GLU B 199 -0.12 -41.30 -24.36
C GLU B 199 -1.42 -41.36 -23.57
N MET B 200 -1.79 -40.28 -22.88
CA MET B 200 -3.04 -40.29 -22.13
C MET B 200 -4.24 -40.12 -23.04
N ILE B 201 -4.09 -39.29 -24.08
CA ILE B 201 -5.18 -39.11 -25.03
C ILE B 201 -4.98 -39.97 -26.27
N GLU B 202 -3.86 -40.70 -26.33
CA GLU B 202 -3.59 -41.55 -27.49
C GLU B 202 -4.70 -42.58 -27.70
N LEU B 203 -4.82 -43.53 -26.76
CA LEU B 203 -5.76 -44.63 -26.93
C LEU B 203 -7.22 -44.18 -27.03
N PRO B 204 -7.74 -43.27 -26.21
CA PRO B 204 -9.15 -42.89 -26.36
C PRO B 204 -9.47 -42.26 -27.71
N LEU B 205 -8.67 -41.30 -28.17
CA LEU B 205 -9.03 -40.56 -29.37
C LEU B 205 -9.03 -41.44 -30.61
N LYS B 206 -8.11 -42.41 -30.67
CA LYS B 206 -8.09 -43.34 -31.79
C LYS B 206 -9.41 -44.11 -31.89
N HIS B 207 -9.68 -44.98 -30.92
CA HIS B 207 -10.95 -45.71 -30.89
C HIS B 207 -11.60 -45.48 -29.53
N PRO B 208 -12.92 -45.28 -29.49
CA PRO B 208 -13.60 -45.13 -28.18
C PRO B 208 -13.58 -46.38 -27.33
N GLU B 209 -13.78 -47.57 -27.91
CA GLU B 209 -13.89 -48.80 -27.15
C GLU B 209 -12.56 -49.49 -26.89
N LEU B 210 -11.46 -49.05 -27.51
CA LEU B 210 -10.16 -49.65 -27.23
C LEU B 210 -9.77 -49.42 -25.77
N PHE B 211 -9.71 -48.16 -25.35
CA PHE B 211 -9.53 -47.79 -23.95
C PHE B 211 -10.63 -46.80 -23.60
N GLU B 212 -11.57 -47.22 -22.75
CA GLU B 212 -12.64 -46.31 -22.37
C GLU B 212 -12.75 -46.18 -20.85
N ARG B 213 -13.34 -47.17 -20.17
CA ARG B 213 -13.27 -47.24 -18.71
C ARG B 213 -12.25 -48.27 -18.20
N LEU B 214 -11.57 -48.98 -19.11
CA LEU B 214 -10.81 -50.16 -18.73
C LEU B 214 -9.76 -49.89 -17.67
N GLY B 215 -8.68 -49.20 -18.04
CA GLY B 215 -7.60 -48.96 -17.10
C GLY B 215 -7.96 -48.00 -15.98
N ILE B 216 -8.35 -46.78 -16.35
CA ILE B 216 -8.70 -45.74 -15.39
C ILE B 216 -9.81 -44.87 -15.98
N THR B 217 -10.14 -43.78 -15.29
CA THR B 217 -11.02 -42.75 -15.82
C THR B 217 -10.21 -41.97 -16.84
N PRO B 218 -10.75 -41.68 -18.02
CA PRO B 218 -9.97 -40.96 -19.04
C PRO B 218 -9.60 -39.56 -18.58
N PRO B 219 -8.78 -38.83 -19.34
CA PRO B 219 -8.39 -37.48 -18.90
C PRO B 219 -9.55 -36.51 -18.82
N LYS B 220 -9.64 -35.79 -17.70
CA LYS B 220 -10.64 -34.75 -17.54
C LYS B 220 -10.17 -33.49 -18.25
N GLY B 221 -9.06 -32.92 -17.79
CA GLY B 221 -8.47 -31.77 -18.45
C GLY B 221 -6.96 -31.73 -18.33
N VAL B 222 -6.31 -30.96 -19.21
CA VAL B 222 -4.85 -30.84 -19.24
C VAL B 222 -4.51 -29.36 -19.38
N ILE B 223 -3.63 -28.88 -18.49
CA ILE B 223 -3.18 -27.50 -18.51
C ILE B 223 -1.74 -27.46 -18.99
N LEU B 224 -1.48 -26.62 -19.99
CA LEU B 224 -0.17 -26.53 -20.64
C LEU B 224 0.47 -25.20 -20.30
N TYR B 225 1.80 -25.19 -20.32
CA TYR B 225 2.60 -24.03 -19.95
C TYR B 225 3.65 -23.75 -21.01
N GLY B 226 4.30 -22.59 -20.89
CA GLY B 226 5.35 -22.21 -21.80
C GLY B 226 4.95 -21.14 -22.80
N PRO B 227 5.79 -20.94 -23.81
CA PRO B 227 5.64 -19.79 -24.72
C PRO B 227 4.46 -19.95 -25.66
N PRO B 228 3.30 -19.40 -25.29
CA PRO B 228 2.05 -19.74 -25.98
C PRO B 228 1.94 -19.20 -27.39
N GLY B 229 2.37 -19.98 -28.37
CA GLY B 229 2.50 -19.53 -29.73
C GLY B 229 3.91 -19.46 -30.28
N THR B 230 4.91 -19.91 -29.53
CA THR B 230 6.23 -20.15 -30.08
C THR B 230 6.28 -21.37 -30.99
N GLY B 231 5.17 -22.09 -31.13
CA GLY B 231 5.18 -23.45 -31.62
C GLY B 231 4.76 -24.44 -30.55
N LYS B 232 4.60 -23.96 -29.32
CA LYS B 232 3.85 -24.72 -28.32
C LYS B 232 2.37 -24.74 -28.68
N THR B 233 1.86 -23.63 -29.20
CA THR B 233 0.48 -23.59 -29.67
C THR B 233 0.33 -24.36 -30.99
N LEU B 234 1.39 -24.37 -31.79
CA LEU B 234 1.36 -25.18 -33.02
C LEU B 234 1.21 -26.65 -32.70
N ILE B 235 1.68 -27.09 -31.52
CA ILE B 235 1.50 -28.48 -31.11
C ILE B 235 0.03 -28.81 -30.95
N ALA B 236 -0.76 -27.86 -30.43
CA ALA B 236 -2.20 -28.06 -30.28
C ALA B 236 -2.84 -28.48 -31.60
N ARG B 237 -2.78 -27.61 -32.61
CA ARG B 237 -3.30 -27.97 -33.92
C ARG B 237 -2.59 -29.19 -34.50
N ALA B 238 -1.35 -29.44 -34.06
CA ALA B 238 -0.61 -30.59 -34.58
C ALA B 238 -1.14 -31.90 -34.04
N VAL B 239 -1.48 -31.94 -32.74
CA VAL B 239 -1.95 -33.18 -32.12
C VAL B 239 -3.24 -33.64 -32.79
N ALA B 240 -4.07 -32.69 -33.22
CA ALA B 240 -5.35 -33.06 -33.84
C ALA B 240 -5.15 -33.62 -35.24
N ASN B 241 -3.93 -33.50 -35.78
CA ASN B 241 -3.69 -34.00 -37.14
C ASN B 241 -3.55 -35.52 -37.17
N GLU B 242 -2.78 -36.08 -36.23
CA GLU B 242 -2.62 -37.54 -36.22
C GLU B 242 -3.92 -38.23 -35.81
N SER B 243 -4.64 -37.64 -34.85
CA SER B 243 -5.91 -38.21 -34.40
C SER B 243 -6.99 -38.14 -35.47
N GLY B 244 -6.94 -37.14 -36.34
CA GLY B 244 -7.93 -36.99 -37.40
C GLY B 244 -9.26 -36.43 -36.97
N ALA B 245 -9.43 -36.17 -35.67
CA ALA B 245 -10.67 -35.63 -35.16
C ALA B 245 -10.76 -34.13 -35.39
N ASN B 246 -11.86 -33.53 -34.96
CA ASN B 246 -12.05 -32.10 -35.13
C ASN B 246 -11.27 -31.31 -34.07
N PHE B 247 -10.80 -30.13 -34.46
CA PHE B 247 -10.03 -29.27 -33.57
C PHE B 247 -10.77 -27.95 -33.38
N LEU B 248 -11.25 -27.71 -32.17
CA LEU B 248 -11.95 -26.48 -31.83
C LEU B 248 -10.92 -25.45 -31.38
N SER B 249 -11.03 -24.23 -31.89
CA SER B 249 -10.07 -23.18 -31.62
C SER B 249 -10.71 -22.08 -30.78
N ILE B 250 -10.26 -21.97 -29.53
CA ILE B 250 -10.63 -20.86 -28.65
C ILE B 250 -9.46 -19.88 -28.71
N ASN B 251 -9.69 -18.68 -29.25
CA ASN B 251 -8.62 -17.76 -29.58
C ASN B 251 -8.88 -16.38 -28.99
N GLY B 252 -7.83 -15.57 -29.01
CA GLY B 252 -7.88 -14.21 -28.51
C GLY B 252 -8.81 -13.27 -29.26
N PRO B 253 -8.66 -13.16 -30.58
CA PRO B 253 -9.48 -12.17 -31.32
C PRO B 253 -10.98 -12.38 -31.23
N GLU B 254 -11.44 -13.61 -30.98
CA GLU B 254 -12.88 -13.84 -30.89
C GLU B 254 -13.40 -13.44 -29.51
N ILE B 255 -12.65 -13.72 -28.45
CA ILE B 255 -13.10 -13.38 -27.11
C ILE B 255 -12.99 -11.88 -26.88
N MET B 256 -12.08 -11.21 -27.59
CA MET B 256 -11.98 -9.76 -27.48
C MET B 256 -13.04 -9.05 -28.31
N SER B 257 -13.43 -9.64 -29.45
CA SER B 257 -14.42 -8.98 -30.31
C SER B 257 -15.84 -9.21 -29.81
N LYS B 258 -16.04 -10.22 -28.96
CA LYS B 258 -17.38 -10.54 -28.45
C LYS B 258 -17.49 -9.99 -27.02
N TYR B 259 -18.31 -8.95 -26.87
CA TYR B 259 -18.60 -8.32 -25.60
C TYR B 259 -19.83 -8.97 -24.95
N TYR B 260 -20.39 -8.29 -23.95
CA TYR B 260 -21.51 -8.83 -23.17
C TYR B 260 -22.64 -9.31 -24.07
N GLY B 261 -23.02 -10.58 -23.93
CA GLY B 261 -24.10 -11.17 -24.70
C GLY B 261 -23.65 -11.78 -26.01
N GLN B 262 -22.54 -11.29 -26.57
CA GLN B 262 -21.97 -11.94 -27.75
C GLN B 262 -21.08 -13.12 -27.36
N SER B 263 -20.26 -12.95 -26.33
CA SER B 263 -19.36 -14.02 -25.91
C SER B 263 -20.09 -15.05 -25.07
N GLU B 264 -21.06 -14.60 -24.27
CA GLU B 264 -21.80 -15.52 -23.41
C GLU B 264 -22.56 -16.54 -24.23
N GLN B 265 -23.11 -16.13 -25.38
CA GLN B 265 -23.77 -17.08 -26.26
C GLN B 265 -22.76 -17.87 -27.08
N LYS B 266 -21.59 -17.28 -27.32
CA LYS B 266 -20.56 -17.98 -28.11
C LYS B 266 -19.95 -19.13 -27.31
N LEU B 267 -19.93 -19.02 -25.99
CA LEU B 267 -19.40 -20.10 -25.16
C LEU B 267 -20.21 -21.37 -25.31
N ARG B 268 -21.54 -21.24 -25.37
CA ARG B 268 -22.37 -22.40 -25.65
C ARG B 268 -22.36 -22.75 -27.14
N GLU B 269 -22.09 -21.76 -27.99
CA GLU B 269 -22.03 -22.00 -29.43
C GLU B 269 -20.84 -22.89 -29.77
N ILE B 270 -19.67 -22.59 -29.22
CA ILE B 270 -18.50 -23.42 -29.45
C ILE B 270 -18.65 -24.75 -28.70
N PHE B 271 -19.44 -24.75 -27.62
CA PHE B 271 -19.70 -26.01 -26.91
C PHE B 271 -20.74 -26.84 -27.63
N SER B 272 -21.64 -26.19 -28.38
CA SER B 272 -22.61 -26.92 -29.18
C SER B 272 -21.93 -27.68 -30.30
N LYS B 273 -20.88 -27.09 -30.87
CA LYS B 273 -20.12 -27.80 -31.90
C LYS B 273 -19.26 -28.90 -31.28
N ALA B 274 -18.94 -28.78 -29.99
CA ALA B 274 -18.19 -29.83 -29.31
C ALA B 274 -18.99 -31.11 -29.23
N GLU B 275 -20.31 -31.00 -29.06
CA GLU B 275 -21.15 -32.19 -29.03
C GLU B 275 -21.44 -32.70 -30.44
N GLU B 276 -21.50 -31.79 -31.42
CA GLU B 276 -21.76 -32.20 -32.80
C GLU B 276 -20.51 -32.81 -33.43
N THR B 277 -19.37 -32.14 -33.27
CA THR B 277 -18.13 -32.66 -33.86
C THR B 277 -17.55 -33.82 -33.07
N ALA B 278 -18.15 -34.13 -31.92
CA ALA B 278 -17.69 -35.24 -31.08
C ALA B 278 -17.59 -36.54 -31.88
N PRO B 279 -16.47 -37.27 -31.76
CA PRO B 279 -15.31 -36.97 -30.91
C PRO B 279 -14.47 -35.78 -31.39
N SER B 280 -14.09 -34.91 -30.45
CA SER B 280 -13.27 -33.75 -30.76
C SER B 280 -12.50 -33.35 -29.51
N ILE B 281 -11.43 -32.59 -29.71
CA ILE B 281 -10.57 -32.12 -28.62
C ILE B 281 -10.76 -30.62 -28.49
N ILE B 282 -10.74 -30.10 -27.27
CA ILE B 282 -10.95 -28.69 -27.01
C ILE B 282 -9.68 -28.09 -26.42
N PHE B 283 -9.02 -27.23 -27.19
CA PHE B 283 -7.78 -26.56 -26.76
C PHE B 283 -8.08 -25.10 -26.50
N ILE B 284 -7.72 -24.63 -25.31
CA ILE B 284 -7.89 -23.23 -24.93
C ILE B 284 -6.52 -22.67 -24.54
N ASP B 285 -6.00 -21.76 -25.35
CA ASP B 285 -4.81 -21.00 -25.00
C ASP B 285 -5.15 -19.67 -24.35
N GLU B 286 -6.44 -19.41 -24.12
CA GLU B 286 -6.93 -18.14 -23.60
C GLU B 286 -7.08 -18.13 -22.09
N ILE B 287 -6.63 -19.19 -21.41
CA ILE B 287 -6.72 -19.25 -19.95
C ILE B 287 -6.15 -17.98 -19.32
N ASP B 288 -5.14 -17.40 -19.95
CA ASP B 288 -4.63 -16.10 -19.49
C ASP B 288 -5.68 -15.01 -19.63
N SER B 289 -6.37 -14.95 -20.77
CA SER B 289 -7.43 -13.95 -20.95
C SER B 289 -8.71 -14.38 -20.27
N ILE B 290 -9.12 -15.64 -20.45
CA ILE B 290 -10.36 -16.13 -19.86
C ILE B 290 -10.32 -16.03 -18.34
N ALA B 291 -9.42 -16.77 -17.70
CA ALA B 291 -9.38 -16.85 -16.23
C ALA B 291 -8.01 -16.44 -15.71
N PRO B 292 -7.65 -15.17 -15.83
CA PRO B 292 -6.48 -14.66 -15.09
C PRO B 292 -6.72 -14.57 -13.60
N LYS B 293 -7.96 -14.70 -13.16
CA LYS B 293 -8.46 -14.19 -11.88
C LYS B 293 -7.64 -14.65 -10.67
N ARG B 294 -7.12 -13.67 -9.93
CA ARG B 294 -6.50 -13.82 -8.61
C ARG B 294 -7.51 -13.56 -7.50
N GLU B 295 -8.80 -13.52 -7.85
CA GLU B 295 -9.89 -12.99 -7.04
C GLU B 295 -9.74 -11.49 -6.80
N GLU B 296 -9.87 -10.72 -7.87
CA GLU B 296 -10.13 -9.28 -7.83
C GLU B 296 -11.31 -9.01 -8.76
N VAL B 297 -11.62 -7.75 -8.98
CA VAL B 297 -12.71 -7.39 -9.88
C VAL B 297 -12.15 -6.96 -11.23
N GLN B 298 -12.32 -7.83 -12.22
CA GLN B 298 -11.96 -7.53 -13.60
C GLN B 298 -13.18 -7.09 -14.39
N GLY B 299 -14.33 -7.03 -13.72
CA GLY B 299 -15.58 -6.76 -14.41
C GLY B 299 -16.48 -7.98 -14.47
N GLU B 300 -17.74 -7.79 -14.85
CA GLU B 300 -18.70 -8.89 -14.84
C GLU B 300 -18.43 -9.88 -15.96
N VAL B 301 -17.92 -9.40 -17.10
CA VAL B 301 -17.70 -10.29 -18.24
C VAL B 301 -16.61 -11.31 -17.93
N GLU B 302 -15.63 -10.92 -17.10
CA GLU B 302 -14.55 -11.84 -16.78
C GLU B 302 -15.03 -12.94 -15.84
N ARG B 303 -15.89 -12.61 -14.88
CA ARG B 303 -16.43 -13.62 -13.99
C ARG B 303 -17.52 -14.44 -14.69
N ARG B 304 -18.14 -13.88 -15.72
CA ARG B 304 -19.19 -14.61 -16.43
C ARG B 304 -18.61 -15.62 -17.41
N VAL B 305 -17.49 -15.28 -18.05
CA VAL B 305 -16.90 -16.17 -19.04
C VAL B 305 -16.24 -17.36 -18.36
N VAL B 306 -15.71 -17.16 -17.16
CA VAL B 306 -15.07 -18.27 -16.46
C VAL B 306 -16.11 -19.16 -15.79
N ALA B 307 -17.17 -18.56 -15.24
CA ALA B 307 -18.21 -19.36 -14.59
C ALA B 307 -18.94 -20.24 -15.60
N GLN B 308 -19.08 -19.76 -16.83
CA GLN B 308 -19.70 -20.57 -17.88
C GLN B 308 -18.79 -21.72 -18.30
N LEU B 309 -17.51 -21.42 -18.52
CA LEU B 309 -16.55 -22.46 -18.90
C LEU B 309 -16.47 -23.55 -17.84
N LEU B 310 -16.68 -23.19 -16.57
CA LEU B 310 -16.75 -24.20 -15.52
C LEU B 310 -18.01 -25.05 -15.69
N THR B 311 -19.14 -24.43 -16.03
CA THR B 311 -20.37 -25.17 -16.21
C THR B 311 -20.41 -25.87 -17.57
N LEU B 312 -19.69 -25.35 -18.56
CA LEU B 312 -19.61 -26.02 -19.85
C LEU B 312 -18.96 -27.39 -19.70
N MET B 313 -17.91 -27.48 -18.88
CA MET B 313 -17.31 -28.78 -18.62
C MET B 313 -18.15 -29.59 -17.63
N ASP B 314 -18.85 -28.89 -16.73
CA ASP B 314 -19.76 -29.58 -15.82
C ASP B 314 -21.03 -30.03 -16.53
N GLY B 315 -21.45 -29.30 -17.56
CA GLY B 315 -22.64 -29.70 -18.31
C GLY B 315 -22.43 -30.99 -19.06
N MET B 316 -21.18 -31.38 -19.27
CA MET B 316 -20.87 -32.64 -19.93
C MET B 316 -20.77 -33.76 -18.90
N LYS B 317 -21.34 -34.92 -19.26
CA LYS B 317 -21.25 -36.10 -18.40
C LYS B 317 -19.81 -36.62 -18.31
N GLU B 318 -18.89 -36.01 -19.07
CA GLU B 318 -17.51 -36.42 -19.32
C GLU B 318 -17.47 -37.44 -20.44
N ARG B 319 -18.63 -37.94 -20.86
CA ARG B 319 -18.66 -38.70 -22.11
C ARG B 319 -19.50 -38.01 -23.17
N GLY B 320 -18.82 -37.29 -24.08
CA GLY B 320 -19.27 -37.14 -25.44
C GLY B 320 -18.21 -37.85 -26.26
N HIS B 321 -17.30 -38.49 -25.52
CA HIS B 321 -15.94 -38.84 -25.95
C HIS B 321 -15.17 -37.62 -26.43
N VAL B 322 -14.94 -36.65 -25.53
CA VAL B 322 -14.19 -35.43 -25.84
C VAL B 322 -13.25 -35.13 -24.69
N ILE B 323 -12.15 -34.43 -25.00
CA ILE B 323 -11.15 -34.06 -24.01
C ILE B 323 -10.87 -32.57 -24.14
N VAL B 324 -11.12 -31.83 -23.06
CA VAL B 324 -10.86 -30.39 -23.02
C VAL B 324 -9.49 -30.18 -22.40
N ILE B 325 -8.66 -29.36 -23.06
CA ILE B 325 -7.32 -29.06 -22.58
C ILE B 325 -7.12 -27.56 -22.61
N GLY B 326 -6.05 -27.10 -21.97
CA GLY B 326 -5.79 -25.68 -21.86
C GLY B 326 -4.31 -25.38 -21.83
N ALA B 327 -3.98 -24.13 -22.12
CA ALA B 327 -2.60 -23.68 -22.18
C ALA B 327 -2.51 -22.23 -21.75
N THR B 328 -1.35 -21.86 -21.21
CA THR B 328 -1.11 -20.49 -20.76
C THR B 328 0.40 -20.24 -20.76
N ASN B 329 0.75 -18.96 -20.69
CA ASN B 329 2.14 -18.52 -20.82
C ASN B 329 3.03 -19.13 -19.74
N ARG B 330 2.62 -19.02 -18.47
CA ARG B 330 3.48 -19.45 -17.37
C ARG B 330 2.69 -20.14 -16.28
N ILE B 331 3.34 -20.40 -15.15
CA ILE B 331 2.67 -21.06 -14.02
C ILE B 331 1.61 -20.13 -13.41
N ASP B 332 1.58 -18.88 -13.85
CA ASP B 332 0.68 -17.88 -13.32
C ASP B 332 -0.38 -17.52 -14.38
N ALA B 333 -1.23 -16.56 -14.05
CA ALA B 333 -2.39 -16.19 -14.86
C ALA B 333 -3.28 -17.41 -15.07
N ILE B 334 -3.84 -17.93 -13.97
CA ILE B 334 -4.71 -19.09 -14.01
C ILE B 334 -5.66 -19.00 -12.82
N ASP B 335 -6.88 -19.52 -13.01
CA ASP B 335 -7.83 -19.46 -11.89
C ASP B 335 -7.52 -20.54 -10.87
N PRO B 336 -7.43 -20.16 -9.59
CA PRO B 336 -7.08 -21.15 -8.54
C PRO B 336 -8.10 -22.26 -8.39
N ALA B 337 -9.36 -22.03 -8.76
CA ALA B 337 -10.38 -23.06 -8.57
C ALA B 337 -10.32 -24.11 -9.67
N LEU B 338 -9.47 -23.90 -10.68
CA LEU B 338 -9.38 -24.86 -11.78
C LEU B 338 -8.73 -26.16 -11.34
N ARG B 339 -8.07 -26.16 -10.18
CA ARG B 339 -7.42 -27.37 -9.70
C ARG B 339 -8.36 -28.21 -8.84
N ARG B 340 -9.54 -27.66 -8.53
CA ARG B 340 -10.57 -28.39 -7.80
C ARG B 340 -11.12 -29.50 -8.68
N PRO B 341 -11.61 -30.60 -8.08
CA PRO B 341 -12.24 -31.65 -8.89
C PRO B 341 -13.48 -31.18 -9.64
N GLY B 342 -14.09 -32.07 -10.42
CA GLY B 342 -15.15 -31.70 -11.34
C GLY B 342 -14.70 -30.92 -12.55
N ARG B 343 -13.40 -30.64 -12.67
CA ARG B 343 -12.84 -29.84 -13.74
C ARG B 343 -11.38 -30.25 -13.90
N PHE B 344 -10.60 -29.41 -14.58
CA PHE B 344 -9.23 -29.76 -14.98
C PHE B 344 -8.44 -30.35 -13.83
N ASP B 345 -7.82 -31.51 -14.07
CA ASP B 345 -7.13 -32.26 -13.02
C ASP B 345 -5.65 -32.39 -13.33
N ARG B 346 -5.31 -33.05 -14.44
CA ARG B 346 -3.93 -33.23 -14.87
C ARG B 346 -3.35 -31.89 -15.31
N GLU B 347 -2.19 -31.54 -14.76
CA GLU B 347 -1.45 -30.38 -15.25
C GLU B 347 -0.06 -30.85 -15.68
N ILE B 348 0.26 -30.66 -16.95
CA ILE B 348 1.56 -31.03 -17.49
C ILE B 348 2.36 -29.78 -17.77
N GLU B 349 3.42 -29.57 -17.00
CA GLU B 349 4.28 -28.40 -17.15
C GLU B 349 5.25 -28.64 -18.30
N ILE B 350 5.22 -27.76 -19.29
CA ILE B 350 6.12 -27.81 -20.44
C ILE B 350 7.29 -26.89 -20.14
N GLY B 351 8.48 -27.48 -20.05
CA GLY B 351 9.68 -26.73 -19.71
C GLY B 351 10.37 -26.13 -20.92
N VAL B 352 11.69 -26.02 -20.85
CA VAL B 352 12.47 -25.45 -21.95
C VAL B 352 13.40 -26.56 -22.45
N PRO B 353 14.17 -26.34 -23.54
CA PRO B 353 15.03 -27.42 -24.03
C PRO B 353 16.41 -27.44 -23.38
N ASP B 354 17.21 -28.41 -23.76
CA ASP B 354 18.60 -28.56 -23.32
C ASP B 354 19.48 -28.55 -24.57
N ARG B 355 20.78 -28.75 -24.38
CA ARG B 355 21.70 -28.79 -25.51
C ARG B 355 21.26 -29.83 -26.55
N ASN B 356 20.78 -30.99 -26.08
CA ASN B 356 20.22 -31.98 -27.00
C ASN B 356 18.80 -31.62 -27.39
N GLY B 357 18.03 -31.04 -26.46
CA GLY B 357 16.66 -30.68 -26.77
C GLY B 357 16.57 -29.52 -27.74
N ARG B 358 17.53 -28.60 -27.66
CA ARG B 358 17.55 -27.48 -28.61
C ARG B 358 17.84 -27.98 -30.03
N LYS B 359 18.69 -29.00 -30.15
CA LYS B 359 18.96 -29.58 -31.46
C LYS B 359 17.70 -30.16 -32.08
N GLU B 360 16.81 -30.71 -31.24
CA GLU B 360 15.53 -31.21 -31.75
C GLU B 360 14.64 -30.07 -32.20
N ILE B 361 14.63 -28.95 -31.47
CA ILE B 361 13.86 -27.78 -31.88
C ILE B 361 14.47 -27.15 -33.12
N LEU B 362 15.80 -27.04 -33.16
CA LEU B 362 16.46 -26.50 -34.34
C LEU B 362 16.24 -27.38 -35.56
N MET B 363 16.21 -28.69 -35.37
CA MET B 363 16.06 -29.60 -36.51
C MET B 363 14.77 -29.34 -37.26
N ILE B 364 13.73 -28.88 -36.56
CA ILE B 364 12.48 -28.51 -37.22
C ILE B 364 12.70 -27.32 -38.14
N HIS B 365 13.41 -26.30 -37.64
CA HIS B 365 13.67 -25.11 -38.43
C HIS B 365 15.01 -25.17 -39.15
N THR B 366 15.77 -26.25 -38.96
CA THR B 366 17.02 -26.42 -39.68
C THR B 366 16.82 -26.49 -41.19
N ARG B 367 15.91 -27.34 -41.68
CA ARG B 367 15.75 -27.51 -43.11
C ARG B 367 14.45 -26.85 -43.57
N ASN B 368 14.58 -25.59 -43.99
CA ASN B 368 13.87 -25.06 -45.14
C ASN B 368 14.89 -24.81 -46.23
N MET B 369 16.16 -25.02 -45.90
CA MET B 369 17.30 -24.38 -46.56
C MET B 369 18.38 -25.41 -46.89
N PRO B 370 19.48 -25.02 -47.58
CA PRO B 370 20.49 -26.03 -47.94
C PRO B 370 21.54 -26.24 -46.85
N LEU B 371 21.15 -26.87 -45.75
CA LEU B 371 22.11 -27.28 -44.73
C LEU B 371 22.15 -28.81 -44.64
N GLY B 372 22.99 -29.32 -43.74
CA GLY B 372 23.12 -30.76 -43.58
C GLY B 372 23.67 -31.17 -42.23
N MET B 373 23.39 -32.41 -41.84
CA MET B 373 23.88 -32.97 -40.58
C MET B 373 25.06 -33.91 -40.79
N SER B 374 24.88 -35.00 -41.52
CA SER B 374 25.98 -35.92 -41.79
C SER B 374 26.89 -35.35 -42.87
N GLU B 375 26.35 -34.51 -43.75
CA GLU B 375 27.11 -33.99 -44.88
C GLU B 375 28.01 -32.81 -44.50
N GLU B 376 27.62 -32.01 -43.50
CA GLU B 376 28.59 -31.20 -42.77
C GLU B 376 28.67 -31.71 -41.33
N GLU B 377 29.80 -32.32 -40.97
CA GLU B 377 29.91 -33.02 -39.70
C GLU B 377 29.90 -32.08 -38.51
N LYS B 378 30.62 -30.96 -38.60
CA LYS B 378 30.81 -30.10 -37.44
C LYS B 378 30.38 -28.66 -37.68
N ASN B 379 31.04 -27.99 -38.62
CA ASN B 379 30.86 -26.55 -38.85
C ASN B 379 29.41 -26.10 -38.94
N LYS B 380 28.57 -26.79 -39.72
CA LYS B 380 27.15 -26.44 -39.78
C LYS B 380 26.27 -27.27 -38.86
N PHE B 381 26.82 -28.16 -38.04
CA PHE B 381 26.01 -29.01 -37.16
C PHE B 381 25.37 -28.16 -36.07
N LEU B 382 24.25 -28.63 -35.51
CA LEU B 382 23.45 -27.78 -34.64
C LEU B 382 24.08 -27.58 -33.27
N GLU B 383 24.92 -28.52 -32.81
CA GLU B 383 25.48 -28.40 -31.47
C GLU B 383 26.44 -27.21 -31.37
N GLU B 384 27.16 -26.90 -32.44
CA GLU B 384 28.00 -25.71 -32.45
C GLU B 384 27.15 -24.45 -32.36
N MET B 385 25.93 -24.49 -32.89
CA MET B 385 25.01 -23.37 -32.74
C MET B 385 24.30 -23.44 -31.39
N ALA B 386 24.25 -24.63 -30.78
CA ALA B 386 23.53 -24.79 -29.53
C ALA B 386 24.33 -24.29 -28.33
N ASP B 387 25.65 -24.52 -28.34
CA ASP B 387 26.45 -24.19 -27.16
C ASP B 387 26.52 -22.68 -26.93
N TYR B 388 26.52 -21.88 -28.01
CA TYR B 388 26.56 -20.44 -27.85
C TYR B 388 25.20 -19.87 -27.47
N THR B 389 24.14 -20.39 -28.08
CA THR B 389 22.79 -19.92 -27.80
C THR B 389 22.31 -20.39 -26.43
N TYR B 390 21.73 -19.48 -25.65
CA TYR B 390 21.22 -19.77 -24.32
C TYR B 390 19.93 -18.99 -24.11
N GLY B 391 18.90 -19.66 -23.61
CA GLY B 391 17.63 -19.01 -23.32
C GLY B 391 16.87 -18.54 -24.54
N PHE B 392 16.64 -19.46 -25.48
CA PHE B 392 15.86 -19.15 -26.68
C PHE B 392 14.68 -20.10 -26.77
N VAL B 393 13.92 -19.97 -27.85
CA VAL B 393 12.74 -20.80 -28.07
C VAL B 393 12.48 -20.85 -29.58
N GLY B 394 11.65 -21.81 -29.99
CA GLY B 394 11.49 -22.10 -31.42
C GLY B 394 11.17 -20.88 -32.25
N ALA B 395 10.14 -20.13 -31.88
CA ALA B 395 9.78 -18.94 -32.65
C ALA B 395 10.88 -17.88 -32.58
N ASP B 396 11.51 -17.74 -31.41
CA ASP B 396 12.65 -16.83 -31.30
C ASP B 396 13.81 -17.33 -32.18
N LEU B 397 14.07 -18.63 -32.16
CA LEU B 397 15.07 -19.19 -33.05
C LEU B 397 14.64 -19.08 -34.51
N ALA B 398 13.33 -19.24 -34.78
CA ALA B 398 12.84 -19.09 -36.14
C ALA B 398 13.00 -17.64 -36.63
N ALA B 399 12.64 -16.67 -35.79
CA ALA B 399 12.80 -15.27 -36.16
C ALA B 399 14.27 -14.87 -36.15
N LEU B 400 15.09 -15.57 -35.35
CA LEU B 400 16.52 -15.26 -35.32
C LEU B 400 17.20 -15.71 -36.61
N VAL B 401 16.90 -16.93 -37.07
CA VAL B 401 17.49 -17.42 -38.31
C VAL B 401 16.90 -16.68 -39.50
N ARG B 402 15.62 -16.30 -39.41
CA ARG B 402 15.03 -15.47 -40.46
C ARG B 402 15.70 -14.11 -40.53
N GLU B 403 16.00 -13.51 -39.37
CA GLU B 403 16.82 -12.31 -39.37
C GLU B 403 18.25 -12.63 -39.79
N SER B 404 18.73 -13.82 -39.45
CA SER B 404 20.04 -14.26 -39.91
C SER B 404 19.99 -14.67 -41.38
N ALA B 405 18.79 -14.96 -41.90
CA ALA B 405 18.65 -15.18 -43.33
C ALA B 405 18.88 -13.88 -44.10
N MET B 406 18.50 -12.75 -43.51
CA MET B 406 18.76 -11.47 -44.14
C MET B 406 20.24 -11.20 -44.25
N ASN B 407 21.04 -11.75 -43.33
CA ASN B 407 22.49 -11.72 -43.49
C ASN B 407 22.90 -12.47 -44.74
N ALA B 408 22.26 -13.61 -45.02
CA ALA B 408 22.49 -14.31 -46.28
C ALA B 408 21.92 -13.52 -47.46
N LEU B 409 20.85 -12.75 -47.23
CA LEU B 409 20.34 -11.88 -48.27
C LEU B 409 21.29 -10.71 -48.53
N ARG B 410 21.63 -9.95 -47.49
CA ARG B 410 22.40 -8.73 -47.69
C ARG B 410 23.75 -8.99 -48.32
N ARG B 411 24.25 -10.23 -48.24
CA ARG B 411 25.50 -10.56 -48.91
C ARG B 411 25.24 -11.02 -50.35
N TYR B 412 23.98 -11.25 -50.69
CA TYR B 412 23.63 -11.75 -52.03
C TYR B 412 22.53 -10.95 -52.71
N LEU B 413 21.32 -10.98 -52.15
CA LEU B 413 20.13 -10.62 -52.93
C LEU B 413 20.09 -9.16 -53.36
N PRO B 414 20.19 -8.16 -52.46
CA PRO B 414 19.93 -6.78 -52.92
C PRO B 414 20.89 -6.27 -53.98
N GLU B 415 22.18 -6.50 -53.83
CA GLU B 415 23.15 -5.87 -54.74
C GLU B 415 23.37 -6.71 -55.99
N ILE B 416 22.67 -7.83 -56.11
CA ILE B 416 22.83 -8.66 -57.32
C ILE B 416 21.54 -8.69 -58.13
N ASP B 417 20.50 -9.34 -57.61
CA ASP B 417 19.27 -9.51 -58.37
C ASP B 417 18.12 -8.85 -57.61
N LEU B 418 17.64 -7.73 -58.15
CA LEU B 418 16.43 -7.08 -57.64
C LEU B 418 15.22 -7.45 -58.51
N ASP B 419 15.46 -8.23 -59.56
CA ASP B 419 14.42 -8.52 -60.53
C ASP B 419 13.36 -9.46 -59.95
N LYS B 420 12.11 -9.26 -60.37
CA LYS B 420 11.01 -10.12 -59.96
C LYS B 420 11.16 -11.52 -60.53
N PRO B 421 11.49 -11.69 -61.82
CA PRO B 421 11.85 -13.03 -62.30
C PRO B 421 13.09 -13.55 -61.60
N ILE B 422 13.00 -14.79 -61.13
CA ILE B 422 14.08 -15.41 -60.36
C ILE B 422 15.05 -16.08 -61.30
N PRO B 423 16.30 -15.62 -61.38
CA PRO B 423 17.27 -16.25 -62.28
C PRO B 423 17.63 -17.65 -61.84
N THR B 424 18.20 -18.44 -62.76
CA THR B 424 18.65 -19.78 -62.42
C THR B 424 20.02 -19.75 -61.77
N GLU B 425 20.76 -18.65 -61.93
CA GLU B 425 22.11 -18.57 -61.37
C GLU B 425 22.08 -18.25 -59.88
N ILE B 426 21.05 -17.53 -59.44
CA ILE B 426 20.97 -17.13 -58.03
C ILE B 426 20.69 -18.34 -57.14
N LEU B 427 20.28 -19.46 -57.75
CA LEU B 427 19.94 -20.64 -56.97
C LEU B 427 21.19 -21.35 -56.45
N GLU B 428 22.26 -21.40 -57.26
CA GLU B 428 23.51 -21.98 -56.79
C GLU B 428 24.18 -21.08 -55.76
N LYS B 429 23.85 -19.78 -55.78
CA LYS B 429 24.52 -18.83 -54.91
C LYS B 429 23.99 -18.89 -53.49
N MET B 430 22.94 -19.67 -53.27
CA MET B 430 22.28 -19.70 -51.97
C MET B 430 22.89 -20.80 -51.10
N VAL B 431 23.62 -20.37 -50.06
CA VAL B 431 24.14 -21.26 -49.02
C VAL B 431 24.04 -20.51 -47.71
N VAL B 432 24.46 -21.14 -46.60
CA VAL B 432 24.49 -20.49 -45.30
C VAL B 432 25.83 -20.75 -44.64
N THR B 433 26.59 -19.69 -44.44
CA THR B 433 27.83 -19.72 -43.67
C THR B 433 27.51 -19.47 -42.21
N GLU B 434 28.26 -20.12 -41.32
CA GLU B 434 28.02 -19.97 -39.89
C GLU B 434 28.14 -18.52 -39.42
N ASP B 435 28.85 -17.68 -40.18
CA ASP B 435 29.01 -16.28 -39.78
C ASP B 435 27.68 -15.55 -39.71
N ASP B 436 26.71 -15.95 -40.55
CA ASP B 436 25.39 -15.32 -40.49
C ASP B 436 24.71 -15.59 -39.16
N PHE B 437 24.88 -16.79 -38.62
CA PHE B 437 24.29 -17.10 -37.32
C PHE B 437 25.13 -16.53 -36.18
N LYS B 438 26.42 -16.30 -36.43
CA LYS B 438 27.28 -15.72 -35.40
C LYS B 438 27.06 -14.20 -35.31
N ASN B 439 26.78 -13.55 -36.44
CA ASN B 439 26.54 -12.12 -36.42
C ASN B 439 25.30 -11.76 -35.62
N ALA B 440 24.31 -12.66 -35.58
CA ALA B 440 23.13 -12.41 -34.76
C ALA B 440 23.43 -12.62 -33.28
N LEU B 441 24.42 -13.46 -32.97
CA LEU B 441 24.81 -13.66 -31.58
C LEU B 441 25.51 -12.43 -31.03
N LYS B 442 26.31 -11.75 -31.86
CA LYS B 442 26.95 -10.52 -31.42
C LYS B 442 25.95 -9.37 -31.34
N SER B 443 24.99 -9.34 -32.27
CA SER B 443 23.95 -8.32 -32.24
C SER B 443 22.99 -8.57 -31.07
N ILE B 444 22.23 -7.54 -30.72
CA ILE B 444 21.51 -7.47 -29.46
C ILE B 444 20.30 -8.40 -29.37
N GLU B 445 19.94 -9.10 -30.45
CA GLU B 445 18.71 -9.90 -30.47
C GLU B 445 18.57 -10.86 -29.29
N PRO B 446 19.63 -11.60 -28.87
CA PRO B 446 19.48 -12.51 -27.73
C PRO B 446 19.04 -11.82 -26.44
N SER B 447 17.99 -12.33 -25.82
CA SER B 447 17.54 -11.87 -24.52
C SER B 447 16.93 -13.06 -23.78
N SER B 448 17.28 -13.21 -22.49
CA SER B 448 16.72 -14.29 -21.68
C SER B 448 16.01 -13.69 -20.47
N LEU B 449 14.68 -13.79 -20.46
CA LEU B 449 13.88 -13.35 -19.31
C LEU B 449 13.50 -14.53 -18.42
N ARG B 450 13.93 -15.74 -18.80
CA ARG B 450 13.46 -16.94 -18.12
C ARG B 450 14.06 -17.05 -16.73
N GLU B 451 13.20 -17.12 -15.72
CA GLU B 451 13.65 -17.25 -14.34
C GLU B 451 14.44 -18.53 -14.12
N VAL B 452 13.77 -19.67 -14.23
CA VAL B 452 14.37 -20.97 -13.89
C VAL B 452 14.96 -21.60 -15.14
N MET B 453 16.24 -21.94 -15.07
CA MET B 453 16.94 -22.60 -16.16
C MET B 453 17.87 -23.64 -15.57
N VAL B 454 18.28 -24.58 -16.42
CA VAL B 454 19.24 -25.63 -16.07
C VAL B 454 20.33 -25.64 -17.15
N GLU B 455 21.33 -26.49 -16.94
CA GLU B 455 22.44 -26.61 -17.87
C GLU B 455 23.18 -27.91 -17.62
N VAL B 456 24.18 -28.18 -18.45
CA VAL B 456 25.11 -29.30 -18.30
C VAL B 456 26.49 -28.82 -18.68
N PRO B 457 27.56 -29.29 -18.02
CA PRO B 457 28.89 -28.75 -18.33
C PRO B 457 29.63 -29.51 -19.43
N ASN B 458 30.77 -28.96 -19.86
CA ASN B 458 31.67 -29.63 -20.80
C ASN B 458 32.90 -30.23 -20.11
N VAL B 459 33.04 -30.02 -18.80
CA VAL B 459 34.32 -30.25 -18.14
C VAL B 459 34.51 -31.74 -17.85
N HIS B 460 35.67 -32.25 -18.25
CA HIS B 460 36.07 -33.62 -17.97
C HIS B 460 37.26 -33.60 -17.01
N TRP B 461 37.75 -34.80 -16.69
CA TRP B 461 38.87 -34.90 -15.77
C TRP B 461 40.22 -34.77 -16.48
N ASP B 462 40.21 -34.64 -17.81
CA ASP B 462 41.46 -34.45 -18.54
C ASP B 462 42.02 -33.06 -18.31
N ASP B 463 41.15 -32.08 -18.08
CA ASP B 463 41.61 -30.73 -17.80
C ASP B 463 41.85 -30.52 -16.31
N ILE B 464 41.50 -31.50 -15.48
CA ILE B 464 41.65 -31.38 -14.04
C ILE B 464 43.08 -31.69 -13.64
N GLY B 465 43.56 -31.00 -12.60
CA GLY B 465 44.91 -31.15 -12.11
C GLY B 465 45.02 -32.17 -11.00
N GLY B 466 45.87 -31.90 -10.01
CA GLY B 466 46.13 -32.81 -8.92
C GLY B 466 45.00 -32.85 -7.91
N LEU B 467 45.32 -33.21 -6.67
CA LEU B 467 44.33 -33.44 -5.61
C LEU B 467 43.47 -34.65 -5.93
N GLU B 468 44.15 -35.72 -6.34
CA GLU B 468 43.46 -36.97 -6.66
C GLU B 468 42.87 -37.64 -5.42
N ASP B 469 43.31 -37.21 -4.22
CA ASP B 469 42.74 -37.75 -3.00
C ASP B 469 41.27 -37.39 -2.87
N VAL B 470 40.90 -36.18 -3.28
CA VAL B 470 39.51 -35.78 -3.28
C VAL B 470 38.79 -36.37 -4.49
N LYS B 471 39.51 -36.60 -5.58
CA LYS B 471 38.92 -37.18 -6.79
C LYS B 471 38.21 -38.50 -6.47
N ARG B 472 38.95 -39.50 -6.00
CA ARG B 472 38.33 -40.77 -5.63
C ARG B 472 37.38 -40.58 -4.44
N GLU B 473 37.54 -39.50 -3.68
CA GLU B 473 36.63 -39.23 -2.58
C GLU B 473 35.31 -38.66 -3.09
N ILE B 474 35.37 -37.86 -4.17
CA ILE B 474 34.14 -37.40 -4.80
C ILE B 474 33.38 -38.58 -5.41
N LYS B 475 34.11 -39.52 -6.01
CA LYS B 475 33.47 -40.74 -6.50
C LYS B 475 32.87 -41.54 -5.36
N GLU B 476 33.53 -41.53 -4.20
CA GLU B 476 33.02 -42.24 -3.02
C GLU B 476 31.64 -41.72 -2.63
N THR B 477 31.53 -40.41 -2.40
CA THR B 477 30.25 -39.81 -2.04
C THR B 477 29.20 -40.03 -3.14
N VAL B 478 29.43 -39.44 -4.30
CA VAL B 478 28.36 -39.28 -5.29
C VAL B 478 28.08 -40.60 -6.02
N GLU B 479 29.12 -41.26 -6.53
CA GLU B 479 28.90 -42.31 -7.53
C GLU B 479 28.51 -43.64 -6.90
N LEU B 480 28.83 -43.86 -5.63
CA LEU B 480 28.52 -45.15 -5.02
C LEU B 480 27.03 -45.41 -4.87
N PRO B 481 26.20 -44.51 -4.32
CA PRO B 481 24.79 -44.86 -4.09
C PRO B 481 24.01 -45.20 -5.35
N LEU B 482 24.51 -44.85 -6.53
CA LEU B 482 23.75 -45.12 -7.75
C LEU B 482 23.80 -46.60 -8.13
N LEU B 483 25.01 -47.17 -8.24
CA LEU B 483 25.15 -48.55 -8.70
C LEU B 483 24.93 -49.54 -7.57
N LYS B 484 25.45 -49.24 -6.37
CA LYS B 484 25.49 -50.10 -5.19
C LYS B 484 24.19 -50.55 -4.52
N PRO B 485 23.06 -49.79 -4.55
CA PRO B 485 22.10 -49.82 -3.42
C PRO B 485 21.81 -51.18 -2.80
N ASP B 486 21.85 -52.28 -3.57
CA ASP B 486 21.72 -53.59 -2.95
C ASP B 486 22.92 -53.88 -2.03
N VAL B 487 24.05 -53.23 -2.29
CA VAL B 487 25.17 -53.25 -1.35
C VAL B 487 24.93 -52.23 -0.24
N PHE B 488 24.29 -51.11 -0.57
CA PHE B 488 23.97 -50.10 0.45
C PHE B 488 23.04 -50.69 1.51
N LYS B 489 22.18 -51.63 1.13
CA LYS B 489 21.30 -52.27 2.10
C LYS B 489 22.04 -53.34 2.88
N ARG B 490 23.21 -53.78 2.38
CA ARG B 490 23.98 -54.80 3.09
C ARG B 490 24.65 -54.21 4.33
N LEU B 491 25.26 -53.04 4.19
CA LEU B 491 25.89 -52.39 5.34
C LEU B 491 24.84 -51.77 6.27
N GLY B 492 23.78 -51.20 5.68
CA GLY B 492 22.71 -50.63 6.47
C GLY B 492 23.04 -49.28 7.07
N ILE B 493 23.95 -48.55 6.44
CA ILE B 493 24.33 -47.22 6.91
C ILE B 493 23.19 -46.25 6.63
N ARG B 494 23.15 -45.13 7.34
CA ARG B 494 22.06 -44.17 7.24
C ARG B 494 22.22 -43.34 5.96
N PRO B 495 21.24 -42.48 5.62
CA PRO B 495 21.43 -41.59 4.46
C PRO B 495 22.16 -40.31 4.82
N SER B 496 22.26 -39.39 3.85
CA SER B 496 22.97 -38.13 4.01
C SER B 496 22.80 -37.26 2.77
N LYS B 497 23.13 -35.98 2.87
CA LYS B 497 22.94 -35.05 1.76
C LYS B 497 24.17 -34.99 0.87
N GLY B 498 25.25 -34.40 1.38
CA GLY B 498 26.46 -34.30 0.59
C GLY B 498 27.50 -33.46 1.30
N PHE B 499 28.71 -33.49 0.74
CA PHE B 499 29.87 -32.81 1.31
C PHE B 499 29.78 -31.32 1.06
N LEU B 500 30.84 -30.60 1.43
CA LEU B 500 30.92 -29.16 1.27
C LEU B 500 32.37 -28.78 1.04
N LEU B 501 32.60 -27.71 0.28
CA LEU B 501 33.95 -27.31 -0.10
C LEU B 501 34.29 -25.94 0.47
N TYR B 502 35.58 -25.68 0.60
CA TYR B 502 36.05 -24.35 0.97
C TYR B 502 37.43 -24.10 0.37
N GLY B 503 37.65 -22.86 -0.06
CA GLY B 503 38.89 -22.46 -0.67
C GLY B 503 38.73 -21.15 -1.43
N PRO B 504 39.85 -20.55 -1.85
CA PRO B 504 39.78 -19.29 -2.61
C PRO B 504 38.91 -19.44 -3.84
N PRO B 505 38.23 -18.37 -4.28
CA PRO B 505 37.13 -18.53 -5.23
C PRO B 505 37.58 -19.12 -6.56
N GLY B 506 36.89 -20.18 -6.98
CA GLY B 506 37.09 -20.76 -8.30
C GLY B 506 38.48 -21.24 -8.61
N VAL B 507 39.27 -21.59 -7.59
CA VAL B 507 40.62 -22.08 -7.85
C VAL B 507 40.59 -23.33 -8.74
N GLY B 508 40.26 -24.49 -8.16
CA GLY B 508 39.75 -25.62 -8.90
C GLY B 508 38.30 -25.87 -8.54
N LYS B 509 37.84 -25.17 -7.50
CA LYS B 509 36.63 -25.57 -6.80
C LYS B 509 35.40 -25.46 -7.69
N THR B 510 35.29 -24.38 -8.47
CA THR B 510 34.18 -24.28 -9.41
C THR B 510 34.36 -25.27 -10.56
N LEU B 511 35.60 -25.60 -10.89
CA LEU B 511 35.85 -26.56 -11.97
C LEU B 511 35.71 -28.01 -11.47
N LEU B 512 36.11 -28.27 -10.23
CA LEU B 512 36.04 -29.64 -9.70
C LEU B 512 34.61 -30.13 -9.62
N ALA B 513 33.72 -29.36 -8.98
CA ALA B 513 32.33 -29.75 -8.91
C ALA B 513 31.66 -29.71 -10.27
N LYS B 514 32.26 -28.98 -11.22
CA LYS B 514 31.73 -28.93 -12.57
C LYS B 514 32.17 -30.14 -13.38
N ALA B 515 33.26 -30.79 -12.96
CA ALA B 515 33.77 -31.94 -13.70
C ALA B 515 32.99 -33.22 -13.38
N VAL B 516 32.48 -33.33 -12.14
CA VAL B 516 31.85 -34.57 -11.72
C VAL B 516 30.51 -34.77 -12.43
N ALA B 517 29.87 -33.68 -12.84
CA ALA B 517 28.56 -33.79 -13.48
C ALA B 517 28.66 -34.45 -14.85
N THR B 518 29.78 -34.27 -15.54
CA THR B 518 29.91 -34.83 -16.88
C THR B 518 30.27 -36.32 -16.83
N GLU B 519 31.16 -36.70 -15.91
CA GLU B 519 31.59 -38.09 -15.82
C GLU B 519 30.42 -39.01 -15.48
N SER B 520 29.64 -38.65 -14.47
CA SER B 520 28.48 -39.44 -14.09
C SER B 520 27.37 -39.39 -15.14
N ASN B 521 27.50 -38.53 -16.15
CA ASN B 521 26.51 -38.37 -17.22
C ASN B 521 25.16 -37.92 -16.66
N ALA B 522 25.19 -37.22 -15.53
CA ALA B 522 23.99 -36.65 -14.93
C ALA B 522 23.88 -35.17 -15.32
N ASN B 523 22.81 -34.55 -14.84
CA ASN B 523 22.58 -33.14 -15.11
C ASN B 523 23.34 -32.29 -14.09
N PHE B 524 23.28 -30.97 -14.24
CA PHE B 524 24.01 -30.07 -13.36
C PHE B 524 23.11 -28.91 -13.00
N ILE B 525 22.84 -28.73 -11.70
CA ILE B 525 22.01 -27.64 -11.21
C ILE B 525 22.90 -26.74 -10.35
N SER B 526 23.10 -25.50 -10.80
CA SER B 526 23.97 -24.55 -10.12
C SER B 526 23.12 -23.47 -9.48
N ILE B 527 23.27 -23.30 -8.17
CA ILE B 527 22.69 -22.19 -7.43
C ILE B 527 23.84 -21.34 -6.91
N LYS B 528 24.01 -20.16 -7.50
CA LYS B 528 25.19 -19.35 -7.25
C LYS B 528 24.75 -17.94 -6.87
N GLY B 529 25.66 -17.22 -6.20
CA GLY B 529 25.36 -15.89 -5.71
C GLY B 529 24.87 -14.93 -6.78
N PRO B 530 25.68 -14.73 -7.83
CA PRO B 530 25.17 -13.91 -8.96
C PRO B 530 23.98 -14.55 -9.65
N GLU B 531 23.80 -15.86 -9.52
CA GLU B 531 22.61 -16.50 -10.06
C GLU B 531 21.40 -16.30 -9.14
N VAL B 532 21.65 -16.24 -7.82
CA VAL B 532 20.55 -16.02 -6.88
C VAL B 532 20.15 -14.55 -6.86
N LEU B 533 21.13 -13.65 -6.94
CA LEU B 533 20.81 -12.22 -6.96
C LEU B 533 19.94 -11.85 -8.16
N SER B 534 19.89 -12.72 -9.17
CA SER B 534 18.91 -12.56 -10.23
C SER B 534 17.54 -13.08 -9.81
N LYS B 535 17.52 -14.03 -8.87
CA LYS B 535 16.25 -14.66 -8.51
C LYS B 535 15.41 -13.77 -7.62
N TRP B 536 15.97 -13.26 -6.52
CA TRP B 536 15.14 -12.59 -5.51
C TRP B 536 14.85 -11.15 -5.90
N VAL B 537 15.49 -10.64 -6.95
CA VAL B 537 15.11 -9.33 -7.47
C VAL B 537 13.86 -9.43 -8.34
N GLY B 538 13.74 -10.50 -9.11
CA GLY B 538 12.58 -10.71 -9.96
C GLY B 538 11.47 -11.50 -9.29
N GLU B 539 11.45 -11.55 -7.96
CA GLU B 539 10.46 -12.26 -7.16
C GLU B 539 10.50 -13.77 -7.43
N SER B 540 11.68 -14.33 -7.69
CA SER B 540 11.80 -15.76 -7.93
C SER B 540 12.24 -16.49 -6.68
N GLU B 541 12.38 -15.78 -5.56
CA GLU B 541 12.77 -16.44 -4.31
C GLU B 541 11.72 -17.43 -3.84
N LYS B 542 10.45 -17.24 -4.23
CA LYS B 542 9.44 -18.26 -3.97
C LYS B 542 9.57 -19.41 -4.95
N ALA B 543 10.08 -19.14 -6.15
CA ALA B 543 10.30 -20.21 -7.13
C ALA B 543 11.47 -21.09 -6.74
N ILE B 544 12.29 -20.65 -5.77
CA ILE B 544 13.35 -21.50 -5.25
C ILE B 544 12.75 -22.74 -4.61
N ARG B 545 11.57 -22.61 -4.00
CA ARG B 545 10.84 -23.77 -3.51
C ARG B 545 10.49 -24.71 -4.66
N GLU B 546 10.19 -24.15 -5.84
CA GLU B 546 9.88 -24.96 -6.99
C GLU B 546 11.14 -25.58 -7.58
N ILE B 547 12.26 -24.84 -7.53
CA ILE B 547 13.53 -25.40 -7.97
C ILE B 547 13.89 -26.63 -7.15
N PHE B 548 13.53 -26.63 -5.87
CA PHE B 548 13.70 -27.83 -5.05
C PHE B 548 12.88 -28.99 -5.61
N LYS B 549 11.62 -28.71 -5.95
CA LYS B 549 10.78 -29.75 -6.55
C LYS B 549 11.18 -29.99 -8.01
N LYS B 550 11.90 -29.05 -8.60
CA LYS B 550 12.36 -29.22 -9.99
C LYS B 550 13.49 -30.23 -10.08
N ALA B 551 14.20 -30.44 -8.97
CA ALA B 551 15.40 -31.27 -9.02
C ALA B 551 15.06 -32.76 -9.02
N LYS B 552 13.85 -33.12 -8.60
CA LYS B 552 13.53 -34.54 -8.45
C LYS B 552 13.18 -35.19 -9.78
N GLN B 553 12.58 -34.45 -10.71
CA GLN B 553 12.30 -35.02 -12.02
C GLN B 553 13.54 -35.05 -12.90
N VAL B 554 14.34 -33.98 -12.88
CA VAL B 554 15.56 -33.89 -13.67
C VAL B 554 16.64 -34.84 -13.14
N ALA B 555 16.42 -35.41 -11.96
CA ALA B 555 17.35 -36.36 -11.36
C ALA B 555 17.64 -37.55 -12.28
N PRO B 556 18.85 -38.13 -12.20
CA PRO B 556 19.99 -37.70 -11.36
C PRO B 556 20.59 -36.35 -11.74
N ALA B 557 20.74 -35.49 -10.74
CA ALA B 557 21.37 -34.18 -10.92
C ALA B 557 21.96 -33.75 -9.58
N ILE B 558 23.04 -32.99 -9.64
CA ILE B 558 23.70 -32.48 -8.44
C ILE B 558 23.26 -31.04 -8.26
N VAL B 559 23.02 -30.64 -7.01
CA VAL B 559 22.63 -29.27 -6.69
C VAL B 559 23.83 -28.56 -6.09
N PHE B 560 24.21 -27.44 -6.68
CA PHE B 560 25.42 -26.72 -6.33
C PHE B 560 25.03 -25.35 -5.78
N LEU B 561 25.19 -25.17 -4.46
CA LEU B 561 24.66 -24.01 -3.75
C LEU B 561 25.80 -23.26 -3.07
N ASP B 562 26.06 -22.03 -3.53
CA ASP B 562 27.18 -21.24 -3.01
C ASP B 562 26.75 -19.81 -2.74
N GLU B 563 27.29 -19.23 -1.66
CA GLU B 563 27.13 -17.84 -1.25
C GLU B 563 25.70 -17.32 -1.27
N ILE B 564 24.73 -18.15 -0.91
CA ILE B 564 23.40 -17.63 -0.60
C ILE B 564 23.46 -17.13 0.84
N ASP B 565 24.29 -17.79 1.65
CA ASP B 565 24.41 -17.41 3.06
C ASP B 565 25.23 -16.14 3.23
N SER B 566 25.78 -15.60 2.14
CA SER B 566 26.58 -14.39 2.25
C SER B 566 25.73 -13.20 2.71
N ILE B 567 24.43 -13.23 2.40
CA ILE B 567 23.56 -12.14 2.82
C ILE B 567 22.93 -12.42 4.18
N ALA B 568 23.25 -13.58 4.77
CA ALA B 568 22.74 -13.91 6.10
C ALA B 568 23.32 -13.06 7.22
N PRO B 569 24.65 -12.86 7.34
CA PRO B 569 25.17 -12.21 8.55
C PRO B 569 24.81 -10.74 8.68
N ARG B 570 24.36 -10.08 7.61
CA ARG B 570 24.12 -8.64 7.69
C ARG B 570 22.91 -8.32 8.57
N ARG B 571 21.89 -9.18 8.55
CA ARG B 571 20.73 -8.94 9.40
C ARG B 571 21.00 -9.37 10.83
N GLY B 572 21.67 -10.50 11.03
CA GLY B 572 22.05 -10.95 12.36
C GLY B 572 23.31 -11.79 12.27
N THR B 573 24.06 -11.88 13.36
CA THR B 573 25.38 -12.50 13.29
C THR B 573 25.25 -14.02 13.17
N THR B 574 25.79 -14.55 12.08
CA THR B 574 25.81 -16.00 11.91
C THR B 574 27.15 -16.50 11.36
N SER B 575 27.85 -17.30 12.16
CA SER B 575 28.93 -18.16 11.71
C SER B 575 28.78 -19.57 12.23
N ASP B 576 28.98 -19.76 13.53
CA ASP B 576 28.42 -20.93 14.21
C ASP B 576 27.14 -20.58 14.98
N SER B 577 26.67 -19.34 14.95
CA SER B 577 25.52 -18.91 15.75
C SER B 577 24.22 -19.39 15.13
N GLY B 578 24.10 -19.19 13.81
CA GLY B 578 22.96 -19.67 13.07
C GLY B 578 21.68 -18.85 13.10
N VAL B 579 21.79 -17.54 12.98
CA VAL B 579 20.65 -16.65 12.75
C VAL B 579 20.84 -16.06 11.35
N THR B 580 20.02 -16.49 10.39
CA THR B 580 20.37 -16.24 9.00
C THR B 580 19.55 -15.12 8.34
N GLU B 581 18.31 -15.39 7.92
CA GLU B 581 17.55 -14.46 7.08
C GLU B 581 16.21 -15.09 6.73
N ARG B 582 15.24 -14.29 6.27
CA ARG B 582 13.88 -14.78 6.11
C ARG B 582 13.73 -15.67 4.88
N ILE B 583 14.43 -15.36 3.79
CA ILE B 583 14.32 -16.18 2.59
C ILE B 583 15.22 -17.41 2.70
N VAL B 584 16.34 -17.28 3.44
CA VAL B 584 17.31 -18.37 3.50
C VAL B 584 16.76 -19.53 4.31
N ASN B 585 15.83 -19.26 5.23
CA ASN B 585 15.25 -20.36 6.01
C ASN B 585 14.43 -21.29 5.13
N GLN B 586 14.00 -20.80 3.96
CA GLN B 586 13.35 -21.67 2.99
C GLN B 586 14.33 -22.69 2.44
N LEU B 587 15.62 -22.33 2.39
CA LEU B 587 16.65 -23.31 2.06
C LEU B 587 16.81 -24.30 3.20
N LEU B 588 16.96 -23.79 4.43
CA LEU B 588 17.15 -24.64 5.60
C LEU B 588 16.01 -25.64 5.77
N THR B 589 14.80 -25.13 5.98
CA THR B 589 13.66 -26.00 6.28
C THR B 589 13.44 -27.03 5.17
N SER B 590 13.71 -26.65 3.92
CA SER B 590 13.53 -27.59 2.81
C SER B 590 14.50 -28.75 2.91
N LEU B 591 15.77 -28.47 3.19
CA LEU B 591 16.76 -29.54 3.30
C LEU B 591 16.43 -30.48 4.46
N ASP B 592 15.65 -30.01 5.43
CA ASP B 592 15.21 -30.88 6.51
C ASP B 592 14.04 -31.75 6.08
N GLY B 593 13.20 -31.24 5.19
CA GLY B 593 11.99 -31.98 4.82
C GLY B 593 12.08 -32.66 3.47
N ILE B 594 13.15 -32.38 2.72
CA ILE B 594 13.30 -32.99 1.40
C ILE B 594 13.65 -34.46 1.58
N GLU B 595 13.12 -35.31 0.70
CA GLU B 595 13.31 -36.75 0.80
C GLU B 595 14.74 -37.11 0.40
N VAL B 596 15.34 -38.05 1.11
CA VAL B 596 16.67 -38.55 0.80
C VAL B 596 16.56 -39.64 -0.25
N MET B 597 17.67 -40.35 -0.49
CA MET B 597 17.71 -41.50 -1.40
C MET B 597 17.50 -41.09 -2.85
N ASN B 598 17.21 -39.81 -3.09
CA ASN B 598 16.96 -39.31 -4.44
C ASN B 598 18.28 -39.21 -5.19
N GLY B 599 18.24 -38.80 -6.45
CA GLY B 599 19.44 -38.66 -7.24
C GLY B 599 20.10 -37.31 -7.08
N VAL B 600 19.65 -36.53 -6.11
CA VAL B 600 20.18 -35.20 -5.84
C VAL B 600 21.38 -35.32 -4.93
N VAL B 601 22.39 -34.48 -5.17
CA VAL B 601 23.62 -34.45 -4.39
C VAL B 601 23.86 -33.01 -3.94
N VAL B 602 23.82 -32.79 -2.63
CA VAL B 602 23.95 -31.46 -2.05
C VAL B 602 25.43 -31.10 -2.01
N ILE B 603 25.77 -29.95 -2.59
CA ILE B 603 27.15 -29.48 -2.67
C ILE B 603 27.16 -27.99 -2.35
N GLY B 604 28.19 -27.56 -1.64
CA GLY B 604 28.35 -26.14 -1.30
C GLY B 604 29.83 -25.77 -1.23
N ALA B 605 30.10 -24.47 -1.30
CA ALA B 605 31.47 -23.96 -1.36
C ALA B 605 31.51 -22.52 -0.90
N THR B 606 32.72 -22.05 -0.58
CA THR B 606 32.95 -20.72 -0.01
C THR B 606 34.44 -20.46 0.19
N ASN B 607 34.83 -19.19 0.35
CA ASN B 607 36.25 -18.86 0.46
C ASN B 607 36.83 -19.29 1.79
N ARG B 608 36.26 -18.81 2.89
CA ARG B 608 36.51 -19.29 4.23
C ARG B 608 35.07 -19.43 4.69
N PRO B 609 34.71 -20.47 5.42
CA PRO B 609 33.29 -20.74 5.61
C PRO B 609 32.55 -19.63 6.35
N ASP B 610 32.98 -19.33 7.57
CA ASP B 610 32.75 -18.11 8.35
C ASP B 610 31.32 -17.55 8.26
N ILE B 611 30.42 -18.29 7.62
CA ILE B 611 28.98 -18.06 7.66
C ILE B 611 28.31 -19.44 7.56
N MET B 612 27.48 -19.78 8.54
CA MET B 612 26.85 -21.09 8.65
C MET B 612 25.88 -21.09 9.82
N ASP B 613 25.14 -22.19 9.94
CA ASP B 613 24.26 -22.43 11.07
C ASP B 613 24.74 -23.69 11.77
N PRO B 614 24.57 -23.80 13.09
CA PRO B 614 24.90 -25.07 13.76
C PRO B 614 24.06 -26.22 13.28
N ALA B 615 22.91 -25.93 12.65
CA ALA B 615 22.13 -26.96 11.99
C ALA B 615 22.75 -27.35 10.66
N LEU B 616 23.40 -26.40 9.99
CA LEU B 616 24.09 -26.72 8.74
C LEU B 616 25.26 -27.66 8.98
N LEU B 617 25.83 -27.65 10.19
CA LEU B 617 26.87 -28.60 10.53
C LEU B 617 26.29 -29.96 10.89
N ARG B 618 25.06 -29.97 11.42
CA ARG B 618 24.42 -31.22 11.79
C ARG B 618 23.95 -31.98 10.55
N ALA B 619 23.67 -33.27 10.73
CA ALA B 619 23.32 -34.14 9.63
C ALA B 619 21.94 -33.81 9.07
N GLY B 620 21.52 -34.56 8.05
CA GLY B 620 20.37 -34.20 7.25
C GLY B 620 20.52 -32.92 6.47
N ARG B 621 21.73 -32.39 6.40
CA ARG B 621 22.04 -31.05 5.91
C ARG B 621 23.49 -31.09 5.43
N PHE B 622 24.08 -29.90 5.28
CA PHE B 622 25.49 -29.83 4.90
C PHE B 622 26.34 -30.68 5.85
N ASP B 623 27.43 -31.23 5.30
CA ASP B 623 28.15 -32.32 5.95
C ASP B 623 29.65 -32.12 5.92
N LYS B 624 30.40 -33.19 6.25
CA LYS B 624 31.81 -33.12 6.56
C LYS B 624 32.61 -32.34 5.53
N LEU B 625 33.43 -31.41 6.01
CA LEU B 625 34.15 -30.49 5.13
C LEU B 625 35.19 -31.25 4.32
N ILE B 626 35.45 -30.77 3.11
CA ILE B 626 36.49 -31.32 2.24
C ILE B 626 37.56 -30.25 2.06
N TYR B 627 38.73 -30.50 2.63
CA TYR B 627 39.84 -29.55 2.60
C TYR B 627 40.47 -29.55 1.23
N ILE B 628 40.56 -28.37 0.61
CA ILE B 628 41.22 -28.21 -0.68
C ILE B 628 42.63 -27.69 -0.41
N PRO B 629 43.66 -28.51 -0.56
CA PRO B 629 45.03 -28.04 -0.33
C PRO B 629 45.53 -27.23 -1.52
N PRO B 630 46.49 -26.35 -1.30
CA PRO B 630 47.15 -25.67 -2.42
C PRO B 630 47.94 -26.67 -3.24
N PRO B 631 47.90 -26.55 -4.57
CA PRO B 631 48.60 -27.51 -5.41
C PRO B 631 50.11 -27.55 -5.13
N ASP B 632 50.61 -28.78 -4.94
CA ASP B 632 52.02 -29.02 -4.71
C ASP B 632 52.76 -29.00 -6.03
N LYS B 633 54.06 -29.30 -5.97
CA LYS B 633 54.88 -29.31 -7.19
C LYS B 633 54.34 -30.30 -8.21
N GLU B 634 54.07 -31.53 -7.79
CA GLU B 634 53.50 -32.52 -8.70
C GLU B 634 52.08 -32.14 -9.11
N ALA B 635 51.35 -31.42 -8.25
CA ALA B 635 50.02 -30.96 -8.60
C ALA B 635 50.08 -29.73 -9.49
N ARG B 636 50.98 -28.79 -9.18
CA ARG B 636 51.11 -27.59 -9.99
C ARG B 636 51.58 -27.92 -11.40
N LEU B 637 52.57 -28.81 -11.52
CA LEU B 637 53.05 -29.21 -12.84
C LEU B 637 51.93 -29.83 -13.66
N SER B 638 51.04 -30.59 -13.00
CA SER B 638 49.89 -31.14 -13.71
C SER B 638 48.88 -30.06 -14.06
N ILE B 639 48.81 -28.99 -13.26
CA ILE B 639 47.91 -27.89 -13.58
C ILE B 639 48.54 -26.98 -14.63
N LEU B 640 49.85 -26.75 -14.54
CA LEU B 640 50.51 -25.87 -15.50
C LEU B 640 50.47 -26.44 -16.91
N LYS B 641 50.57 -27.77 -17.05
CA LYS B 641 50.53 -28.37 -18.38
C LYS B 641 49.14 -28.26 -18.99
N VAL B 642 48.11 -28.12 -18.15
CA VAL B 642 46.77 -27.90 -18.65
C VAL B 642 46.64 -26.48 -19.19
N HIS B 643 47.33 -25.53 -18.57
CA HIS B 643 47.25 -24.13 -19.01
C HIS B 643 48.09 -23.89 -20.26
N THR B 644 49.21 -24.60 -20.40
CA THR B 644 50.13 -24.35 -21.50
C THR B 644 49.93 -25.28 -22.69
N LYS B 645 48.95 -26.20 -22.64
CA LYS B 645 48.71 -27.06 -23.79
C LYS B 645 47.99 -26.31 -24.90
N ASN B 646 47.15 -25.32 -24.52
CA ASN B 646 46.49 -24.51 -25.54
C ASN B 646 47.42 -23.44 -26.09
N MET B 647 48.36 -22.97 -25.26
CA MET B 647 49.38 -22.04 -25.71
C MET B 647 50.50 -22.79 -26.42
N PRO B 648 51.31 -22.11 -27.23
CA PRO B 648 52.44 -22.78 -27.88
C PRO B 648 53.44 -23.34 -26.88
N LEU B 649 54.28 -24.27 -27.32
CA LEU B 649 55.25 -24.92 -26.46
C LEU B 649 56.66 -24.64 -26.98
N ALA B 650 57.61 -24.53 -26.06
CA ALA B 650 59.00 -24.18 -26.36
C ALA B 650 59.83 -24.23 -25.07
N PRO B 651 61.13 -24.51 -25.16
CA PRO B 651 61.97 -24.55 -23.95
C PRO B 651 62.03 -23.24 -23.20
N ASP B 652 61.62 -22.15 -23.85
CA ASP B 652 61.63 -20.82 -23.25
C ASP B 652 60.79 -20.78 -21.98
N VAL B 653 59.79 -21.64 -21.88
CA VAL B 653 58.93 -21.74 -20.70
C VAL B 653 59.30 -23.01 -19.95
N ASP B 654 59.88 -22.83 -18.76
CA ASP B 654 60.24 -23.96 -17.90
C ASP B 654 59.30 -24.04 -16.71
N LEU B 655 58.64 -25.18 -16.56
CA LEU B 655 57.65 -25.33 -15.50
C LEU B 655 58.27 -25.90 -14.23
N ASN B 656 59.52 -26.37 -14.33
CA ASN B 656 60.15 -27.02 -13.18
C ASN B 656 60.69 -26.01 -12.17
N ASP B 657 61.28 -24.92 -12.65
CA ASP B 657 61.96 -23.99 -11.75
C ASP B 657 60.97 -23.23 -10.86
N ILE B 658 59.82 -22.85 -11.43
CA ILE B 658 58.86 -22.07 -10.66
C ILE B 658 58.05 -22.98 -9.74
N ALA B 659 58.04 -24.29 -10.02
CA ALA B 659 57.28 -25.21 -9.19
C ALA B 659 58.03 -25.55 -7.90
N GLN B 660 59.36 -25.49 -7.94
CA GLN B 660 60.15 -25.84 -6.76
C GLN B 660 60.17 -24.70 -5.74
N ARG B 661 60.21 -23.46 -6.22
CA ARG B 661 60.39 -22.33 -5.32
C ARG B 661 59.07 -21.95 -4.63
N THR B 662 57.95 -22.11 -5.34
CA THR B 662 56.66 -21.66 -4.84
C THR B 662 55.77 -22.87 -4.54
N GLU B 663 55.56 -23.14 -3.25
CA GLU B 663 54.70 -24.24 -2.82
C GLU B 663 53.27 -23.82 -2.56
N GLY B 664 52.96 -22.52 -2.49
CA GLY B 664 51.69 -22.08 -1.94
C GLY B 664 50.65 -21.53 -2.90
N TYR B 665 50.95 -21.44 -4.19
CA TYR B 665 50.00 -20.86 -5.14
C TYR B 665 48.80 -21.78 -5.33
N VAL B 666 47.60 -21.20 -5.28
CA VAL B 666 46.35 -21.95 -5.41
C VAL B 666 45.99 -22.08 -6.89
N GLY B 667 44.78 -22.58 -7.16
CA GLY B 667 44.39 -22.81 -8.53
C GLY B 667 44.06 -21.54 -9.28
N ALA B 668 43.48 -20.55 -8.59
CA ALA B 668 43.13 -19.29 -9.24
C ALA B 668 44.37 -18.52 -9.66
N ASP B 669 45.39 -18.50 -8.80
CA ASP B 669 46.64 -17.81 -9.15
C ASP B 669 47.30 -18.48 -10.36
N LEU B 670 47.40 -19.80 -10.34
CA LEU B 670 47.96 -20.52 -11.48
C LEU B 670 47.12 -20.30 -12.72
N GLU B 671 45.80 -20.16 -12.55
CA GLU B 671 44.94 -19.85 -13.68
C GLU B 671 45.08 -18.38 -14.08
N ASN B 672 45.40 -17.52 -13.12
CA ASN B 672 45.55 -16.10 -13.42
C ASN B 672 46.90 -15.78 -14.04
N LEU B 673 47.98 -16.41 -13.55
CA LEU B 673 49.32 -16.07 -14.01
C LEU B 673 49.47 -16.30 -15.50
N CYS B 674 48.76 -17.28 -16.07
CA CYS B 674 48.88 -17.55 -17.49
C CYS B 674 48.06 -16.57 -18.31
N ARG B 675 47.04 -15.94 -17.69
CA ARG B 675 46.21 -15.00 -18.41
C ARG B 675 47.01 -13.80 -18.93
N GLU B 676 47.49 -12.94 -18.02
CA GLU B 676 48.14 -11.71 -18.47
C GLU B 676 49.58 -11.96 -18.91
N ALA B 677 50.28 -12.88 -18.23
CA ALA B 677 51.67 -13.13 -18.60
C ALA B 677 51.75 -14.04 -19.83
N GLY B 678 50.68 -14.79 -20.11
CA GLY B 678 50.64 -15.54 -21.36
C GLY B 678 50.49 -14.65 -22.57
N MET B 679 49.82 -13.51 -22.40
CA MET B 679 49.84 -12.48 -23.44
C MET B 679 51.25 -11.94 -23.62
N ASN B 680 52.04 -11.96 -22.54
CA ASN B 680 53.45 -11.57 -22.65
C ASN B 680 54.31 -12.74 -23.10
N ALA B 681 53.74 -13.93 -23.14
CA ALA B 681 54.49 -15.12 -23.55
C ALA B 681 54.61 -15.18 -25.06
N TYR B 682 55.81 -15.55 -25.53
CA TYR B 682 56.13 -15.63 -26.95
C TYR B 682 55.80 -14.32 -27.66
N ARG B 683 55.30 -14.39 -28.89
CA ARG B 683 54.95 -13.17 -29.62
C ARG B 683 53.44 -13.14 -29.86
N GLU B 684 52.73 -12.39 -29.01
CA GLU B 684 51.37 -11.95 -29.32
C GLU B 684 51.36 -10.45 -29.67
N ASN B 685 52.50 -9.78 -29.54
CA ASN B 685 52.57 -8.32 -29.45
C ASN B 685 54.02 -7.84 -29.37
N PRO B 686 54.31 -6.61 -29.80
CA PRO B 686 55.70 -6.17 -30.00
C PRO B 686 56.55 -6.01 -28.74
N ASP B 687 55.96 -6.01 -27.55
CA ASP B 687 56.70 -5.63 -26.34
C ASP B 687 57.91 -6.55 -26.11
N ALA B 688 58.88 -6.03 -25.37
CA ALA B 688 60.20 -6.66 -25.25
C ALA B 688 60.26 -7.73 -24.17
N THR B 689 59.15 -8.02 -23.50
CA THR B 689 59.10 -9.05 -22.47
C THR B 689 58.90 -10.44 -23.06
N SER B 690 58.87 -10.56 -24.39
CA SER B 690 58.59 -11.80 -25.09
C SER B 690 59.63 -12.88 -24.84
N VAL B 691 59.24 -14.14 -25.07
CA VAL B 691 60.09 -15.34 -25.08
C VAL B 691 61.06 -15.36 -23.90
N SER B 692 60.54 -15.13 -22.69
CA SER B 692 61.35 -15.17 -21.48
C SER B 692 60.62 -15.95 -20.41
N GLN B 693 61.38 -16.58 -19.50
CA GLN B 693 60.80 -17.19 -18.32
C GLN B 693 60.61 -16.17 -17.21
N LYS B 694 61.27 -15.02 -17.31
CA LYS B 694 61.21 -14.02 -16.26
C LYS B 694 59.89 -13.25 -16.28
N ASN B 695 59.17 -13.31 -17.41
CA ASN B 695 57.87 -12.65 -17.48
C ASN B 695 56.89 -13.29 -16.50
N PHE B 696 56.97 -14.62 -16.35
CA PHE B 696 56.19 -15.28 -15.30
C PHE B 696 56.74 -14.94 -13.92
N LEU B 697 58.05 -14.71 -13.84
CA LEU B 697 58.66 -14.36 -12.55
C LEU B 697 58.43 -12.89 -12.21
N ASP B 698 58.37 -12.02 -13.22
CA ASP B 698 58.07 -10.62 -12.97
C ASP B 698 56.66 -10.45 -12.42
N ALA B 699 55.69 -11.16 -12.97
CA ALA B 699 54.35 -11.15 -12.41
C ALA B 699 54.28 -11.95 -11.12
N LEU B 700 55.24 -12.83 -10.89
CA LEU B 700 55.26 -13.62 -9.66
C LEU B 700 55.56 -12.74 -8.45
N LYS B 701 56.39 -11.71 -8.64
CA LYS B 701 56.71 -10.82 -7.53
C LYS B 701 55.57 -9.85 -7.26
N THR B 702 54.83 -9.47 -8.30
CA THR B 702 53.74 -8.51 -8.13
C THR B 702 52.55 -9.17 -7.44
N ILE B 703 52.18 -10.38 -7.88
CA ILE B 703 51.05 -11.07 -7.26
C ILE B 703 51.43 -11.55 -5.87
N ARG B 704 50.44 -11.57 -4.98
CA ARG B 704 50.64 -12.05 -3.62
C ARG B 704 50.97 -13.53 -3.62
N PRO B 705 51.79 -13.98 -2.68
CA PRO B 705 52.12 -15.41 -2.59
C PRO B 705 50.95 -16.29 -2.22
N SER B 706 49.90 -15.73 -1.63
CA SER B 706 48.68 -16.45 -1.25
C SER B 706 49.01 -17.62 -0.32
N VAL B 707 50.07 -17.45 0.47
CA VAL B 707 50.50 -18.43 1.44
C VAL B 707 50.07 -17.94 2.81
N ASP B 708 49.04 -18.58 3.38
CA ASP B 708 48.55 -18.22 4.71
C ASP B 708 48.44 -19.52 5.51
N GLU B 709 49.28 -19.66 6.53
CA GLU B 709 49.22 -20.84 7.39
C GLU B 709 48.14 -20.67 8.45
N GLU B 710 47.75 -19.43 8.73
CA GLU B 710 46.79 -19.18 9.82
C GLU B 710 45.38 -19.57 9.41
N VAL B 711 44.99 -19.30 8.16
CA VAL B 711 43.64 -19.65 7.72
C VAL B 711 43.52 -21.15 7.54
N ILE B 712 44.61 -21.82 7.18
CA ILE B 712 44.59 -23.28 7.12
C ILE B 712 44.45 -23.86 8.51
N LYS B 713 45.10 -23.24 9.49
CA LYS B 713 44.90 -23.64 10.89
C LYS B 713 43.49 -23.30 11.37
N PHE B 714 42.92 -22.20 10.86
CA PHE B 714 41.55 -21.84 11.22
C PHE B 714 40.55 -22.84 10.66
N TYR B 715 40.89 -23.48 9.54
CA TYR B 715 40.00 -24.50 8.98
C TYR B 715 39.94 -25.73 9.87
N ARG B 716 41.08 -26.15 10.42
CA ARG B 716 41.12 -27.34 11.25
C ARG B 716 40.42 -27.12 12.59
N THR B 717 40.45 -25.88 13.08
CA THR B 717 39.80 -25.58 14.35
C THR B 717 38.28 -25.51 14.19
N LEU B 718 37.82 -24.94 13.08
CA LEU B 718 36.38 -24.82 12.87
C LEU B 718 35.76 -26.13 12.41
N SER B 719 36.56 -27.00 11.79
CA SER B 719 36.03 -28.27 11.28
C SER B 719 35.67 -29.22 12.42
N GLU B 720 36.57 -29.39 13.38
CA GLU B 720 36.30 -30.31 14.48
C GLU B 720 35.24 -29.74 15.42
N THR B 721 35.33 -28.45 15.73
CA THR B 721 34.37 -27.80 16.62
C THR B 721 33.04 -27.55 15.90
N GLY C 1 26.75 0.67 -64.94
CA GLY C 1 27.51 1.04 -66.12
C GLY C 1 27.46 2.53 -66.39
N ILE C 2 26.27 3.01 -66.74
CA ILE C 2 25.89 4.41 -66.76
C ILE C 2 24.99 4.66 -65.55
N ILE C 3 24.80 3.60 -64.76
CA ILE C 3 23.59 3.35 -63.97
C ILE C 3 23.70 4.03 -62.60
N LEU C 4 24.67 4.93 -62.43
CA LEU C 4 25.16 5.37 -61.13
C LEU C 4 24.06 5.70 -60.13
N ARG C 5 24.24 5.24 -58.89
CA ARG C 5 23.18 5.14 -57.89
C ARG C 5 22.67 6.51 -57.45
N VAL C 6 21.50 6.50 -56.83
CA VAL C 6 20.99 7.66 -56.10
C VAL C 6 21.03 7.34 -54.61
N ALA C 7 21.24 8.37 -53.78
CA ALA C 7 21.37 8.18 -52.35
C ALA C 7 20.91 9.43 -51.61
N GLU C 8 21.08 9.42 -50.29
CA GLU C 8 20.72 10.54 -49.44
C GLU C 8 21.96 11.40 -49.21
N ALA C 9 21.89 12.67 -49.61
CA ALA C 9 23.06 13.53 -49.58
C ALA C 9 23.49 13.83 -48.15
N ASN C 10 24.74 13.52 -47.83
CA ASN C 10 25.35 13.90 -46.56
C ASN C 10 25.69 15.38 -46.54
N SER C 11 26.62 15.81 -47.39
CA SER C 11 26.76 17.23 -47.72
C SER C 11 25.54 17.57 -48.56
N THR C 12 24.74 18.53 -48.08
CA THR C 12 23.45 18.76 -48.70
C THR C 12 23.57 19.57 -49.98
N ASP C 13 24.44 20.57 -49.99
CA ASP C 13 24.45 21.59 -51.04
C ASP C 13 23.04 22.16 -51.14
N PRO C 14 22.63 23.02 -50.19
CA PRO C 14 21.25 23.51 -50.16
C PRO C 14 20.79 24.10 -51.49
N GLY C 15 21.73 24.66 -52.25
CA GLY C 15 21.43 25.00 -53.63
C GLY C 15 21.20 23.73 -54.43
N MET C 16 20.03 23.60 -55.04
CA MET C 16 19.69 22.37 -55.75
C MET C 16 20.47 22.27 -57.05
N SER C 17 20.55 21.07 -57.62
CA SER C 17 21.24 20.81 -58.89
C SER C 17 22.76 20.84 -58.70
N ARG C 18 23.20 21.08 -57.46
CA ARG C 18 24.61 21.09 -57.09
C ARG C 18 25.10 19.70 -56.71
N VAL C 19 24.32 18.66 -57.00
CA VAL C 19 24.46 17.30 -56.51
C VAL C 19 25.90 16.79 -56.60
N ARG C 20 26.37 16.17 -55.51
CA ARG C 20 27.74 15.67 -55.40
C ARG C 20 27.89 14.43 -56.28
N LEU C 21 28.94 14.39 -57.09
CA LEU C 21 29.34 13.20 -57.83
C LEU C 21 30.83 12.98 -57.58
N ASP C 22 31.21 11.74 -57.27
CA ASP C 22 32.59 11.44 -56.93
C ASP C 22 33.54 11.66 -58.10
N GLU C 23 34.81 11.96 -57.79
CA GLU C 23 35.82 12.04 -58.84
C GLU C 23 36.12 10.66 -59.41
N SER C 24 36.05 9.63 -58.56
CA SER C 24 36.26 8.27 -59.04
C SER C 24 35.02 7.73 -59.75
N SER C 25 33.85 8.26 -59.40
CA SER C 25 32.63 7.81 -60.07
C SER C 25 32.45 8.49 -61.42
N ARG C 26 32.91 9.73 -61.56
CA ARG C 26 32.76 10.44 -62.82
C ARG C 26 33.76 9.97 -63.86
N ARG C 27 34.92 9.45 -63.42
CA ARG C 27 35.89 8.92 -64.37
C ARG C 27 35.46 7.55 -64.89
N LEU C 28 34.56 6.89 -64.16
CA LEU C 28 33.97 5.67 -64.69
C LEU C 28 33.03 5.98 -65.85
N LEU C 29 32.38 7.14 -65.82
CA LEU C 29 31.53 7.57 -66.91
C LEU C 29 32.32 8.37 -67.95
N ASP C 30 33.59 8.68 -67.65
CA ASP C 30 34.44 9.50 -68.50
C ASP C 30 33.85 10.90 -68.69
N ALA C 31 33.25 11.43 -67.63
CA ALA C 31 32.72 12.80 -67.65
C ALA C 31 33.53 13.68 -66.71
N GLU C 32 34.08 14.77 -67.23
CA GLU C 32 34.96 15.61 -66.42
C GLU C 32 34.14 16.45 -65.43
N ILE C 33 34.87 17.21 -64.62
CA ILE C 33 34.24 17.98 -63.55
C ILE C 33 33.72 19.31 -64.09
N GLY C 34 32.61 19.77 -63.52
CA GLY C 34 32.06 21.07 -63.82
C GLY C 34 31.35 21.16 -65.16
N ASP C 35 30.51 20.18 -65.47
CA ASP C 35 29.76 20.16 -66.71
C ASP C 35 28.28 19.94 -66.41
N VAL C 36 27.45 20.26 -67.41
CA VAL C 36 26.01 20.07 -67.27
C VAL C 36 25.68 18.59 -67.40
N VAL C 37 24.83 18.10 -66.51
CA VAL C 37 24.50 16.68 -66.43
C VAL C 37 23.04 16.49 -66.82
N GLU C 38 22.77 15.42 -67.56
CA GLU C 38 21.42 15.01 -67.93
C GLU C 38 21.09 13.70 -67.23
N ILE C 39 20.16 13.76 -66.28
CA ILE C 39 19.71 12.57 -65.54
C ILE C 39 18.44 12.06 -66.22
N GLU C 40 18.54 10.86 -66.80
CA GLU C 40 17.42 10.23 -67.49
C GLU C 40 17.18 8.86 -66.90
N LYS C 41 15.92 8.57 -66.59
CA LYS C 41 15.55 7.29 -65.98
C LYS C 41 14.22 6.79 -66.52
N VAL C 42 13.68 5.74 -65.90
CA VAL C 42 12.39 5.22 -66.32
C VAL C 42 11.30 6.28 -66.11
N ARG C 43 10.19 6.11 -66.83
CA ARG C 43 9.05 7.04 -66.90
C ARG C 43 9.39 8.28 -67.70
N LYS C 44 10.64 8.40 -68.18
CA LYS C 44 11.07 9.50 -69.04
C LYS C 44 10.99 10.84 -68.31
N THR C 45 11.20 10.81 -67.00
CA THR C 45 11.37 12.01 -66.21
C THR C 45 12.85 12.37 -66.17
N VAL C 46 13.14 13.66 -66.34
CA VAL C 46 14.51 14.13 -66.52
C VAL C 46 14.78 15.29 -65.57
N GLY C 47 16.07 15.55 -65.34
CA GLY C 47 16.52 16.64 -64.52
C GLY C 47 18.00 16.88 -64.73
N ARG C 48 18.49 18.08 -64.42
CA ARG C 48 19.88 18.43 -64.65
C ARG C 48 20.55 18.85 -63.34
N VAL C 49 21.78 18.37 -63.16
CA VAL C 49 22.55 18.65 -61.96
C VAL C 49 23.96 19.08 -62.33
N TYR C 50 24.71 19.62 -61.36
CA TYR C 50 26.08 20.07 -61.56
C TYR C 50 27.00 19.19 -60.74
N ARG C 51 28.11 18.75 -61.35
CA ARG C 51 29.02 17.85 -60.67
C ARG C 51 29.99 18.59 -59.75
N ALA C 52 30.04 18.11 -58.51
CA ALA C 52 31.01 18.58 -57.52
C ALA C 52 31.50 17.38 -56.71
N ARG C 53 32.81 17.29 -56.49
CA ARG C 53 33.40 16.07 -55.94
C ARG C 53 33.35 16.08 -54.41
N PRO C 54 32.75 15.05 -53.81
CA PRO C 54 32.97 14.79 -52.39
C PRO C 54 34.17 13.88 -52.19
N GLU C 55 34.42 13.44 -50.95
CA GLU C 55 35.63 12.68 -50.67
C GLU C 55 35.34 11.27 -50.15
N ASP C 56 34.68 11.17 -49.00
CA ASP C 56 34.56 9.89 -48.31
C ASP C 56 33.78 8.87 -49.14
N GLU C 57 32.92 9.34 -50.04
CA GLU C 57 32.10 8.41 -50.82
C GLU C 57 32.95 7.65 -51.83
N ASN C 58 32.49 6.46 -52.21
CA ASN C 58 33.17 5.60 -53.17
C ASN C 58 32.33 5.49 -54.45
N LYS C 59 32.88 4.79 -55.42
CA LYS C 59 32.26 4.67 -56.74
C LYS C 59 31.05 3.76 -56.76
N GLY C 60 30.83 2.98 -55.70
CA GLY C 60 29.67 2.10 -55.64
C GLY C 60 28.33 2.79 -55.73
N ILE C 61 28.22 4.00 -55.19
CA ILE C 61 26.99 4.78 -55.22
C ILE C 61 27.34 6.23 -55.55
N VAL C 62 26.34 6.96 -56.02
CA VAL C 62 26.44 8.40 -56.21
C VAL C 62 25.42 9.06 -55.29
N ARG C 63 25.90 9.96 -54.42
CA ARG C 63 25.06 10.52 -53.39
C ARG C 63 24.39 11.80 -53.87
N ILE C 64 23.07 11.76 -53.96
CA ILE C 64 22.30 12.76 -54.69
C ILE C 64 21.39 13.51 -53.73
N ASP C 65 21.08 14.77 -54.08
CA ASP C 65 20.24 15.61 -53.25
C ASP C 65 18.80 15.09 -53.20
N SER C 66 18.05 15.53 -52.19
CA SER C 66 16.71 15.00 -51.97
C SER C 66 15.74 15.46 -53.05
N VAL C 67 15.68 16.77 -53.29
CA VAL C 67 14.63 17.32 -54.17
C VAL C 67 14.85 16.85 -55.61
N MET C 68 16.10 16.75 -56.03
CA MET C 68 16.38 16.26 -57.38
C MET C 68 16.01 14.78 -57.50
N ARG C 69 16.05 14.04 -56.39
CA ARG C 69 15.44 12.71 -56.37
C ARG C 69 13.94 12.81 -56.19
N ASN C 70 13.47 13.92 -55.59
CA ASN C 70 12.04 14.14 -55.46
C ASN C 70 11.45 14.69 -56.74
N ASN C 71 12.30 15.18 -57.65
CA ASN C 71 11.81 15.60 -58.96
C ASN C 71 11.63 14.40 -59.88
N CYS C 72 12.56 13.46 -59.87
CA CYS C 72 12.45 12.28 -60.72
C CYS C 72 11.72 11.15 -60.00
N GLY C 73 11.26 11.39 -58.78
CA GLY C 73 10.67 10.37 -57.95
C GLY C 73 11.60 9.22 -57.64
N ALA C 74 12.88 9.49 -57.42
CA ALA C 74 13.87 8.44 -57.30
C ALA C 74 13.82 7.79 -55.92
N SER C 75 13.92 6.46 -55.91
CA SER C 75 14.07 5.69 -54.69
C SER C 75 15.47 5.09 -54.70
N ILE C 76 16.00 4.85 -53.50
CA ILE C 76 17.37 4.37 -53.35
C ILE C 76 17.57 3.08 -54.14
N GLY C 77 18.56 3.07 -55.03
CA GLY C 77 18.84 1.90 -55.84
C GLY C 77 18.14 1.84 -57.17
N ASP C 78 17.71 2.97 -57.73
CA ASP C 78 17.03 2.98 -59.02
C ASP C 78 18.04 2.91 -60.16
N LYS C 79 17.54 3.04 -61.38
CA LYS C 79 18.32 2.95 -62.61
C LYS C 79 18.18 4.24 -63.40
N VAL C 80 19.32 4.89 -63.68
CA VAL C 80 19.34 6.15 -64.40
C VAL C 80 20.39 6.07 -65.51
N LYS C 81 20.27 7.00 -66.46
CA LYS C 81 21.24 7.17 -67.54
C LYS C 81 21.72 8.61 -67.51
N VAL C 82 23.01 8.81 -67.23
CA VAL C 82 23.58 10.14 -67.10
C VAL C 82 24.80 10.26 -68.00
N ARG C 83 24.94 11.44 -68.62
CA ARG C 83 26.09 11.73 -69.46
C ARG C 83 26.27 13.23 -69.54
N LYS C 84 27.47 13.65 -69.93
CA LYS C 84 27.75 15.07 -70.08
C LYS C 84 27.18 15.58 -71.40
N VAL C 85 26.70 16.83 -71.38
CA VAL C 85 26.07 17.45 -72.54
C VAL C 85 26.69 18.82 -72.77
N ARG C 86 26.13 19.53 -73.75
CA ARG C 86 26.59 20.87 -74.09
C ARG C 86 26.22 21.86 -72.98
N THR C 87 26.93 22.98 -72.91
CA THR C 87 26.72 23.96 -71.86
C THR C 87 26.20 25.27 -72.46
N GLU C 88 25.09 25.76 -71.91
CA GLU C 88 24.54 27.04 -72.36
C GLU C 88 24.21 27.88 -71.13
N ILE C 89 23.59 29.04 -71.34
CA ILE C 89 23.18 29.92 -70.26
C ILE C 89 21.79 30.47 -70.57
N ALA C 90 20.99 30.72 -69.54
CA ALA C 90 19.65 31.22 -69.74
C ALA C 90 19.67 32.68 -70.15
N LYS C 91 18.48 33.23 -70.39
CA LYS C 91 18.34 34.63 -70.76
C LYS C 91 17.30 35.31 -69.88
N LYS C 92 16.03 34.95 -70.07
CA LYS C 92 14.94 35.43 -69.24
C LYS C 92 14.01 34.27 -68.93
N VAL C 93 13.79 34.03 -67.65
CA VAL C 93 13.01 32.88 -67.19
C VAL C 93 11.77 33.40 -66.48
N THR C 94 10.66 32.66 -66.63
CA THR C 94 9.39 33.01 -66.01
C THR C 94 8.98 31.88 -65.07
N LEU C 95 8.58 32.24 -63.85
CA LEU C 95 8.21 31.27 -62.83
C LEU C 95 6.79 31.52 -62.37
N ALA C 96 6.19 30.50 -61.75
CA ALA C 96 4.82 30.56 -61.29
C ALA C 96 4.70 29.86 -59.94
N PRO C 97 3.77 30.31 -59.09
CA PRO C 97 3.60 29.67 -57.77
C PRO C 97 2.98 28.29 -57.89
N ILE C 98 3.21 27.47 -56.86
CA ILE C 98 2.60 26.14 -56.77
C ILE C 98 1.60 26.20 -55.64
N ILE C 99 0.31 26.15 -55.99
CA ILE C 99 -0.76 26.32 -55.02
C ILE C 99 -1.57 25.03 -54.91
N ARG C 100 -1.44 24.32 -53.79
CA ARG C 100 -2.32 23.20 -53.50
C ARG C 100 -2.84 23.36 -52.09
N LYS C 101 -2.03 23.13 -51.06
CA LYS C 101 -2.42 23.41 -49.68
C LYS C 101 -1.83 24.73 -49.20
N ASP C 102 -1.11 25.40 -50.09
CA ASP C 102 -0.24 26.51 -49.73
C ASP C 102 -1.02 27.76 -49.35
N GLN C 103 -2.28 27.86 -49.81
CA GLN C 103 -3.08 29.06 -49.62
C GLN C 103 -2.38 30.28 -50.20
N ARG C 104 -2.32 30.35 -51.53
CA ARG C 104 -1.58 31.34 -52.30
C ARG C 104 -0.10 31.28 -51.89
N LEU C 105 0.60 32.42 -51.86
CA LEU C 105 2.04 32.44 -51.65
C LEU C 105 2.52 33.88 -51.45
N LYS C 106 3.84 34.09 -51.45
CA LYS C 106 4.48 35.39 -51.34
C LYS C 106 3.88 36.42 -52.29
N PHE C 107 3.66 37.63 -51.79
CA PHE C 107 3.02 38.71 -52.53
C PHE C 107 4.04 39.68 -53.13
N GLY C 108 4.81 40.33 -52.27
CA GLY C 108 5.60 41.48 -52.65
C GLY C 108 6.82 41.14 -53.48
N GLU C 109 7.77 42.07 -53.47
CA GLU C 109 8.95 42.03 -54.32
C GLU C 109 9.94 40.99 -53.81
N GLY C 110 11.13 40.99 -54.41
CA GLY C 110 12.11 39.95 -54.16
C GLY C 110 12.19 38.98 -55.30
N ILE C 111 11.58 39.32 -56.44
CA ILE C 111 11.68 38.53 -57.65
C ILE C 111 13.12 38.47 -58.17
N GLU C 112 13.92 39.51 -57.92
CA GLU C 112 15.33 39.51 -58.24
C GLU C 112 16.23 39.10 -57.09
N GLU C 113 16.26 39.85 -55.98
CA GLU C 113 17.13 39.56 -54.85
C GLU C 113 17.09 38.10 -54.44
N TYR C 114 15.93 37.62 -53.98
CA TYR C 114 15.82 36.30 -53.41
C TYR C 114 16.17 35.21 -54.41
N VAL C 115 15.77 35.40 -55.67
CA VAL C 115 16.01 34.36 -56.68
C VAL C 115 17.46 34.41 -57.17
N GLN C 116 17.96 35.61 -57.48
CA GLN C 116 19.21 35.73 -58.23
C GLN C 116 20.39 35.16 -57.45
N ARG C 117 20.61 35.63 -56.22
CA ARG C 117 21.79 35.22 -55.47
C ARG C 117 21.72 33.75 -55.07
N ALA C 118 20.53 33.15 -55.15
CA ALA C 118 20.39 31.73 -54.82
C ALA C 118 20.48 30.84 -56.06
N LEU C 119 20.70 31.41 -57.24
CA LEU C 119 20.75 30.60 -58.46
C LEU C 119 22.04 29.79 -58.53
N ILE C 120 23.18 30.44 -58.29
CA ILE C 120 24.51 29.82 -58.23
C ILE C 120 24.71 28.80 -59.35
N ARG C 121 24.28 29.17 -60.57
CA ARG C 121 24.53 28.37 -61.78
C ARG C 121 23.93 26.96 -61.67
N ARG C 122 22.61 26.89 -61.41
CA ARG C 122 21.89 25.61 -61.38
C ARG C 122 21.55 25.15 -62.78
N PRO C 123 22.05 24.00 -63.24
CA PRO C 123 21.51 23.39 -64.45
C PRO C 123 20.07 22.95 -64.22
N MET C 124 19.21 23.21 -65.20
CA MET C 124 17.79 22.89 -65.08
C MET C 124 17.14 22.92 -66.46
N LEU C 125 15.83 22.65 -66.48
CA LEU C 125 15.02 22.66 -67.69
C LEU C 125 13.67 23.31 -67.41
N GLU C 126 12.95 23.58 -68.48
CA GLU C 126 11.62 24.17 -68.38
C GLU C 126 10.68 23.26 -67.59
N GLN C 127 9.75 23.87 -66.87
CA GLN C 127 8.74 23.16 -66.09
C GLN C 127 9.39 22.30 -65.00
N ASP C 128 10.43 22.82 -64.37
CA ASP C 128 11.08 22.13 -63.26
C ASP C 128 10.88 22.92 -61.97
N ASN C 129 10.70 22.18 -60.88
CA ASN C 129 10.44 22.76 -59.56
C ASN C 129 11.77 22.87 -58.82
N ILE C 130 12.18 24.12 -58.53
CA ILE C 130 13.41 24.40 -57.82
C ILE C 130 13.08 24.70 -56.37
N SER C 131 13.93 24.24 -55.46
CA SER C 131 13.76 24.45 -54.03
C SER C 131 14.77 25.47 -53.54
N VAL C 132 14.27 26.59 -53.01
CA VAL C 132 15.10 27.69 -52.54
C VAL C 132 14.70 28.05 -51.12
N PRO C 133 15.35 27.49 -50.10
CA PRO C 133 15.07 27.90 -48.70
C PRO C 133 15.76 29.21 -48.34
N GLY C 134 15.76 29.56 -47.07
CA GLY C 134 16.48 30.73 -46.62
C GLY C 134 15.63 31.87 -46.11
N LEU C 135 16.34 32.84 -45.52
CA LEU C 135 15.88 34.10 -44.95
C LEU C 135 15.28 33.99 -43.55
N THR C 136 14.88 32.79 -43.13
CA THR C 136 14.39 32.56 -41.77
C THR C 136 13.94 31.12 -41.55
N LEU C 137 13.81 30.73 -40.28
CA LEU C 137 13.26 29.41 -39.97
C LEU C 137 11.75 29.39 -40.05
N ALA C 138 11.09 30.41 -39.51
CA ALA C 138 9.63 30.45 -39.44
C ALA C 138 9.07 31.40 -40.50
N GLY C 139 8.21 30.85 -41.35
CA GLY C 139 7.61 31.60 -42.43
C GLY C 139 8.25 31.34 -43.77
N GLN C 140 9.49 30.86 -43.75
CA GLN C 140 10.19 30.49 -44.97
C GLN C 140 10.80 29.11 -44.79
N THR C 141 10.33 28.17 -45.61
CA THR C 141 10.84 26.81 -45.61
C THR C 141 11.22 26.41 -47.04
N GLY C 142 11.57 25.15 -47.26
CA GLY C 142 11.80 24.69 -48.62
C GLY C 142 10.57 24.93 -49.47
N LEU C 143 10.75 25.69 -50.55
CA LEU C 143 9.64 26.18 -51.34
C LEU C 143 9.91 25.92 -52.81
N LEU C 144 8.91 25.37 -53.49
CA LEU C 144 9.03 24.97 -54.89
C LEU C 144 8.32 25.97 -55.79
N PHE C 145 8.99 26.36 -56.87
CA PHE C 145 8.44 27.26 -57.87
C PHE C 145 8.30 26.52 -59.19
N LYS C 146 7.13 26.72 -59.81
CA LYS C 146 6.85 26.16 -61.13
C LYS C 146 7.38 27.13 -62.19
N VAL C 147 8.29 26.63 -63.02
CA VAL C 147 8.90 27.45 -64.07
C VAL C 147 8.01 27.35 -65.31
N VAL C 148 7.51 28.49 -65.79
CA VAL C 148 6.63 28.47 -66.95
C VAL C 148 7.45 28.36 -68.24
N LYS C 149 8.17 29.42 -68.59
CA LYS C 149 8.91 29.45 -69.84
C LYS C 149 10.21 30.21 -69.67
N THR C 150 11.28 29.67 -70.24
CA THR C 150 12.54 30.38 -70.41
C THR C 150 12.82 30.50 -71.90
N LEU C 151 13.58 31.53 -72.29
CA LEU C 151 13.83 31.76 -73.70
C LEU C 151 14.62 30.60 -74.31
N PRO C 152 15.71 30.11 -73.66
CA PRO C 152 16.30 28.84 -74.12
C PRO C 152 15.60 27.65 -73.49
N SER C 153 14.45 27.27 -74.05
CA SER C 153 13.59 26.24 -73.46
C SER C 153 14.03 24.85 -73.89
N LYS C 154 13.92 23.90 -72.96
CA LYS C 154 14.16 22.47 -73.19
C LYS C 154 15.62 22.14 -73.46
N VAL C 155 16.44 23.15 -73.70
CA VAL C 155 17.87 22.95 -73.91
C VAL C 155 18.59 23.05 -72.56
N PRO C 156 19.77 22.43 -72.40
CA PRO C 156 20.49 22.56 -71.13
C PRO C 156 20.87 24.00 -70.84
N VAL C 157 20.53 24.49 -69.65
CA VAL C 157 20.75 25.89 -69.30
C VAL C 157 21.19 25.98 -67.85
N GLU C 158 22.18 26.84 -67.61
CA GLU C 158 22.54 27.26 -66.27
C GLU C 158 22.25 28.75 -66.13
N ILE C 159 21.24 29.08 -65.33
CA ILE C 159 20.76 30.45 -65.21
C ILE C 159 21.87 31.26 -64.53
N GLY C 160 22.26 32.36 -65.18
CA GLY C 160 23.40 33.13 -64.71
C GLY C 160 23.01 34.28 -63.81
N GLU C 161 24.04 35.00 -63.35
CA GLU C 161 23.88 36.12 -62.43
C GLU C 161 23.38 37.38 -63.12
N GLU C 162 23.63 37.53 -64.42
CA GLU C 162 23.21 38.71 -65.17
C GLU C 162 21.86 38.50 -65.87
N THR C 163 21.24 37.33 -65.68
CA THR C 163 19.97 36.99 -66.31
C THR C 163 18.83 37.39 -65.38
N LYS C 164 17.83 38.07 -65.94
CA LYS C 164 16.68 38.51 -65.16
C LYS C 164 15.74 37.33 -64.86
N ILE C 165 14.93 37.49 -63.82
CA ILE C 165 13.96 36.48 -63.41
C ILE C 165 12.61 37.16 -63.25
N GLU C 166 11.57 36.59 -63.86
CA GLU C 166 10.21 37.13 -63.77
C GLU C 166 9.32 36.12 -63.07
N ILE C 167 8.53 36.63 -62.12
CA ILE C 167 7.57 35.83 -61.36
C ILE C 167 6.18 36.23 -61.82
N ARG C 168 5.46 35.31 -62.46
CA ARG C 168 4.14 35.64 -62.98
C ARG C 168 3.13 35.83 -61.85
N GLU C 169 3.29 35.09 -60.76
CA GLU C 169 2.42 35.10 -59.58
C GLU C 169 1.03 34.52 -59.87
N GLU C 170 0.74 34.15 -61.11
CA GLU C 170 -0.56 33.58 -61.43
C GLU C 170 -0.72 32.24 -60.72
N PRO C 171 -1.76 32.04 -59.91
CA PRO C 171 -1.85 30.83 -59.10
C PRO C 171 -2.04 29.58 -59.95
N ALA C 172 -1.26 28.54 -59.64
CA ALA C 172 -1.35 27.27 -60.32
C ALA C 172 -0.86 26.15 -59.40
N SER C 173 -0.81 24.92 -59.92
CA SER C 173 -0.37 23.79 -59.11
C SER C 173 0.98 23.27 -59.61
N GLU C 174 1.49 22.22 -58.97
CA GLU C 174 2.77 21.66 -59.37
C GLU C 174 2.60 20.83 -60.64
N VAL C 175 3.58 20.94 -61.54
CA VAL C 175 3.67 20.05 -62.68
C VAL C 175 4.34 18.75 -62.25
N LEU C 176 5.36 18.86 -61.39
CA LEU C 176 6.13 17.69 -61.02
C LEU C 176 6.32 17.55 -59.52
N GLU C 177 5.67 16.54 -58.92
CA GLU C 177 6.01 15.96 -57.62
C GLU C 177 6.37 16.98 -56.54
N GLU C 178 5.39 17.73 -56.05
CA GLU C 178 5.60 18.73 -55.01
C GLU C 178 5.75 18.02 -53.68
N VAL C 179 5.79 18.79 -52.59
CA VAL C 179 6.05 18.32 -51.24
C VAL C 179 4.78 17.61 -50.75
N SER C 180 4.72 17.30 -49.45
CA SER C 180 3.80 16.36 -48.78
C SER C 180 4.42 14.97 -48.82
N ARG C 181 5.55 14.85 -49.49
CA ARG C 181 6.38 13.65 -49.42
C ARG C 181 7.66 14.01 -48.69
N ILE C 182 8.11 13.09 -47.83
CA ILE C 182 9.34 13.30 -47.07
C ILE C 182 10.34 12.21 -47.43
N SER C 183 11.43 12.59 -48.10
CA SER C 183 12.46 11.66 -48.51
C SER C 183 13.35 11.25 -47.34
N TYR C 184 14.08 10.14 -47.49
CA TYR C 184 14.99 9.69 -46.45
C TYR C 184 16.05 10.74 -46.14
N GLU C 185 16.46 11.53 -47.14
CA GLU C 185 17.33 12.67 -46.85
C GLU C 185 16.59 13.76 -46.08
N ASP C 186 15.33 14.02 -46.43
CA ASP C 186 14.51 14.93 -45.63
C ASP C 186 14.31 14.41 -44.22
N ILE C 187 14.43 13.10 -44.02
CA ILE C 187 14.44 12.49 -42.70
C ILE C 187 15.83 12.68 -42.11
N GLY C 188 15.91 12.71 -40.77
CA GLY C 188 17.19 12.73 -40.12
C GLY C 188 17.14 12.05 -38.77
N GLY C 189 18.28 11.54 -38.31
CA GLY C 189 18.30 10.72 -37.13
C GLY C 189 19.39 9.69 -37.16
N LEU C 190 19.20 8.59 -36.43
CA LEU C 190 20.10 7.44 -36.47
C LEU C 190 20.23 6.96 -37.91
N SER C 191 21.48 6.76 -38.34
CA SER C 191 21.74 6.46 -39.74
C SER C 191 21.55 4.98 -40.04
N GLU C 192 22.38 4.13 -39.43
CA GLU C 192 22.31 2.69 -39.71
C GLU C 192 20.94 2.13 -39.33
N GLN C 193 20.32 2.69 -38.29
CA GLN C 193 18.99 2.23 -37.89
C GLN C 193 17.94 2.58 -38.94
N LEU C 194 18.10 3.72 -39.62
CA LEU C 194 17.15 4.08 -40.67
C LEU C 194 17.20 3.07 -41.81
N GLY C 195 18.39 2.57 -42.14
CA GLY C 195 18.50 1.57 -43.19
C GLY C 195 18.10 0.18 -42.72
N LYS C 196 18.23 -0.08 -41.42
CA LYS C 196 17.89 -1.40 -40.90
C LYS C 196 16.38 -1.54 -40.73
N ILE C 197 15.70 -0.46 -40.34
CA ILE C 197 14.24 -0.51 -40.20
C ILE C 197 13.58 -0.66 -41.56
N ARG C 198 14.12 0.02 -42.57
CA ARG C 198 13.47 0.04 -43.88
C ARG C 198 13.74 -1.24 -44.66
N GLU C 199 14.91 -1.85 -44.47
CA GLU C 199 15.34 -2.94 -45.34
C GLU C 199 14.43 -4.16 -45.20
N MET C 200 13.73 -4.29 -44.07
CA MET C 200 12.84 -5.43 -43.91
C MET C 200 11.54 -5.23 -44.70
N ILE C 201 11.04 -3.99 -44.74
CA ILE C 201 9.84 -3.71 -45.52
C ILE C 201 10.20 -3.14 -46.89
N GLU C 202 11.48 -2.94 -47.17
CA GLU C 202 11.89 -2.40 -48.46
C GLU C 202 11.43 -3.28 -49.61
N LEU C 203 11.99 -4.49 -49.70
CA LEU C 203 11.69 -5.36 -50.84
C LEU C 203 10.22 -5.74 -50.96
N PRO C 204 9.50 -6.13 -49.91
CA PRO C 204 8.08 -6.48 -50.11
C PRO C 204 7.22 -5.34 -50.62
N LEU C 205 7.35 -4.15 -50.04
CA LEU C 205 6.43 -3.06 -50.38
C LEU C 205 6.62 -2.59 -51.82
N LYS C 206 7.86 -2.61 -52.31
CA LYS C 206 8.11 -2.25 -53.71
C LYS C 206 7.34 -3.18 -54.66
N HIS C 207 7.75 -4.45 -54.71
CA HIS C 207 7.04 -5.43 -55.53
C HIS C 207 6.65 -6.61 -54.65
N PRO C 208 5.45 -7.16 -54.82
CA PRO C 208 5.06 -8.34 -54.04
C PRO C 208 5.86 -9.58 -54.36
N GLU C 209 6.16 -9.84 -55.65
CA GLU C 209 6.83 -11.07 -56.05
C GLU C 209 8.35 -10.99 -56.04
N LEU C 210 8.93 -9.81 -55.85
CA LEU C 210 10.38 -9.71 -55.75
C LEU C 210 10.90 -10.47 -54.54
N PHE C 211 10.41 -10.12 -53.34
CA PHE C 211 10.66 -10.87 -52.12
C PHE C 211 9.32 -11.15 -51.47
N GLU C 212 8.89 -12.41 -51.46
CA GLU C 212 7.61 -12.74 -50.84
C GLU C 212 7.78 -13.82 -49.78
N ARG C 213 7.90 -15.09 -50.20
CA ARG C 213 8.29 -16.16 -49.28
C ARG C 213 9.75 -16.56 -49.42
N LEU C 214 10.49 -15.95 -50.33
CA LEU C 214 11.80 -16.46 -50.73
C LEU C 214 12.77 -16.61 -49.57
N GLY C 215 13.27 -15.49 -49.04
CA GLY C 215 14.25 -15.55 -47.98
C GLY C 215 13.70 -16.07 -46.66
N ILE C 216 12.69 -15.37 -46.13
CA ILE C 216 12.07 -15.71 -44.86
C ILE C 216 10.60 -15.36 -44.92
N THR C 217 9.92 -15.48 -43.77
CA THR C 217 8.55 -14.98 -43.62
C THR C 217 8.65 -13.46 -43.51
N PRO C 218 7.81 -12.71 -44.21
CA PRO C 218 7.92 -11.24 -44.17
C PRO C 218 7.63 -10.72 -42.77
N PRO C 219 7.80 -9.40 -42.54
CA PRO C 219 7.57 -8.87 -41.19
C PRO C 219 6.12 -8.98 -40.75
N LYS C 220 5.91 -9.48 -39.53
CA LYS C 220 4.58 -9.53 -38.94
C LYS C 220 4.22 -8.17 -38.37
N GLY C 221 4.98 -7.70 -37.39
CA GLY C 221 4.78 -6.37 -36.85
C GLY C 221 6.06 -5.73 -36.36
N VAL C 222 6.05 -4.41 -36.21
CA VAL C 222 7.21 -3.65 -35.77
C VAL C 222 6.75 -2.65 -34.72
N ILE C 223 7.43 -2.64 -33.57
CA ILE C 223 7.13 -1.74 -32.48
C ILE C 223 8.24 -0.69 -32.40
N LEU C 224 7.84 0.58 -32.38
CA LEU C 224 8.78 1.70 -32.40
C LEU C 224 8.73 2.43 -31.08
N TYR C 225 9.84 3.07 -30.72
CA TYR C 225 10.03 3.75 -29.44
C TYR C 225 10.56 5.15 -29.67
N GLY C 226 10.56 5.94 -28.61
CA GLY C 226 11.08 7.28 -28.66
C GLY C 226 10.01 8.36 -28.65
N PRO C 227 10.42 9.59 -28.96
CA PRO C 227 9.54 10.77 -28.76
C PRO C 227 8.43 10.82 -29.80
N PRO C 228 7.26 10.28 -29.47
CA PRO C 228 6.23 10.04 -30.49
C PRO C 228 5.58 11.29 -31.05
N GLY C 229 6.13 11.81 -32.13
CA GLY C 229 5.74 13.09 -32.66
C GLY C 229 6.80 14.18 -32.62
N THR C 230 8.01 13.88 -32.18
CA THR C 230 9.14 14.78 -32.37
C THR C 230 9.61 14.85 -33.82
N GLY C 231 8.99 14.08 -34.70
CA GLY C 231 9.57 13.75 -35.99
C GLY C 231 9.91 12.29 -36.12
N LYS C 232 9.80 11.55 -35.01
CA LYS C 232 9.74 10.09 -35.10
C LYS C 232 8.42 9.66 -35.73
N THR C 233 7.33 10.36 -35.40
CA THR C 233 6.05 10.07 -36.04
C THR C 233 6.05 10.59 -37.48
N LEU C 234 6.78 11.66 -37.75
CA LEU C 234 6.91 12.13 -39.12
C LEU C 234 7.58 11.08 -40.01
N ILE C 235 8.42 10.23 -39.43
CA ILE C 235 9.04 9.15 -40.19
C ILE C 235 7.98 8.19 -40.70
N ALA C 236 6.95 7.92 -39.89
CA ALA C 236 5.87 7.03 -40.31
C ALA C 236 5.27 7.49 -41.63
N ARG C 237 4.69 8.69 -41.66
CA ARG C 237 4.15 9.23 -42.91
C ARG C 237 5.25 9.38 -43.97
N ALA C 238 6.50 9.49 -43.55
CA ALA C 238 7.59 9.65 -44.52
C ALA C 238 7.89 8.35 -45.23
N VAL C 239 7.89 7.23 -44.49
CA VAL C 239 8.23 5.94 -45.10
C VAL C 239 7.22 5.58 -46.19
N ALA C 240 5.97 6.00 -46.02
CA ALA C 240 4.95 5.67 -47.01
C ALA C 240 5.11 6.51 -48.28
N ASN C 241 5.98 7.52 -48.23
CA ASN C 241 6.15 8.38 -49.40
C ASN C 241 7.01 7.70 -50.46
N GLU C 242 8.14 7.10 -50.06
CA GLU C 242 8.99 6.43 -51.04
C GLU C 242 8.31 5.19 -51.60
N SER C 243 7.60 4.43 -50.74
CA SER C 243 6.91 3.24 -51.19
C SER C 243 5.73 3.55 -52.11
N GLY C 244 5.11 4.71 -51.96
CA GLY C 244 3.99 5.11 -52.81
C GLY C 244 2.66 4.45 -52.47
N ALA C 245 2.66 3.55 -51.49
CA ALA C 245 1.44 2.86 -51.09
C ALA C 245 0.59 3.74 -50.20
N ASN C 246 -0.56 3.22 -49.75
CA ASN C 246 -1.46 3.98 -48.90
C ASN C 246 -0.97 3.96 -47.46
N PHE C 247 -1.23 5.05 -46.75
CA PHE C 247 -0.82 5.19 -45.35
C PHE C 247 -2.06 5.37 -44.48
N LEU C 248 -2.34 4.38 -43.64
CA LEU C 248 -3.48 4.43 -42.72
C LEU C 248 -3.02 5.08 -41.43
N SER C 249 -3.81 6.02 -40.93
CA SER C 249 -3.47 6.81 -39.75
C SER C 249 -4.38 6.44 -38.58
N ILE C 250 -3.82 5.79 -37.57
CA ILE C 250 -4.49 5.54 -36.30
C ILE C 250 -3.99 6.60 -35.34
N ASN C 251 -4.89 7.49 -34.91
CA ASN C 251 -4.51 8.69 -34.19
C ASN C 251 -5.29 8.84 -32.89
N GLY C 252 -4.80 9.75 -32.05
CA GLY C 252 -5.41 10.04 -30.77
C GLY C 252 -6.82 10.62 -30.83
N PRO C 253 -7.01 11.72 -31.57
CA PRO C 253 -8.34 12.37 -31.57
C PRO C 253 -9.47 11.49 -32.05
N GLU C 254 -9.22 10.48 -32.88
CA GLU C 254 -10.30 9.62 -33.35
C GLU C 254 -10.66 8.58 -32.31
N ILE C 255 -9.66 8.02 -31.62
CA ILE C 255 -9.96 6.99 -30.62
C ILE C 255 -10.56 7.63 -29.36
N MET C 256 -10.26 8.91 -29.13
CA MET C 256 -10.86 9.61 -28.00
C MET C 256 -12.27 10.06 -28.31
N SER C 257 -12.55 10.42 -29.57
CA SER C 257 -13.88 10.92 -29.92
C SER C 257 -14.87 9.78 -30.12
N LYS C 258 -14.38 8.56 -30.33
CA LYS C 258 -15.25 7.41 -30.57
C LYS C 258 -15.33 6.59 -29.29
N TYR C 259 -16.50 6.63 -28.66
CA TYR C 259 -16.80 5.87 -27.46
C TYR C 259 -17.39 4.51 -27.81
N TYR C 260 -18.00 3.85 -26.82
CA TYR C 260 -18.52 2.50 -26.99
C TYR C 260 -19.42 2.38 -28.20
N GLY C 261 -19.09 1.47 -29.11
CA GLY C 261 -19.86 1.24 -30.31
C GLY C 261 -19.45 2.09 -31.49
N GLN C 262 -18.87 3.27 -31.23
CA GLN C 262 -18.30 4.06 -32.30
C GLN C 262 -16.89 3.60 -32.66
N SER C 263 -16.07 3.32 -31.65
CA SER C 263 -14.70 2.90 -31.91
C SER C 263 -14.64 1.42 -32.28
N GLU C 264 -15.52 0.61 -31.69
CA GLU C 264 -15.52 -0.83 -31.97
C GLU C 264 -15.83 -1.09 -33.44
N GLN C 265 -16.73 -0.30 -34.04
CA GLN C 265 -16.99 -0.44 -35.47
C GLN C 265 -15.91 0.24 -36.30
N LYS C 266 -15.26 1.26 -35.74
CA LYS C 266 -14.21 1.95 -36.48
C LYS C 266 -12.96 1.09 -36.61
N LEU C 267 -12.73 0.17 -35.66
CA LEU C 267 -11.58 -0.72 -35.75
C LEU C 267 -11.68 -1.62 -36.97
N ARG C 268 -12.88 -2.13 -37.26
CA ARG C 268 -13.06 -2.89 -38.49
C ARG C 268 -13.19 -1.97 -39.70
N GLU C 269 -13.62 -0.73 -39.48
CA GLU C 269 -13.73 0.22 -40.58
C GLU C 269 -12.36 0.59 -41.13
N ILE C 270 -11.40 0.87 -40.24
CA ILE C 270 -10.05 1.16 -40.69
C ILE C 270 -9.37 -0.11 -41.19
N PHE C 271 -9.81 -1.27 -40.69
CA PHE C 271 -9.27 -2.53 -41.18
C PHE C 271 -9.90 -2.91 -42.52
N SER C 272 -11.13 -2.46 -42.77
CA SER C 272 -11.75 -2.70 -44.07
C SER C 272 -11.03 -1.94 -45.17
N LYS C 273 -10.54 -0.73 -44.85
CA LYS C 273 -9.75 0.01 -45.82
C LYS C 273 -8.37 -0.59 -45.98
N ALA C 274 -7.89 -1.32 -44.97
CA ALA C 274 -6.60 -1.99 -45.08
C ALA C 274 -6.63 -3.07 -46.16
N GLU C 275 -7.77 -3.75 -46.30
CA GLU C 275 -7.90 -4.76 -47.34
C GLU C 275 -8.16 -4.11 -48.70
N GLU C 276 -8.86 -2.98 -48.71
CA GLU C 276 -9.16 -2.30 -49.96
C GLU C 276 -7.93 -1.56 -50.49
N THR C 277 -7.25 -0.81 -49.62
CA THR C 277 -6.08 -0.06 -50.05
C THR C 277 -4.86 -0.95 -50.20
N ALA C 278 -4.96 -2.23 -49.84
CA ALA C 278 -3.86 -3.18 -49.96
C ALA C 278 -3.31 -3.20 -51.39
N PRO C 279 -1.97 -3.13 -51.53
CA PRO C 279 -0.97 -3.06 -50.45
C PRO C 279 -0.94 -1.73 -49.70
N SER C 280 -0.85 -1.80 -48.38
CA SER C 280 -0.79 -0.61 -47.54
C SER C 280 -0.08 -0.97 -46.24
N ILE C 281 0.40 0.06 -45.55
CA ILE C 281 1.12 -0.11 -44.29
C ILE C 281 0.24 0.48 -43.18
N ILE C 282 0.26 -0.16 -42.02
CA ILE C 282 -0.58 0.27 -40.90
C ILE C 282 0.33 0.73 -39.76
N PHE C 283 0.31 2.02 -39.47
CA PHE C 283 1.11 2.61 -38.40
C PHE C 283 0.19 3.03 -37.26
N ILE C 284 0.50 2.55 -36.05
CA ILE C 284 -0.25 2.90 -34.85
C ILE C 284 0.71 3.52 -33.85
N ASP C 285 0.54 4.82 -33.59
CA ASP C 285 1.25 5.49 -32.51
C ASP C 285 0.43 5.53 -31.23
N GLU C 286 -0.74 4.90 -31.23
CA GLU C 286 -1.68 4.93 -30.12
C GLU C 286 -1.51 3.76 -29.16
N ILE C 287 -0.47 2.94 -29.35
CA ILE C 287 -0.21 1.80 -28.47
C ILE C 287 -0.24 2.24 -27.00
N ASP C 288 0.21 3.47 -26.74
CA ASP C 288 0.09 4.02 -25.39
C ASP C 288 -1.37 4.18 -24.97
N SER C 289 -2.21 4.72 -25.86
CA SER C 289 -3.63 4.86 -25.54
C SER C 289 -4.37 3.54 -25.73
N ILE C 290 -4.13 2.86 -26.85
CA ILE C 290 -4.83 1.60 -27.13
C ILE C 290 -4.54 0.57 -26.06
N ALA C 291 -3.28 0.14 -25.93
CA ALA C 291 -2.90 -0.94 -25.03
C ALA C 291 -1.84 -0.50 -24.03
N PRO C 292 -2.19 0.40 -23.11
CA PRO C 292 -1.29 0.66 -21.97
C PRO C 292 -1.24 -0.49 -20.99
N LYS C 293 -2.15 -1.46 -21.12
CA LYS C 293 -2.55 -2.37 -20.05
C LYS C 293 -1.39 -3.09 -19.37
N ARG C 294 -1.30 -2.91 -18.05
CA ARG C 294 -0.43 -3.66 -17.15
C ARG C 294 -1.18 -4.80 -16.49
N GLU C 295 -2.36 -5.13 -17.03
CA GLU C 295 -3.39 -5.97 -16.41
C GLU C 295 -3.95 -5.32 -15.15
N GLU C 296 -4.66 -4.21 -15.33
CA GLU C 296 -5.58 -3.65 -14.35
C GLU C 296 -6.89 -3.38 -15.06
N VAL C 297 -7.82 -2.73 -14.38
CA VAL C 297 -9.10 -2.41 -15.00
C VAL C 297 -9.12 -0.94 -15.43
N GLN C 298 -9.03 -0.73 -16.75
CA GLN C 298 -9.15 0.60 -17.33
C GLN C 298 -10.56 0.82 -17.86
N GLY C 299 -11.43 -0.17 -17.68
CA GLY C 299 -12.76 -0.12 -18.26
C GLY C 299 -12.93 -1.10 -19.40
N GLU C 300 -14.17 -1.32 -19.83
CA GLU C 300 -14.44 -2.32 -20.85
C GLU C 300 -13.94 -1.87 -22.22
N VAL C 301 -13.98 -0.56 -22.50
CA VAL C 301 -13.59 -0.07 -23.81
C VAL C 301 -12.10 -0.30 -24.06
N GLU C 302 -11.29 -0.25 -22.99
CA GLU C 302 -9.86 -0.45 -23.15
C GLU C 302 -9.54 -1.91 -23.45
N ARG C 303 -10.24 -2.83 -22.80
CA ARG C 303 -10.02 -4.25 -23.09
C ARG C 303 -10.66 -4.66 -24.40
N ARG C 304 -11.69 -3.91 -24.84
CA ARG C 304 -12.35 -4.25 -26.10
C ARG C 304 -11.55 -3.77 -27.30
N VAL C 305 -10.91 -2.60 -27.18
CA VAL C 305 -10.18 -2.05 -28.32
C VAL C 305 -8.89 -2.84 -28.56
N VAL C 306 -8.30 -3.38 -27.49
CA VAL C 306 -7.06 -4.15 -27.64
C VAL C 306 -7.37 -5.56 -28.11
N ALA C 307 -8.46 -6.15 -27.61
CA ALA C 307 -8.81 -7.51 -28.03
C ALA C 307 -9.20 -7.55 -29.49
N GLN C 308 -9.80 -6.47 -30.00
CA GLN C 308 -10.14 -6.42 -31.41
C GLN C 308 -8.89 -6.26 -32.27
N LEU C 309 -7.99 -5.35 -31.87
CA LEU C 309 -6.75 -5.15 -32.62
C LEU C 309 -5.93 -6.42 -32.68
N LEU C 310 -6.03 -7.26 -31.65
CA LEU C 310 -5.38 -8.58 -31.70
C LEU C 310 -6.05 -9.46 -32.74
N THR C 311 -7.38 -9.42 -32.81
CA THR C 311 -8.11 -10.24 -33.77
C THR C 311 -8.06 -9.63 -35.17
N LEU C 312 -7.91 -8.31 -35.25
CA LEU C 312 -7.77 -7.67 -36.56
C LEU C 312 -6.52 -8.14 -37.27
N MET C 313 -5.42 -8.30 -36.53
CA MET C 313 -4.21 -8.86 -37.12
C MET C 313 -4.34 -10.37 -37.27
N ASP C 314 -5.08 -11.02 -36.37
CA ASP C 314 -5.33 -12.45 -36.51
C ASP C 314 -6.33 -12.75 -37.61
N GLY C 315 -7.26 -11.82 -37.87
CA GLY C 315 -8.21 -12.03 -38.95
C GLY C 315 -7.56 -12.04 -40.32
N MET C 316 -6.35 -11.50 -40.41
CA MET C 316 -5.60 -11.51 -41.65
C MET C 316 -4.76 -12.76 -41.75
N LYS C 317 -4.73 -13.35 -42.95
CA LYS C 317 -3.89 -14.52 -43.21
C LYS C 317 -2.41 -14.18 -43.15
N GLU C 318 -2.09 -12.89 -42.98
CA GLU C 318 -0.76 -12.28 -43.07
C GLU C 318 -0.45 -11.95 -44.53
N ARG C 319 -1.27 -12.42 -45.46
CA ARG C 319 -1.17 -11.91 -46.81
C ARG C 319 -2.44 -11.17 -47.23
N GLY C 320 -2.40 -9.85 -47.15
CA GLY C 320 -3.13 -8.98 -48.05
C GLY C 320 -2.05 -8.24 -48.79
N HIS C 321 -0.82 -8.67 -48.54
CA HIS C 321 0.42 -7.91 -48.72
C HIS C 321 0.38 -6.59 -47.95
N VAL C 322 0.27 -6.65 -46.63
CA VAL C 322 0.24 -5.47 -45.76
C VAL C 322 1.14 -5.72 -44.56
N ILE C 323 1.64 -4.64 -43.98
CA ILE C 323 2.51 -4.71 -42.80
C ILE C 323 2.00 -3.73 -41.76
N VAL C 324 1.62 -4.26 -40.60
CA VAL C 324 1.15 -3.46 -39.47
C VAL C 324 2.33 -3.17 -38.57
N ILE C 325 2.50 -1.89 -38.21
CA ILE C 325 3.58 -1.47 -37.33
C ILE C 325 2.99 -0.60 -36.22
N GLY C 326 3.81 -0.34 -35.20
CA GLY C 326 3.35 0.41 -34.05
C GLY C 326 4.47 1.22 -33.44
N ALA C 327 4.06 2.22 -32.65
CA ALA C 327 5.01 3.13 -32.01
C ALA C 327 4.45 3.59 -30.68
N THR C 328 5.36 3.92 -29.76
CA THR C 328 4.98 4.38 -28.43
C THR C 328 6.13 5.21 -27.86
N ASN C 329 5.82 5.97 -26.80
CA ASN C 329 6.75 6.92 -26.22
C ASN C 329 8.01 6.24 -25.72
N ARG C 330 7.87 5.19 -24.92
CA ARG C 330 9.03 4.57 -24.28
C ARG C 330 8.92 3.05 -24.26
N ILE C 331 9.83 2.40 -23.55
CA ILE C 331 9.82 0.94 -23.45
C ILE C 331 8.59 0.46 -22.68
N ASP C 332 7.85 1.40 -22.07
CA ASP C 332 6.70 1.09 -21.24
C ASP C 332 5.42 1.54 -21.95
N ALA C 333 4.28 1.39 -21.27
CA ALA C 333 2.96 1.63 -21.85
C ALA C 333 2.76 0.76 -23.08
N ILE C 334 2.77 -0.56 -22.88
CA ILE C 334 2.61 -1.52 -23.95
C ILE C 334 1.99 -2.79 -23.36
N ASP C 335 1.17 -3.48 -24.17
CA ASP C 335 0.57 -4.70 -23.63
C ASP C 335 1.57 -5.85 -23.65
N PRO C 336 1.72 -6.55 -22.54
CA PRO C 336 2.70 -7.65 -22.46
C PRO C 336 2.42 -8.79 -23.42
N ALA C 337 1.16 -9.00 -23.82
CA ALA C 337 0.85 -10.12 -24.70
C ALA C 337 1.21 -9.82 -26.15
N LEU C 338 1.62 -8.57 -26.43
CA LEU C 338 1.94 -8.21 -27.81
C LEU C 338 3.23 -8.88 -28.28
N ARG C 339 4.02 -9.41 -27.35
CA ARG C 339 5.26 -10.07 -27.74
C ARG C 339 5.05 -11.55 -28.01
N ARG C 340 3.84 -12.06 -27.73
CA ARG C 340 3.48 -13.43 -28.03
C ARG C 340 3.38 -13.60 -29.54
N PRO C 341 3.62 -14.82 -30.06
CA PRO C 341 3.45 -15.06 -31.51
C PRO C 341 2.02 -14.84 -31.97
N GLY C 342 1.79 -15.00 -33.28
CA GLY C 342 0.53 -14.65 -33.89
C GLY C 342 0.28 -13.16 -34.00
N ARG C 343 1.21 -12.33 -33.56
CA ARG C 343 1.07 -10.87 -33.53
C ARG C 343 2.48 -10.29 -33.55
N PHE C 344 2.58 -9.01 -33.20
CA PHE C 344 3.83 -8.25 -33.35
C PHE C 344 5.03 -9.03 -32.82
N ASP C 345 6.08 -9.14 -33.64
CA ASP C 345 7.24 -9.95 -33.30
C ASP C 345 8.51 -9.11 -33.22
N ARG C 346 8.88 -8.47 -34.33
CA ARG C 346 10.06 -7.61 -34.38
C ARG C 346 9.80 -6.34 -33.56
N GLU C 347 10.71 -6.02 -32.65
CA GLU C 347 10.67 -4.74 -31.95
C GLU C 347 12.00 -4.03 -32.20
N ILE C 348 11.91 -2.85 -32.82
CA ILE C 348 13.10 -2.04 -33.11
C ILE C 348 13.09 -0.83 -32.19
N GLU C 349 14.05 -0.80 -31.26
CA GLU C 349 14.18 0.30 -30.30
C GLU C 349 14.88 1.47 -30.98
N ILE C 350 14.21 2.61 -30.99
CA ILE C 350 14.76 3.84 -31.55
C ILE C 350 15.37 4.64 -30.41
N GLY C 351 16.68 4.83 -30.44
CA GLY C 351 17.39 5.51 -29.39
C GLY C 351 17.44 7.02 -29.57
N VAL C 352 18.52 7.63 -29.11
CA VAL C 352 18.69 9.09 -29.21
C VAL C 352 19.91 9.34 -30.09
N PRO C 353 20.23 10.59 -30.45
CA PRO C 353 21.40 10.81 -31.31
C PRO C 353 22.70 10.97 -30.54
N ASP C 354 23.79 11.13 -31.28
CA ASP C 354 25.12 11.39 -30.74
C ASP C 354 25.61 12.71 -31.31
N ARG C 355 26.86 13.08 -31.00
CA ARG C 355 27.42 14.31 -31.53
C ARG C 355 27.34 14.34 -33.06
N ASN C 356 27.60 13.20 -33.70
CA ASN C 356 27.44 13.11 -35.15
C ASN C 356 25.98 12.91 -35.52
N GLY C 357 25.23 12.16 -34.70
CA GLY C 357 23.83 11.94 -35.00
C GLY C 357 22.98 13.19 -34.83
N ARG C 358 23.35 14.04 -33.87
CA ARG C 358 22.64 15.30 -33.69
C ARG C 358 22.84 16.22 -34.90
N LYS C 359 24.03 16.19 -35.49
CA LYS C 359 24.29 16.98 -36.68
C LYS C 359 23.38 16.56 -37.83
N GLU C 360 23.07 15.25 -37.91
CA GLU C 360 22.13 14.78 -38.93
C GLU C 360 20.72 15.27 -38.64
N ILE C 361 20.32 15.29 -37.37
CA ILE C 361 19.00 15.80 -37.00
C ILE C 361 18.95 17.32 -37.20
N LEU C 362 20.02 18.02 -36.80
CA LEU C 362 20.07 19.47 -37.01
C LEU C 362 20.07 19.81 -38.50
N MET C 363 20.73 19.00 -39.32
CA MET C 363 20.84 19.31 -40.75
C MET C 363 19.45 19.38 -41.39
N ILE C 364 18.49 18.63 -40.87
CA ILE C 364 17.12 18.71 -41.37
C ILE C 364 16.53 20.08 -41.05
N HIS C 365 16.74 20.55 -39.81
CA HIS C 365 16.20 21.85 -39.42
C HIS C 365 17.22 22.96 -39.59
N THR C 366 18.43 22.64 -40.04
CA THR C 366 19.44 23.66 -40.31
C THR C 366 18.99 24.64 -41.40
N ARG C 367 18.54 24.14 -42.56
CA ARG C 367 18.20 25.02 -43.65
C ARG C 367 16.69 25.10 -43.82
N ASN C 368 16.10 26.09 -43.16
CA ASN C 368 15.00 26.86 -43.72
C ASN C 368 15.51 28.27 -44.00
N MET C 369 16.76 28.51 -43.59
CA MET C 369 17.28 29.83 -43.28
C MET C 369 18.64 30.07 -43.95
N PRO C 370 19.24 31.27 -43.84
CA PRO C 370 20.52 31.50 -44.52
C PRO C 370 21.72 31.09 -43.69
N LEU C 371 21.93 29.79 -43.52
CA LEU C 371 23.15 29.29 -42.91
C LEU C 371 23.95 28.47 -43.91
N GLY C 372 25.10 27.96 -43.48
CA GLY C 372 25.95 27.18 -44.37
C GLY C 372 26.89 26.24 -43.63
N MET C 373 27.34 25.20 -44.33
CA MET C 373 28.29 24.23 -43.78
C MET C 373 29.71 24.46 -44.28
N SER C 374 29.95 24.36 -45.59
CA SER C 374 31.28 24.62 -46.13
C SER C 374 31.55 26.12 -46.19
N GLU C 375 30.49 26.93 -46.31
CA GLU C 375 30.65 28.37 -46.48
C GLU C 375 30.91 29.10 -45.16
N GLU C 376 30.39 28.58 -44.04
CA GLU C 376 30.96 28.90 -42.73
C GLU C 376 31.57 27.64 -42.13
N GLU C 377 32.90 27.59 -42.04
CA GLU C 377 33.60 26.37 -41.68
C GLU C 377 33.36 25.96 -40.23
N LYS C 378 33.40 26.93 -39.31
CA LYS C 378 33.37 26.59 -37.90
C LYS C 378 32.25 27.29 -37.14
N ASN C 379 32.29 28.63 -37.10
CA ASN C 379 31.38 29.43 -36.28
C ASN C 379 29.91 29.05 -36.39
N LYS C 380 29.38 28.87 -37.61
CA LYS C 380 28.01 28.43 -37.77
C LYS C 380 27.84 26.93 -37.98
N PHE C 381 28.92 26.15 -37.94
CA PHE C 381 28.82 24.71 -38.17
C PHE C 381 28.08 24.05 -37.02
N LEU C 382 27.48 22.87 -37.28
CA LEU C 382 26.55 22.29 -36.31
C LEU C 382 27.27 21.68 -35.12
N GLU C 383 28.53 21.27 -35.27
CA GLU C 383 29.22 20.62 -34.16
C GLU C 383 29.47 21.58 -33.01
N GLU C 384 29.71 22.86 -33.30
CA GLU C 384 29.83 23.85 -32.24
C GLU C 384 28.51 24.02 -31.50
N MET C 385 27.40 23.82 -32.20
CA MET C 385 26.09 23.83 -31.54
C MET C 385 25.80 22.49 -30.88
N ALA C 386 26.47 21.43 -31.36
CA ALA C 386 26.19 20.10 -30.83
C ALA C 386 26.86 19.84 -29.49
N ASP C 387 28.08 20.34 -29.31
CA ASP C 387 28.84 20.02 -28.10
C ASP C 387 28.21 20.65 -26.86
N TYR C 388 27.59 21.82 -27.00
CA TYR C 388 26.95 22.46 -25.85
C TYR C 388 25.60 21.84 -25.56
N THR C 389 24.82 21.51 -26.60
CA THR C 389 23.51 20.92 -26.43
C THR C 389 23.60 19.47 -26.00
N TYR C 390 22.83 19.09 -24.99
CA TYR C 390 22.80 17.72 -24.45
C TYR C 390 21.37 17.37 -24.09
N GLY C 391 20.93 16.19 -24.51
CA GLY C 391 19.59 15.73 -24.19
C GLY C 391 18.48 16.49 -24.85
N PHE C 392 18.54 16.60 -26.18
CA PHE C 392 17.48 17.27 -26.94
C PHE C 392 16.94 16.31 -27.99
N VAL C 393 16.02 16.81 -28.80
CA VAL C 393 15.38 16.01 -29.83
C VAL C 393 14.89 16.97 -30.92
N GLY C 394 14.56 16.40 -32.09
CA GLY C 394 14.28 17.21 -33.26
C GLY C 394 13.25 18.29 -33.03
N ALA C 395 12.08 17.92 -32.51
CA ALA C 395 11.03 18.90 -32.26
C ALA C 395 11.46 19.89 -31.18
N ASP C 396 12.16 19.41 -30.15
CA ASP C 396 12.70 20.32 -29.14
C ASP C 396 13.74 21.25 -29.77
N LEU C 397 14.61 20.70 -30.62
CA LEU C 397 15.56 21.54 -31.34
C LEU C 397 14.84 22.45 -32.33
N ALA C 398 13.76 21.96 -32.95
CA ALA C 398 12.99 22.81 -33.86
C ALA C 398 12.32 23.96 -33.11
N ALA C 399 11.71 23.66 -31.97
CA ALA C 399 11.08 24.71 -31.18
C ALA C 399 12.13 25.58 -30.50
N LEU C 400 13.33 25.04 -30.25
CA LEU C 400 14.39 25.83 -29.65
C LEU C 400 14.92 26.86 -30.63
N VAL C 401 15.18 26.45 -31.88
CA VAL C 401 15.67 27.38 -32.88
C VAL C 401 14.56 28.35 -33.29
N ARG C 402 13.31 27.89 -33.28
CA ARG C 402 12.19 28.79 -33.54
C ARG C 402 12.08 29.84 -32.45
N GLU C 403 12.26 29.42 -31.19
CA GLU C 403 12.36 30.40 -30.11
C GLU C 403 13.64 31.22 -30.25
N SER C 404 14.72 30.59 -30.75
CA SER C 404 15.94 31.33 -31.03
C SER C 404 15.81 32.17 -32.28
N ALA C 405 14.84 31.85 -33.14
CA ALA C 405 14.53 32.72 -34.27
C ALA C 405 13.94 34.02 -33.79
N MET C 406 13.17 33.99 -32.69
CA MET C 406 12.63 35.22 -32.13
C MET C 406 13.74 36.12 -31.62
N ASN C 407 14.87 35.54 -31.20
CA ASN C 407 16.05 36.34 -30.91
C ASN C 407 16.51 37.09 -32.17
N ALA C 408 16.48 36.41 -33.32
CA ALA C 408 16.76 37.09 -34.57
C ALA C 408 15.65 38.08 -34.93
N LEU C 409 14.42 37.79 -34.51
CA LEU C 409 13.35 38.76 -34.71
C LEU C 409 13.53 39.98 -33.80
N ARG C 410 13.64 39.74 -32.49
CA ARG C 410 13.65 40.87 -31.55
C ARG C 410 14.81 41.83 -31.80
N ARG C 411 15.85 41.38 -32.51
CA ARG C 411 16.94 42.29 -32.86
C ARG C 411 16.65 42.99 -34.18
N TYR C 412 15.62 42.53 -34.90
CA TYR C 412 15.32 43.09 -36.22
C TYR C 412 13.85 43.48 -36.37
N LEU C 413 12.95 42.49 -36.34
CA LEU C 413 11.62 42.69 -36.91
C LEU C 413 10.77 43.72 -36.17
N PRO C 414 10.54 43.61 -34.85
CA PRO C 414 9.54 44.51 -34.22
C PRO C 414 9.89 45.99 -34.31
N GLU C 415 11.14 46.37 -34.03
CA GLU C 415 11.45 47.80 -33.93
C GLU C 415 11.80 48.39 -35.29
N ILE C 416 11.74 47.60 -36.35
CA ILE C 416 12.04 48.13 -37.68
C ILE C 416 10.80 48.11 -38.56
N ASP C 417 10.35 46.92 -38.96
CA ASP C 417 9.23 46.81 -39.89
C ASP C 417 8.09 46.05 -39.21
N LEU C 418 7.02 46.78 -38.90
CA LEU C 418 5.79 46.18 -38.43
C LEU C 418 4.77 46.07 -39.57
N ASP C 419 5.14 46.56 -40.75
CA ASP C 419 4.20 46.64 -41.86
C ASP C 419 3.90 45.25 -42.42
N LYS C 420 2.66 45.08 -42.88
CA LYS C 420 2.23 43.83 -43.50
C LYS C 420 2.93 43.62 -44.84
N PRO C 421 3.03 44.62 -45.71
CA PRO C 421 3.90 44.47 -46.89
C PRO C 421 5.35 44.28 -46.47
N ILE C 422 5.97 43.28 -47.07
CA ILE C 422 7.35 42.90 -46.73
C ILE C 422 8.32 43.72 -47.58
N PRO C 423 9.13 44.57 -46.98
CA PRO C 423 10.08 45.38 -47.76
C PRO C 423 11.16 44.51 -48.38
N THR C 424 11.85 45.07 -49.39
CA THR C 424 12.95 44.35 -50.02
C THR C 424 14.24 44.51 -49.21
N GLU C 425 14.29 45.54 -48.34
CA GLU C 425 15.51 45.79 -47.57
C GLU C 425 15.61 44.85 -46.38
N ILE C 426 14.47 44.40 -45.84
CA ILE C 426 14.49 43.55 -44.66
C ILE C 426 15.03 42.17 -45.01
N LEU C 427 15.13 41.86 -46.31
CA LEU C 427 15.58 40.54 -46.73
C LEU C 427 17.08 40.38 -46.57
N GLU C 428 17.85 41.45 -46.85
CA GLU C 428 19.29 41.39 -46.64
C GLU C 428 19.62 41.40 -45.14
N LYS C 429 18.70 41.91 -44.33
CA LYS C 429 18.98 42.08 -42.91
C LYS C 429 18.85 40.75 -42.16
N MET C 430 18.37 39.71 -42.84
CA MET C 430 18.10 38.44 -42.18
C MET C 430 19.33 37.54 -42.23
N VAL C 431 19.95 37.34 -41.08
CA VAL C 431 21.04 36.39 -40.89
C VAL C 431 20.85 35.75 -39.52
N VAL C 432 21.72 34.82 -39.14
CA VAL C 432 21.70 34.21 -37.82
C VAL C 432 23.10 34.22 -37.23
N THR C 433 23.25 34.96 -36.14
CA THR C 433 24.47 34.96 -35.35
C THR C 433 24.38 33.87 -34.30
N GLU C 434 25.51 33.25 -33.98
CA GLU C 434 25.53 32.17 -33.00
C GLU C 434 25.00 32.60 -31.65
N ASP C 435 25.04 33.91 -31.35
CA ASP C 435 24.56 34.39 -30.04
C ASP C 435 23.09 34.09 -29.83
N ASP C 436 22.30 34.05 -30.91
CA ASP C 436 20.89 33.71 -30.77
C ASP C 436 20.71 32.28 -30.27
N PHE C 437 21.56 31.36 -30.73
CA PHE C 437 21.47 29.99 -30.25
C PHE C 437 22.13 29.83 -28.88
N LYS C 438 23.06 30.73 -28.55
CA LYS C 438 23.70 30.67 -27.24
C LYS C 438 22.80 31.27 -26.16
N ASN C 439 22.01 32.27 -26.51
CA ASN C 439 21.10 32.87 -25.53
C ASN C 439 20.04 31.89 -25.08
N ALA C 440 19.65 30.95 -25.94
CA ALA C 440 18.69 29.93 -25.54
C ALA C 440 19.34 28.88 -24.65
N LEU C 441 20.67 28.69 -24.79
CA LEU C 441 21.37 27.76 -23.92
C LEU C 441 21.47 28.30 -22.50
N LYS C 442 21.64 29.61 -22.36
CA LYS C 442 21.66 30.21 -21.02
C LYS C 442 20.28 30.27 -20.42
N SER C 443 19.26 30.50 -21.25
CA SER C 443 17.88 30.51 -20.77
C SER C 443 17.43 29.10 -20.44
N ILE C 444 16.33 29.01 -19.68
CA ILE C 444 15.96 27.77 -18.99
C ILE C 444 15.41 26.68 -19.90
N GLU C 445 15.23 26.95 -21.20
CA GLU C 445 14.57 25.99 -22.09
C GLU C 445 15.17 24.58 -22.04
N PRO C 446 16.52 24.41 -22.03
CA PRO C 446 17.07 23.04 -21.96
C PRO C 446 16.62 22.25 -20.75
N SER C 447 16.10 21.05 -20.97
CA SER C 447 15.76 20.11 -19.92
C SER C 447 15.98 18.70 -20.43
N SER C 448 16.60 17.84 -19.62
CA SER C 448 16.82 16.46 -19.99
C SER C 448 16.18 15.54 -18.97
N LEU C 449 15.10 14.86 -19.37
CA LEU C 449 14.44 13.88 -18.52
C LEU C 449 14.88 12.46 -18.88
N ARG C 450 15.76 12.32 -19.87
CA ARG C 450 16.09 11.01 -20.41
C ARG C 450 16.94 10.22 -19.42
N GLU C 451 16.44 9.04 -19.03
CA GLU C 451 17.16 8.18 -18.10
C GLU C 451 18.51 7.75 -18.68
N VAL C 452 18.49 6.94 -19.72
CA VAL C 452 19.69 6.33 -20.27
C VAL C 452 20.25 7.20 -21.38
N MET C 453 21.52 7.57 -21.24
CA MET C 453 22.21 8.37 -22.24
C MET C 453 23.64 7.86 -22.37
N VAL C 454 24.28 8.18 -23.49
CA VAL C 454 25.68 7.86 -23.74
C VAL C 454 26.39 9.13 -24.18
N GLU C 455 27.70 9.02 -24.39
CA GLU C 455 28.51 10.17 -24.80
C GLU C 455 29.83 9.67 -25.37
N VAL C 456 30.64 10.62 -25.85
CA VAL C 456 32.01 10.37 -26.31
C VAL C 456 32.87 11.54 -25.85
N PRO C 457 34.14 11.32 -25.48
CA PRO C 457 34.94 12.43 -24.96
C PRO C 457 35.71 13.20 -26.02
N ASN C 458 36.32 14.32 -25.62
CA ASN C 458 37.22 15.08 -26.47
C ASN C 458 38.70 14.86 -26.13
N VAL C 459 38.97 14.07 -25.09
CA VAL C 459 40.30 14.07 -24.49
C VAL C 459 41.26 13.20 -25.31
N HIS C 460 42.42 13.78 -25.63
CA HIS C 460 43.48 13.07 -26.32
C HIS C 460 44.67 12.94 -25.38
N TRP C 461 45.74 12.33 -25.89
CA TRP C 461 46.93 12.13 -25.06
C TRP C 461 47.86 13.34 -25.09
N ASP C 462 47.51 14.37 -25.87
CA ASP C 462 48.33 15.58 -25.89
C ASP C 462 48.17 16.37 -24.60
N ASP C 463 47.00 16.29 -23.98
CA ASP C 463 46.78 16.98 -22.71
C ASP C 463 47.18 16.10 -21.52
N ILE C 464 47.53 14.85 -21.78
CA ILE C 464 47.89 13.92 -20.71
C ILE C 464 49.35 14.14 -20.31
N GLY C 465 49.61 13.95 -19.02
CA GLY C 465 50.92 14.14 -18.44
C GLY C 465 51.75 12.87 -18.42
N GLY C 466 52.53 12.69 -17.36
CA GLY C 466 53.42 11.56 -17.23
C GLY C 466 52.69 10.27 -16.89
N LEU C 467 53.38 9.33 -16.26
CA LEU C 467 52.87 7.99 -15.98
C LEU C 467 52.68 7.21 -17.28
N GLU C 468 53.70 7.30 -18.14
CA GLU C 468 53.66 6.58 -19.41
C GLU C 468 53.76 5.07 -19.22
N ASP C 469 54.15 4.61 -18.03
CA ASP C 469 54.18 3.17 -17.76
C ASP C 469 52.78 2.58 -17.80
N VAL C 470 51.79 3.32 -17.29
CA VAL C 470 50.41 2.87 -17.38
C VAL C 470 49.85 3.12 -18.77
N LYS C 471 50.36 4.14 -19.46
CA LYS C 471 49.91 4.45 -20.82
C LYS C 471 50.01 3.24 -21.72
N ARG C 472 51.23 2.74 -21.94
CA ARG C 472 51.41 1.54 -22.76
C ARG C 472 50.75 0.32 -22.10
N GLU C 473 50.51 0.39 -20.79
CA GLU C 473 49.82 -0.70 -20.12
C GLU C 473 48.32 -0.66 -20.39
N ILE C 474 47.76 0.54 -20.52
CA ILE C 474 46.36 0.67 -20.92
C ILE C 474 46.18 0.17 -22.34
N LYS C 475 47.13 0.48 -23.22
CA LYS C 475 47.10 -0.07 -24.57
C LYS C 475 47.22 -1.59 -24.54
N GLU C 476 48.01 -2.12 -23.61
CA GLU C 476 48.15 -3.57 -23.48
C GLU C 476 46.82 -4.24 -23.21
N THR C 477 46.13 -3.81 -22.16
CA THR C 477 44.82 -4.37 -21.83
C THR C 477 43.81 -4.16 -22.96
N VAL C 478 43.48 -2.90 -23.26
CA VAL C 478 42.30 -2.61 -24.07
C VAL C 478 42.56 -2.87 -25.55
N GLU C 479 43.68 -2.34 -26.08
CA GLU C 479 43.80 -2.23 -27.53
C GLU C 479 44.25 -3.54 -28.18
N LEU C 480 44.88 -4.43 -27.42
CA LEU C 480 45.38 -5.67 -28.02
C LEU C 480 44.27 -6.60 -28.50
N PRO C 481 43.24 -6.93 -27.72
CA PRO C 481 42.27 -7.93 -28.18
C PRO C 481 41.52 -7.55 -29.44
N LEU C 482 41.54 -6.28 -29.85
CA LEU C 482 40.79 -5.87 -31.02
C LEU C 482 41.48 -6.32 -32.31
N LEU C 483 42.76 -5.97 -32.48
CA LEU C 483 43.47 -6.25 -33.71
C LEU C 483 44.00 -7.67 -33.75
N LYS C 484 44.53 -8.15 -32.61
CA LYS C 484 45.23 -9.43 -32.45
C LYS C 484 44.48 -10.75 -32.67
N PRO C 485 43.13 -10.87 -32.44
CA PRO C 485 42.58 -12.15 -31.96
C PRO C 485 43.12 -13.43 -32.61
N ASP C 486 43.55 -13.39 -33.88
CA ASP C 486 44.21 -14.57 -34.44
C ASP C 486 45.53 -14.83 -33.73
N VAL C 487 46.13 -13.78 -33.16
CA VAL C 487 47.27 -13.96 -32.26
C VAL C 487 46.80 -14.37 -30.88
N PHE C 488 45.64 -13.86 -30.45
CA PHE C 488 45.07 -14.26 -29.17
C PHE C 488 44.80 -15.76 -29.12
N LYS C 489 44.44 -16.35 -30.27
CA LYS C 489 44.21 -17.79 -30.32
C LYS C 489 45.53 -18.55 -30.38
N ARG C 490 46.63 -17.87 -30.70
CA ARG C 490 47.93 -18.53 -30.77
C ARG C 490 48.45 -18.83 -29.37
N LEU C 491 48.37 -17.86 -28.47
CA LEU C 491 48.81 -18.08 -27.10
C LEU C 491 47.80 -18.93 -26.33
N GLY C 492 46.52 -18.71 -26.57
CA GLY C 492 45.48 -19.50 -25.93
C GLY C 492 45.21 -19.11 -24.49
N ILE C 493 45.50 -17.86 -24.14
CA ILE C 493 45.25 -17.36 -22.80
C ILE C 493 43.75 -17.20 -22.59
N ARG C 494 43.32 -17.18 -21.33
CA ARG C 494 41.91 -17.12 -21.00
C ARG C 494 41.37 -15.71 -21.19
N PRO C 495 40.05 -15.49 -21.06
CA PRO C 495 39.53 -14.11 -21.14
C PRO C 495 39.59 -13.38 -19.80
N SER C 496 39.03 -12.17 -19.75
CA SER C 496 39.04 -11.33 -18.57
C SER C 496 38.23 -10.07 -18.81
N LYS C 497 37.89 -9.34 -17.74
CA LYS C 497 37.05 -8.16 -17.85
C LYS C 497 37.88 -6.91 -18.07
N GLY C 498 38.60 -6.48 -17.04
CA GLY C 498 39.42 -5.28 -17.17
C GLY C 498 40.03 -4.90 -15.85
N PHE C 499 40.95 -3.94 -15.91
CA PHE C 499 41.72 -3.48 -14.77
C PHE C 499 40.85 -2.59 -13.89
N LEU C 500 41.48 -2.02 -12.86
CA LEU C 500 40.80 -1.13 -11.92
C LEU C 500 41.80 -0.10 -11.42
N LEU C 501 41.30 1.09 -11.10
CA LEU C 501 42.18 2.19 -10.71
C LEU C 501 41.90 2.63 -9.28
N TYR C 502 42.90 3.27 -8.66
CA TYR C 502 42.71 3.88 -7.36
C TYR C 502 43.63 5.08 -7.22
N GLY C 503 43.13 6.12 -6.56
CA GLY C 503 43.86 7.35 -6.35
C GLY C 503 42.92 8.48 -5.96
N PRO C 504 43.49 9.60 -5.52
CA PRO C 504 42.65 10.76 -5.13
C PRO C 504 41.74 11.17 -6.27
N PRO C 505 40.56 11.72 -5.97
CA PRO C 505 39.51 11.82 -6.99
C PRO C 505 39.91 12.71 -8.16
N GLY C 506 39.77 12.17 -9.37
CA GLY C 506 39.95 12.92 -10.59
C GLY C 506 41.31 13.55 -10.78
N VAL C 507 42.36 13.00 -10.16
CA VAL C 507 43.68 13.58 -10.33
C VAL C 507 44.09 13.58 -11.80
N GLY C 508 44.51 12.43 -12.33
CA GLY C 508 44.48 12.17 -13.75
C GLY C 508 43.45 11.10 -14.07
N LYS C 509 42.93 10.48 -13.00
CA LYS C 509 42.23 9.20 -13.14
C LYS C 509 40.96 9.33 -13.96
N THR C 510 40.18 10.40 -13.74
CA THR C 510 39.01 10.62 -14.57
C THR C 510 39.41 11.05 -15.98
N LEU C 511 40.57 11.70 -16.11
CA LEU C 511 41.03 12.12 -17.43
C LEU C 511 41.71 10.97 -18.17
N LEU C 512 42.43 10.11 -17.45
CA LEU C 512 43.16 9.02 -18.09
C LEU C 512 42.21 8.04 -18.76
N ALA C 513 41.20 7.55 -18.02
CA ALA C 513 40.23 6.65 -18.62
C ALA C 513 39.37 7.36 -19.65
N LYS C 514 39.34 8.69 -19.59
CA LYS C 514 38.58 9.47 -20.58
C LYS C 514 39.39 9.65 -21.86
N ALA C 515 40.72 9.52 -21.77
CA ALA C 515 41.57 9.73 -22.93
C ALA C 515 41.60 8.50 -23.83
N VAL C 516 41.47 7.30 -23.24
CA VAL C 516 41.64 6.07 -24.01
C VAL C 516 40.47 5.86 -24.96
N ALA C 517 39.30 6.41 -24.62
CA ALA C 517 38.12 6.21 -25.45
C ALA C 517 38.25 6.93 -26.80
N THR C 518 38.96 8.05 -26.83
CA THR C 518 39.09 8.81 -28.08
C THR C 518 40.13 8.19 -28.99
N GLU C 519 41.26 7.75 -28.43
CA GLU C 519 42.33 7.18 -29.26
C GLU C 519 41.86 5.93 -30.00
N SER C 520 41.22 5.00 -29.27
CA SER C 520 40.70 3.79 -29.90
C SER C 520 39.53 4.07 -30.83
N ASN C 521 39.02 5.30 -30.84
CA ASN C 521 37.89 5.70 -31.68
C ASN C 521 36.63 4.89 -31.34
N ALA C 522 36.54 4.43 -30.11
CA ALA C 522 35.36 3.72 -29.62
C ALA C 522 34.47 4.68 -28.85
N ASN C 523 33.34 4.15 -28.37
CA ASN C 523 32.40 4.95 -27.60
C ASN C 523 32.83 4.97 -26.14
N PHE C 524 32.10 5.72 -25.31
CA PHE C 524 32.46 5.87 -23.91
C PHE C 524 31.19 5.77 -23.07
N ILE C 525 31.14 4.79 -22.19
CA ILE C 525 29.99 4.59 -21.29
C ILE C 525 30.48 4.83 -19.87
N SER C 526 29.94 5.87 -19.22
CA SER C 526 30.35 6.25 -17.88
C SER C 526 29.23 5.92 -16.90
N ILE C 527 29.55 5.13 -15.89
CA ILE C 527 28.64 4.87 -14.77
C ILE C 527 29.31 5.46 -13.53
N LYS C 528 28.75 6.56 -13.03
CA LYS C 528 29.40 7.33 -11.98
C LYS C 528 28.41 7.56 -10.85
N GLY C 529 28.96 7.84 -9.66
CA GLY C 529 28.15 8.01 -8.47
C GLY C 529 27.05 9.05 -8.61
N PRO C 530 27.41 10.29 -8.95
CA PRO C 530 26.36 11.28 -9.23
C PRO C 530 25.52 10.92 -10.45
N GLU C 531 26.04 10.08 -11.34
CA GLU C 531 25.24 9.60 -12.46
C GLU C 531 24.31 8.47 -12.03
N VAL C 532 24.75 7.66 -11.07
CA VAL C 532 23.91 6.57 -10.57
C VAL C 532 22.84 7.10 -9.62
N LEU C 533 23.21 8.07 -8.77
CA LEU C 533 22.24 8.65 -7.86
C LEU C 533 21.08 9.29 -8.60
N SER C 534 21.26 9.58 -9.89
CA SER C 534 20.13 9.99 -10.72
C SER C 534 19.32 8.78 -11.17
N LYS C 535 19.95 7.60 -11.24
CA LYS C 535 19.27 6.43 -11.79
C LYS C 535 18.29 5.83 -10.78
N TRP C 536 18.74 5.55 -9.55
CA TRP C 536 17.91 4.77 -8.64
C TRP C 536 16.87 5.63 -7.93
N VAL C 537 16.95 6.95 -8.10
CA VAL C 537 15.89 7.82 -7.60
C VAL C 537 14.70 7.81 -8.56
N GLY C 538 14.98 7.79 -9.87
CA GLY C 538 13.92 7.76 -10.86
C GLY C 538 13.50 6.37 -11.28
N GLU C 539 13.78 5.36 -10.45
CA GLU C 539 13.45 3.96 -10.70
C GLU C 539 14.17 3.41 -11.93
N SER C 540 15.39 3.88 -12.19
CA SER C 540 16.16 3.39 -13.34
C SER C 540 17.14 2.31 -12.93
N GLU C 541 17.14 1.92 -11.65
CA GLU C 541 18.04 0.86 -11.21
C GLU C 541 17.74 -0.47 -11.88
N LYS C 542 16.50 -0.67 -12.32
CA LYS C 542 16.19 -1.84 -13.14
C LYS C 542 16.67 -1.65 -14.57
N ALA C 543 16.72 -0.39 -15.03
CA ALA C 543 17.23 -0.12 -16.36
C ALA C 543 18.75 -0.31 -16.44
N ILE C 544 19.41 -0.41 -15.28
CA ILE C 544 20.84 -0.72 -15.27
C ILE C 544 21.08 -2.09 -15.90
N ARG C 545 20.14 -3.02 -15.70
CA ARG C 545 20.19 -4.29 -16.40
C ARG C 545 20.11 -4.08 -17.91
N GLU C 546 19.34 -3.09 -18.35
CA GLU C 546 19.25 -2.80 -19.78
C GLU C 546 20.51 -2.08 -20.27
N ILE C 547 21.10 -1.23 -19.43
CA ILE C 547 22.37 -0.59 -19.78
C ILE C 547 23.44 -1.65 -20.02
N PHE C 548 23.40 -2.75 -19.28
CA PHE C 548 24.30 -3.87 -19.56
C PHE C 548 24.05 -4.42 -20.95
N LYS C 549 22.78 -4.63 -21.32
CA LYS C 549 22.46 -5.09 -22.66
C LYS C 549 22.63 -3.97 -23.68
N LYS C 550 22.66 -2.71 -23.22
CA LYS C 550 22.84 -1.59 -24.12
C LYS C 550 24.28 -1.50 -24.60
N ALA C 551 25.22 -2.08 -23.84
CA ALA C 551 26.64 -1.91 -24.15
C ALA C 551 27.08 -2.81 -25.31
N LYS C 552 26.31 -3.85 -25.60
CA LYS C 552 26.77 -4.83 -26.59
C LYS C 552 26.54 -4.33 -28.02
N GLN C 553 25.46 -3.56 -28.25
CA GLN C 553 25.26 -3.03 -29.59
C GLN C 553 26.15 -1.83 -29.86
N VAL C 554 26.29 -0.93 -28.89
CA VAL C 554 27.13 0.26 -29.01
C VAL C 554 28.60 -0.11 -29.06
N ALA C 555 28.95 -1.36 -28.76
CA ALA C 555 30.33 -1.84 -28.80
C ALA C 555 30.96 -1.63 -30.18
N PRO C 556 32.29 -1.40 -30.21
CA PRO C 556 33.22 -1.29 -29.08
C PRO C 556 32.97 -0.05 -28.21
N ALA C 557 32.88 -0.27 -26.90
CA ALA C 557 32.73 0.80 -25.92
C ALA C 557 33.29 0.32 -24.59
N ILE C 558 33.83 1.24 -23.81
CA ILE C 558 34.37 0.94 -22.49
C ILE C 558 33.31 1.31 -21.46
N VAL C 559 33.17 0.49 -20.43
CA VAL C 559 32.23 0.75 -19.34
C VAL C 559 33.03 1.23 -18.12
N PHE C 560 32.67 2.41 -17.62
CA PHE C 560 33.41 3.08 -16.56
C PHE C 560 32.51 3.17 -15.33
N LEU C 561 32.83 2.38 -14.30
CA LEU C 561 31.95 2.19 -13.15
C LEU C 561 32.68 2.60 -11.88
N ASP C 562 32.20 3.68 -11.24
CA ASP C 562 32.86 4.21 -10.05
C ASP C 562 31.85 4.53 -8.96
N GLU C 563 32.25 4.29 -7.70
CA GLU C 563 31.51 4.61 -6.48
C GLU C 563 30.03 4.21 -6.49
N ILE C 564 29.70 3.09 -7.10
CA ILE C 564 28.38 2.50 -6.87
C ILE C 564 28.47 1.73 -5.57
N ASP C 565 29.66 1.19 -5.29
CA ASP C 565 29.86 0.41 -4.08
C ASP C 565 29.96 1.30 -2.84
N SER C 566 29.94 2.61 -3.03
CA SER C 566 30.04 3.53 -1.88
C SER C 566 28.83 3.39 -0.97
N ILE C 567 27.69 2.99 -1.52
CA ILE C 567 26.49 2.83 -0.70
C ILE C 567 26.38 1.40 -0.18
N ALA C 568 27.33 0.54 -0.52
CA ALA C 568 27.33 -0.83 -0.03
C ALA C 568 27.63 -0.95 1.46
N PRO C 569 28.68 -0.33 2.02
CA PRO C 569 29.05 -0.64 3.41
C PRO C 569 28.04 -0.17 4.45
N ARG C 570 27.12 0.73 4.10
CA ARG C 570 26.23 1.28 5.12
C ARG C 570 25.23 0.24 5.61
N ARG C 571 24.77 -0.65 4.72
CA ARG C 571 23.85 -1.69 5.14
C ARG C 571 24.57 -2.83 5.85
N GLY C 572 25.74 -3.23 5.34
CA GLY C 572 26.56 -4.24 5.99
C GLY C 572 28.02 -4.02 5.65
N THR C 573 28.91 -4.51 6.50
CA THR C 573 30.32 -4.16 6.35
C THR C 573 30.94 -4.88 5.17
N THR C 574 31.44 -4.10 4.20
CA THR C 574 32.13 -4.69 3.07
C THR C 574 33.40 -3.91 2.71
N SER C 575 34.55 -4.58 2.84
CA SER C 575 35.79 -4.18 2.22
C SER C 575 36.47 -5.34 1.51
N ASP C 576 37.00 -6.28 2.27
CA ASP C 576 37.23 -7.62 1.75
C ASP C 576 36.14 -8.61 2.16
N SER C 577 35.13 -8.19 2.91
CA SER C 577 34.10 -9.08 3.44
C SER C 577 33.11 -9.48 2.35
N GLY C 578 32.64 -8.48 1.60
CA GLY C 578 31.76 -8.70 0.48
C GLY C 578 30.28 -8.92 0.75
N VAL C 579 29.71 -8.11 1.65
CA VAL C 579 28.26 -8.03 1.83
C VAL C 579 27.85 -6.64 1.39
N THR C 580 27.17 -6.53 0.24
CA THR C 580 27.05 -5.23 -0.40
C THR C 580 25.68 -4.55 -0.25
N GLU C 581 24.68 -4.96 -1.04
CA GLU C 581 23.41 -4.24 -1.12
C GLU C 581 22.51 -4.92 -2.15
N ARG C 582 21.21 -4.64 -2.13
CA ARG C 582 20.26 -5.41 -2.94
C ARG C 582 20.33 -5.02 -4.41
N ILE C 583 20.55 -3.74 -4.72
CA ILE C 583 20.62 -3.32 -6.12
C ILE C 583 22.01 -3.60 -6.68
N VAL C 584 23.04 -3.55 -5.83
CA VAL C 584 24.41 -3.69 -6.30
C VAL C 584 24.68 -5.12 -6.76
N ASN C 585 23.95 -6.10 -6.19
CA ASN C 585 24.16 -7.48 -6.61
C ASN C 585 23.74 -7.69 -8.07
N GLN C 586 22.89 -6.78 -8.59
CA GLN C 586 22.58 -6.81 -10.01
C GLN C 586 23.80 -6.47 -10.85
N LEU C 587 24.71 -5.66 -10.29
CA LEU C 587 26.00 -5.43 -10.93
C LEU C 587 26.85 -6.68 -10.85
N LEU C 588 26.97 -7.25 -9.66
CA LEU C 588 27.80 -8.44 -9.44
C LEU C 588 27.35 -9.60 -10.34
N THR C 589 26.12 -10.06 -10.15
CA THR C 589 25.63 -11.24 -10.87
C THR C 589 25.74 -11.05 -12.38
N SER C 590 25.53 -9.83 -12.86
CA SER C 590 25.61 -9.57 -14.29
C SER C 590 27.03 -9.76 -14.82
N LEU C 591 28.02 -9.24 -14.09
CA LEU C 591 29.42 -9.40 -14.52
C LEU C 591 29.83 -10.87 -14.54
N ASP C 592 29.14 -11.71 -13.76
CA ASP C 592 29.40 -13.13 -13.78
C ASP C 592 28.77 -13.80 -15.00
N GLY C 593 27.61 -13.29 -15.43
CA GLY C 593 26.88 -13.95 -16.50
C GLY C 593 27.02 -13.26 -17.84
N ILE C 594 27.64 -12.08 -17.86
CA ILE C 594 27.81 -11.35 -19.12
C ILE C 594 28.86 -12.05 -19.96
N GLU C 595 28.66 -12.08 -21.27
CA GLU C 595 29.54 -12.79 -22.18
C GLU C 595 30.84 -12.01 -22.34
N VAL C 596 31.96 -12.73 -22.38
CA VAL C 596 33.28 -12.12 -22.59
C VAL C 596 33.51 -11.96 -24.08
N MET C 597 34.75 -11.62 -24.47
CA MET C 597 35.16 -11.51 -25.86
C MET C 597 34.49 -10.34 -26.57
N ASN C 598 33.57 -9.67 -25.89
CA ASN C 598 32.84 -8.55 -26.47
C ASN C 598 33.76 -7.33 -26.56
N GLY C 599 33.26 -6.23 -27.11
CA GLY C 599 34.05 -5.02 -27.21
C GLY C 599 33.98 -4.15 -25.97
N VAL C 600 33.40 -4.69 -24.90
CA VAL C 600 33.25 -3.97 -23.64
C VAL C 600 34.51 -4.13 -22.82
N VAL C 601 34.90 -3.06 -22.12
CA VAL C 601 36.09 -3.05 -21.27
C VAL C 601 35.67 -2.55 -19.89
N VAL C 602 35.79 -3.41 -18.89
CA VAL C 602 35.37 -3.12 -17.52
C VAL C 602 36.45 -2.27 -16.87
N ILE C 603 36.06 -1.11 -16.34
CA ILE C 603 36.97 -0.17 -15.70
C ILE C 603 36.32 0.34 -14.43
N GLY C 604 37.11 0.51 -13.38
CA GLY C 604 36.62 1.06 -12.11
C GLY C 604 37.70 1.87 -11.43
N ALA C 605 37.28 2.71 -10.48
CA ALA C 605 38.17 3.64 -9.79
C ALA C 605 37.59 4.05 -8.46
N THR C 606 38.46 4.60 -7.59
CA THR C 606 38.10 4.97 -6.22
C THR C 606 39.28 5.64 -5.51
N ASN C 607 39.01 6.34 -4.41
CA ASN C 607 40.07 7.09 -3.74
C ASN C 607 41.04 6.17 -3.02
N ARG C 608 40.55 5.34 -2.11
CA ARG C 608 41.26 4.24 -1.52
C ARG C 608 40.21 3.17 -1.69
N PRO C 609 40.57 1.94 -2.04
CA PRO C 609 39.53 1.00 -2.48
C PRO C 609 38.51 0.69 -1.40
N ASP C 610 38.97 0.14 -0.27
CA ASP C 610 38.32 0.07 1.05
C ASP C 610 36.82 -0.24 1.01
N ILE C 611 36.29 -0.56 -0.16
CA ILE C 611 34.97 -1.16 -0.35
C ILE C 611 35.07 -2.07 -1.56
N MET C 612 34.73 -3.35 -1.38
CA MET C 612 34.87 -4.38 -2.41
C MET C 612 34.28 -5.68 -1.90
N ASP C 613 34.22 -6.67 -2.78
CA ASP C 613 33.82 -8.03 -2.45
C ASP C 613 35.00 -8.93 -2.76
N PRO C 614 35.17 -10.04 -2.02
CA PRO C 614 36.21 -11.01 -2.39
C PRO C 614 35.96 -11.62 -3.76
N ALA C 615 34.72 -11.56 -4.27
CA ALA C 615 34.44 -11.95 -5.63
C ALA C 615 34.89 -10.88 -6.61
N LEU C 616 34.84 -9.61 -6.21
CA LEU C 616 35.32 -8.54 -7.07
C LEU C 616 36.82 -8.64 -7.29
N LEU C 617 37.53 -9.26 -6.33
CA LEU C 617 38.96 -9.49 -6.53
C LEU C 617 39.21 -10.72 -7.41
N ARG C 618 38.29 -11.68 -7.38
CA ARG C 618 38.43 -12.88 -8.20
C ARG C 618 38.17 -12.56 -9.67
N ALA C 619 38.59 -13.47 -10.55
CA ALA C 619 38.51 -13.26 -11.98
C ALA C 619 37.06 -13.34 -12.46
N GLY C 620 36.88 -13.16 -13.77
CA GLY C 620 35.56 -12.94 -14.34
C GLY C 620 34.90 -11.66 -13.89
N ARG C 621 35.65 -10.77 -13.24
CA ARG C 621 35.15 -9.60 -12.53
C ARG C 621 36.29 -8.60 -12.49
N PHE C 622 36.20 -7.62 -11.60
CA PHE C 622 37.27 -6.64 -11.43
C PHE C 622 38.60 -7.37 -11.20
N ASP C 623 39.68 -6.73 -11.66
CA ASP C 623 40.95 -7.42 -11.83
C ASP C 623 42.13 -6.60 -11.31
N LYS C 624 43.34 -7.03 -11.67
CA LYS C 624 44.57 -6.57 -11.05
C LYS C 624 44.65 -5.05 -10.95
N LEU C 625 44.98 -4.55 -9.77
CA LEU C 625 44.97 -3.12 -9.50
C LEU C 625 46.06 -2.43 -10.30
N ILE C 626 45.80 -1.18 -10.69
CA ILE C 626 46.77 -0.33 -11.38
C ILE C 626 47.11 0.82 -10.46
N TYR C 627 48.35 0.83 -9.96
CA TYR C 627 48.81 1.85 -9.02
C TYR C 627 49.08 3.15 -9.75
N ILE C 628 48.44 4.22 -9.30
CA ILE C 628 48.65 5.56 -9.84
C ILE C 628 49.65 6.28 -8.94
N PRO C 629 50.89 6.45 -9.35
CA PRO C 629 51.87 7.15 -8.51
C PRO C 629 51.66 8.66 -8.58
N PRO C 630 52.09 9.39 -7.56
CA PRO C 630 52.07 10.86 -7.64
C PRO C 630 53.07 11.33 -8.68
N PRO C 631 52.71 12.33 -9.48
CA PRO C 631 53.62 12.80 -10.52
C PRO C 631 54.96 13.26 -9.98
N ASP C 632 56.02 12.75 -10.60
CA ASP C 632 57.38 13.11 -10.26
C ASP C 632 57.74 14.43 -10.91
N LYS C 633 59.00 14.85 -10.76
CA LYS C 633 59.46 16.11 -11.34
C LYS C 633 59.27 16.11 -12.85
N GLU C 634 59.74 15.05 -13.53
CA GLU C 634 59.55 14.96 -14.97
C GLU C 634 58.08 14.79 -15.34
N ALA C 635 57.30 14.18 -14.44
CA ALA C 635 55.87 14.05 -14.70
C ALA C 635 55.13 15.35 -14.38
N ARG C 636 55.49 16.01 -13.28
CA ARG C 636 54.85 17.27 -12.92
C ARG C 636 55.12 18.35 -13.95
N LEU C 637 56.38 18.46 -14.41
CA LEU C 637 56.71 19.43 -15.43
C LEU C 637 55.90 19.20 -16.71
N SER C 638 55.65 17.93 -17.04
CA SER C 638 54.82 17.63 -18.20
C SER C 638 53.36 17.96 -17.92
N ILE C 639 52.93 17.87 -16.65
CA ILE C 639 51.57 18.25 -16.30
C ILE C 639 51.43 19.76 -16.18
N LEU C 640 52.45 20.42 -15.63
CA LEU C 640 52.38 21.87 -15.45
C LEU C 640 52.35 22.59 -16.79
N LYS C 641 53.05 22.08 -17.80
CA LYS C 641 53.05 22.73 -19.11
C LYS C 641 51.70 22.58 -19.79
N VAL C 642 50.93 21.56 -19.41
CA VAL C 642 49.58 21.42 -19.93
C VAL C 642 48.66 22.46 -19.29
N HIS C 643 48.90 22.81 -18.03
CA HIS C 643 48.06 23.78 -17.36
C HIS C 643 48.40 25.21 -17.78
N THR C 644 49.67 25.47 -18.09
CA THR C 644 50.10 26.84 -18.39
C THR C 644 50.15 27.14 -19.89
N LYS C 645 49.78 26.20 -20.75
CA LYS C 645 49.77 26.49 -22.18
C LYS C 645 48.56 27.34 -22.55
N ASN C 646 47.46 27.16 -21.83
CA ASN C 646 46.29 28.01 -22.08
C ASN C 646 46.44 29.38 -21.44
N MET C 647 47.17 29.44 -20.32
CA MET C 647 47.48 30.72 -19.68
C MET C 647 48.66 31.37 -20.39
N PRO C 648 48.83 32.69 -20.23
CA PRO C 648 50.00 33.35 -20.84
C PRO C 648 51.32 32.81 -20.31
N LEU C 649 52.40 33.05 -21.06
CA LEU C 649 53.72 32.55 -20.70
C LEU C 649 54.66 33.73 -20.49
N ALA C 650 55.60 33.55 -19.55
CA ALA C 650 56.55 34.58 -19.15
C ALA C 650 57.53 34.01 -18.12
N PRO C 651 58.76 34.54 -18.04
CA PRO C 651 59.73 34.02 -17.06
C PRO C 651 59.28 34.17 -15.62
N ASP C 652 58.27 34.99 -15.38
CA ASP C 652 57.74 35.22 -14.04
C ASP C 652 57.27 33.93 -13.40
N VAL C 653 56.87 32.95 -14.21
CA VAL C 653 56.43 31.64 -13.73
C VAL C 653 57.52 30.63 -14.04
N ASP C 654 58.16 30.12 -12.99
CA ASP C 654 59.19 29.11 -13.14
C ASP C 654 58.67 27.75 -12.66
N LEU C 655 58.71 26.77 -13.55
CA LEU C 655 58.15 25.46 -13.23
C LEU C 655 59.23 24.54 -12.64
N ASN C 656 60.49 24.96 -12.70
CA ASN C 656 61.58 24.08 -12.26
C ASN C 656 61.74 24.09 -10.75
N ASP C 657 61.60 25.27 -10.12
CA ASP C 657 61.91 25.40 -8.70
C ASP C 657 60.87 24.67 -7.84
N ILE C 658 59.60 24.75 -8.23
CA ILE C 658 58.55 24.12 -7.43
C ILE C 658 58.50 22.61 -7.68
N ALA C 659 59.08 22.16 -8.80
CA ALA C 659 59.06 20.73 -9.11
C ALA C 659 60.12 19.99 -8.31
N GLN C 660 61.21 20.66 -7.95
CA GLN C 660 62.28 19.99 -7.23
C GLN C 660 61.95 19.82 -5.75
N ARG C 661 61.27 20.82 -5.17
CA ARG C 661 61.05 20.80 -3.72
C ARG C 661 59.88 19.88 -3.35
N THR C 662 58.87 19.79 -4.21
CA THR C 662 57.66 19.05 -3.90
C THR C 662 57.57 17.82 -4.80
N GLU C 663 57.78 16.64 -4.21
CA GLU C 663 57.68 15.39 -4.93
C GLU C 663 56.31 14.72 -4.83
N GLY C 664 55.43 15.18 -3.94
CA GLY C 664 54.24 14.42 -3.59
C GLY C 664 52.89 14.90 -4.10
N TYR C 665 52.85 16.04 -4.80
CA TYR C 665 51.57 16.57 -5.26
C TYR C 665 50.97 15.68 -6.35
N VAL C 666 49.68 15.39 -6.21
CA VAL C 666 48.96 14.53 -7.14
C VAL C 666 48.43 15.37 -8.29
N GLY C 667 47.59 14.76 -9.14
CA GLY C 667 47.10 15.47 -10.31
C GLY C 667 46.04 16.50 -9.97
N ALA C 668 45.20 16.21 -8.97
CA ALA C 668 44.16 17.15 -8.61
C ALA C 668 44.74 18.42 -7.99
N ASP C 669 45.76 18.29 -7.16
CA ASP C 669 46.41 19.46 -6.58
C ASP C 669 47.04 20.32 -7.66
N LEU C 670 47.80 19.69 -8.57
CA LEU C 670 48.40 20.43 -9.68
C LEU C 670 47.32 21.05 -10.55
N GLU C 671 46.17 20.38 -10.69
CA GLU C 671 45.06 20.95 -11.42
C GLU C 671 44.38 22.05 -10.60
N ASN C 672 44.42 21.93 -9.27
CA ASN C 672 43.77 22.94 -8.42
C ASN C 672 44.64 24.18 -8.26
N LEU C 673 45.97 24.00 -8.10
CA LEU C 673 46.85 25.12 -7.82
C LEU C 673 46.79 26.18 -8.92
N CYS C 674 46.55 25.76 -10.16
CA CYS C 674 46.50 26.73 -11.25
C CYS C 674 45.14 27.43 -11.30
N ARG C 675 44.11 26.82 -10.72
CA ARG C 675 42.78 27.43 -10.73
C ARG C 675 42.78 28.78 -10.01
N GLU C 676 42.94 28.78 -8.69
CA GLU C 676 42.80 30.02 -7.93
C GLU C 676 44.05 30.89 -8.02
N ALA C 677 45.23 30.26 -8.05
CA ALA C 677 46.46 31.04 -8.12
C ALA C 677 46.73 31.52 -9.54
N GLY C 678 46.14 30.86 -10.53
CA GLY C 678 46.22 31.37 -11.89
C GLY C 678 45.42 32.64 -12.09
N MET C 679 44.31 32.77 -11.35
CA MET C 679 43.62 34.06 -11.28
C MET C 679 44.51 35.11 -10.65
N ASN C 680 45.41 34.69 -9.76
CA ASN C 680 46.38 35.61 -9.18
C ASN C 680 47.59 35.76 -10.08
N ALA C 681 47.69 34.92 -11.12
CA ALA C 681 48.83 34.98 -12.02
C ALA C 681 48.66 36.10 -13.04
N TYR C 682 49.75 36.82 -13.28
CA TYR C 682 49.79 37.97 -14.19
C TYR C 682 48.72 38.99 -13.80
N ARG C 683 48.07 39.62 -14.78
CA ARG C 683 47.03 40.59 -14.47
C ARG C 683 45.70 40.09 -15.01
N GLU C 684 44.89 39.51 -14.10
CA GLU C 684 43.46 39.33 -14.34
C GLU C 684 42.64 40.32 -13.52
N ASN C 685 43.30 41.09 -12.64
CA ASN C 685 42.66 41.80 -11.55
C ASN C 685 43.67 42.65 -10.77
N PRO C 686 43.22 43.71 -10.11
CA PRO C 686 44.15 44.73 -9.56
C PRO C 686 45.03 44.29 -8.40
N ASP C 687 44.78 43.14 -7.77
CA ASP C 687 45.46 42.80 -6.53
C ASP C 687 46.97 42.73 -6.72
N ALA C 688 47.70 42.90 -5.62
CA ALA C 688 49.14 43.11 -5.64
C ALA C 688 49.95 41.82 -5.69
N THR C 689 49.28 40.66 -5.74
CA THR C 689 49.95 39.37 -5.82
C THR C 689 50.35 39.00 -7.24
N SER C 690 50.12 39.91 -8.19
CA SER C 690 50.35 39.68 -9.62
C SER C 690 51.82 39.43 -9.95
N VAL C 691 52.05 38.78 -11.09
CA VAL C 691 53.36 38.59 -11.73
C VAL C 691 54.44 38.16 -10.73
N SER C 692 54.13 37.16 -9.91
CA SER C 692 55.08 36.63 -8.94
C SER C 692 55.07 35.12 -8.98
N GLN C 693 56.20 34.50 -8.64
CA GLN C 693 56.23 33.06 -8.45
C GLN C 693 55.80 32.67 -7.05
N LYS C 694 55.78 33.63 -6.13
CA LYS C 694 55.44 33.33 -4.74
C LYS C 694 53.95 33.12 -4.56
N ASN C 695 53.14 33.58 -5.52
CA ASN C 695 51.70 33.35 -5.42
C ASN C 695 51.38 31.87 -5.51
N PHE C 696 52.12 31.13 -6.32
CA PHE C 696 52.01 29.67 -6.32
C PHE C 696 52.59 29.09 -5.03
N LEU C 697 53.60 29.75 -4.47
CA LEU C 697 54.20 29.27 -3.23
C LEU C 697 53.35 29.65 -2.02
N ASP C 698 52.66 30.80 -2.08
CA ASP C 698 51.77 31.18 -0.98
C ASP C 698 50.61 30.20 -0.86
N ALA C 699 50.03 29.79 -2.00
CA ALA C 699 48.99 28.77 -1.96
C ALA C 699 49.58 27.39 -1.71
N LEU C 700 50.89 27.23 -1.94
CA LEU C 700 51.55 25.95 -1.70
C LEU C 700 51.60 25.64 -0.20
N LYS C 701 51.76 26.68 0.63
CA LYS C 701 51.81 26.46 2.07
C LYS C 701 50.43 26.23 2.65
N THR C 702 49.41 26.83 2.04
CA THR C 702 48.05 26.68 2.55
C THR C 702 47.50 25.29 2.22
N ILE C 703 47.70 24.83 0.99
CA ILE C 703 47.20 23.51 0.59
C ILE C 703 48.05 22.43 1.26
N ARG C 704 47.39 21.31 1.57
CA ARG C 704 48.07 20.18 2.17
C ARG C 704 49.09 19.59 1.20
N PRO C 705 50.20 19.06 1.71
CA PRO C 705 51.19 18.44 0.84
C PRO C 705 50.71 17.18 0.14
N SER C 706 49.66 16.54 0.66
CA SER C 706 49.06 15.33 0.09
C SER C 706 50.11 14.22 -0.05
N VAL C 707 51.07 14.22 0.85
CA VAL C 707 52.13 13.22 0.90
C VAL C 707 51.79 12.27 2.04
N ASP C 708 51.35 11.06 1.69
CA ASP C 708 51.03 10.04 2.68
C ASP C 708 51.74 8.74 2.24
N GLU C 709 52.73 8.32 3.05
CA GLU C 709 53.42 7.08 2.75
C GLU C 709 52.63 5.88 3.28
N GLU C 710 51.75 6.11 4.24
CA GLU C 710 51.04 5.00 4.88
C GLU C 710 49.95 4.44 3.97
N VAL C 711 49.24 5.32 3.25
CA VAL C 711 48.19 4.83 2.36
C VAL C 711 48.78 4.15 1.15
N ILE C 712 49.96 4.59 0.71
CA ILE C 712 50.65 3.90 -0.37
C ILE C 712 51.10 2.52 0.09
N LYS C 713 51.55 2.41 1.34
CA LYS C 713 51.85 1.11 1.91
C LYS C 713 50.58 0.28 2.10
N PHE C 714 49.46 0.93 2.41
CA PHE C 714 48.19 0.21 2.55
C PHE C 714 47.73 -0.35 1.21
N TYR C 715 48.10 0.31 0.10
CA TYR C 715 47.74 -0.21 -1.21
C TYR C 715 48.48 -1.50 -1.52
N ARG C 716 49.77 -1.58 -1.16
CA ARG C 716 50.55 -2.77 -1.47
C ARG C 716 50.13 -3.95 -0.61
N THR C 717 49.62 -3.68 0.60
CA THR C 717 49.19 -4.76 1.48
C THR C 717 47.84 -5.31 1.03
N LEU C 718 46.93 -4.44 0.58
CA LEU C 718 45.62 -4.89 0.15
C LEU C 718 45.65 -5.50 -1.24
N SER C 719 46.63 -5.10 -2.06
CA SER C 719 46.71 -5.61 -3.42
C SER C 719 47.09 -7.09 -3.44
N GLU C 720 48.15 -7.46 -2.71
CA GLU C 720 48.59 -8.85 -2.71
C GLU C 720 47.60 -9.75 -1.97
N THR C 721 47.09 -9.28 -0.83
CA THR C 721 46.14 -10.06 -0.04
C THR C 721 44.75 -10.02 -0.67
N GLY D 1 -49.53 0.24 49.80
CA GLY D 1 -50.34 -0.13 50.95
C GLY D 1 -50.69 -1.60 50.96
N ILE D 2 -51.49 -2.00 49.97
CA ILE D 2 -51.73 -3.38 49.58
C ILE D 2 -50.99 -3.62 48.27
N ILE D 3 -50.27 -2.59 47.83
CA ILE D 3 -49.99 -2.31 46.42
C ILE D 3 -48.74 -3.04 45.96
N LEU D 4 -48.26 -3.98 46.75
CA LEU D 4 -46.89 -4.50 46.69
C LEU D 4 -46.42 -4.80 45.27
N ARG D 5 -45.17 -4.41 44.98
CA ARG D 5 -44.66 -4.29 43.62
C ARG D 5 -44.52 -5.64 42.93
N VAL D 6 -44.41 -5.59 41.60
CA VAL D 6 -44.00 -6.74 40.81
C VAL D 6 -42.59 -6.48 40.29
N ALA D 7 -41.81 -7.55 40.12
CA ALA D 7 -40.41 -7.42 39.69
C ALA D 7 -39.99 -8.66 38.93
N GLU D 8 -38.71 -8.72 38.58
CA GLU D 8 -38.11 -9.85 37.88
C GLU D 8 -37.48 -10.78 38.91
N ALA D 9 -37.94 -12.02 38.93
CA ALA D 9 -37.51 -12.96 39.98
C ALA D 9 -36.05 -13.33 39.80
N ASN D 10 -35.26 -13.10 40.85
CA ASN D 10 -33.87 -13.56 40.91
C ASN D 10 -33.80 -15.06 41.16
N SER D 11 -34.25 -15.50 42.32
CA SER D 11 -34.58 -16.91 42.53
C SER D 11 -35.83 -17.15 41.71
N THR D 12 -35.76 -18.09 40.77
CA THR D 12 -36.84 -18.23 39.80
C THR D 12 -38.02 -18.99 40.38
N ASP D 13 -37.74 -20.05 41.16
CA ASP D 13 -38.76 -21.02 41.53
C ASP D 13 -39.43 -21.51 40.25
N PRO D 14 -38.76 -22.38 39.47
CA PRO D 14 -39.30 -22.79 38.16
C PRO D 14 -40.73 -23.31 38.24
N GLY D 15 -41.10 -23.90 39.37
CA GLY D 15 -42.51 -24.16 39.62
C GLY D 15 -43.25 -22.85 39.77
N MET D 16 -44.26 -22.63 38.93
CA MET D 16 -44.97 -21.36 38.94
C MET D 16 -45.87 -21.26 40.16
N SER D 17 -46.30 -20.04 40.51
CA SER D 17 -47.19 -19.79 41.64
C SER D 17 -46.43 -19.90 42.96
N ARG D 18 -45.14 -20.20 42.89
CA ARG D 18 -44.24 -20.31 44.03
C ARG D 18 -43.63 -18.96 44.40
N VAL D 19 -44.15 -17.87 43.83
CA VAL D 19 -43.55 -16.54 43.82
C VAL D 19 -43.06 -16.10 45.20
N ARG D 20 -41.85 -15.56 45.23
CA ARG D 20 -41.20 -15.14 46.47
C ARG D 20 -41.86 -13.87 46.98
N LEU D 21 -42.21 -13.86 48.27
CA LEU D 21 -42.67 -12.66 48.96
C LEU D 21 -41.86 -12.55 50.25
N ASP D 22 -41.35 -11.35 50.53
CA ASP D 22 -40.49 -11.12 51.68
C ASP D 22 -41.21 -11.37 53.00
N GLU D 23 -40.46 -11.73 54.04
CA GLU D 23 -41.03 -11.83 55.37
C GLU D 23 -41.37 -10.45 55.92
N SER D 24 -40.56 -9.46 55.57
CA SER D 24 -40.85 -8.09 56.00
C SER D 24 -41.95 -7.46 55.15
N SER D 25 -42.11 -7.93 53.91
CA SER D 25 -43.16 -7.39 53.06
C SER D 25 -44.52 -8.00 53.40
N ARG D 26 -44.53 -9.27 53.83
CA ARG D 26 -45.80 -9.92 54.16
C ARG D 26 -46.34 -9.46 55.51
N ARG D 27 -45.46 -9.04 56.41
CA ARG D 27 -45.94 -8.52 57.70
C ARG D 27 -46.50 -7.11 57.56
N LEU D 28 -46.14 -6.43 56.48
CA LEU D 28 -46.79 -5.15 56.17
C LEU D 28 -48.24 -5.37 55.75
N LEU D 29 -48.51 -6.51 55.09
CA LEU D 29 -49.88 -6.84 54.72
C LEU D 29 -50.57 -7.64 55.82
N ASP D 30 -49.83 -8.03 56.85
CA ASP D 30 -50.32 -8.86 57.94
C ASP D 30 -50.80 -10.22 57.42
N ALA D 31 -50.09 -10.76 56.44
CA ALA D 31 -50.39 -12.09 55.91
C ALA D 31 -49.25 -13.05 56.26
N GLU D 32 -49.58 -14.16 56.93
CA GLU D 32 -48.55 -15.06 57.40
C GLU D 32 -48.00 -15.90 56.23
N ILE D 33 -47.01 -16.73 56.55
CA ILE D 33 -46.31 -17.50 55.53
C ILE D 33 -47.08 -18.78 55.21
N GLY D 34 -47.01 -19.19 53.94
CA GLY D 34 -47.57 -20.45 53.50
C GLY D 34 -49.08 -20.45 53.37
N ASP D 35 -49.64 -19.41 52.75
CA ASP D 35 -51.07 -19.31 52.54
C ASP D 35 -51.36 -19.03 51.08
N VAL D 36 -52.61 -19.25 50.69
CA VAL D 36 -53.03 -19.00 49.31
C VAL D 36 -53.19 -17.50 49.11
N VAL D 37 -52.66 -16.99 48.01
CA VAL D 37 -52.65 -15.56 47.73
C VAL D 37 -53.56 -15.27 46.54
N GLU D 38 -54.28 -14.17 46.62
CA GLU D 38 -55.11 -13.67 45.53
C GLU D 38 -54.54 -12.36 45.00
N ILE D 39 -54.02 -12.41 43.78
CA ILE D 39 -53.46 -11.23 43.12
C ILE D 39 -54.53 -10.62 42.23
N GLU D 40 -54.97 -9.41 42.59
CA GLU D 40 -56.00 -8.69 41.85
C GLU D 40 -55.47 -7.33 41.45
N LYS D 41 -55.66 -6.99 40.17
CA LYS D 41 -55.17 -5.72 39.65
C LYS D 41 -56.15 -5.12 38.66
N VAL D 42 -55.73 -4.07 37.95
CA VAL D 42 -56.59 -3.46 36.94
C VAL D 42 -56.87 -4.46 35.82
N ARG D 43 -57.96 -4.20 35.09
CA ARG D 43 -58.51 -5.06 34.03
C ARG D 43 -59.18 -6.30 34.62
N LYS D 44 -59.15 -6.47 35.93
CA LYS D 44 -59.84 -7.56 36.63
C LYS D 44 -59.28 -8.92 36.23
N THR D 45 -57.98 -8.94 35.91
CA THR D 45 -57.25 -10.18 35.72
C THR D 45 -56.66 -10.62 37.06
N VAL D 46 -56.78 -11.92 37.34
CA VAL D 46 -56.45 -12.47 38.64
C VAL D 46 -55.53 -13.67 38.49
N GLY D 47 -54.84 -14.00 39.57
CA GLY D 47 -53.96 -15.15 39.64
C GLY D 47 -53.59 -15.46 41.08
N ARG D 48 -53.19 -16.70 41.36
CA ARG D 48 -52.88 -17.12 42.71
C ARG D 48 -51.45 -17.62 42.81
N VAL D 49 -50.78 -17.22 43.88
CA VAL D 49 -49.38 -17.58 44.12
C VAL D 49 -49.21 -18.08 45.55
N TYR D 50 -48.07 -18.69 45.83
CA TYR D 50 -47.74 -19.21 47.16
C TYR D 50 -46.58 -18.40 47.73
N ARG D 51 -46.69 -18.02 48.99
CA ARG D 51 -45.67 -17.18 49.60
C ARG D 51 -44.49 -18.01 50.11
N ALA D 52 -43.29 -17.59 49.71
CA ALA D 52 -42.04 -18.14 50.20
C ALA D 52 -41.04 -17.01 50.38
N ARG D 53 -40.33 -16.99 51.50
CA ARG D 53 -39.53 -15.84 51.87
C ARG D 53 -38.14 -15.88 51.24
N PRO D 54 -37.76 -14.85 50.48
CA PRO D 54 -36.35 -14.65 50.14
C PRO D 54 -35.65 -13.82 51.21
N GLU D 55 -34.39 -13.45 50.97
CA GLU D 55 -33.61 -12.76 52.01
C GLU D 55 -33.18 -11.36 51.59
N ASP D 56 -32.37 -11.27 50.53
CA ASP D 56 -31.71 -10.00 50.20
C ASP D 56 -32.71 -8.91 49.86
N GLU D 57 -33.90 -9.29 49.40
CA GLU D 57 -34.88 -8.30 48.96
C GLU D 57 -35.45 -7.55 50.17
N ASN D 58 -35.90 -6.32 49.93
CA ASN D 58 -36.48 -5.47 50.96
C ASN D 58 -37.96 -5.26 50.69
N LYS D 59 -38.63 -4.56 51.61
CA LYS D 59 -40.07 -4.36 51.55
C LYS D 59 -40.50 -3.38 50.47
N GLY D 60 -39.57 -2.63 49.88
CA GLY D 60 -39.92 -1.69 48.84
C GLY D 60 -40.55 -2.30 47.61
N ILE D 61 -40.16 -3.52 47.25
CA ILE D 61 -40.70 -4.24 46.10
C ILE D 61 -40.95 -5.69 46.50
N VAL D 62 -41.82 -6.35 45.73
CA VAL D 62 -42.04 -7.79 45.84
C VAL D 62 -41.61 -8.41 44.52
N ARG D 63 -40.69 -9.38 44.60
CA ARG D 63 -40.07 -9.92 43.41
C ARG D 63 -40.85 -11.14 42.94
N ILE D 64 -41.45 -11.02 41.74
CA ILE D 64 -42.48 -11.96 41.28
C ILE D 64 -41.98 -12.70 40.05
N ASP D 65 -42.49 -13.92 39.85
CA ASP D 65 -42.09 -14.74 38.72
C ASP D 65 -42.57 -14.14 37.40
N SER D 66 -41.96 -14.58 36.30
CA SER D 66 -42.25 -13.99 35.00
C SER D 66 -43.63 -14.36 34.51
N VAL D 67 -43.97 -15.65 34.49
CA VAL D 67 -45.20 -16.10 33.86
C VAL D 67 -46.41 -15.59 34.63
N MET D 68 -46.32 -15.55 35.96
CA MET D 68 -47.42 -15.02 36.75
C MET D 68 -47.59 -13.52 36.52
N ARG D 69 -46.51 -12.82 36.14
CA ARG D 69 -46.65 -11.47 35.63
C ARG D 69 -47.08 -11.50 34.17
N ASN D 70 -46.77 -12.60 33.47
CA ASN D 70 -47.21 -12.74 32.09
C ASN D 70 -48.65 -13.21 32.02
N ASN D 71 -49.18 -13.71 33.13
CA ASN D 71 -50.61 -14.05 33.18
C ASN D 71 -51.47 -12.81 33.41
N CYS D 72 -51.03 -11.93 34.30
CA CYS D 72 -51.80 -10.72 34.56
C CYS D 72 -51.35 -9.57 33.66
N GLY D 73 -50.41 -9.84 32.76
CA GLY D 73 -49.82 -8.81 31.93
C GLY D 73 -49.12 -7.72 32.71
N ALA D 74 -48.44 -8.08 33.79
CA ALA D 74 -47.89 -7.08 34.69
C ALA D 74 -46.60 -6.49 34.14
N SER D 75 -46.48 -5.16 34.27
CA SER D 75 -45.25 -4.45 33.97
C SER D 75 -44.68 -3.93 35.28
N ILE D 76 -43.36 -3.75 35.31
CA ILE D 76 -42.67 -3.36 36.54
C ILE D 76 -43.25 -2.06 37.07
N GLY D 77 -43.69 -2.07 38.33
CA GLY D 77 -44.26 -0.89 38.95
C GLY D 77 -45.75 -0.73 38.82
N ASP D 78 -46.49 -1.82 38.60
CA ASP D 78 -47.94 -1.74 38.48
C ASP D 78 -48.60 -1.70 39.85
N LYS D 79 -49.94 -1.75 39.85
CA LYS D 79 -50.76 -1.66 41.05
C LYS D 79 -51.61 -2.90 41.18
N VAL D 80 -51.47 -3.60 42.32
CA VAL D 80 -52.19 -4.84 42.57
C VAL D 80 -52.80 -4.78 43.97
N LYS D 81 -53.77 -5.66 44.20
CA LYS D 81 -54.41 -5.85 45.50
C LYS D 81 -54.27 -7.31 45.88
N VAL D 82 -53.53 -7.59 46.94
CA VAL D 82 -53.26 -8.96 47.37
C VAL D 82 -53.62 -9.11 48.85
N ARG D 83 -54.21 -10.27 49.17
CA ARG D 83 -54.55 -10.59 50.55
C ARG D 83 -54.64 -12.11 50.68
N LYS D 84 -54.56 -12.58 51.92
CA LYS D 84 -54.67 -14.00 52.19
C LYS D 84 -56.13 -14.43 52.16
N VAL D 85 -56.37 -15.65 51.66
CA VAL D 85 -57.72 -16.19 51.51
C VAL D 85 -57.77 -17.57 52.12
N ARG D 86 -58.91 -18.23 51.96
CA ARG D 86 -59.13 -19.58 52.47
C ARG D 86 -58.31 -20.58 51.66
N THR D 87 -58.03 -21.74 52.24
CA THR D 87 -57.19 -22.74 51.61
C THR D 87 -58.02 -24.00 51.31
N GLU D 88 -57.97 -24.45 50.06
CA GLU D 88 -58.67 -25.68 49.68
C GLU D 88 -57.71 -26.54 48.86
N ILE D 89 -58.20 -27.66 48.33
CA ILE D 89 -57.41 -28.56 47.51
C ILE D 89 -58.27 -29.01 46.33
N ALA D 90 -57.64 -29.26 45.18
CA ALA D 90 -58.37 -29.67 44.00
C ALA D 90 -58.82 -31.12 44.12
N LYS D 91 -59.54 -31.59 43.11
CA LYS D 91 -60.01 -32.97 43.07
C LYS D 91 -59.64 -33.62 41.75
N LYS D 92 -60.28 -33.18 40.66
CA LYS D 92 -59.95 -33.64 39.33
C LYS D 92 -59.98 -32.44 38.38
N VAL D 93 -58.86 -32.23 37.70
CA VAL D 93 -58.67 -31.06 36.84
C VAL D 93 -58.53 -31.53 35.40
N THR D 94 -59.06 -30.73 34.47
CA THR D 94 -58.99 -31.03 33.05
C THR D 94 -58.22 -29.91 32.35
N LEU D 95 -57.28 -30.29 31.49
CA LEU D 95 -56.42 -29.35 30.79
C LEU D 95 -56.57 -29.54 29.28
N ALA D 96 -56.17 -28.50 28.55
CA ALA D 96 -56.27 -28.51 27.09
C ALA D 96 -55.03 -27.86 26.48
N PRO D 97 -54.64 -28.28 25.28
CA PRO D 97 -53.46 -27.68 24.64
C PRO D 97 -53.73 -26.26 24.16
N ILE D 98 -52.65 -25.50 24.01
CA ILE D 98 -52.73 -24.14 23.47
C ILE D 98 -52.07 -24.19 22.09
N ILE D 99 -52.90 -24.05 21.05
CA ILE D 99 -52.41 -24.20 19.68
C ILE D 99 -52.56 -22.87 18.94
N ARG D 100 -51.43 -22.21 18.65
CA ARG D 100 -51.45 -21.06 17.77
C ARG D 100 -50.36 -21.24 16.73
N LYS D 101 -49.08 -21.09 17.08
CA LYS D 101 -47.97 -21.39 16.18
C LYS D 101 -47.39 -22.77 16.49
N ASP D 102 -47.97 -23.45 17.48
CA ASP D 102 -47.36 -24.62 18.10
C ASP D 102 -47.39 -25.84 17.19
N GLN D 103 -48.29 -25.85 16.21
CA GLN D 103 -48.48 -27.01 15.35
C GLN D 103 -48.82 -28.24 16.18
N ARG D 104 -50.03 -28.27 16.73
CA ARG D 104 -50.50 -29.26 17.69
C ARG D 104 -49.56 -29.30 18.89
N LEU D 105 -49.32 -30.49 19.47
CA LEU D 105 -48.57 -30.59 20.73
C LEU D 105 -48.28 -32.06 21.04
N LYS D 106 -47.79 -32.33 22.24
CA LYS D 106 -47.51 -33.67 22.75
C LYS D 106 -48.68 -34.64 22.52
N PHE D 107 -48.36 -35.85 22.08
CA PHE D 107 -49.35 -36.87 21.74
C PHE D 107 -49.56 -37.86 22.88
N GLY D 108 -48.51 -38.58 23.23
CA GLY D 108 -48.62 -39.77 24.07
C GLY D 108 -48.89 -39.46 25.52
N GLU D 109 -48.56 -40.44 26.36
CA GLU D 109 -48.90 -40.44 27.77
C GLU D 109 -47.99 -39.48 28.52
N GLY D 110 -48.08 -39.52 29.86
CA GLY D 110 -47.41 -38.56 30.69
C GLY D 110 -48.38 -37.53 31.25
N ILE D 111 -49.68 -37.80 31.12
CA ILE D 111 -50.71 -36.97 31.71
C ILE D 111 -50.64 -36.98 33.23
N GLU D 112 -50.16 -38.07 33.83
CA GLU D 112 -49.90 -38.13 35.26
C GLU D 112 -48.47 -37.82 35.66
N GLU D 113 -47.48 -38.60 35.22
CA GLU D 113 -46.09 -38.40 35.60
C GLU D 113 -45.65 -36.96 35.46
N TYR D 114 -45.65 -36.44 34.23
CA TYR D 114 -45.08 -35.13 33.96
C TYR D 114 -45.82 -34.03 34.70
N VAL D 115 -47.14 -34.14 34.82
CA VAL D 115 -47.92 -33.10 35.47
C VAL D 115 -47.82 -33.21 36.99
N GLN D 116 -47.98 -34.42 37.53
CA GLN D 116 -48.19 -34.57 38.97
C GLN D 116 -46.99 -34.10 39.78
N ARG D 117 -45.80 -34.63 39.47
CA ARG D 117 -44.62 -34.30 40.30
C ARG D 117 -44.20 -32.85 40.12
N ALA D 118 -44.71 -32.18 39.09
CA ALA D 118 -44.39 -30.77 38.89
C ALA D 118 -45.43 -29.84 39.47
N LEU D 119 -46.47 -30.39 40.11
CA LEU D 119 -47.53 -29.54 40.66
C LEU D 119 -47.05 -28.79 41.91
N ILE D 120 -46.42 -29.51 42.84
CA ILE D 120 -45.82 -28.97 44.06
C ILE D 120 -46.72 -27.93 44.72
N ARG D 121 -48.03 -28.22 44.79
CA ARG D 121 -49.00 -27.40 45.51
C ARG D 121 -49.05 -25.96 44.99
N ARG D 122 -49.32 -25.82 43.66
CA ARG D 122 -49.50 -24.51 43.03
C ARG D 122 -50.90 -23.99 43.28
N PRO D 123 -51.05 -22.86 43.97
CA PRO D 123 -52.35 -22.16 43.96
C PRO D 123 -52.67 -21.65 42.55
N MET D 124 -53.92 -21.82 42.13
CA MET D 124 -54.34 -21.43 40.79
C MET D 124 -55.86 -21.37 40.72
N LEU D 125 -56.37 -21.04 39.53
CA LEU D 125 -57.79 -20.95 39.25
C LEU D 125 -58.09 -21.55 37.89
N GLU D 126 -59.38 -21.73 37.63
CA GLU D 126 -59.82 -22.25 36.34
C GLU D 126 -59.41 -21.31 35.22
N GLN D 127 -59.15 -21.90 34.05
CA GLN D 127 -58.76 -21.16 32.84
C GLN D 127 -57.48 -20.38 33.05
N ASP D 128 -56.51 -20.99 33.75
CA ASP D 128 -55.21 -20.37 33.93
C ASP D 128 -54.14 -21.19 33.21
N ASN D 129 -53.16 -20.49 32.65
CA ASN D 129 -52.08 -21.10 31.89
C ASN D 129 -50.88 -21.32 32.81
N ILE D 130 -50.54 -22.59 33.04
CA ILE D 130 -49.42 -22.96 33.89
C ILE D 130 -48.23 -23.30 33.01
N SER D 131 -47.04 -22.92 33.46
CA SER D 131 -45.80 -23.17 32.74
C SER D 131 -45.02 -24.27 33.44
N VAL D 132 -44.79 -25.37 32.72
CA VAL D 132 -44.09 -26.53 33.27
C VAL D 132 -42.95 -26.92 32.34
N PRO D 133 -41.73 -26.44 32.55
CA PRO D 133 -40.58 -26.88 31.75
C PRO D 133 -40.06 -28.24 32.19
N GLY D 134 -38.90 -28.63 31.69
CA GLY D 134 -38.27 -29.86 32.14
C GLY D 134 -38.20 -30.98 31.11
N LEU D 135 -37.43 -32.00 31.50
CA LEU D 135 -37.15 -33.25 30.81
C LEU D 135 -36.10 -33.17 29.71
N THR D 136 -35.79 -31.96 29.23
CA THR D 136 -34.71 -31.76 28.26
C THR D 136 -34.60 -30.31 27.82
N LEU D 137 -33.47 -29.94 27.22
CA LEU D 137 -33.31 -28.61 26.64
C LEU D 137 -33.98 -28.51 25.27
N ALA D 138 -33.79 -29.51 24.42
CA ALA D 138 -34.29 -29.48 23.06
C ALA D 138 -35.53 -30.35 22.91
N GLY D 139 -36.62 -29.71 22.48
CA GLY D 139 -37.89 -30.40 22.30
C GLY D 139 -38.86 -30.12 23.43
N GLN D 140 -38.34 -29.70 24.58
CA GLN D 140 -39.16 -29.33 25.72
C GLN D 140 -38.70 -28.00 26.25
N THR D 141 -39.58 -27.00 26.18
CA THR D 141 -39.31 -25.67 26.70
C THR D 141 -40.45 -25.25 27.61
N GLY D 142 -40.45 -24.00 28.07
CA GLY D 142 -41.59 -23.51 28.82
C GLY D 142 -42.86 -23.64 28.01
N LEU D 143 -43.82 -24.37 28.57
CA LEU D 143 -45.01 -24.76 27.83
C LEU D 143 -46.24 -24.47 28.66
N LEU D 144 -47.23 -23.85 28.03
CA LEU D 144 -48.45 -23.39 28.69
C LEU D 144 -49.60 -24.33 28.35
N PHE D 145 -50.36 -24.71 29.38
CA PHE D 145 -51.54 -25.54 29.23
C PHE D 145 -52.78 -24.75 29.62
N LYS D 146 -53.81 -24.85 28.80
CA LYS D 146 -55.11 -24.24 29.07
C LYS D 146 -55.92 -25.19 29.92
N VAL D 147 -56.32 -24.72 31.11
CA VAL D 147 -57.10 -25.53 32.04
C VAL D 147 -58.57 -25.33 31.72
N VAL D 148 -59.26 -26.42 31.39
CA VAL D 148 -60.68 -26.31 31.04
C VAL D 148 -61.54 -26.20 32.28
N LYS D 149 -61.65 -27.30 33.05
CA LYS D 149 -62.52 -27.32 34.22
C LYS D 149 -61.89 -28.15 35.32
N THR D 150 -61.97 -27.66 36.54
CA THR D 150 -61.69 -28.43 37.75
C THR D 150 -62.96 -28.50 38.57
N LEU D 151 -63.08 -29.56 39.39
CA LEU D 151 -64.29 -29.76 40.18
C LEU D 151 -64.49 -28.61 41.17
N PRO D 152 -63.45 -28.21 41.94
CA PRO D 152 -63.56 -26.96 42.70
C PRO D 152 -63.20 -25.75 41.86
N SER D 153 -64.13 -25.28 41.04
CA SER D 153 -63.87 -24.24 40.05
C SER D 153 -64.01 -22.86 40.68
N LYS D 154 -63.15 -21.94 40.25
CA LYS D 154 -63.19 -20.52 40.61
C LYS D 154 -62.85 -20.26 42.06
N VAL D 155 -62.80 -21.30 42.88
CA VAL D 155 -62.44 -21.17 44.29
C VAL D 155 -60.93 -21.36 44.43
N PRO D 156 -60.29 -20.81 45.47
CA PRO D 156 -58.85 -21.03 45.64
C PRO D 156 -58.52 -22.50 45.83
N VAL D 157 -57.58 -23.01 45.03
CA VAL D 157 -57.25 -24.43 45.05
C VAL D 157 -55.74 -24.60 44.89
N GLU D 158 -55.19 -25.52 45.67
CA GLU D 158 -53.83 -26.01 45.47
C GLU D 158 -53.90 -27.49 45.10
N ILE D 159 -53.58 -27.79 43.84
CA ILE D 159 -53.72 -29.14 43.30
C ILE D 159 -52.73 -30.03 44.03
N GLY D 160 -53.23 -31.13 44.60
CA GLY D 160 -52.40 -31.97 45.44
C GLY D 160 -51.78 -33.14 44.69
N GLU D 161 -50.99 -33.92 45.42
CA GLU D 161 -50.28 -35.07 44.88
C GLU D 161 -51.18 -36.27 44.64
N GLU D 162 -52.29 -36.38 45.38
CA GLU D 162 -53.21 -37.51 45.23
C GLU D 162 -54.35 -37.20 44.27
N THR D 163 -54.35 -36.01 43.66
CA THR D 163 -55.41 -35.58 42.76
C THR D 163 -55.01 -35.95 41.33
N LYS D 164 -55.94 -36.55 40.60
CA LYS D 164 -55.69 -36.95 39.22
C LYS D 164 -55.73 -35.74 38.29
N ILE D 165 -55.09 -35.88 37.13
CA ILE D 165 -55.03 -34.84 36.12
C ILE D 165 -55.43 -35.45 34.78
N GLU D 166 -56.38 -34.81 34.09
CA GLU D 166 -56.84 -35.27 32.79
C GLU D 166 -56.48 -34.25 31.73
N ILE D 167 -55.95 -34.75 30.61
CA ILE D 167 -55.58 -33.92 29.47
C ILE D 167 -56.56 -34.23 28.35
N ARG D 168 -57.37 -33.25 27.97
CA ARG D 168 -58.37 -33.47 26.94
C ARG D 168 -57.73 -33.65 25.56
N GLU D 169 -56.62 -32.96 25.31
CA GLU D 169 -55.88 -32.96 24.06
C GLU D 169 -56.65 -32.30 22.91
N GLU D 170 -57.88 -31.88 23.13
CA GLU D 170 -58.65 -31.22 22.08
C GLU D 170 -57.97 -29.90 21.71
N PRO D 171 -57.62 -29.68 20.45
CA PRO D 171 -56.84 -28.49 20.09
C PRO D 171 -57.63 -27.20 20.29
N ALA D 172 -56.98 -26.22 20.92
CA ALA D 172 -57.58 -24.91 21.15
C ALA D 172 -56.48 -23.86 21.29
N SER D 173 -56.87 -22.62 21.58
CA SER D 173 -55.90 -21.54 21.72
C SER D 173 -55.81 -21.08 23.17
N GLU D 174 -54.96 -20.09 23.44
CA GLU D 174 -54.82 -19.59 24.79
C GLU D 174 -55.99 -18.70 25.16
N VAL D 175 -56.45 -18.83 26.40
CA VAL D 175 -57.42 -17.90 26.96
C VAL D 175 -56.69 -16.67 27.45
N LEU D 176 -55.51 -16.86 28.06
CA LEU D 176 -54.81 -15.74 28.67
C LEU D 176 -53.34 -15.67 28.26
N GLU D 177 -52.99 -14.65 27.47
CA GLU D 177 -51.63 -14.14 27.30
C GLU D 177 -50.55 -15.22 27.19
N GLU D 178 -50.52 -15.93 26.06
CA GLU D 178 -49.54 -16.98 25.81
C GLU D 178 -48.21 -16.32 25.46
N VAL D 179 -47.24 -17.14 25.05
CA VAL D 179 -45.87 -16.73 24.78
C VAL D 179 -45.87 -15.97 23.45
N SER D 180 -44.67 -15.70 22.90
CA SER D 180 -44.36 -14.75 21.83
C SER D 180 -44.08 -13.39 22.46
N ARG D 181 -44.26 -13.30 23.77
CA ARG D 181 -43.81 -12.16 24.54
C ARG D 181 -42.65 -12.62 25.43
N ILE D 182 -41.65 -11.76 25.54
CA ILE D 182 -40.48 -12.06 26.37
C ILE D 182 -40.36 -11.01 27.47
N SER D 183 -40.59 -11.43 28.72
CA SER D 183 -40.51 -10.54 29.87
C SER D 183 -39.07 -10.22 30.25
N TYR D 184 -38.87 -9.15 31.02
CA TYR D 184 -37.53 -8.79 31.47
C TYR D 184 -36.90 -9.91 32.29
N GLU D 185 -37.70 -10.70 33.02
CA GLU D 185 -37.16 -11.89 33.67
C GLU D 185 -36.80 -12.95 32.65
N ASP D 186 -37.62 -13.13 31.61
CA ASP D 186 -37.25 -14.02 30.52
C ASP D 186 -36.00 -13.54 29.80
N ILE D 187 -35.70 -12.26 29.88
CA ILE D 187 -34.44 -11.69 29.40
C ILE D 187 -33.37 -11.98 30.45
N GLY D 188 -32.12 -12.06 30.00
CA GLY D 188 -31.02 -12.18 30.92
C GLY D 188 -29.76 -11.55 30.38
N GLY D 189 -28.88 -11.11 31.27
CA GLY D 189 -27.73 -10.34 30.85
C GLY D 189 -27.28 -9.37 31.92
N LEU D 190 -26.62 -8.29 31.50
CA LEU D 190 -26.24 -7.20 32.39
C LEU D 190 -27.50 -6.68 33.08
N SER D 191 -27.40 -6.53 34.41
CA SER D 191 -28.58 -6.19 35.20
C SER D 191 -28.84 -4.69 35.20
N GLU D 192 -27.92 -3.90 35.76
CA GLU D 192 -28.11 -2.46 35.85
C GLU D 192 -28.26 -1.84 34.46
N GLN D 193 -27.57 -2.40 33.47
CA GLN D 193 -27.70 -1.88 32.11
C GLN D 193 -29.08 -2.13 31.53
N LEU D 194 -29.72 -3.25 31.90
CA LEU D 194 -31.07 -3.52 31.42
C LEU D 194 -32.05 -2.49 31.95
N GLY D 195 -31.85 -2.03 33.19
CA GLY D 195 -32.72 -1.00 33.73
C GLY D 195 -32.37 0.38 33.23
N LYS D 196 -31.11 0.60 32.86
CA LYS D 196 -30.68 1.91 32.39
C LYS D 196 -31.10 2.13 30.94
N ILE D 197 -31.06 1.07 30.13
CA ILE D 197 -31.49 1.19 28.74
C ILE D 197 -32.99 1.44 28.66
N ARG D 198 -33.77 0.76 29.53
CA ARG D 198 -35.22 0.83 29.42
C ARG D 198 -35.76 2.12 30.02
N GLU D 199 -35.09 2.65 31.06
CA GLU D 199 -35.67 3.75 31.82
C GLU D 199 -35.83 5.01 30.98
N MET D 200 -35.05 5.14 29.90
CA MET D 200 -35.19 6.32 29.05
C MET D 200 -36.41 6.22 28.16
N ILE D 201 -36.72 5.01 27.67
CA ILE D 201 -37.92 4.83 26.86
C ILE D 201 -39.07 4.30 27.69
N GLU D 202 -38.85 4.03 28.98
CA GLU D 202 -39.91 3.51 29.84
C GLU D 202 -41.09 4.47 29.89
N LEU D 203 -40.90 5.65 30.49
CA LEU D 203 -42.02 6.57 30.69
C LEU D 203 -42.68 7.02 29.39
N PRO D 204 -41.96 7.42 28.34
CA PRO D 204 -42.67 7.86 27.12
C PRO D 204 -43.53 6.79 26.49
N LEU D 205 -43.02 5.56 26.33
CA LEU D 205 -43.75 4.55 25.57
C LEU D 205 -45.02 4.12 26.29
N LYS D 206 -45.00 4.09 27.63
CA LYS D 206 -46.21 3.77 28.38
C LYS D 206 -47.32 4.77 28.08
N HIS D 207 -47.16 6.02 28.52
CA HIS D 207 -48.12 7.07 28.22
C HIS D 207 -47.40 8.22 27.57
N PRO D 208 -48.00 8.85 26.55
CA PRO D 208 -47.36 10.02 25.93
C PRO D 208 -47.28 11.23 26.84
N GLU D 209 -48.33 11.52 27.61
CA GLU D 209 -48.38 12.73 28.44
C GLU D 209 -47.78 12.56 29.83
N LEU D 210 -47.45 11.33 30.25
CA LEU D 210 -46.80 11.16 31.54
C LEU D 210 -45.44 11.85 31.58
N PHE D 211 -44.55 11.48 30.65
CA PHE D 211 -43.29 12.18 30.44
C PHE D 211 -43.19 12.49 28.96
N GLU D 212 -43.28 13.77 28.61
CA GLU D 212 -43.18 14.16 27.20
C GLU D 212 -42.08 15.19 26.98
N ARG D 213 -42.35 16.47 27.30
CA ARG D 213 -41.30 17.48 27.34
C ARG D 213 -40.84 17.81 28.76
N LEU D 214 -41.43 17.19 29.77
CA LEU D 214 -41.26 17.64 31.15
C LEU D 214 -39.81 17.69 31.60
N GLY D 215 -39.19 16.53 31.82
CA GLY D 215 -37.83 16.50 32.31
C GLY D 215 -36.80 16.98 31.31
N ILE D 216 -36.74 16.33 30.15
CA ILE D 216 -35.78 16.66 29.10
C ILE D 216 -36.43 16.39 27.75
N THR D 217 -35.63 16.50 26.68
CA THR D 217 -36.04 16.08 25.35
C THR D 217 -35.99 14.56 25.34
N PRO D 218 -37.01 13.87 24.81
CA PRO D 218 -37.00 12.40 24.84
C PRO D 218 -35.86 11.84 24.01
N PRO D 219 -35.65 10.52 24.04
CA PRO D 219 -34.52 9.94 23.28
C PRO D 219 -34.67 10.12 21.78
N LYS D 220 -33.60 10.59 21.13
CA LYS D 220 -33.57 10.69 19.68
C LYS D 220 -33.27 9.32 19.07
N GLY D 221 -32.09 8.78 19.38
CA GLY D 221 -31.75 7.45 18.93
C GLY D 221 -30.83 6.72 19.90
N VAL D 222 -30.77 5.40 19.78
CA VAL D 222 -29.95 4.56 20.65
C VAL D 222 -29.21 3.55 19.79
N ILE D 223 -27.91 3.46 19.97
CA ILE D 223 -27.06 2.52 19.23
C ILE D 223 -26.62 1.43 20.19
N LEU D 224 -26.83 0.17 19.77
CA LEU D 224 -26.55 -0.99 20.59
C LEU D 224 -25.38 -1.76 20.01
N TYR D 225 -24.67 -2.48 20.88
CA TYR D 225 -23.45 -3.21 20.53
C TYR D 225 -23.54 -4.63 21.04
N GLY D 226 -22.60 -5.46 20.60
CA GLY D 226 -22.52 -6.84 21.05
C GLY D 226 -22.99 -7.85 20.03
N PRO D 227 -23.17 -9.09 20.48
CA PRO D 227 -23.40 -10.21 19.56
C PRO D 227 -24.78 -10.17 18.93
N PRO D 228 -24.91 -9.58 17.74
CA PRO D 228 -26.23 -9.24 17.19
C PRO D 228 -27.06 -10.44 16.77
N GLY D 229 -27.87 -10.94 17.68
CA GLY D 229 -28.59 -12.19 17.48
C GLY D 229 -28.19 -13.34 18.39
N THR D 230 -27.31 -13.11 19.36
CA THR D 230 -27.11 -14.06 20.44
C THR D 230 -28.26 -14.10 21.43
N GLY D 231 -29.27 -13.27 21.22
CA GLY D 231 -30.21 -12.94 22.27
C GLY D 231 -30.11 -11.48 22.69
N LYS D 232 -29.09 -10.78 22.18
CA LYS D 232 -29.13 -9.32 22.21
C LYS D 232 -30.18 -8.79 21.26
N THR D 233 -30.35 -9.44 20.10
CA THR D 233 -31.42 -9.06 19.18
C THR D 233 -32.78 -9.52 19.72
N LEU D 234 -32.79 -10.62 20.47
CA LEU D 234 -34.03 -11.06 21.10
C LEU D 234 -34.54 -10.02 22.09
N ILE D 235 -33.63 -9.23 22.68
CA ILE D 235 -34.03 -8.16 23.58
C ILE D 235 -34.86 -7.12 22.84
N ALA D 236 -34.49 -6.82 21.59
CA ALA D 236 -35.25 -5.86 20.79
C ALA D 236 -36.73 -6.23 20.73
N ARG D 237 -37.05 -7.40 20.16
CA ARG D 237 -38.43 -7.87 20.13
C ARG D 237 -38.99 -8.03 21.54
N ALA D 238 -38.12 -8.24 22.54
CA ALA D 238 -38.60 -8.42 23.91
C ALA D 238 -39.06 -7.10 24.51
N VAL D 239 -38.33 -6.01 24.28
CA VAL D 239 -38.69 -4.72 24.85
C VAL D 239 -40.06 -4.28 24.37
N ALA D 240 -40.40 -4.62 23.13
CA ALA D 240 -41.69 -4.21 22.59
C ALA D 240 -42.84 -5.00 23.19
N ASN D 241 -42.53 -6.07 23.94
CA ASN D 241 -43.59 -6.89 24.52
C ASN D 241 -44.20 -6.22 25.75
N GLU D 242 -43.36 -5.70 26.66
CA GLU D 242 -43.89 -5.03 27.84
C GLU D 242 -44.60 -3.74 27.48
N SER D 243 -44.04 -2.99 26.53
CA SER D 243 -44.66 -1.73 26.10
C SER D 243 -45.98 -1.95 25.36
N GLY D 244 -46.14 -3.08 24.69
CA GLY D 244 -47.37 -3.37 23.97
C GLY D 244 -47.54 -2.66 22.64
N ALA D 245 -46.58 -1.81 22.30
CA ALA D 245 -46.64 -1.06 21.05
C ALA D 245 -46.21 -1.93 19.87
N ASN D 246 -46.22 -1.36 18.67
CA ASN D 246 -45.82 -2.09 17.48
C ASN D 246 -44.30 -2.15 17.38
N PHE D 247 -43.81 -3.25 16.81
CA PHE D 247 -42.37 -3.46 16.64
C PHE D 247 -42.07 -3.61 15.16
N LEU D 248 -41.34 -2.64 14.61
CA LEU D 248 -40.92 -2.66 13.21
C LEU D 248 -39.60 -3.39 13.10
N SER D 249 -39.50 -4.29 12.13
CA SER D 249 -38.32 -5.14 11.98
C SER D 249 -37.58 -4.76 10.69
N ILE D 250 -36.39 -4.18 10.85
CA ILE D 250 -35.47 -3.94 9.75
C ILE D 250 -34.45 -5.07 9.79
N ASN D 251 -34.45 -5.91 8.77
CA ASN D 251 -33.71 -7.16 8.80
C ASN D 251 -32.82 -7.32 7.57
N GLY D 252 -31.90 -8.28 7.65
CA GLY D 252 -30.98 -8.60 6.58
C GLY D 252 -31.61 -9.09 5.29
N PRO D 253 -32.43 -10.14 5.36
CA PRO D 253 -32.97 -10.72 4.12
C PRO D 253 -33.80 -9.76 3.29
N GLU D 254 -34.42 -8.74 3.89
CA GLU D 254 -35.22 -7.82 3.10
C GLU D 254 -34.34 -6.78 2.39
N ILE D 255 -33.29 -6.30 3.06
CA ILE D 255 -32.42 -5.31 2.44
C ILE D 255 -31.53 -5.95 1.39
N MET D 256 -31.27 -7.25 1.53
CA MET D 256 -30.50 -7.96 0.51
C MET D 256 -31.36 -8.32 -0.70
N SER D 257 -32.65 -8.62 -0.47
CA SER D 257 -33.51 -9.03 -1.58
C SER D 257 -34.02 -7.83 -2.36
N LYS D 258 -33.96 -6.63 -1.78
CA LYS D 258 -34.44 -5.43 -2.45
C LYS D 258 -33.25 -4.65 -3.00
N TYR D 259 -33.13 -4.64 -4.32
CA TYR D 259 -32.08 -3.92 -5.04
C TYR D 259 -32.58 -2.52 -5.39
N TYR D 260 -31.85 -1.87 -6.31
CA TYR D 260 -32.14 -0.48 -6.67
C TYR D 260 -33.60 -0.27 -7.04
N GLY D 261 -34.26 0.65 -6.34
CA GLY D 261 -35.65 0.98 -6.58
C GLY D 261 -36.63 0.14 -5.77
N GLN D 262 -36.21 -1.07 -5.38
CA GLN D 262 -37.04 -1.85 -4.47
C GLN D 262 -36.80 -1.46 -3.02
N SER D 263 -35.53 -1.26 -2.64
CA SER D 263 -35.21 -0.91 -1.26
C SER D 263 -35.46 0.58 -1.01
N GLU D 264 -35.21 1.41 -2.03
CA GLU D 264 -35.39 2.85 -1.86
C GLU D 264 -36.85 3.19 -1.57
N GLN D 265 -37.79 2.47 -2.18
CA GLN D 265 -39.19 2.68 -1.88
C GLN D 265 -39.58 1.98 -0.58
N LYS D 266 -38.87 0.90 -0.23
CA LYS D 266 -39.18 0.17 0.99
C LYS D 266 -38.78 0.98 2.23
N LEU D 267 -37.77 1.83 2.11
CA LEU D 267 -37.35 2.67 3.24
C LEU D 267 -38.47 3.62 3.65
N ARG D 268 -39.17 4.20 2.67
CA ARG D 268 -40.33 5.02 3.01
C ARG D 268 -41.54 4.16 3.33
N GLU D 269 -41.57 2.93 2.80
CA GLU D 269 -42.68 2.03 3.09
C GLU D 269 -42.68 1.61 4.55
N ILE D 270 -41.51 1.23 5.08
CA ILE D 270 -41.42 0.88 6.50
C ILE D 270 -41.54 2.14 7.35
N PHE D 271 -41.20 3.30 6.79
CA PHE D 271 -41.36 4.55 7.52
C PHE D 271 -42.81 5.01 7.49
N SER D 272 -43.54 4.64 6.43
CA SER D 272 -44.97 4.96 6.37
C SER D 272 -45.74 4.20 7.44
N LYS D 273 -45.33 2.96 7.72
CA LYS D 273 -45.96 2.20 8.80
C LYS D 273 -45.54 2.74 10.16
N ALA D 274 -44.38 3.41 10.23
CA ALA D 274 -43.96 4.00 11.48
C ALA D 274 -44.89 5.13 11.91
N GLU D 275 -45.42 5.88 10.95
CA GLU D 275 -46.39 6.93 11.27
C GLU D 275 -47.77 6.34 11.53
N GLU D 276 -48.11 5.25 10.84
CA GLU D 276 -49.43 4.64 11.04
C GLU D 276 -49.48 3.84 12.33
N THR D 277 -48.45 3.03 12.60
CA THR D 277 -48.44 2.23 13.82
C THR D 277 -48.05 3.06 15.04
N ALA D 278 -47.69 4.32 14.84
CA ALA D 278 -47.33 5.22 15.94
C ALA D 278 -48.42 5.26 17.00
N PRO D 279 -48.04 5.13 18.29
CA PRO D 279 -46.67 4.96 18.79
C PRO D 279 -46.04 3.60 18.48
N SER D 280 -44.78 3.62 18.05
CA SER D 280 -44.06 2.40 17.74
C SER D 280 -42.56 2.67 17.90
N ILE D 281 -41.80 1.59 18.04
CA ILE D 281 -40.35 1.66 18.21
C ILE D 281 -39.71 1.10 16.96
N ILE D 282 -38.59 1.69 16.53
CA ILE D 282 -37.90 1.26 15.33
C ILE D 282 -36.52 0.71 15.70
N PHE D 283 -36.34 -0.58 15.53
CA PHE D 283 -35.08 -1.27 15.83
C PHE D 283 -34.41 -1.66 14.52
N ILE D 284 -33.15 -1.25 14.36
CA ILE D 284 -32.36 -1.60 13.18
C ILE D 284 -31.10 -2.32 13.66
N ASP D 285 -30.99 -3.60 13.36
CA ASP D 285 -29.77 -4.36 13.56
C ASP D 285 -28.90 -4.39 12.31
N GLU D 286 -29.31 -3.70 11.25
CA GLU D 286 -28.66 -3.72 9.96
C GLU D 286 -27.65 -2.60 9.79
N ILE D 287 -27.37 -1.83 10.85
CA ILE D 287 -26.40 -0.74 10.78
C ILE D 287 -25.08 -1.23 10.17
N ASP D 288 -24.74 -2.49 10.44
CA ASP D 288 -23.57 -3.08 9.79
C ASP D 288 -23.76 -3.17 8.28
N SER D 289 -24.93 -3.64 7.82
CA SER D 289 -25.19 -3.71 6.38
C SER D 289 -25.58 -2.34 5.82
N ILE D 290 -26.48 -1.65 6.50
CA ILE D 290 -26.94 -0.34 6.02
C ILE D 290 -25.78 0.64 5.91
N ALA D 291 -25.16 0.99 7.03
CA ALA D 291 -24.12 2.02 7.07
C ALA D 291 -22.82 1.48 7.64
N PRO D 292 -22.15 0.56 6.93
CA PRO D 292 -20.77 0.21 7.30
C PRO D 292 -19.78 1.33 7.02
N LYS D 293 -20.20 2.35 6.27
CA LYS D 293 -19.31 3.24 5.51
C LYS D 293 -18.21 3.87 6.35
N ARG D 294 -16.97 3.64 5.92
CA ARG D 294 -15.76 4.30 6.40
C ARG D 294 -15.39 5.47 5.49
N GLU D 295 -16.32 5.86 4.61
CA GLU D 295 -16.08 6.74 3.46
C GLU D 295 -15.17 6.09 2.43
N GLU D 296 -15.68 5.03 1.81
CA GLU D 296 -15.16 4.47 0.56
C GLU D 296 -16.35 4.31 -0.39
N VAL D 297 -16.11 3.68 -1.52
CA VAL D 297 -17.19 3.46 -2.48
C VAL D 297 -17.68 2.01 -2.38
N GLN D 298 -18.86 1.85 -1.80
CA GLN D 298 -19.53 0.55 -1.73
C GLN D 298 -20.56 0.42 -2.83
N GLY D 299 -20.68 1.45 -3.67
CA GLY D 299 -21.73 1.49 -4.66
C GLY D 299 -22.79 2.52 -4.34
N GLU D 300 -23.66 2.82 -5.31
CA GLU D 300 -24.65 3.87 -5.12
C GLU D 300 -25.74 3.45 -4.15
N VAL D 301 -26.08 2.16 -4.13
CA VAL D 301 -27.17 1.68 -3.27
C VAL D 301 -26.80 1.85 -1.80
N GLU D 302 -25.51 1.71 -1.47
CA GLU D 302 -25.09 1.84 -0.08
C GLU D 302 -25.18 3.29 0.38
N ARG D 303 -24.80 4.23 -0.48
CA ARG D 303 -24.89 5.64 -0.11
C ARG D 303 -26.33 6.13 -0.18
N ARG D 304 -27.17 5.46 -0.98
CA ARG D 304 -28.56 5.88 -1.10
C ARG D 304 -29.39 5.40 0.09
N VAL D 305 -29.10 4.20 0.60
CA VAL D 305 -29.90 3.65 1.69
C VAL D 305 -29.57 4.38 3.00
N VAL D 306 -28.33 4.84 3.15
CA VAL D 306 -27.95 5.53 4.37
C VAL D 306 -28.43 6.98 4.33
N ALA D 307 -28.35 7.62 3.15
CA ALA D 307 -28.80 9.00 3.03
C ALA D 307 -30.29 9.13 3.24
N GLN D 308 -31.05 8.10 2.84
CA GLN D 308 -32.49 8.12 3.09
C GLN D 308 -32.80 7.92 4.57
N LEU D 309 -32.13 6.95 5.20
CA LEU D 309 -32.36 6.70 6.62
C LEU D 309 -32.03 7.94 7.45
N LEU D 310 -31.06 8.74 6.99
CA LEU D 310 -30.80 10.02 7.66
C LEU D 310 -31.96 10.98 7.48
N THR D 311 -32.54 11.02 6.27
CA THR D 311 -33.67 11.91 6.01
C THR D 311 -34.96 11.34 6.57
N LEU D 312 -35.06 10.01 6.70
CA LEU D 312 -36.24 9.43 7.30
C LEU D 312 -36.39 9.85 8.75
N MET D 313 -35.28 9.93 9.49
CA MET D 313 -35.33 10.44 10.85
C MET D 313 -35.42 11.96 10.85
N ASP D 314 -34.86 12.61 9.83
CA ASP D 314 -34.99 14.06 9.70
C ASP D 314 -36.37 14.45 9.22
N GLY D 315 -37.03 13.59 8.44
CA GLY D 315 -38.37 13.89 7.99
C GLY D 315 -39.38 13.90 9.12
N MET D 316 -39.02 13.30 10.26
CA MET D 316 -39.88 13.31 11.43
C MET D 316 -39.58 14.53 12.29
N LYS D 317 -40.64 15.16 12.80
CA LYS D 317 -40.50 16.28 13.72
C LYS D 317 -39.88 15.86 15.04
N GLU D 318 -39.67 14.56 15.23
CA GLU D 318 -39.28 13.87 16.46
C GLU D 318 -40.52 13.57 17.29
N ARG D 319 -41.66 14.14 16.91
CA ARG D 319 -42.91 13.67 17.52
C ARG D 319 -43.81 13.02 16.49
N GLY D 320 -43.79 11.69 16.44
CA GLY D 320 -44.95 10.89 16.09
C GLY D 320 -45.28 10.13 17.34
N HIS D 321 -44.53 10.48 18.40
CA HIS D 321 -44.27 9.66 19.58
C HIS D 321 -43.66 8.32 19.19
N VAL D 322 -42.46 8.34 18.58
CA VAL D 322 -41.75 7.12 18.18
C VAL D 322 -40.28 7.28 18.54
N ILE D 323 -39.61 6.15 18.75
CA ILE D 323 -38.19 6.13 19.09
C ILE D 323 -37.48 5.15 18.17
N VAL D 324 -36.52 5.66 17.40
CA VAL D 324 -35.72 4.84 16.49
C VAL D 324 -34.45 4.44 17.23
N ILE D 325 -34.11 3.15 17.19
CA ILE D 325 -32.92 2.64 17.84
C ILE D 325 -32.16 1.77 16.83
N GLY D 326 -30.93 1.42 17.18
CA GLY D 326 -30.09 0.65 16.28
C GLY D 326 -29.13 -0.24 17.05
N ALA D 327 -28.62 -1.24 16.32
CA ALA D 327 -27.73 -2.22 16.91
C ALA D 327 -26.73 -2.70 15.87
N THR D 328 -25.55 -3.11 16.34
CA THR D 328 -24.51 -3.60 15.46
C THR D 328 -23.59 -4.52 16.26
N ASN D 329 -22.77 -5.29 15.54
CA ASN D 329 -21.93 -6.31 16.13
C ASN D 329 -20.94 -5.72 17.13
N ARG D 330 -20.21 -4.70 16.73
CA ARG D 330 -19.14 -4.17 17.57
C ARG D 330 -19.07 -2.64 17.51
N ILE D 331 -18.02 -2.07 18.10
CA ILE D 331 -17.86 -0.62 18.10
C ILE D 331 -17.60 -0.10 16.69
N ASP D 332 -17.38 -1.02 15.74
CA ASP D 332 -17.04 -0.68 14.38
C ASP D 332 -18.21 -1.03 13.46
N ALA D 333 -18.02 -0.84 12.14
CA ALA D 333 -19.07 -0.99 11.15
C ALA D 333 -20.23 -0.06 11.47
N ILE D 334 -19.97 1.25 11.44
CA ILE D 334 -20.97 2.26 11.75
C ILE D 334 -20.59 3.54 11.00
N ASP D 335 -21.62 4.30 10.58
CA ASP D 335 -21.29 5.52 9.87
C ASP D 335 -20.86 6.62 10.84
N PRO D 336 -19.72 7.26 10.56
CA PRO D 336 -19.23 8.30 11.49
C PRO D 336 -20.15 9.49 11.64
N ALA D 337 -20.99 9.79 10.64
CA ALA D 337 -21.86 10.95 10.73
C ALA D 337 -23.07 10.69 11.62
N LEU D 338 -23.24 9.44 12.06
CA LEU D 338 -24.40 9.10 12.88
C LEU D 338 -24.30 9.72 14.26
N ARG D 339 -23.12 10.18 14.65
CA ARG D 339 -22.96 10.78 15.97
C ARG D 339 -23.21 12.28 15.94
N ARG D 340 -23.39 12.83 14.74
CA ARG D 340 -23.73 14.23 14.57
C ARG D 340 -25.15 14.47 15.08
N PRO D 341 -25.47 15.70 15.54
CA PRO D 341 -26.85 15.98 15.95
C PRO D 341 -27.85 15.88 14.80
N GLY D 342 -29.14 16.09 15.11
CA GLY D 342 -30.20 15.82 14.16
C GLY D 342 -30.49 14.36 13.92
N ARG D 343 -29.76 13.47 14.58
CA ARG D 343 -29.87 12.02 14.40
C ARG D 343 -29.37 11.36 15.68
N PHE D 344 -29.07 10.06 15.59
CA PHE D 344 -28.78 9.25 16.77
C PHE D 344 -27.79 9.93 17.69
N ASP D 345 -28.12 10.02 18.98
CA ASP D 345 -27.32 10.75 19.95
C ASP D 345 -26.81 9.84 21.06
N ARG D 346 -27.72 9.22 21.81
CA ARG D 346 -27.35 8.30 22.88
C ARG D 346 -26.78 7.02 22.27
N GLU D 347 -25.60 6.62 22.76
CA GLU D 347 -25.04 5.32 22.40
C GLU D 347 -24.81 4.54 23.69
N ILE D 348 -25.47 3.39 23.81
CA ILE D 348 -25.33 2.53 24.97
C ILE D 348 -24.54 1.29 24.57
N GLU D 349 -23.33 1.16 25.09
CA GLU D 349 -22.46 0.03 24.80
C GLU D 349 -22.87 -1.15 25.66
N ILE D 350 -23.21 -2.25 25.02
CA ILE D 350 -23.58 -3.49 25.70
C ILE D 350 -22.33 -4.36 25.78
N GLY D 351 -21.87 -4.62 27.00
CA GLY D 351 -20.66 -5.38 27.21
C GLY D 351 -20.89 -6.88 27.28
N VAL D 352 -20.09 -7.58 28.07
CA VAL D 352 -20.20 -9.02 28.21
C VAL D 352 -20.55 -9.31 29.66
N PRO D 353 -20.83 -10.57 30.06
CA PRO D 353 -21.18 -10.82 31.46
C PRO D 353 -19.98 -11.08 32.34
N ASP D 354 -20.24 -11.27 33.63
CA ASP D 354 -19.25 -11.62 34.64
C ASP D 354 -19.66 -12.94 35.27
N ARG D 355 -18.91 -13.39 36.28
CA ARG D 355 -19.26 -14.64 36.96
C ARG D 355 -20.69 -14.60 37.49
N ASN D 356 -21.11 -13.46 38.02
CA ASN D 356 -22.51 -13.31 38.43
C ASN D 356 -23.41 -13.01 37.23
N GLY D 357 -22.90 -12.25 36.25
CA GLY D 357 -23.70 -11.94 35.08
C GLY D 357 -23.94 -13.15 34.19
N ARG D 358 -22.97 -14.06 34.13
CA ARG D 358 -23.14 -15.28 33.36
C ARG D 358 -24.22 -16.16 33.97
N LYS D 359 -24.30 -16.18 35.31
CA LYS D 359 -25.35 -16.94 35.98
C LYS D 359 -26.73 -16.42 35.59
N GLU D 360 -26.86 -15.11 35.39
CA GLU D 360 -28.13 -14.55 34.94
C GLU D 360 -28.44 -14.96 33.51
N ILE D 361 -27.42 -15.01 32.64
CA ILE D 361 -27.62 -15.47 31.27
C ILE D 361 -27.90 -16.96 31.26
N LEU D 362 -27.16 -17.73 32.06
CA LEU D 362 -27.42 -19.17 32.14
C LEU D 362 -28.80 -19.46 32.69
N MET D 363 -29.26 -18.66 33.66
CA MET D 363 -30.55 -18.92 34.28
C MET D 363 -31.68 -18.90 33.26
N ILE D 364 -31.54 -18.10 32.20
CA ILE D 364 -32.52 -18.10 31.13
C ILE D 364 -32.54 -19.44 30.41
N HIS D 365 -31.35 -19.96 30.11
CA HIS D 365 -31.25 -21.25 29.42
C HIS D 365 -31.09 -22.41 30.38
N THR D 366 -31.02 -22.14 31.68
CA THR D 366 -30.93 -23.20 32.67
C THR D 366 -32.16 -24.11 32.65
N ARG D 367 -33.36 -23.55 32.70
CA ARG D 367 -34.56 -24.38 32.78
C ARG D 367 -35.31 -24.35 31.44
N ASN D 368 -34.99 -25.34 30.62
CA ASN D 368 -35.97 -26.02 29.79
C ASN D 368 -36.09 -27.44 30.32
N MET D 369 -35.26 -27.77 31.31
CA MET D 369 -34.84 -29.13 31.61
C MET D 369 -34.94 -29.41 33.11
N PRO D 370 -34.68 -30.65 33.57
CA PRO D 370 -34.83 -30.93 35.01
C PRO D 370 -33.58 -30.62 35.82
N LEU D 371 -33.27 -29.34 35.99
CA LEU D 371 -32.20 -28.92 36.89
C LEU D 371 -32.77 -28.12 38.05
N GLY D 372 -31.90 -27.68 38.96
CA GLY D 372 -32.35 -26.92 40.10
C GLY D 372 -31.26 -26.07 40.72
N MET D 373 -31.67 -25.03 41.44
CA MET D 373 -30.76 -24.13 42.15
C MET D 373 -30.66 -24.42 43.63
N SER D 374 -31.78 -24.29 44.37
CA SER D 374 -31.77 -24.59 45.80
C SER D 374 -31.81 -26.11 46.01
N GLU D 375 -32.37 -26.85 45.06
CA GLU D 375 -32.55 -28.29 45.21
C GLU D 375 -31.27 -29.08 44.92
N GLU D 376 -30.41 -28.58 44.03
CA GLU D 376 -29.01 -28.98 44.03
C GLU D 376 -28.15 -27.77 44.40
N GLU D 377 -27.55 -27.80 45.60
CA GLU D 377 -26.88 -26.63 46.14
C GLU D 377 -25.62 -26.27 45.38
N LYS D 378 -24.81 -27.27 45.03
CA LYS D 378 -23.50 -26.99 44.46
C LYS D 378 -23.27 -27.65 43.11
N ASN D 379 -23.29 -28.99 43.07
CA ASN D 379 -22.93 -29.77 41.89
C ASN D 379 -23.58 -29.30 40.60
N LYS D 380 -24.90 -29.06 40.59
CA LYS D 380 -25.55 -28.54 39.39
C LYS D 380 -25.73 -27.01 39.39
N PHE D 381 -25.23 -26.29 40.39
CA PHE D 381 -25.40 -24.85 40.45
C PHE D 381 -24.59 -24.18 39.34
N LEU D 382 -24.99 -22.97 38.94
CA LEU D 382 -24.43 -22.37 37.72
C LEU D 382 -23.02 -21.85 37.94
N GLU D 383 -22.65 -21.50 39.18
CA GLU D 383 -21.33 -20.94 39.41
C GLU D 383 -20.22 -21.95 39.15
N GLU D 384 -20.47 -23.23 39.45
CA GLU D 384 -19.50 -24.26 39.11
C GLU D 384 -19.34 -24.38 37.60
N MET D 385 -20.40 -24.10 36.85
CA MET D 385 -20.29 -24.07 35.40
C MET D 385 -19.73 -22.73 34.91
N ALA D 386 -19.85 -21.69 35.74
CA ALA D 386 -19.41 -20.37 35.34
C ALA D 386 -17.90 -20.20 35.45
N ASP D 387 -17.28 -20.77 36.49
CA ASP D 387 -15.86 -20.55 36.72
C ASP D 387 -15.00 -21.17 35.64
N TYR D 388 -15.42 -22.32 35.08
CA TYR D 388 -14.65 -22.95 34.03
C TYR D 388 -14.87 -22.26 32.69
N THR D 389 -16.10 -21.86 32.39
CA THR D 389 -16.43 -21.20 31.13
C THR D 389 -15.91 -19.77 31.11
N TYR D 390 -15.27 -19.39 30.02
CA TYR D 390 -14.70 -18.06 29.84
C TYR D 390 -14.91 -17.63 28.39
N GLY D 391 -15.40 -16.41 28.19
CA GLY D 391 -15.58 -15.88 26.85
C GLY D 391 -16.68 -16.56 26.05
N PHE D 392 -17.88 -16.63 26.61
CA PHE D 392 -19.02 -17.21 25.92
C PHE D 392 -20.14 -16.19 25.86
N VAL D 393 -21.27 -16.61 25.30
CA VAL D 393 -22.43 -15.73 25.15
C VAL D 393 -23.67 -16.61 25.08
N GLY D 394 -24.85 -15.99 25.26
CA GLY D 394 -26.08 -16.75 25.43
C GLY D 394 -26.32 -17.77 24.34
N ALA D 395 -26.28 -17.35 23.08
CA ALA D 395 -26.50 -18.30 21.99
C ALA D 395 -25.39 -19.34 21.91
N ASP D 396 -24.15 -18.93 22.18
CA ASP D 396 -23.06 -19.90 22.26
C ASP D 396 -23.29 -20.86 23.42
N LEU D 397 -23.70 -20.33 24.57
CA LEU D 397 -24.06 -21.20 25.70
C LEU D 397 -25.29 -22.04 25.38
N ALA D 398 -26.25 -21.46 24.65
CA ALA D 398 -27.43 -22.23 24.27
C ALA D 398 -27.06 -23.37 23.31
N ALA D 399 -26.23 -23.08 22.31
CA ALA D 399 -25.80 -24.12 21.39
C ALA D 399 -24.82 -25.08 22.06
N LEU D 400 -24.11 -24.61 23.09
CA LEU D 400 -23.18 -25.48 23.80
C LEU D 400 -23.93 -26.50 24.64
N VAL D 401 -24.95 -26.06 25.37
CA VAL D 401 -25.76 -26.98 26.18
C VAL D 401 -26.60 -27.87 25.28
N ARG D 402 -27.06 -27.34 24.15
CA ARG D 402 -27.78 -28.16 23.18
C ARG D 402 -26.87 -29.24 22.61
N GLU D 403 -25.62 -28.89 22.31
CA GLU D 403 -24.64 -29.91 21.96
C GLU D 403 -24.32 -30.79 23.15
N SER D 404 -24.33 -30.21 24.35
CA SER D 404 -24.15 -31.00 25.57
C SER D 404 -25.41 -31.79 25.90
N ALA D 405 -26.56 -31.38 25.35
CA ALA D 405 -27.76 -32.19 25.49
C ALA D 405 -27.62 -33.48 24.69
N MET D 406 -26.91 -33.44 23.57
CA MET D 406 -26.67 -34.66 22.81
C MET D 406 -25.82 -35.64 23.60
N ASN D 407 -24.96 -35.13 24.50
CA ASN D 407 -24.29 -36.02 25.44
C ASN D 407 -25.30 -36.73 26.32
N ALA D 408 -26.34 -36.02 26.76
CA ALA D 408 -27.43 -36.67 27.49
C ALA D 408 -28.24 -37.58 26.57
N LEU D 409 -28.31 -37.25 25.28
CA LEU D 409 -28.96 -38.14 24.33
C LEU D 409 -28.12 -39.39 24.10
N ARG D 410 -26.85 -39.23 23.71
CA ARG D 410 -26.05 -40.38 23.31
C ARG D 410 -25.89 -41.39 24.44
N ARG D 411 -26.10 -40.97 25.68
CA ARG D 411 -26.06 -41.93 26.79
C ARG D 411 -27.43 -42.56 27.02
N TYR D 412 -28.46 -42.03 26.37
CA TYR D 412 -29.83 -42.52 26.57
C TYR D 412 -30.56 -42.81 25.26
N LEU D 413 -30.83 -41.77 24.46
CA LEU D 413 -31.87 -41.88 23.44
C LEU D 413 -31.56 -42.89 22.34
N PRO D 414 -30.43 -42.81 21.62
CA PRO D 414 -30.29 -43.68 20.43
C PRO D 414 -30.32 -45.17 20.73
N GLU D 415 -29.60 -45.64 21.76
CA GLU D 415 -29.47 -47.08 21.96
C GLU D 415 -30.61 -47.65 22.78
N ILE D 416 -31.58 -46.80 23.18
CA ILE D 416 -32.71 -47.31 23.94
C ILE D 416 -34.01 -47.19 23.14
N ASP D 417 -34.47 -45.96 22.92
CA ASP D 417 -35.76 -45.76 22.26
C ASP D 417 -35.54 -44.97 20.97
N LEU D 418 -35.70 -45.64 19.85
CA LEU D 418 -35.71 -44.99 18.54
C LEU D 418 -37.14 -44.78 18.06
N ASP D 419 -38.12 -45.24 18.83
CA ASP D 419 -39.50 -45.23 18.40
C ASP D 419 -40.07 -43.81 18.39
N LYS D 420 -40.96 -43.55 17.42
CA LYS D 420 -41.63 -42.27 17.32
C LYS D 420 -42.57 -42.03 18.50
N PRO D 421 -43.40 -43.01 18.89
CA PRO D 421 -44.13 -42.86 20.15
C PRO D 421 -43.19 -42.77 21.33
N ILE D 422 -43.43 -41.78 22.18
CA ILE D 422 -42.57 -41.49 23.32
C ILE D 422 -43.03 -42.33 24.52
N PRO D 423 -42.21 -43.26 25.00
CA PRO D 423 -42.61 -44.08 26.15
C PRO D 423 -42.71 -43.25 27.42
N THR D 424 -43.40 -43.81 28.41
CA THR D 424 -43.51 -43.13 29.71
C THR D 424 -42.28 -43.40 30.57
N GLU D 425 -41.52 -44.45 30.25
CA GLU D 425 -40.36 -44.80 31.05
C GLU D 425 -39.16 -43.91 30.72
N ILE D 426 -39.09 -43.42 29.48
CA ILE D 426 -37.94 -42.61 29.07
C ILE D 426 -37.99 -41.25 29.76
N LEU D 427 -39.13 -40.91 30.36
CA LEU D 427 -39.26 -39.59 30.99
C LEU D 427 -38.53 -39.53 32.31
N GLU D 428 -38.55 -40.62 33.09
CA GLU D 428 -37.79 -40.65 34.33
C GLU D 428 -36.30 -40.75 34.07
N LYS D 429 -35.92 -41.23 32.88
CA LYS D 429 -34.52 -41.45 32.57
C LYS D 429 -33.81 -40.16 32.21
N MET D 430 -34.56 -39.07 32.09
CA MET D 430 -33.99 -37.80 31.62
C MET D 430 -33.51 -36.98 32.81
N VAL D 431 -32.20 -36.85 32.94
CA VAL D 431 -31.55 -35.97 33.90
C VAL D 431 -30.33 -35.37 33.21
N VAL D 432 -29.59 -34.52 33.92
CA VAL D 432 -28.35 -33.94 33.40
C VAL D 432 -27.27 -34.05 34.46
N THR D 433 -26.25 -34.84 34.16
CA THR D 433 -25.04 -34.95 34.98
C THR D 433 -24.06 -33.89 34.51
N GLU D 434 -23.30 -33.33 35.46
CA GLU D 434 -22.32 -32.29 35.13
C GLU D 434 -21.30 -32.75 34.11
N ASP D 435 -21.09 -34.06 33.97
CA ASP D 435 -20.10 -34.57 33.01
C ASP D 435 -20.45 -34.19 31.58
N ASP D 436 -21.75 -34.08 31.28
CA ASP D 436 -22.15 -33.66 29.94
C ASP D 436 -21.67 -32.24 29.62
N PHE D 437 -21.72 -31.35 30.61
CA PHE D 437 -21.23 -30.00 30.41
C PHE D 437 -19.72 -29.93 30.49
N LYS D 438 -19.10 -30.89 31.19
CA LYS D 438 -17.64 -30.92 31.27
C LYS D 438 -17.02 -31.49 30.00
N ASN D 439 -17.71 -32.45 29.37
CA ASN D 439 -17.19 -33.02 28.13
C ASN D 439 -17.13 -32.00 27.01
N ALA D 440 -18.02 -31.01 27.03
CA ALA D 440 -17.97 -29.95 26.02
C ALA D 440 -16.83 -28.98 26.32
N LEU D 441 -16.45 -28.86 27.59
CA LEU D 441 -15.32 -28.00 27.94
C LEU D 441 -14.00 -28.59 27.47
N LYS D 442 -13.88 -29.93 27.51
CA LYS D 442 -12.67 -30.57 27.00
C LYS D 442 -12.66 -30.57 25.48
N SER D 443 -13.83 -30.73 24.86
CA SER D 443 -13.92 -30.67 23.40
C SER D 443 -13.70 -29.25 22.90
N ILE D 444 -13.42 -29.12 21.60
CA ILE D 444 -12.86 -27.90 21.04
C ILE D 444 -13.86 -26.74 20.92
N GLU D 445 -15.14 -26.96 21.27
CA GLU D 445 -16.16 -25.92 21.04
C GLU D 445 -15.81 -24.55 21.62
N PRO D 446 -15.26 -24.46 22.87
CA PRO D 446 -14.92 -23.13 23.39
C PRO D 446 -13.92 -22.36 22.53
N SER D 447 -14.27 -21.12 22.19
CA SER D 447 -13.37 -20.20 21.49
C SER D 447 -13.69 -18.79 21.96
N SER D 448 -12.64 -18.01 22.24
CA SER D 448 -12.83 -16.62 22.64
C SER D 448 -12.09 -15.70 21.69
N LEU D 449 -12.84 -14.95 20.88
CA LEU D 449 -12.25 -13.97 19.98
C LEU D 449 -12.34 -12.56 20.57
N ARG D 450 -12.90 -12.44 21.77
CA ARG D 450 -13.20 -11.13 22.33
C ARG D 450 -11.91 -10.43 22.75
N GLU D 451 -11.68 -9.23 22.19
CA GLU D 451 -10.50 -8.45 22.52
C GLU D 451 -10.49 -8.07 24.01
N VAL D 452 -11.42 -7.22 24.42
CA VAL D 452 -11.42 -6.67 25.77
C VAL D 452 -12.28 -7.52 26.68
N MET D 453 -11.68 -7.96 27.78
CA MET D 453 -12.38 -8.76 28.78
C MET D 453 -11.91 -8.32 30.17
N VAL D 454 -12.72 -8.65 31.17
CA VAL D 454 -12.39 -8.39 32.57
C VAL D 454 -12.59 -9.69 33.35
N GLU D 455 -12.27 -9.65 34.65
CA GLU D 455 -12.40 -10.81 35.50
C GLU D 455 -12.39 -10.37 36.96
N VAL D 456 -12.56 -11.34 37.86
CA VAL D 456 -12.46 -11.15 39.30
C VAL D 456 -11.76 -12.38 39.87
N PRO D 457 -10.92 -12.25 40.90
CA PRO D 457 -10.19 -13.42 41.40
C PRO D 457 -10.92 -14.19 42.49
N ASN D 458 -10.37 -15.35 42.86
CA ASN D 458 -10.85 -16.13 43.99
C ASN D 458 -9.96 -16.00 45.22
N VAL D 459 -8.85 -15.27 45.11
CA VAL D 459 -7.79 -15.36 46.10
C VAL D 459 -8.13 -14.52 47.33
N HIS D 460 -8.00 -15.15 48.50
CA HIS D 460 -8.18 -14.48 49.77
C HIS D 460 -6.86 -14.44 50.51
N TRP D 461 -6.87 -13.88 51.72
CA TRP D 461 -5.64 -13.78 52.50
C TRP D 461 -5.39 -15.03 53.32
N ASP D 462 -6.29 -16.01 53.27
CA ASP D 462 -6.06 -17.26 53.99
C ASP D 462 -4.98 -18.10 53.31
N ASP D 463 -4.86 -17.97 51.99
CA ASP D 463 -3.80 -18.69 51.27
C ASP D 463 -2.51 -17.88 51.21
N ILE D 464 -2.54 -16.64 51.68
CA ILE D 464 -1.37 -15.78 51.63
C ILE D 464 -0.44 -16.09 52.80
N GLY D 465 0.85 -15.96 52.56
CA GLY D 465 1.88 -16.25 53.54
C GLY D 465 2.29 -15.02 54.33
N GLY D 466 3.57 -14.92 54.65
CA GLY D 466 4.10 -13.85 55.46
C GLY D 466 4.20 -12.54 54.70
N LEU D 467 5.11 -11.67 55.13
CA LEU D 467 5.23 -10.30 54.60
C LEU D 467 4.01 -9.47 54.95
N GLU D 468 3.61 -9.58 56.22
CA GLU D 468 2.47 -8.81 56.72
C GLU D 468 2.75 -7.32 56.77
N ASP D 469 4.03 -6.93 56.69
CA ASP D 469 4.37 -5.52 56.67
C ASP D 469 3.83 -4.84 55.42
N VAL D 470 3.86 -5.54 54.29
CA VAL D 470 3.28 -5.01 53.06
C VAL D 470 1.77 -5.17 53.07
N LYS D 471 1.27 -6.20 53.77
CA LYS D 471 -0.16 -6.43 53.88
C LYS D 471 -0.89 -5.19 54.36
N ARG D 472 -0.60 -4.76 55.59
CA ARG D 472 -1.21 -3.54 56.12
C ARG D 472 -0.80 -2.31 55.30
N GLU D 473 0.32 -2.41 54.57
CA GLU D 473 0.73 -1.31 53.71
C GLU D 473 -0.11 -1.27 52.44
N ILE D 474 -0.49 -2.43 51.92
CA ILE D 474 -1.41 -2.46 50.79
C ILE D 474 -2.77 -1.90 51.19
N LYS D 475 -3.23 -2.22 52.40
CA LYS D 475 -4.46 -1.63 52.91
C LYS D 475 -4.30 -0.12 53.07
N GLU D 476 -3.11 0.33 53.45
CA GLU D 476 -2.84 1.76 53.59
C GLU D 476 -3.08 2.49 52.28
N THR D 477 -2.41 2.07 51.22
CA THR D 477 -2.58 2.68 49.90
C THR D 477 -4.02 2.58 49.41
N VAL D 478 -4.49 1.35 49.17
CA VAL D 478 -5.71 1.15 48.39
C VAL D 478 -6.95 1.45 49.22
N GLU D 479 -7.04 0.88 50.42
CA GLU D 479 -8.34 0.82 51.11
C GLU D 479 -8.69 2.12 51.81
N LEU D 480 -7.70 2.95 52.13
CA LEU D 480 -7.98 4.18 52.87
C LEU D 480 -8.81 5.19 52.07
N PRO D 481 -8.46 5.54 50.83
CA PRO D 481 -9.21 6.62 50.15
C PRO D 481 -10.68 6.32 49.94
N LEU D 482 -11.11 5.06 50.06
CA LEU D 482 -12.52 4.75 49.82
C LEU D 482 -13.41 5.20 50.97
N LEU D 483 -13.08 4.78 52.19
CA LEU D 483 -13.94 5.07 53.34
C LEU D 483 -13.68 6.47 53.89
N LYS D 484 -12.41 6.87 53.96
CA LYS D 484 -11.92 8.09 54.58
C LYS D 484 -12.33 9.47 54.04
N PRO D 485 -12.63 9.66 52.71
CA PRO D 485 -12.34 10.95 52.06
C PRO D 485 -12.66 12.21 52.85
N ASP D 486 -13.66 12.20 53.74
CA ASP D 486 -13.85 13.36 54.61
C ASP D 486 -12.68 13.51 55.57
N VAL D 487 -11.98 12.42 55.85
CA VAL D 487 -10.71 12.50 56.57
C VAL D 487 -9.58 12.89 55.60
N PHE D 488 -9.68 12.43 54.36
CA PHE D 488 -8.69 12.81 53.34
C PHE D 488 -8.66 14.32 53.13
N LYS D 489 -9.83 14.97 53.27
CA LYS D 489 -9.88 16.41 53.14
C LYS D 489 -9.39 17.12 54.40
N ARG D 490 -9.31 16.38 55.51
CA ARG D 490 -8.83 16.97 56.75
C ARG D 490 -7.32 17.19 56.70
N LEU D 491 -6.57 16.19 56.24
CA LEU D 491 -5.12 16.34 56.12
C LEU D 491 -4.76 17.22 54.93
N GLY D 492 -5.49 17.08 53.84
CA GLY D 492 -5.26 17.90 52.66
C GLY D 492 -4.06 17.47 51.84
N ILE D 493 -3.70 16.19 51.93
CA ILE D 493 -2.57 15.65 51.16
C ILE D 493 -2.97 15.58 49.70
N ARG D 494 -1.98 15.53 48.80
CA ARG D 494 -2.23 15.54 47.37
C ARG D 494 -2.69 14.17 46.90
N PRO D 495 -3.09 14.01 45.62
CA PRO D 495 -3.43 12.66 45.13
C PRO D 495 -2.22 11.90 44.64
N SER D 496 -2.47 10.72 44.06
CA SER D 496 -1.42 9.83 43.58
C SER D 496 -2.02 8.62 42.88
N LYS D 497 -1.20 7.88 42.12
CA LYS D 497 -1.70 6.75 41.35
C LYS D 497 -1.65 5.47 42.15
N GLY D 498 -0.45 4.96 42.40
CA GLY D 498 -0.31 3.72 43.15
C GLY D 498 1.13 3.25 43.19
N PHE D 499 1.36 2.26 44.04
CA PHE D 499 2.68 1.72 44.28
C PHE D 499 3.11 0.84 43.11
N LEU D 500 4.27 0.20 43.27
CA LEU D 500 4.83 -0.68 42.24
C LEU D 500 5.61 -1.79 42.93
N LEU D 501 5.66 -2.96 42.31
CA LEU D 501 6.28 -4.13 42.92
C LEU D 501 7.47 -4.59 42.09
N TYR D 502 8.38 -5.31 42.74
CA TYR D 502 9.48 -5.96 42.04
C TYR D 502 9.91 -7.21 42.80
N GLY D 503 10.26 -8.25 42.04
CA GLY D 503 10.66 -9.52 42.59
C GLY D 503 10.60 -10.61 41.53
N PRO D 504 11.16 -11.78 41.83
CA PRO D 504 11.13 -12.90 40.88
C PRO D 504 9.71 -13.22 40.47
N PRO D 505 9.50 -13.71 39.24
CA PRO D 505 8.15 -13.72 38.66
C PRO D 505 7.18 -14.58 39.46
N GLY D 506 6.04 -13.99 39.82
CA GLY D 506 4.94 -14.72 40.42
C GLY D 506 5.26 -15.42 41.72
N VAL D 507 6.26 -14.94 42.47
CA VAL D 507 6.59 -15.58 43.74
C VAL D 507 5.40 -15.55 44.69
N GLY D 508 5.13 -14.41 45.32
CA GLY D 508 3.82 -14.10 45.85
C GLY D 508 3.20 -12.97 45.06
N LYS D 509 4.00 -12.35 44.19
CA LYS D 509 3.68 -11.03 43.66
C LYS D 509 2.42 -11.06 42.79
N THR D 510 2.27 -12.09 41.95
CA THR D 510 1.03 -12.22 41.19
C THR D 510 -0.13 -12.61 42.08
N LEU D 511 0.16 -13.32 43.18
CA LEU D 511 -0.89 -13.72 44.11
C LEU D 511 -1.25 -12.58 45.07
N LEU D 512 -0.25 -11.79 45.48
CA LEU D 512 -0.52 -10.72 46.43
C LEU D 512 -1.44 -9.66 45.85
N ALA D 513 -1.13 -9.15 44.66
CA ALA D 513 -1.99 -8.17 44.03
C ALA D 513 -3.32 -8.80 43.62
N LYS D 514 -3.35 -10.12 43.50
CA LYS D 514 -4.60 -10.82 43.16
C LYS D 514 -5.47 -11.00 44.41
N ALA D 515 -4.86 -10.95 45.59
CA ALA D 515 -5.62 -11.16 46.82
C ALA D 515 -6.37 -9.90 47.25
N VAL D 516 -5.81 -8.72 46.95
CA VAL D 516 -6.38 -7.47 47.44
C VAL D 516 -7.70 -7.17 46.73
N ALA D 517 -7.86 -7.67 45.50
CA ALA D 517 -9.08 -7.37 44.75
C ALA D 517 -10.31 -8.04 45.36
N THR D 518 -10.13 -9.20 46.00
CA THR D 518 -11.26 -9.91 46.57
C THR D 518 -11.68 -9.33 47.91
N GLU D 519 -10.70 -8.96 48.74
CA GLU D 519 -11.01 -8.43 50.07
C GLU D 519 -11.80 -7.13 49.97
N SER D 520 -11.34 -6.20 49.14
CA SER D 520 -12.05 -4.94 48.95
C SER D 520 -13.37 -5.11 48.22
N ASN D 521 -13.65 -6.32 47.71
CA ASN D 521 -14.88 -6.61 46.97
C ASN D 521 -15.01 -5.75 45.71
N ALA D 522 -13.88 -5.33 45.17
CA ALA D 522 -13.85 -4.58 43.92
C ALA D 522 -13.53 -5.52 42.76
N ASN D 523 -13.49 -4.94 41.56
CA ASN D 523 -13.20 -5.71 40.37
C ASN D 523 -11.69 -5.83 40.20
N PHE D 524 -11.25 -6.55 39.18
CA PHE D 524 -9.82 -6.77 38.95
C PHE D 524 -9.54 -6.63 37.46
N ILE D 525 -8.69 -5.69 37.10
CA ILE D 525 -8.29 -5.46 35.71
C ILE D 525 -6.81 -5.77 35.60
N SER D 526 -6.47 -6.80 34.82
CA SER D 526 -5.10 -7.25 34.66
C SER D 526 -4.62 -6.90 33.25
N ILE D 527 -3.52 -6.17 33.18
CA ILE D 527 -2.82 -5.90 31.93
C ILE D 527 -1.46 -6.57 32.04
N LYS D 528 -1.27 -7.65 31.29
CA LYS D 528 -0.10 -8.50 31.46
C LYS D 528 0.55 -8.71 30.10
N GLY D 529 1.84 -9.07 30.12
CA GLY D 529 2.61 -9.25 28.91
C GLY D 529 2.00 -10.20 27.92
N PRO D 530 1.77 -11.45 28.34
CA PRO D 530 1.04 -12.37 27.44
C PRO D 530 -0.38 -11.92 27.15
N GLU D 531 -0.95 -11.08 28.01
CA GLU D 531 -2.28 -10.51 27.72
C GLU D 531 -2.17 -9.35 26.74
N VAL D 532 -1.06 -8.60 26.80
CA VAL D 532 -0.87 -7.48 25.87
C VAL D 532 -0.43 -7.99 24.51
N LEU D 533 0.42 -9.01 24.48
CA LEU D 533 0.87 -9.58 23.21
C LEU D 533 -0.30 -10.13 22.41
N SER D 534 -1.44 -10.37 23.07
CA SER D 534 -2.66 -10.68 22.33
C SER D 534 -3.32 -9.42 21.80
N LYS D 535 -3.08 -8.28 22.46
CA LYS D 535 -3.78 -7.05 22.09
C LYS D 535 -3.20 -6.43 20.81
N TRP D 536 -1.88 -6.22 20.76
CA TRP D 536 -1.31 -5.43 19.68
C TRP D 536 -1.11 -6.26 18.41
N VAL D 537 -1.31 -7.58 18.50
CA VAL D 537 -1.31 -8.40 17.29
C VAL D 537 -2.64 -8.30 16.57
N GLY D 538 -3.73 -8.23 17.34
CA GLY D 538 -5.06 -8.12 16.75
C GLY D 538 -5.53 -6.68 16.58
N GLU D 539 -4.61 -5.73 16.55
CA GLU D 539 -4.88 -4.30 16.39
C GLU D 539 -5.72 -3.76 17.55
N SER D 540 -5.51 -4.27 18.76
CA SER D 540 -6.24 -3.79 19.93
C SER D 540 -5.43 -2.77 20.72
N GLU D 541 -4.22 -2.43 20.23
CA GLU D 541 -3.41 -1.45 20.93
C GLU D 541 -4.07 -0.07 20.96
N LYS D 542 -4.95 0.21 20.00
CA LYS D 542 -5.75 1.43 20.07
C LYS D 542 -6.90 1.26 21.06
N ALA D 543 -7.37 0.02 21.24
CA ALA D 543 -8.41 -0.23 22.22
C ALA D 543 -7.89 -0.13 23.65
N ILE D 544 -6.56 -0.10 23.82
CA ILE D 544 -5.99 0.13 25.14
C ILE D 544 -6.39 1.51 25.65
N ARG D 545 -6.53 2.47 24.74
CA ARG D 545 -7.08 3.77 25.12
C ARG D 545 -8.51 3.62 25.62
N GLU D 546 -9.27 2.68 25.05
CA GLU D 546 -10.63 2.45 25.51
C GLU D 546 -10.64 1.69 26.83
N ILE D 547 -9.69 0.78 27.02
CA ILE D 547 -9.55 0.08 28.30
C ILE D 547 -9.31 1.09 29.41
N PHE D 548 -8.58 2.16 29.14
CA PHE D 548 -8.43 3.24 30.11
C PHE D 548 -9.78 3.85 30.45
N LYS D 549 -10.58 4.14 29.42
CA LYS D 549 -11.92 4.67 29.66
C LYS D 549 -12.87 3.58 30.17
N LYS D 550 -12.49 2.31 29.97
CA LYS D 550 -13.32 1.21 30.45
C LYS D 550 -13.20 1.06 31.96
N ALA D 551 -12.12 1.56 32.55
CA ALA D 551 -11.87 1.31 33.97
C ALA D 551 -12.71 2.23 34.86
N LYS D 552 -13.21 3.33 34.30
CA LYS D 552 -13.90 4.31 35.15
C LYS D 552 -15.33 3.89 35.46
N GLN D 553 -15.99 3.19 34.54
CA GLN D 553 -17.34 2.71 34.85
C GLN D 553 -17.32 1.47 35.73
N VAL D 554 -16.41 0.54 35.46
CA VAL D 554 -16.27 -0.69 36.22
C VAL D 554 -15.72 -0.41 37.62
N ALA D 555 -15.24 0.81 37.87
CA ALA D 555 -14.72 1.22 39.17
C ALA D 555 -15.76 1.01 40.28
N PRO D 556 -15.29 0.72 41.51
CA PRO D 556 -13.90 0.52 41.92
C PRO D 556 -13.26 -0.74 41.31
N ALA D 557 -12.07 -0.56 40.72
CA ALA D 557 -11.29 -1.65 40.17
C ALA D 557 -9.83 -1.25 40.18
N ILE D 558 -8.95 -2.23 40.34
CA ILE D 558 -7.50 -2.01 40.35
C ILE D 558 -6.98 -2.36 38.96
N VAL D 559 -6.04 -1.57 38.46
CA VAL D 559 -5.42 -1.82 37.16
C VAL D 559 -4.03 -2.39 37.40
N PHE D 560 -3.77 -3.56 36.83
CA PHE D 560 -2.54 -4.32 37.08
C PHE D 560 -1.75 -4.40 35.78
N LEU D 561 -0.64 -3.66 35.70
CA LEU D 561 0.09 -3.46 34.45
C LEU D 561 1.52 -3.97 34.61
N ASP D 562 1.87 -5.03 33.88
CA ASP D 562 3.19 -5.64 34.01
C ASP D 562 3.79 -5.95 32.64
N GLU D 563 5.11 -5.77 32.53
CA GLU D 563 5.93 -6.10 31.37
C GLU D 563 5.37 -5.62 30.02
N ILE D 564 4.74 -4.46 30.00
CA ILE D 564 4.48 -3.81 28.71
C ILE D 564 5.75 -3.09 28.32
N ASP D 565 6.50 -2.63 29.32
CA ASP D 565 7.74 -1.90 29.07
C ASP D 565 8.86 -2.84 28.65
N SER D 566 8.62 -4.16 28.65
CA SER D 566 9.66 -5.11 28.27
C SER D 566 10.05 -4.94 26.80
N ILE D 567 9.12 -4.46 25.98
CA ILE D 567 9.41 -4.26 24.57
C ILE D 567 9.94 -2.85 24.31
N ALA D 568 10.03 -2.02 25.35
CA ALA D 568 10.56 -0.68 25.20
C ALA D 568 12.05 -0.63 24.91
N PRO D 569 12.94 -1.33 25.65
CA PRO D 569 14.39 -1.09 25.46
C PRO D 569 14.93 -1.54 24.11
N ARG D 570 14.21 -2.37 23.36
CA ARG D 570 14.76 -2.91 22.12
C ARG D 570 14.89 -1.83 21.04
N ARG D 571 13.94 -0.89 21.01
CA ARG D 571 14.03 0.19 20.03
C ARG D 571 15.02 1.25 20.47
N GLY D 572 15.03 1.60 21.74
CA GLY D 572 15.99 2.54 22.29
C GLY D 572 16.23 2.25 23.75
N THR D 573 17.39 2.66 24.28
CA THR D 573 17.78 2.24 25.61
C THR D 573 16.96 2.98 26.67
N THR D 574 16.23 2.20 27.48
CA THR D 574 15.49 2.80 28.58
C THR D 574 15.60 1.96 29.85
N SER D 575 16.19 2.56 30.88
CA SER D 575 16.08 2.11 32.26
C SER D 575 15.75 3.26 33.19
N ASP D 576 16.71 4.14 33.43
CA ASP D 576 16.39 5.49 33.89
C ASP D 576 16.41 6.52 32.76
N SER D 577 16.68 6.12 31.52
CA SER D 577 16.82 7.06 30.41
C SER D 577 15.45 7.55 29.93
N GLY D 578 14.53 6.60 29.75
CA GLY D 578 13.17 6.91 29.38
C GLY D 578 12.86 7.20 27.92
N VAL D 579 13.42 6.40 27.02
CA VAL D 579 13.02 6.39 25.61
C VAL D 579 12.38 5.03 25.35
N THR D 580 11.06 5.01 25.17
CA THR D 580 10.35 3.73 25.26
C THR D 580 9.93 3.14 23.91
N GLU D 581 8.84 3.63 23.32
CA GLU D 581 8.23 2.98 22.16
C GLU D 581 6.97 3.75 21.76
N ARG D 582 6.48 3.53 20.52
CA ARG D 582 5.40 4.39 20.00
C ARG D 582 4.05 4.05 20.62
N ILE D 583 3.79 2.77 20.89
CA ILE D 583 2.51 2.39 21.49
C ILE D 583 2.54 2.63 23.00
N VAL D 584 3.72 2.49 23.60
CA VAL D 584 3.82 2.57 25.06
C VAL D 584 3.58 4.00 25.54
N ASN D 585 3.87 4.99 24.69
CA ASN D 585 3.64 6.37 25.09
C ASN D 585 2.15 6.66 25.27
N GLN D 586 1.30 5.82 24.67
CA GLN D 586 -0.14 5.92 24.93
C GLN D 586 -0.45 5.53 26.37
N LEU D 587 0.36 4.65 26.95
CA LEU D 587 0.26 4.39 28.39
C LEU D 587 0.73 5.58 29.19
N LEU D 588 1.91 6.10 28.85
CA LEU D 588 2.50 7.24 29.57
C LEU D 588 1.57 8.45 29.55
N THR D 589 1.28 8.97 28.36
CA THR D 589 0.50 10.20 28.24
C THR D 589 -0.87 10.06 28.91
N SER D 590 -1.45 8.87 28.86
CA SER D 590 -2.76 8.65 29.49
C SER D 590 -2.68 8.79 31.00
N LEU D 591 -1.66 8.20 31.62
CA LEU D 591 -1.51 8.29 33.06
C LEU D 591 -1.28 9.73 33.50
N ASP D 592 -0.79 10.57 32.60
CA ASP D 592 -0.62 11.99 32.91
C ASP D 592 -1.95 12.73 32.81
N GLY D 593 -2.83 12.30 31.91
CA GLY D 593 -4.06 13.04 31.67
C GLY D 593 -5.28 12.40 32.30
N ILE D 594 -5.13 11.19 32.82
CA ILE D 594 -6.26 10.49 33.44
C ILE D 594 -6.58 11.15 34.76
N GLU D 595 -7.87 11.25 35.08
CA GLU D 595 -8.33 11.94 36.28
C GLU D 595 -8.00 11.09 37.51
N VAL D 596 -7.57 11.75 38.58
CA VAL D 596 -7.30 11.08 39.85
C VAL D 596 -8.60 10.97 40.64
N MET D 597 -8.49 10.57 41.91
CA MET D 597 -9.61 10.49 42.84
C MET D 597 -10.59 9.39 42.45
N ASN D 598 -10.36 8.74 41.32
CA ASN D 598 -11.25 7.68 40.83
C ASN D 598 -11.03 6.42 41.66
N GLY D 599 -11.79 5.38 41.37
CA GLY D 599 -11.65 4.12 42.11
C GLY D 599 -10.58 3.22 41.52
N VAL D 600 -9.79 3.75 40.60
CA VAL D 600 -8.73 2.99 39.93
C VAL D 600 -7.48 3.05 40.79
N VAL D 601 -6.74 1.94 40.84
CA VAL D 601 -5.50 1.84 41.59
C VAL D 601 -4.41 1.30 40.67
N VAL D 602 -3.40 2.12 40.41
CA VAL D 602 -2.32 1.80 39.49
C VAL D 602 -1.34 0.87 40.20
N ILE D 603 -1.08 -0.29 39.58
CA ILE D 603 -0.18 -1.29 40.15
C ILE D 603 0.70 -1.82 39.03
N GLY D 604 1.97 -2.08 39.34
CA GLY D 604 2.92 -2.63 38.39
C GLY D 604 3.92 -3.53 39.08
N ALA D 605 4.59 -4.38 38.29
CA ALA D 605 5.51 -5.37 38.82
C ALA D 605 6.50 -5.81 37.74
N THR D 606 7.59 -6.44 38.19
CA THR D 606 8.69 -6.84 37.32
C THR D 606 9.75 -7.60 38.10
N ASN D 607 10.63 -8.32 37.40
CA ASN D 607 11.62 -9.15 38.09
C ASN D 607 12.71 -8.31 38.74
N ARG D 608 13.41 -7.49 37.96
CA ARG D 608 14.30 -6.46 38.44
C ARG D 608 13.78 -5.33 37.56
N PRO D 609 13.66 -4.10 38.09
CA PRO D 609 12.91 -3.09 37.33
C PRO D 609 13.53 -2.76 35.98
N ASP D 610 14.78 -2.28 35.99
CA ASP D 610 15.75 -2.23 34.88
C ASP D 610 15.16 -1.83 33.53
N ILE D 611 13.88 -1.44 33.51
CA ILE D 611 13.24 -0.77 32.38
C ILE D 611 12.21 0.19 32.98
N MET D 612 12.31 1.48 32.65
CA MET D 612 11.47 2.54 33.21
C MET D 612 11.78 3.85 32.51
N ASP D 613 11.01 4.87 32.84
CA ASP D 613 11.23 6.23 32.39
C ASP D 613 11.45 7.08 33.63
N PRO D 614 12.26 8.15 33.54
CA PRO D 614 12.37 9.07 34.68
C PRO D 614 11.05 9.75 35.00
N ALA D 615 10.12 9.76 34.06
CA ALA D 615 8.76 10.23 34.34
C ALA D 615 7.97 9.17 35.10
N LEU D 616 8.26 7.89 34.84
CA LEU D 616 7.58 6.83 35.58
C LEU D 616 7.97 6.86 37.06
N LEU D 617 9.16 7.40 37.36
CA LEU D 617 9.54 7.56 38.76
C LEU D 617 8.90 8.80 39.37
N ARG D 618 8.61 9.81 38.56
CA ARG D 618 7.98 11.03 39.05
C ARG D 618 6.50 10.78 39.36
N ALA D 619 5.92 11.70 40.13
CA ALA D 619 4.56 11.55 40.60
C ALA D 619 3.56 11.72 39.46
N GLY D 620 2.27 11.60 39.79
CA GLY D 620 1.23 11.48 38.78
C GLY D 620 1.31 10.21 37.95
N ARG D 621 2.15 9.26 38.37
CA ARG D 621 2.55 8.10 37.58
C ARG D 621 2.97 7.04 38.59
N PHE D 622 3.70 6.03 38.10
CA PHE D 622 4.22 4.99 39.00
C PHE D 622 4.98 5.63 40.16
N ASP D 623 4.94 4.96 41.31
CA ASP D 623 5.31 5.58 42.58
C ASP D 623 6.19 4.68 43.42
N LYS D 624 6.37 5.05 44.70
CA LYS D 624 7.38 4.50 45.59
C LYS D 624 7.41 2.97 45.56
N LEU D 625 8.61 2.42 45.39
CA LEU D 625 8.77 0.98 45.22
C LEU D 625 8.41 0.26 46.50
N ILE D 626 7.89 -0.96 46.37
CA ILE D 626 7.58 -1.83 47.50
C ILE D 626 8.50 -3.04 47.42
N TYR D 627 9.44 -3.13 48.36
CA TYR D 627 10.42 -4.20 48.38
C TYR D 627 9.77 -5.50 48.87
N ILE D 628 9.89 -6.55 48.06
CA ILE D 628 9.39 -7.87 48.42
C ILE D 628 10.57 -8.68 48.95
N PRO D 629 10.67 -8.91 50.26
CA PRO D 629 11.78 -9.69 50.81
C PRO D 629 11.55 -11.18 50.58
N PRO D 630 12.61 -11.97 50.55
CA PRO D 630 12.45 -13.43 50.51
C PRO D 630 11.86 -13.92 51.83
N PRO D 631 10.93 -14.87 51.77
CA PRO D 631 10.28 -15.34 53.00
C PRO D 631 11.27 -15.90 54.00
N ASP D 632 11.14 -15.43 55.24
CA ASP D 632 11.97 -15.88 56.35
C ASP D 632 11.42 -17.20 56.88
N LYS D 633 12.03 -17.68 57.95
CA LYS D 633 11.60 -18.94 58.57
C LYS D 633 10.14 -18.88 58.98
N GLU D 634 9.76 -17.82 59.71
CA GLU D 634 8.36 -17.67 60.10
C GLU D 634 7.46 -17.40 58.90
N ALA D 635 8.02 -16.79 57.85
CA ALA D 635 7.24 -16.57 56.63
C ALA D 635 7.17 -17.83 55.79
N ARG D 636 8.30 -18.55 55.67
CA ARG D 636 8.31 -19.79 54.89
C ARG D 636 7.39 -20.84 55.51
N LEU D 637 7.46 -21.00 56.83
CA LEU D 637 6.58 -21.95 57.51
C LEU D 637 5.12 -21.63 57.26
N SER D 638 4.78 -20.34 57.21
CA SER D 638 3.41 -19.95 56.90
C SER D 638 3.09 -20.21 55.43
N ILE D 639 4.09 -20.14 54.55
CA ILE D 639 3.87 -20.46 53.15
C ILE D 639 3.85 -21.96 52.92
N LEU D 640 4.72 -22.70 53.62
CA LEU D 640 4.76 -24.14 53.43
C LEU D 640 3.48 -24.82 53.89
N LYS D 641 2.86 -24.31 54.95
CA LYS D 641 1.62 -24.91 55.44
C LYS D 641 0.47 -24.65 54.46
N VAL D 642 0.58 -23.61 53.64
CA VAL D 642 -0.41 -23.38 52.60
C VAL D 642 -0.24 -24.39 51.47
N HIS D 643 1.00 -24.79 51.20
CA HIS D 643 1.24 -25.75 50.12
C HIS D 643 0.90 -27.17 50.55
N THR D 644 1.10 -27.50 51.83
CA THR D 644 0.91 -28.87 52.30
C THR D 644 -0.47 -29.12 52.90
N LYS D 645 -1.35 -28.12 52.94
CA LYS D 645 -2.69 -28.37 53.47
C LYS D 645 -3.54 -29.13 52.47
N ASN D 646 -3.30 -28.93 51.17
CA ASN D 646 -4.03 -29.69 50.17
C ASN D 646 -3.45 -31.10 50.01
N MET D 647 -2.15 -31.24 50.24
CA MET D 647 -1.51 -32.55 50.23
C MET D 647 -1.74 -33.24 51.57
N PRO D 648 -1.59 -34.57 51.63
CA PRO D 648 -1.75 -35.27 52.90
C PRO D 648 -0.72 -34.82 53.94
N LEU D 649 -1.00 -35.10 55.21
CA LEU D 649 -0.14 -34.69 56.31
C LEU D 649 0.35 -35.92 57.05
N ALA D 650 1.59 -35.83 57.55
CA ALA D 650 2.27 -36.92 58.24
C ALA D 650 3.62 -36.45 58.76
N PRO D 651 4.14 -37.05 59.84
CA PRO D 651 5.44 -36.62 60.39
C PRO D 651 6.59 -36.79 59.41
N ASP D 652 6.38 -37.57 58.34
CA ASP D 652 7.40 -37.82 57.33
C ASP D 652 7.88 -36.52 56.69
N VAL D 653 7.03 -35.50 56.68
CA VAL D 653 7.37 -34.20 56.14
C VAL D 653 7.56 -33.22 57.29
N ASP D 654 8.81 -32.79 57.49
CA ASP D 654 9.13 -31.83 58.54
C ASP D 654 9.44 -30.47 57.92
N LEU D 655 8.69 -29.46 58.34
CA LEU D 655 8.85 -28.13 57.75
C LEU D 655 9.85 -27.29 58.55
N ASN D 656 10.27 -27.78 59.72
CA ASN D 656 11.13 -26.98 60.58
C ASN D 656 12.58 -27.06 60.14
N ASP D 657 13.04 -28.24 59.73
CA ASP D 657 14.46 -28.44 59.46
C ASP D 657 14.89 -27.69 58.20
N ILE D 658 14.04 -27.68 57.17
CA ILE D 658 14.41 -27.03 55.92
C ILE D 658 14.25 -25.52 56.03
N ALA D 659 13.46 -25.05 57.00
CA ALA D 659 13.25 -23.62 57.16
C ALA D 659 14.43 -22.96 57.86
N GLN D 660 15.15 -23.70 58.70
CA GLN D 660 16.26 -23.12 59.43
C GLN D 660 17.50 -22.99 58.55
N ARG D 661 17.73 -23.97 57.66
CA ARG D 661 18.97 -24.00 56.90
C ARG D 661 18.91 -23.03 55.72
N THR D 662 17.74 -22.85 55.13
CA THR D 662 17.59 -22.05 53.92
C THR D 662 16.81 -20.78 54.23
N GLU D 663 17.50 -19.64 54.23
CA GLU D 663 16.86 -18.36 54.48
C GLU D 663 16.46 -17.63 53.19
N GLY D 664 16.92 -18.06 52.02
CA GLY D 664 16.81 -17.25 50.82
C GLY D 664 15.81 -17.65 49.75
N TYR D 665 15.08 -18.74 49.94
CA TYR D 665 14.14 -19.18 48.92
C TYR D 665 12.95 -18.23 48.83
N VAL D 666 12.60 -17.87 47.60
CA VAL D 666 11.51 -16.94 47.32
C VAL D 666 10.19 -17.70 47.26
N GLY D 667 9.13 -17.02 46.83
CA GLY D 667 7.82 -17.65 46.81
C GLY D 667 7.65 -18.64 45.67
N ALA D 668 8.28 -18.35 44.52
CA ALA D 668 8.16 -19.25 43.38
C ALA D 668 8.87 -20.56 43.62
N ASP D 669 10.05 -20.51 44.25
CA ASP D 669 10.77 -21.75 44.58
C ASP D 669 9.97 -22.59 45.56
N LEU D 670 9.46 -21.97 46.63
CA LEU D 670 8.63 -22.70 47.57
C LEU D 670 7.37 -23.23 46.90
N GLU D 671 6.85 -22.49 45.93
CA GLU D 671 5.71 -22.99 45.16
C GLU D 671 6.13 -24.06 44.17
N ASN D 672 7.39 -23.99 43.70
CA ASN D 672 7.87 -24.99 42.74
C ASN D 672 8.28 -26.28 43.43
N LEU D 673 8.94 -26.18 44.59
CA LEU D 673 9.48 -27.37 45.25
C LEU D 673 8.39 -28.37 45.58
N CYS D 674 7.18 -27.90 45.87
CA CYS D 674 6.09 -28.83 46.21
C CYS D 674 5.49 -29.45 44.96
N ARG D 675 5.66 -28.81 43.80
CA ARG D 675 5.11 -29.34 42.56
C ARG D 675 5.70 -30.71 42.23
N GLU D 676 6.98 -30.76 41.86
CA GLU D 676 7.54 -32.02 41.39
C GLU D 676 7.90 -32.95 42.55
N ALA D 677 8.36 -32.40 43.67
CA ALA D 677 8.73 -33.24 44.80
C ALA D 677 7.49 -33.69 45.58
N GLY D 678 6.40 -32.96 45.45
CA GLY D 678 5.14 -33.42 46.02
C GLY D 678 4.58 -34.63 45.32
N MET D 679 4.83 -34.73 44.01
CA MET D 679 4.55 -35.97 43.29
C MET D 679 5.42 -37.10 43.83
N ASN D 680 6.61 -36.76 44.33
CA ASN D 680 7.46 -37.75 44.97
C ASN D 680 7.09 -37.94 46.43
N ALA D 681 6.23 -37.08 46.96
CA ALA D 681 5.84 -37.16 48.35
C ALA D 681 4.77 -38.23 48.54
N TYR D 682 4.92 -39.00 49.62
CA TYR D 682 4.04 -40.11 49.96
C TYR D 682 3.93 -41.09 48.79
N ARG D 683 2.75 -41.65 48.56
CA ARG D 683 2.57 -42.57 47.44
C ARG D 683 1.59 -41.97 46.43
N GLU D 684 2.14 -41.39 45.36
CA GLU D 684 1.39 -41.11 44.14
C GLU D 684 1.77 -42.09 43.04
N ASN D 685 2.79 -42.94 43.28
CA ASN D 685 3.52 -43.64 42.24
C ASN D 685 4.58 -44.58 42.83
N PRO D 686 4.95 -45.63 42.12
CA PRO D 686 5.76 -46.72 42.72
C PRO D 686 7.19 -46.37 43.10
N ASP D 687 7.73 -45.23 42.68
CA ASP D 687 9.16 -44.98 42.83
C ASP D 687 9.58 -44.98 44.30
N ALA D 688 10.86 -45.23 44.53
CA ALA D 688 11.39 -45.52 45.86
C ALA D 688 11.72 -44.27 46.67
N THR D 689 11.48 -43.08 46.12
CA THR D 689 11.74 -41.83 46.81
C THR D 689 10.60 -41.43 47.75
N SER D 690 9.59 -42.30 47.88
CA SER D 690 8.38 -42.02 48.65
C SER D 690 8.65 -41.85 50.14
N VAL D 691 7.72 -41.17 50.83
CA VAL D 691 7.65 -41.02 52.28
C VAL D 691 9.01 -40.69 52.90
N SER D 692 9.71 -39.71 52.33
CA SER D 692 10.99 -39.27 52.86
C SER D 692 11.03 -37.75 52.90
N GLN D 693 11.81 -37.21 53.84
CA GLN D 693 12.09 -35.78 53.85
C GLN D 693 13.23 -35.42 52.93
N LYS D 694 14.01 -36.41 52.51
CA LYS D 694 15.18 -36.14 51.68
C LYS D 694 14.78 -35.86 50.24
N ASN D 695 13.56 -36.24 49.84
CA ASN D 695 13.10 -35.93 48.49
C ASN D 695 12.99 -34.43 48.28
N PHE D 696 12.56 -33.70 49.32
CA PHE D 696 12.61 -32.24 49.27
C PHE D 696 14.04 -31.74 49.32
N LEU D 697 14.92 -32.48 50.00
CA LEU D 697 16.32 -32.08 50.09
C LEU D 697 17.08 -32.46 48.82
N ASP D 698 16.70 -33.56 48.18
CA ASP D 698 17.34 -33.93 46.92
C ASP D 698 17.06 -32.89 45.84
N ALA D 699 15.81 -32.42 45.75
CA ALA D 699 15.50 -31.34 44.82
C ALA D 699 16.03 -30.01 45.33
N LEU D 700 16.34 -29.91 46.63
CA LEU D 700 16.89 -28.68 47.17
C LEU D 700 18.30 -28.43 46.66
N LYS D 701 19.06 -29.50 46.44
CA LYS D 701 20.43 -29.34 45.95
C LYS D 701 20.44 -29.05 44.45
N THR D 702 19.45 -29.58 43.72
CA THR D 702 19.40 -29.37 42.29
C THR D 702 18.97 -27.94 41.95
N ILE D 703 17.93 -27.45 42.64
CA ILE D 703 17.47 -26.09 42.38
C ILE D 703 18.46 -25.07 42.94
N ARG D 704 18.55 -23.94 42.25
CA ARG D 704 19.43 -22.86 42.69
C ARG D 704 18.97 -22.30 44.02
N PRO D 705 19.89 -21.85 44.86
CA PRO D 705 19.50 -21.25 46.15
C PRO D 705 18.75 -19.94 46.01
N SER D 706 18.86 -19.27 44.87
CA SER D 706 18.16 -18.01 44.59
C SER D 706 18.48 -16.95 45.65
N VAL D 707 19.70 -17.05 46.18
CA VAL D 707 20.20 -16.10 47.18
C VAL D 707 21.17 -15.18 46.46
N ASP D 708 20.75 -13.93 46.23
CA ASP D 708 21.60 -12.93 45.59
C ASP D 708 21.54 -11.66 46.46
N GLU D 709 22.67 -11.33 47.07
CA GLU D 709 22.75 -10.11 47.88
C GLU D 709 22.99 -8.90 46.99
N GLU D 710 23.53 -9.11 45.79
CA GLU D 710 23.90 -7.99 44.93
C GLU D 710 22.68 -7.34 44.30
N VAL D 711 21.69 -8.15 43.89
CA VAL D 711 20.50 -7.56 43.28
C VAL D 711 19.64 -6.88 44.33
N ILE D 712 19.67 -7.37 45.57
CA ILE D 712 18.98 -6.68 46.65
C ILE D 712 19.65 -5.34 46.93
N LYS D 713 20.99 -5.30 46.86
CA LYS D 713 21.70 -4.04 46.97
C LYS D 713 21.43 -3.15 45.76
N PHE D 714 21.25 -3.75 44.58
CA PHE D 714 20.92 -2.96 43.39
C PHE D 714 19.54 -2.33 43.50
N TYR D 715 18.64 -2.96 44.25
CA TYR D 715 17.31 -2.38 44.45
C TYR D 715 17.38 -1.12 45.29
N ARG D 716 18.21 -1.13 46.34
CA ARG D 716 18.30 0.02 47.23
C ARG D 716 18.99 1.20 46.54
N THR D 717 19.90 0.91 45.60
CA THR D 717 20.59 1.98 44.91
C THR D 717 19.70 2.62 43.85
N LEU D 718 18.88 1.82 43.17
CA LEU D 718 18.01 2.36 42.13
C LEU D 718 16.78 3.01 42.72
N SER D 719 16.38 2.59 43.93
CA SER D 719 15.18 3.15 44.54
C SER D 719 15.39 4.60 44.96
N GLU D 720 16.48 4.89 45.66
CA GLU D 720 16.74 6.25 46.12
C GLU D 720 17.09 7.17 44.95
N THR D 721 17.92 6.69 44.03
CA THR D 721 18.32 7.49 42.88
C THR D 721 17.19 7.55 41.84
N GLY E 1 9.23 60.19 -35.01
CA GLY E 1 9.45 61.59 -35.31
C GLY E 1 8.63 62.52 -34.44
N ILE E 2 7.31 62.45 -34.63
CA ILE E 2 6.29 62.99 -33.74
C ILE E 2 5.64 61.81 -33.03
N ILE E 3 6.16 60.62 -33.30
CA ILE E 3 5.43 59.36 -33.27
C ILE E 3 5.45 58.75 -31.87
N LEU E 4 5.87 59.53 -30.87
CA LEU E 4 6.34 59.03 -29.58
C LEU E 4 5.44 57.95 -28.99
N ARG E 5 6.07 56.90 -28.45
CA ARG E 5 5.42 55.63 -28.14
C ARG E 5 4.40 55.75 -27.02
N VAL E 6 3.54 54.75 -26.92
CA VAL E 6 2.68 54.56 -25.75
C VAL E 6 3.19 53.33 -24.99
N ALA E 7 3.01 53.34 -23.66
CA ALA E 7 3.51 52.25 -22.83
C ALA E 7 2.65 52.13 -21.58
N GLU E 8 3.07 51.24 -20.67
CA GLU E 8 2.38 51.00 -19.42
C GLU E 8 3.06 51.85 -18.34
N ALA E 9 2.29 52.73 -17.71
CA ALA E 9 2.86 53.71 -16.78
C ALA E 9 3.37 53.01 -15.52
N ASN E 10 4.64 53.20 -15.20
CA ASN E 10 5.22 52.74 -13.95
C ASN E 10 4.79 53.62 -12.79
N SER E 11 5.19 54.90 -12.80
CA SER E 11 4.54 55.91 -11.97
C SER E 11 3.17 56.12 -12.60
N THR E 12 2.12 55.89 -11.80
CA THR E 12 0.78 55.85 -12.38
C THR E 12 0.24 57.25 -12.61
N ASP E 13 0.47 58.17 -11.67
CA ASP E 13 -0.23 59.44 -11.63
C ASP E 13 -1.73 59.15 -11.66
N PRO E 14 -2.30 58.69 -10.53
CA PRO E 14 -3.71 58.27 -10.52
C PRO E 14 -4.65 59.33 -11.08
N GLY E 15 -4.30 60.60 -10.94
CA GLY E 15 -4.99 61.63 -11.68
C GLY E 15 -4.72 61.47 -13.16
N MET E 16 -5.77 61.32 -13.96
CA MET E 16 -5.59 61.05 -15.38
C MET E 16 -5.15 62.31 -16.10
N SER E 17 -4.60 62.17 -17.31
CA SER E 17 -4.15 63.29 -18.14
C SER E 17 -2.84 63.87 -17.61
N ARG E 18 -2.33 63.29 -16.52
CA ARG E 18 -1.07 63.68 -15.90
C ARG E 18 0.11 62.94 -16.52
N VAL E 19 -0.10 62.28 -17.64
CA VAL E 19 0.80 61.30 -18.25
C VAL E 19 2.24 61.77 -18.31
N ARG E 20 3.17 60.89 -17.92
CA ARG E 20 4.59 61.20 -17.85
C ARG E 20 5.15 61.27 -19.26
N LEU E 21 5.90 62.35 -19.54
CA LEU E 21 6.67 62.47 -20.77
C LEU E 21 8.09 62.88 -20.37
N ASP E 22 9.09 62.21 -20.95
CA ASP E 22 10.48 62.45 -20.60
C ASP E 22 10.93 63.86 -20.94
N GLU E 23 11.92 64.37 -20.21
CA GLU E 23 12.53 65.64 -20.57
C GLU E 23 13.34 65.52 -21.84
N SER E 24 13.96 64.35 -22.05
CA SER E 24 14.72 64.11 -23.27
C SER E 24 13.79 63.79 -24.45
N SER E 25 12.61 63.25 -24.15
CA SER E 25 11.66 62.94 -25.22
C SER E 25 10.90 64.18 -25.67
N ARG E 26 10.65 65.12 -24.75
CA ARG E 26 9.92 66.33 -25.11
C ARG E 26 10.80 67.31 -25.87
N ARG E 27 12.12 67.28 -25.64
CA ARG E 27 13.01 68.17 -26.39
C ARG E 27 13.21 67.66 -27.81
N LEU E 28 12.93 66.37 -28.05
CA LEU E 28 12.92 65.86 -29.42
C LEU E 28 11.74 66.44 -30.19
N LEU E 29 10.62 66.69 -29.51
CA LEU E 29 9.48 67.31 -30.15
C LEU E 29 9.54 68.83 -30.04
N ASP E 30 10.52 69.36 -29.30
CA ASP E 30 10.67 70.79 -29.05
C ASP E 30 9.44 71.35 -28.33
N ALA E 31 8.88 70.57 -27.41
CA ALA E 31 7.77 71.02 -26.59
C ALA E 31 8.20 71.14 -25.14
N GLU E 32 8.02 72.33 -24.56
CA GLU E 32 8.51 72.57 -23.21
C GLU E 32 7.61 71.89 -22.18
N ILE E 33 8.01 72.02 -20.91
CA ILE E 33 7.32 71.33 -19.84
C ILE E 33 6.11 72.15 -19.37
N GLY E 34 5.06 71.42 -18.97
CA GLY E 34 3.89 72.05 -18.38
C GLY E 34 2.98 72.75 -19.37
N ASP E 35 2.69 72.09 -20.49
CA ASP E 35 1.81 72.64 -21.51
C ASP E 35 0.72 71.63 -21.85
N VAL E 36 -0.34 72.13 -22.50
CA VAL E 36 -1.43 71.26 -22.91
C VAL E 36 -1.01 70.46 -24.13
N VAL E 37 -1.30 69.16 -24.12
CA VAL E 37 -0.87 68.25 -25.17
C VAL E 37 -2.09 67.76 -25.93
N GLU E 38 -1.94 67.64 -27.25
CA GLU E 38 -2.95 67.07 -28.12
C GLU E 38 -2.45 65.75 -28.69
N ILE E 39 -3.07 64.65 -28.27
CA ILE E 39 -2.72 63.31 -28.75
C ILE E 39 -3.67 62.95 -29.89
N GLU E 40 -3.12 62.83 -31.09
CA GLU E 40 -3.90 62.50 -32.27
C GLU E 40 -3.31 61.27 -32.93
N LYS E 41 -4.17 60.31 -33.26
CA LYS E 41 -3.72 59.05 -33.86
C LYS E 41 -4.72 58.59 -34.93
N VAL E 42 -4.54 57.35 -35.40
CA VAL E 42 -5.45 56.78 -36.39
C VAL E 42 -6.85 56.66 -35.78
N ARG E 43 -7.85 56.59 -36.65
CA ARG E 43 -9.29 56.58 -36.34
C ARG E 43 -9.77 57.94 -35.89
N LYS E 44 -8.88 58.93 -35.79
CA LYS E 44 -9.22 60.31 -35.46
C LYS E 44 -9.80 60.41 -34.05
N THR E 45 -9.35 59.54 -33.16
CA THR E 45 -9.64 59.64 -31.74
C THR E 45 -8.55 60.48 -31.08
N VAL E 46 -8.98 61.38 -30.19
CA VAL E 46 -8.09 62.39 -29.62
C VAL E 46 -8.23 62.40 -28.11
N GLY E 47 -7.23 62.97 -27.44
CA GLY E 47 -7.22 63.12 -26.00
C GLY E 47 -6.12 64.08 -25.59
N ARG E 48 -6.25 64.68 -24.41
CA ARG E 48 -5.29 65.67 -23.95
C ARG E 48 -4.66 65.24 -22.63
N VAL E 49 -3.35 65.44 -22.53
CA VAL E 49 -2.59 65.06 -21.34
C VAL E 49 -1.68 66.21 -20.91
N TYR E 50 -1.12 66.11 -19.71
CA TYR E 50 -0.22 67.12 -19.16
C TYR E 50 1.17 66.51 -19.01
N ARG E 51 2.19 67.25 -19.43
CA ARG E 51 3.54 66.73 -19.40
C ARG E 51 4.17 66.88 -18.03
N ALA E 52 4.71 65.76 -17.54
CA ALA E 52 5.50 65.73 -16.30
C ALA E 52 6.66 64.77 -16.50
N ARG E 53 7.87 65.17 -16.09
CA ARG E 53 9.07 64.42 -16.44
C ARG E 53 9.34 63.29 -15.45
N PRO E 54 9.46 62.06 -15.95
CA PRO E 54 10.06 60.99 -15.15
C PRO E 54 11.57 60.95 -15.36
N GLU E 55 12.25 59.95 -14.80
CA GLU E 55 13.70 59.91 -14.83
C GLU E 55 14.25 58.70 -15.57
N ASP E 56 13.97 57.50 -15.06
CA ASP E 56 14.64 56.30 -15.56
C ASP E 56 14.32 56.03 -17.03
N GLU E 57 13.18 56.52 -17.51
CA GLU E 57 12.79 56.25 -18.89
C GLU E 57 13.67 57.00 -19.87
N ASN E 58 13.79 56.46 -21.07
CA ASN E 58 14.59 57.06 -22.14
C ASN E 58 13.69 57.53 -23.27
N LYS E 59 14.30 58.16 -24.27
CA LYS E 59 13.57 58.77 -25.37
C LYS E 59 12.99 57.76 -26.35
N GLY E 60 13.40 56.49 -26.27
CA GLY E 60 12.87 55.47 -27.16
C GLY E 60 11.37 55.26 -27.07
N ILE E 61 10.79 55.43 -25.88
CA ILE E 61 9.37 55.27 -25.66
C ILE E 61 8.88 56.40 -24.76
N VAL E 62 7.57 56.64 -24.81
CA VAL E 62 6.90 57.54 -23.88
C VAL E 62 5.91 56.72 -23.07
N ARG E 63 6.05 56.77 -21.75
CA ARG E 63 5.28 55.90 -20.87
C ARG E 63 3.97 56.58 -20.47
N ILE E 64 2.85 56.00 -20.89
CA ILE E 64 1.56 56.69 -20.86
C ILE E 64 0.61 55.94 -19.93
N ASP E 65 -0.34 56.68 -19.34
CA ASP E 65 -1.30 56.11 -18.42
C ASP E 65 -2.24 55.14 -19.14
N SER E 66 -2.88 54.28 -18.35
CA SER E 66 -3.72 53.23 -18.93
C SER E 66 -4.99 53.79 -19.56
N VAL E 67 -5.74 54.59 -18.80
CA VAL E 67 -7.06 55.02 -19.26
C VAL E 67 -6.94 55.94 -20.47
N MET E 68 -5.92 56.79 -20.50
CA MET E 68 -5.71 57.64 -21.66
C MET E 68 -5.31 56.82 -22.89
N ARG E 69 -4.69 55.66 -22.67
CA ARG E 69 -4.55 54.71 -23.77
C ARG E 69 -5.85 53.92 -23.96
N ASN E 70 -6.66 53.82 -22.90
CA ASN E 70 -7.96 53.17 -23.03
C ASN E 70 -8.98 54.11 -23.64
N ASN E 71 -8.69 55.41 -23.66
CA ASN E 71 -9.57 56.35 -24.34
C ASN E 71 -9.33 56.34 -25.84
N CYS E 72 -8.06 56.29 -26.25
CA CYS E 72 -7.76 56.27 -27.69
C CYS E 72 -7.67 54.84 -28.22
N GLY E 73 -7.93 53.85 -27.35
CA GLY E 73 -7.75 52.46 -27.70
C GLY E 73 -6.33 52.09 -28.07
N ALA E 74 -5.34 52.67 -27.40
CA ALA E 74 -3.96 52.51 -27.82
C ALA E 74 -3.40 51.16 -27.39
N SER E 75 -2.67 50.53 -28.31
CA SER E 75 -1.92 49.32 -28.02
C SER E 75 -0.44 49.68 -28.09
N ILE E 76 0.38 48.93 -27.34
CA ILE E 76 1.81 49.23 -27.23
C ILE E 76 2.45 49.25 -28.61
N GLY E 77 3.11 50.34 -28.95
CA GLY E 77 3.77 50.48 -30.23
C GLY E 77 2.92 51.10 -31.33
N ASP E 78 1.90 51.87 -31.00
CA ASP E 78 1.07 52.50 -32.01
C ASP E 78 1.72 53.78 -32.54
N LYS E 79 0.97 54.49 -33.38
CA LYS E 79 1.43 55.71 -34.04
C LYS E 79 0.52 56.87 -33.68
N VAL E 80 1.11 57.92 -33.11
CA VAL E 80 0.36 59.09 -32.67
C VAL E 80 1.07 60.35 -33.17
N LYS E 81 0.32 61.46 -33.17
CA LYS E 81 0.83 62.78 -33.50
C LYS E 81 0.53 63.70 -32.33
N VAL E 82 1.59 64.19 -31.68
CA VAL E 82 1.43 65.03 -30.49
C VAL E 82 2.24 66.32 -30.68
N ARG E 83 1.65 67.42 -30.21
CA ARG E 83 2.31 68.71 -30.25
C ARG E 83 1.70 69.61 -29.19
N LYS E 84 2.43 70.66 -28.83
CA LYS E 84 1.94 71.62 -27.85
C LYS E 84 0.94 72.57 -28.50
N VAL E 85 -0.08 72.95 -27.72
CA VAL E 85 -1.16 73.82 -28.20
C VAL E 85 -1.34 74.96 -27.22
N ARG E 86 -2.37 75.77 -27.49
CA ARG E 86 -2.71 76.90 -26.64
C ARG E 86 -3.28 76.42 -25.32
N THR E 87 -3.22 77.26 -24.29
CA THR E 87 -3.68 76.89 -22.95
C THR E 87 -4.88 77.74 -22.54
N GLU E 88 -5.95 77.07 -22.13
CA GLU E 88 -7.14 77.78 -21.66
C GLU E 88 -7.58 77.14 -20.34
N ILE E 89 -8.72 77.59 -19.82
CA ILE E 89 -9.28 77.05 -18.58
C ILE E 89 -10.79 76.92 -18.76
N ALA E 90 -11.38 75.92 -18.11
CA ALA E 90 -12.81 75.68 -18.24
C ALA E 90 -13.60 76.72 -17.46
N LYS E 91 -14.93 76.63 -17.54
CA LYS E 91 -15.81 77.53 -16.81
C LYS E 91 -16.85 76.74 -16.03
N LYS E 92 -17.77 76.11 -16.74
CA LYS E 92 -18.76 75.24 -16.13
C LYS E 92 -18.93 74.00 -17.00
N VAL E 93 -18.73 72.83 -16.39
CA VAL E 93 -18.73 71.56 -17.11
C VAL E 93 -19.89 70.72 -16.60
N THR E 94 -20.50 69.96 -17.50
CA THR E 94 -21.63 69.08 -17.18
C THR E 94 -21.22 67.64 -17.48
N LEU E 95 -21.49 66.75 -16.53
CA LEU E 95 -21.12 65.34 -16.65
C LEU E 95 -22.37 64.46 -16.54
N ALA E 96 -22.23 63.23 -17.02
CA ALA E 96 -23.33 62.27 -17.02
C ALA E 96 -22.82 60.89 -16.67
N PRO E 97 -23.66 60.06 -16.04
CA PRO E 97 -23.22 58.71 -15.68
C PRO E 97 -23.09 57.80 -16.90
N ILE E 98 -22.28 56.75 -16.75
CA ILE E 98 -22.11 55.74 -17.79
C ILE E 98 -22.77 54.48 -17.27
N ILE E 99 -23.91 54.12 -17.88
CA ILE E 99 -24.71 52.99 -17.40
C ILE E 99 -24.74 51.89 -18.45
N ARG E 100 -24.04 50.78 -18.18
CA ARG E 100 -24.18 49.59 -19.03
C ARG E 100 -24.42 48.40 -18.13
N LYS E 101 -23.41 47.91 -17.41
CA LYS E 101 -23.60 46.85 -16.41
C LYS E 101 -23.66 47.45 -15.01
N ASP E 102 -23.55 48.77 -14.92
CA ASP E 102 -23.29 49.47 -13.67
C ASP E 102 -24.50 49.46 -12.73
N GLN E 103 -25.70 49.26 -13.29
CA GLN E 103 -26.93 49.34 -12.51
C GLN E 103 -27.05 50.70 -11.84
N ARG E 104 -27.31 51.73 -12.65
CA ARG E 104 -27.32 53.14 -12.26
C ARG E 104 -25.96 53.49 -11.64
N LEU E 105 -25.93 54.36 -10.63
CA LEU E 105 -24.67 54.90 -10.12
C LEU E 105 -24.94 55.69 -8.84
N LYS E 106 -23.93 56.40 -8.35
CA LYS E 106 -23.99 57.28 -7.19
C LYS E 106 -25.20 58.21 -7.22
N PHE E 107 -25.88 58.34 -6.08
CA PHE E 107 -27.11 59.13 -5.97
C PHE E 107 -26.84 60.52 -5.41
N GLY E 108 -26.34 60.58 -4.18
CA GLY E 108 -26.32 61.80 -3.41
C GLY E 108 -25.27 62.80 -3.88
N GLU E 109 -24.93 63.71 -2.96
CA GLU E 109 -24.09 64.86 -3.24
C GLU E 109 -22.64 64.43 -3.40
N GLY E 110 -21.75 65.42 -3.47
CA GLY E 110 -20.36 65.18 -3.79
C GLY E 110 -20.03 65.56 -5.22
N ILE E 111 -20.95 66.28 -5.87
CA ILE E 111 -20.72 66.81 -7.19
C ILE E 111 -19.59 67.82 -7.21
N GLU E 112 -19.38 68.53 -6.10
CA GLU E 112 -18.23 69.43 -5.94
C GLU E 112 -17.04 68.79 -5.25
N GLU E 113 -17.16 68.38 -3.98
CA GLU E 113 -16.06 67.81 -3.22
C GLU E 113 -15.28 66.77 -4.02
N TYR E 114 -15.94 65.65 -4.35
CA TYR E 114 -15.26 64.52 -4.95
C TYR E 114 -14.64 64.87 -6.29
N VAL E 115 -15.32 65.69 -7.08
CA VAL E 115 -14.81 66.04 -8.40
C VAL E 115 -13.70 67.08 -8.31
N GLN E 116 -13.94 68.15 -7.55
CA GLN E 116 -13.09 69.33 -7.62
C GLN E 116 -11.65 69.03 -7.22
N ARG E 117 -11.45 68.46 -6.03
CA ARG E 117 -10.09 68.27 -5.51
C ARG E 117 -9.35 67.21 -6.32
N ALA E 118 -10.07 66.40 -7.11
CA ALA E 118 -9.43 65.40 -7.94
C ALA E 118 -9.17 65.89 -9.36
N LEU E 119 -9.49 67.14 -9.67
CA LEU E 119 -9.31 67.65 -11.02
C LEU E 119 -7.83 67.89 -11.32
N ILE E 120 -7.13 68.57 -10.40
CA ILE E 120 -5.68 68.83 -10.45
C ILE E 120 -5.24 69.24 -11.86
N ARG E 121 -6.02 70.12 -12.50
CA ARG E 121 -5.67 70.72 -13.80
C ARG E 121 -5.46 69.66 -14.89
N ARG E 122 -6.49 68.80 -15.11
CA ARG E 122 -6.46 67.82 -16.18
C ARG E 122 -6.81 68.45 -17.51
N PRO E 123 -5.91 68.45 -18.50
CA PRO E 123 -6.31 68.77 -19.88
C PRO E 123 -7.26 67.71 -20.41
N MET E 124 -8.32 68.15 -21.09
CA MET E 124 -9.34 67.25 -21.61
C MET E 124 -10.18 67.96 -22.66
N LEU E 125 -11.17 67.23 -23.18
CA LEU E 125 -12.09 67.74 -24.18
C LEU E 125 -13.50 67.25 -23.88
N GLU E 126 -14.47 67.82 -24.60
CA GLU E 126 -15.86 67.42 -24.44
C GLU E 126 -16.04 65.96 -24.82
N GLN E 127 -16.99 65.30 -24.16
CA GLN E 127 -17.33 63.91 -24.41
C GLN E 127 -16.14 62.99 -24.14
N ASP E 128 -15.39 63.28 -23.08
CA ASP E 128 -14.28 62.41 -22.69
C ASP E 128 -14.58 61.77 -21.34
N ASN E 129 -14.14 60.52 -21.19
CA ASN E 129 -14.38 59.73 -19.99
C ASN E 129 -13.17 59.87 -19.07
N ILE E 130 -13.36 60.47 -17.91
CA ILE E 130 -12.32 60.67 -16.92
C ILE E 130 -12.47 59.60 -15.84
N SER E 131 -11.33 59.11 -15.36
CA SER E 131 -11.29 58.09 -14.32
C SER E 131 -10.84 58.72 -13.01
N VAL E 132 -11.71 58.65 -12.00
CA VAL E 132 -11.46 59.24 -10.69
C VAL E 132 -11.68 58.20 -9.60
N PRO E 133 -10.65 57.47 -9.17
CA PRO E 133 -10.81 56.53 -8.04
C PRO E 133 -10.80 57.25 -6.70
N GLY E 134 -10.71 56.48 -5.61
CA GLY E 134 -10.59 57.08 -4.30
C GLY E 134 -11.77 56.89 -3.38
N LEU E 135 -11.52 57.27 -2.12
CA LEU E 135 -12.42 57.28 -0.97
C LEU E 135 -12.60 55.93 -0.29
N THR E 136 -12.26 54.82 -0.96
CA THR E 136 -12.29 53.48 -0.37
C THR E 136 -11.92 52.40 -1.37
N LEU E 137 -11.57 51.21 -0.86
CA LEU E 137 -11.32 50.07 -1.74
C LEU E 137 -12.62 49.42 -2.19
N ALA E 138 -13.56 49.23 -1.29
CA ALA E 138 -14.81 48.51 -1.59
C ALA E 138 -15.96 49.50 -1.75
N GLY E 139 -16.59 49.45 -2.92
CA GLY E 139 -17.69 50.33 -3.24
C GLY E 139 -17.28 51.48 -4.14
N GLN E 140 -15.99 51.80 -4.15
CA GLN E 140 -15.46 52.83 -5.03
C GLN E 140 -14.23 52.30 -5.74
N THR E 141 -14.33 52.21 -7.06
CA THR E 141 -13.22 51.76 -7.91
C THR E 141 -13.00 52.78 -9.01
N GLY E 142 -12.13 52.47 -9.96
CA GLY E 142 -11.99 53.34 -11.12
C GLY E 142 -13.31 53.51 -11.83
N LEU E 143 -13.75 54.77 -11.94
CA LEU E 143 -15.09 55.07 -12.39
C LEU E 143 -15.03 56.14 -13.47
N LEU E 144 -15.75 55.90 -14.57
CA LEU E 144 -15.72 56.77 -15.74
C LEU E 144 -17.00 57.60 -15.79
N PHE E 145 -16.84 58.90 -16.05
CA PHE E 145 -17.95 59.81 -16.20
C PHE E 145 -17.98 60.35 -17.63
N LYS E 146 -19.18 60.36 -18.20
CA LYS E 146 -19.42 60.91 -19.53
C LYS E 146 -19.65 62.41 -19.39
N VAL E 147 -18.81 63.20 -20.05
CA VAL E 147 -18.91 64.66 -20.00
C VAL E 147 -19.86 65.10 -21.11
N VAL E 148 -20.94 65.79 -20.75
CA VAL E 148 -21.91 66.22 -21.75
C VAL E 148 -21.42 67.48 -22.44
N LYS E 149 -21.42 68.61 -21.74
CA LYS E 149 -21.05 69.88 -22.34
C LYS E 149 -20.29 70.73 -21.35
N THR E 150 -19.24 71.38 -21.83
CA THR E 150 -18.56 72.44 -21.11
C THR E 150 -18.68 73.72 -21.92
N LEU E 151 -18.61 74.87 -21.25
CA LEU E 151 -18.79 76.15 -21.94
C LEU E 151 -17.68 76.37 -22.96
N PRO E 152 -16.38 76.16 -22.61
CA PRO E 152 -15.36 76.13 -23.66
C PRO E 152 -15.23 74.75 -24.28
N SER E 153 -16.13 74.43 -25.21
CA SER E 153 -16.24 73.09 -25.78
C SER E 153 -15.26 72.91 -26.93
N LYS E 154 -14.70 71.70 -27.04
CA LYS E 154 -13.85 71.27 -28.14
C LYS E 154 -12.49 71.98 -28.17
N VAL E 155 -12.34 73.04 -27.39
CA VAL E 155 -11.08 73.76 -27.30
C VAL E 155 -10.25 73.16 -26.18
N PRO E 156 -8.91 73.29 -26.20
CA PRO E 156 -8.11 72.75 -25.09
C PRO E 156 -8.43 73.44 -23.78
N VAL E 157 -8.72 72.67 -22.73
CA VAL E 157 -9.16 73.20 -21.45
C VAL E 157 -8.55 72.40 -20.33
N GLU E 158 -8.08 73.11 -19.31
CA GLU E 158 -7.71 72.51 -18.04
C GLU E 158 -8.65 73.02 -16.96
N ILE E 159 -9.52 72.14 -16.47
CA ILE E 159 -10.57 72.50 -15.53
C ILE E 159 -9.90 72.94 -14.24
N GLY E 160 -10.24 74.14 -13.77
CA GLY E 160 -9.56 74.71 -12.62
C GLY E 160 -10.27 74.45 -11.31
N GLU E 161 -9.67 74.95 -10.24
CA GLU E 161 -10.18 74.77 -8.89
C GLU E 161 -11.35 75.67 -8.56
N GLU E 162 -11.48 76.81 -9.24
CA GLU E 162 -12.57 77.75 -9.01
C GLU E 162 -13.74 77.53 -9.96
N THR E 163 -13.66 76.51 -10.81
CA THR E 163 -14.69 76.21 -11.80
C THR E 163 -15.67 75.20 -11.21
N LYS E 164 -16.96 75.48 -11.34
CA LYS E 164 -17.99 74.60 -10.82
C LYS E 164 -18.14 73.37 -11.71
N ILE E 165 -18.70 72.31 -11.13
CA ILE E 165 -18.95 71.04 -11.83
C ILE E 165 -20.39 70.64 -11.59
N GLU E 166 -21.12 70.33 -12.66
CA GLU E 166 -22.50 69.90 -12.58
C GLU E 166 -22.62 68.46 -13.06
N ILE E 167 -23.35 67.66 -12.29
CA ILE E 167 -23.62 66.26 -12.61
C ILE E 167 -25.09 66.16 -12.98
N ARG E 168 -25.36 65.82 -14.25
CA ARG E 168 -26.75 65.74 -14.69
C ARG E 168 -27.47 64.54 -14.08
N GLU E 169 -26.75 63.45 -13.86
CA GLU E 169 -27.26 62.18 -13.31
C GLU E 169 -28.21 61.47 -14.26
N GLU E 170 -28.53 62.05 -15.40
CA GLU E 170 -29.40 61.39 -16.37
C GLU E 170 -28.73 60.13 -16.89
N PRO E 171 -29.35 58.96 -16.77
CA PRO E 171 -28.67 57.72 -17.13
C PRO E 171 -28.39 57.63 -18.62
N ALA E 172 -27.16 57.23 -18.95
CA ALA E 172 -26.74 57.05 -20.33
C ALA E 172 -25.59 56.06 -20.40
N SER E 173 -25.04 55.83 -21.60
CA SER E 173 -23.95 54.89 -21.77
C SER E 173 -22.65 55.61 -22.12
N GLU E 174 -21.57 54.86 -22.31
CA GLU E 174 -20.29 55.47 -22.64
C GLU E 174 -20.28 55.90 -24.10
N VAL E 175 -19.69 57.08 -24.35
CA VAL E 175 -19.41 57.50 -25.72
C VAL E 175 -18.11 56.85 -26.17
N LEU E 176 -17.14 56.76 -25.28
CA LEU E 176 -15.82 56.25 -25.67
C LEU E 176 -15.30 55.16 -24.74
N GLU E 177 -15.23 53.93 -25.24
CA GLU E 177 -14.40 52.85 -24.71
C GLU E 177 -14.37 52.76 -23.19
N GLU E 178 -15.47 52.30 -22.59
CA GLU E 178 -15.58 52.15 -21.14
C GLU E 178 -14.82 50.88 -20.74
N VAL E 179 -14.96 50.49 -19.47
CA VAL E 179 -14.23 49.39 -18.86
C VAL E 179 -14.85 48.08 -19.38
N SER E 180 -14.49 46.95 -18.76
CA SER E 180 -14.67 45.57 -19.22
C SER E 180 -13.48 45.19 -20.08
N ARG E 181 -12.59 46.15 -20.31
CA ARG E 181 -11.30 45.88 -20.91
C ARG E 181 -10.23 46.12 -19.83
N ILE E 182 -9.23 45.25 -19.82
CA ILE E 182 -8.13 45.38 -18.86
C ILE E 182 -6.82 45.54 -19.60
N SER E 183 -6.23 46.73 -19.49
CA SER E 183 -4.97 47.05 -20.15
C SER E 183 -3.79 46.40 -19.45
N TYR E 184 -2.65 46.30 -20.15
CA TYR E 184 -1.45 45.74 -19.56
C TYR E 184 -1.01 46.53 -18.33
N GLU E 185 -1.25 47.85 -18.31
CA GLU E 185 -1.03 48.61 -17.09
C GLU E 185 -2.02 48.25 -16.01
N ASP E 186 -3.29 48.04 -16.37
CA ASP E 186 -4.27 47.54 -15.41
C ASP E 186 -3.90 46.15 -14.91
N ILE E 187 -3.12 45.40 -15.68
CA ILE E 187 -2.54 44.14 -15.26
C ILE E 187 -1.34 44.45 -14.37
N GLY E 188 -1.02 43.53 -13.46
CA GLY E 188 0.19 43.66 -12.68
C GLY E 188 0.75 42.31 -12.30
N GLY E 189 2.06 42.25 -12.08
CA GLY E 189 2.72 40.98 -11.88
C GLY E 189 4.16 40.99 -12.35
N LEU E 190 4.68 39.83 -12.71
CA LEU E 190 6.01 39.70 -13.31
C LEU E 190 6.05 40.58 -14.56
N SER E 191 7.12 41.37 -14.66
CA SER E 191 7.21 42.37 -15.72
C SER E 191 7.71 41.75 -17.02
N GLU E 192 8.96 41.27 -17.02
CA GLU E 192 9.55 40.71 -18.24
C GLU E 192 8.76 39.52 -18.75
N GLN E 193 8.15 38.76 -17.83
CA GLN E 193 7.34 37.61 -18.23
C GLN E 193 6.07 38.06 -18.95
N LEU E 194 5.51 39.21 -18.54
CA LEU E 194 4.31 39.71 -19.22
C LEU E 194 4.61 40.07 -20.66
N GLY E 195 5.81 40.61 -20.93
CA GLY E 195 6.18 40.92 -22.30
C GLY E 195 6.62 39.70 -23.08
N LYS E 196 7.13 38.68 -22.38
CA LYS E 196 7.59 37.48 -23.07
C LYS E 196 6.41 36.58 -23.46
N ILE E 197 5.39 36.53 -22.60
CA ILE E 197 4.21 35.73 -22.92
C ILE E 197 3.45 36.33 -24.09
N ARG E 198 3.36 37.66 -24.13
CA ARG E 198 2.54 38.33 -25.14
C ARG E 198 3.24 38.38 -26.50
N GLU E 199 4.57 38.48 -26.49
CA GLU E 199 5.30 38.76 -27.73
C GLU E 199 5.16 37.63 -28.74
N MET E 200 4.86 36.41 -28.28
CA MET E 200 4.70 35.30 -29.21
C MET E 200 3.34 35.38 -29.92
N ILE E 201 2.30 35.81 -29.20
CA ILE E 201 0.99 35.95 -29.81
C ILE E 201 0.73 37.40 -30.22
N GLU E 202 1.67 38.30 -29.92
CA GLU E 202 1.49 39.71 -30.27
C GLU E 202 1.30 39.89 -31.77
N LEU E 203 2.34 39.61 -32.55
CA LEU E 203 2.29 39.88 -33.98
C LEU E 203 1.21 39.09 -34.71
N PRO E 204 1.01 37.79 -34.49
CA PRO E 204 -0.06 37.09 -35.24
C PRO E 204 -1.45 37.64 -34.99
N LEU E 205 -1.82 37.87 -33.72
CA LEU E 205 -3.20 38.24 -33.41
C LEU E 205 -3.55 39.61 -33.97
N LYS E 206 -2.60 40.54 -33.98
CA LYS E 206 -2.84 41.85 -34.58
C LYS E 206 -3.23 41.72 -36.05
N HIS E 207 -2.28 41.32 -36.89
CA HIS E 207 -2.55 41.10 -38.30
C HIS E 207 -2.12 39.69 -38.66
N PRO E 208 -2.92 38.98 -39.48
CA PRO E 208 -2.50 37.63 -39.91
C PRO E 208 -1.27 37.62 -40.81
N GLU E 209 -1.15 38.57 -41.75
CA GLU E 209 -0.06 38.56 -42.71
C GLU E 209 1.19 39.29 -42.25
N LEU E 210 1.13 40.01 -41.13
CA LEU E 210 2.34 40.67 -40.62
C LEU E 210 3.39 39.64 -40.24
N PHE E 211 3.06 38.73 -39.34
CA PHE E 211 3.89 37.57 -39.02
C PHE E 211 3.01 36.33 -39.13
N GLU E 212 3.27 35.50 -40.13
CA GLU E 212 2.48 34.29 -40.29
C GLU E 212 3.37 33.04 -40.33
N ARG E 213 4.01 32.76 -41.48
CA ARG E 213 5.04 31.73 -41.54
C ARG E 213 6.46 32.32 -41.53
N LEU E 214 6.60 33.64 -41.50
CA LEU E 214 7.88 34.29 -41.79
C LEU E 214 9.02 33.82 -40.89
N GLY E 215 8.99 34.22 -39.62
CA GLY E 215 10.06 33.87 -38.71
C GLY E 215 10.11 32.40 -38.36
N ILE E 216 9.03 31.89 -37.78
CA ILE E 216 8.92 30.50 -37.35
C ILE E 216 7.49 30.03 -37.51
N THR E 217 7.20 28.82 -37.03
CA THR E 217 5.83 28.32 -36.93
C THR E 217 5.19 29.05 -35.76
N PRO E 218 3.97 29.55 -35.89
CA PRO E 218 3.35 30.30 -34.79
C PRO E 218 3.12 29.41 -33.57
N PRO E 219 2.67 29.98 -32.45
CA PRO E 219 2.48 29.15 -31.25
C PRO E 219 1.39 28.10 -31.42
N LYS E 220 1.71 26.86 -31.03
CA LYS E 220 0.73 25.79 -31.03
C LYS E 220 -0.14 25.90 -29.79
N GLY E 221 0.48 25.76 -28.61
CA GLY E 221 -0.23 25.93 -27.36
C GLY E 221 0.63 26.49 -26.26
N VAL E 222 0.00 27.04 -25.22
CA VAL E 222 0.70 27.64 -24.08
C VAL E 222 0.03 27.16 -22.80
N ILE E 223 0.83 26.64 -21.87
CA ILE E 223 0.35 26.16 -20.59
C ILE E 223 0.79 27.14 -19.52
N LEU E 224 -0.18 27.59 -18.71
CA LEU E 224 0.06 28.59 -17.68
C LEU E 224 -0.07 27.96 -16.30
N TYR E 225 0.63 28.55 -15.33
CA TYR E 225 0.71 28.04 -13.97
C TYR E 225 0.42 29.16 -12.98
N GLY E 226 0.25 28.77 -11.71
CA GLY E 226 0.01 29.73 -10.67
C GLY E 226 -1.43 29.76 -10.17
N PRO E 227 -1.74 30.79 -9.38
CA PRO E 227 -3.02 30.83 -8.65
C PRO E 227 -4.20 31.09 -9.57
N PRO E 228 -4.86 30.04 -10.04
CA PRO E 228 -5.82 30.17 -11.16
C PRO E 228 -7.10 30.92 -10.80
N GLY E 229 -7.11 32.22 -10.99
CA GLY E 229 -8.17 33.08 -10.52
C GLY E 229 -7.81 34.07 -9.45
N THR E 230 -6.54 34.17 -9.06
CA THR E 230 -6.07 35.28 -8.25
C THR E 230 -5.99 36.59 -9.03
N GLY E 231 -6.32 36.56 -10.32
CA GLY E 231 -5.93 37.61 -11.23
C GLY E 231 -4.94 37.13 -12.27
N LYS E 232 -4.45 35.89 -12.10
CA LYS E 232 -3.81 35.20 -13.21
C LYS E 232 -4.82 34.82 -14.28
N THR E 233 -6.03 34.44 -13.85
CA THR E 233 -7.11 34.17 -14.80
C THR E 233 -7.66 35.47 -15.38
N LEU E 234 -7.61 36.55 -14.60
CA LEU E 234 -8.01 37.85 -15.12
C LEU E 234 -7.12 38.28 -16.27
N ILE E 235 -5.86 37.82 -16.28
CA ILE E 235 -4.96 38.13 -17.38
C ILE E 235 -5.49 37.53 -18.68
N ALA E 236 -6.05 36.32 -18.61
CA ALA E 236 -6.62 35.69 -19.80
C ALA E 236 -7.62 36.60 -20.50
N ARG E 237 -8.72 36.95 -19.81
CA ARG E 237 -9.68 37.89 -20.37
C ARG E 237 -9.04 39.24 -20.68
N ALA E 238 -7.95 39.57 -19.99
CA ALA E 238 -7.30 40.86 -20.22
C ALA E 238 -6.54 40.87 -21.55
N VAL E 239 -5.84 39.77 -21.87
CA VAL E 239 -5.04 39.72 -23.09
C VAL E 239 -5.94 39.88 -24.32
N ALA E 240 -7.17 39.37 -24.24
CA ALA E 240 -8.08 39.45 -25.38
C ALA E 240 -8.60 40.87 -25.57
N ASN E 241 -8.37 41.76 -24.60
CA ASN E 241 -8.88 43.12 -24.71
C ASN E 241 -8.03 43.96 -25.66
N GLU E 242 -6.70 43.88 -25.54
CA GLU E 242 -5.85 44.66 -26.43
C GLU E 242 -5.92 44.13 -27.86
N SER E 243 -5.97 42.81 -28.02
CA SER E 243 -6.07 42.21 -29.34
C SER E 243 -7.40 42.49 -30.01
N GLY E 244 -8.46 42.67 -29.25
CA GLY E 244 -9.78 42.96 -29.82
C GLY E 244 -10.51 41.78 -30.40
N ALA E 245 -9.87 40.60 -30.40
CA ALA E 245 -10.48 39.40 -30.95
C ALA E 245 -11.46 38.79 -29.96
N ASN E 246 -12.09 37.68 -30.35
CA ASN E 246 -13.05 37.01 -29.48
C ASN E 246 -12.33 36.18 -28.42
N PHE E 247 -12.95 36.07 -27.25
CA PHE E 247 -12.40 35.32 -26.14
C PHE E 247 -13.36 34.20 -25.77
N LEU E 248 -12.94 32.96 -25.98
CA LEU E 248 -13.73 31.79 -25.65
C LEU E 248 -13.41 31.38 -24.22
N SER E 249 -14.45 31.11 -23.43
CA SER E 249 -14.30 30.80 -22.01
C SER E 249 -14.66 29.35 -21.75
N ILE E 250 -13.65 28.55 -21.40
CA ILE E 250 -13.85 27.19 -20.93
C ILE E 250 -13.76 27.25 -19.41
N ASN E 251 -14.87 26.96 -18.74
CA ASN E 251 -14.99 27.22 -17.31
C ASN E 251 -15.46 25.97 -16.55
N GLY E 252 -15.32 26.04 -15.24
CA GLY E 252 -15.73 24.97 -14.35
C GLY E 252 -17.22 24.65 -14.33
N PRO E 253 -18.07 25.66 -14.10
CA PRO E 253 -19.51 25.36 -13.97
C PRO E 253 -20.14 24.74 -15.21
N GLU E 254 -19.59 24.97 -16.40
CA GLU E 254 -20.19 24.38 -17.60
C GLU E 254 -19.77 22.91 -17.76
N ILE E 255 -18.51 22.60 -17.45
CA ILE E 255 -18.05 21.21 -17.59
C ILE E 255 -18.61 20.35 -16.48
N MET E 256 -18.94 20.95 -15.33
CA MET E 256 -19.57 20.20 -14.26
C MET E 256 -21.06 19.99 -14.50
N SER E 257 -21.72 20.96 -15.14
CA SER E 257 -23.16 20.85 -15.36
C SER E 257 -23.48 19.96 -16.56
N LYS E 258 -22.49 19.74 -17.44
CA LYS E 258 -22.72 18.93 -18.64
C LYS E 258 -22.12 17.54 -18.41
N TYR E 259 -23.01 16.56 -18.29
CA TYR E 259 -22.65 15.16 -18.10
C TYR E 259 -22.55 14.47 -19.46
N TYR E 260 -22.54 13.13 -19.44
CA TYR E 260 -22.34 12.33 -20.64
C TYR E 260 -23.30 12.75 -21.75
N GLY E 261 -22.75 13.10 -22.91
CA GLY E 261 -23.53 13.50 -24.07
C GLY E 261 -23.84 14.99 -24.11
N GLN E 262 -23.87 15.66 -22.96
CA GLN E 262 -24.00 17.11 -22.95
C GLN E 262 -22.65 17.79 -23.14
N SER E 263 -21.62 17.29 -22.47
CA SER E 263 -20.29 17.91 -22.58
C SER E 263 -19.59 17.46 -23.86
N GLU E 264 -19.82 16.22 -24.28
CA GLU E 264 -19.17 15.71 -25.49
C GLU E 264 -19.60 16.50 -26.72
N GLN E 265 -20.86 16.92 -26.77
CA GLN E 265 -21.31 17.76 -27.87
C GLN E 265 -20.90 19.22 -27.65
N LYS E 266 -20.73 19.62 -26.40
CA LYS E 266 -20.34 20.99 -26.11
C LYS E 266 -18.88 21.24 -26.49
N LEU E 267 -18.05 20.20 -26.47
CA LEU E 267 -16.66 20.35 -26.86
C LEU E 267 -16.54 20.74 -28.32
N ARG E 268 -17.36 20.15 -29.19
CA ARG E 268 -17.39 20.57 -30.58
C ARG E 268 -18.18 21.86 -30.75
N GLU E 269 -19.12 22.12 -29.83
CA GLU E 269 -19.91 23.35 -29.90
C GLU E 269 -19.04 24.57 -29.65
N ILE E 270 -18.20 24.51 -28.61
CA ILE E 270 -17.27 25.61 -28.35
C ILE E 270 -16.17 25.65 -29.40
N PHE E 271 -15.89 24.51 -30.01
CA PHE E 271 -14.90 24.48 -31.10
C PHE E 271 -15.51 24.97 -32.40
N SER E 272 -16.83 24.81 -32.56
CA SER E 272 -17.50 25.35 -33.74
C SER E 272 -17.48 26.87 -33.73
N LYS E 273 -17.60 27.47 -32.54
CA LYS E 273 -17.50 28.93 -32.44
C LYS E 273 -16.05 29.38 -32.62
N ALA E 274 -15.09 28.50 -32.35
CA ALA E 274 -13.70 28.85 -32.56
C ALA E 274 -13.40 29.08 -34.04
N GLU E 275 -14.05 28.31 -34.91
CA GLU E 275 -13.87 28.51 -36.35
C GLU E 275 -14.69 29.70 -36.85
N GLU E 276 -15.85 29.94 -36.22
CA GLU E 276 -16.68 31.07 -36.63
C GLU E 276 -16.12 32.40 -36.13
N THR E 277 -15.74 32.45 -34.86
CA THR E 277 -15.20 33.68 -34.29
C THR E 277 -13.75 33.92 -34.72
N ALA E 278 -13.15 32.96 -35.42
CA ALA E 278 -11.77 33.09 -35.89
C ALA E 278 -11.58 34.37 -36.69
N PRO E 279 -10.51 35.13 -36.38
CA PRO E 279 -9.47 34.86 -35.38
C PRO E 279 -9.96 34.99 -33.93
N SER E 280 -9.58 34.03 -33.10
CA SER E 280 -9.95 34.03 -31.69
C SER E 280 -8.91 33.24 -30.91
N ILE E 281 -8.87 33.47 -29.61
CA ILE E 281 -7.93 32.80 -28.71
C ILE E 281 -8.73 31.88 -27.80
N ILE E 282 -8.18 30.71 -27.49
CA ILE E 282 -8.86 29.72 -26.66
C ILE E 282 -8.09 29.54 -25.36
N PHE E 283 -8.69 29.97 -24.25
CA PHE E 283 -8.08 29.86 -22.93
C PHE E 283 -8.84 28.80 -22.13
N ILE E 284 -8.10 27.83 -21.59
CA ILE E 284 -8.67 26.77 -20.76
C ILE E 284 -7.95 26.81 -19.41
N ASP E 285 -8.68 27.19 -18.37
CA ASP E 285 -8.20 27.07 -17.00
C ASP E 285 -8.65 25.77 -16.35
N GLU E 286 -9.34 24.90 -17.10
CA GLU E 286 -9.92 23.68 -16.59
C GLU E 286 -9.00 22.47 -16.75
N ILE E 287 -7.75 22.68 -17.19
CA ILE E 287 -6.81 21.58 -17.36
C ILE E 287 -6.74 20.73 -16.10
N ASP E 288 -6.93 21.36 -14.94
CA ASP E 288 -7.03 20.59 -13.70
C ASP E 288 -8.25 19.68 -13.70
N SER E 289 -9.41 20.21 -14.10
CA SER E 289 -10.61 19.38 -14.16
C SER E 289 -10.63 18.52 -15.41
N ILE E 290 -10.33 19.11 -16.57
CA ILE E 290 -10.34 18.37 -17.83
C ILE E 290 -9.37 17.20 -17.79
N ALA E 291 -8.07 17.48 -17.69
CA ALA E 291 -7.04 16.44 -17.77
C ALA E 291 -6.16 16.45 -16.52
N PRO E 292 -6.71 16.06 -15.37
CA PRO E 292 -5.85 15.77 -14.20
C PRO E 292 -5.04 14.50 -14.38
N LYS E 293 -5.35 13.68 -15.39
CA LYS E 293 -5.03 12.27 -15.44
C LYS E 293 -3.56 11.94 -15.21
N ARG E 294 -3.30 11.12 -14.20
CA ARG E 294 -2.01 10.49 -13.91
C ARG E 294 -1.96 9.09 -14.50
N GLU E 295 -2.91 8.76 -15.38
CA GLU E 295 -3.24 7.41 -15.83
C GLU E 295 -3.77 6.55 -14.70
N GLU E 296 -4.96 6.92 -14.21
CA GLU E 296 -5.82 6.06 -13.41
C GLU E 296 -7.20 6.09 -14.03
N VAL E 297 -8.18 5.49 -13.36
CA VAL E 297 -9.54 5.51 -13.87
C VAL E 297 -10.37 6.56 -13.11
N GLN E 298 -10.66 7.65 -13.80
CA GLN E 298 -11.53 8.69 -13.27
C GLN E 298 -12.94 8.54 -13.81
N GLY E 299 -13.16 7.51 -14.62
CA GLY E 299 -14.42 7.33 -15.31
C GLY E 299 -14.31 7.60 -16.80
N GLU E 300 -15.34 7.23 -17.56
CA GLU E 300 -15.28 7.35 -19.01
C GLU E 300 -15.36 8.81 -19.45
N VAL E 301 -16.09 9.64 -18.71
CA VAL E 301 -16.27 11.03 -19.11
C VAL E 301 -14.94 11.78 -19.05
N GLU E 302 -14.07 11.41 -18.11
CA GLU E 302 -12.79 12.09 -17.99
C GLU E 302 -11.86 11.73 -19.15
N ARG E 303 -11.86 10.47 -19.56
CA ARG E 303 -11.04 10.07 -20.70
C ARG E 303 -11.65 10.52 -22.01
N ARG E 304 -12.97 10.74 -22.03
CA ARG E 304 -13.62 11.18 -23.26
C ARG E 304 -13.42 12.67 -23.51
N VAL E 305 -13.43 13.47 -22.43
CA VAL E 305 -13.30 14.91 -22.60
C VAL E 305 -11.87 15.30 -22.97
N VAL E 306 -10.89 14.52 -22.50
CA VAL E 306 -9.51 14.83 -22.82
C VAL E 306 -9.16 14.31 -24.22
N ALA E 307 -9.69 13.14 -24.60
CA ALA E 307 -9.41 12.60 -25.92
C ALA E 307 -10.02 13.47 -27.02
N GLN E 308 -11.15 14.10 -26.73
CA GLN E 308 -11.75 15.01 -27.71
C GLN E 308 -10.94 16.29 -27.82
N LEU E 309 -10.55 16.88 -26.69
CA LEU E 309 -9.75 18.09 -26.71
C LEU E 309 -8.44 17.88 -27.45
N LEU E 310 -7.90 16.66 -27.39
CA LEU E 310 -6.72 16.35 -28.20
C LEU E 310 -7.05 16.35 -29.68
N THR E 311 -8.21 15.79 -30.04
CA THR E 311 -8.61 15.76 -31.45
C THR E 311 -9.16 17.10 -31.90
N LEU E 312 -9.71 17.89 -30.98
CA LEU E 312 -10.17 19.23 -31.34
C LEU E 312 -9.01 20.10 -31.83
N MET E 313 -7.85 19.99 -31.17
CA MET E 313 -6.68 20.71 -31.65
C MET E 313 -6.06 20.00 -32.85
N ASP E 314 -6.21 18.68 -32.91
CA ASP E 314 -5.73 17.93 -34.08
C ASP E 314 -6.66 18.13 -35.27
N GLY E 315 -7.95 18.35 -35.02
CA GLY E 315 -8.87 18.60 -36.12
C GLY E 315 -8.59 19.89 -36.85
N MET E 316 -7.85 20.79 -36.21
CA MET E 316 -7.47 22.04 -36.83
C MET E 316 -6.15 21.88 -37.58
N LYS E 317 -6.08 22.48 -38.77
CA LYS E 317 -4.85 22.47 -39.56
C LYS E 317 -3.75 23.29 -38.89
N GLU E 318 -4.07 23.96 -37.78
CA GLU E 318 -3.27 24.95 -37.06
C GLU E 318 -3.47 26.32 -37.69
N ARG E 319 -4.11 26.37 -38.86
CA ARG E 319 -4.55 27.67 -39.35
C ARG E 319 -6.07 27.75 -39.43
N GLY E 320 -6.68 28.37 -38.42
CA GLY E 320 -7.90 29.12 -38.58
C GLY E 320 -7.51 30.54 -38.25
N HIS E 321 -6.19 30.71 -38.09
CA HIS E 321 -5.57 31.80 -37.34
C HIS E 321 -6.09 31.89 -35.91
N VAL E 322 -5.89 30.84 -35.10
CA VAL E 322 -6.32 30.79 -33.71
C VAL E 322 -5.20 30.19 -32.87
N ILE E 323 -5.18 30.55 -31.59
CA ILE E 323 -4.18 30.05 -30.65
C ILE E 323 -4.88 29.54 -29.40
N VAL E 324 -4.71 28.26 -29.12
CA VAL E 324 -5.28 27.62 -27.95
C VAL E 324 -4.24 27.66 -26.84
N ILE E 325 -4.65 28.10 -25.65
CA ILE E 325 -3.77 28.19 -24.49
C ILE E 325 -4.47 27.53 -23.30
N GLY E 326 -3.70 27.30 -22.24
CA GLY E 326 -4.22 26.62 -21.08
C GLY E 326 -3.56 27.11 -19.81
N ALA E 327 -4.23 26.83 -18.69
CA ALA E 327 -3.76 27.27 -17.38
C ALA E 327 -4.19 26.26 -16.33
N THR E 328 -3.39 26.17 -15.26
CA THR E 328 -3.67 25.27 -14.16
C THR E 328 -3.00 25.80 -12.90
N ASN E 329 -3.42 25.26 -11.75
CA ASN E 329 -2.99 25.75 -10.45
C ASN E 329 -1.47 25.63 -10.27
N ARG E 330 -0.92 24.46 -10.55
CA ARG E 330 0.49 24.21 -10.27
C ARG E 330 1.16 23.39 -11.36
N ILE E 331 2.40 22.96 -11.12
CA ILE E 331 3.12 22.15 -12.10
C ILE E 331 2.47 20.78 -12.25
N ASP E 332 1.51 20.47 -11.38
CA ASP E 332 0.85 19.17 -11.35
C ASP E 332 -0.60 19.33 -11.84
N ALA E 333 -1.35 18.22 -11.79
CA ALA E 333 -2.69 18.14 -12.34
C ALA E 333 -2.68 18.51 -13.81
N ILE E 334 -1.98 17.71 -14.62
CA ILE E 334 -1.87 17.93 -16.06
C ILE E 334 -1.64 16.59 -16.72
N ASP E 335 -2.16 16.45 -17.96
CA ASP E 335 -1.97 15.17 -18.63
C ASP E 335 -0.55 15.08 -19.20
N PRO E 336 0.14 13.97 -18.93
CA PRO E 336 1.53 13.84 -19.41
C PRO E 336 1.66 13.82 -20.93
N ALA E 337 0.62 13.43 -21.65
CA ALA E 337 0.73 13.36 -23.11
C ALA E 337 0.59 14.74 -23.75
N LEU E 338 0.26 15.76 -22.95
CA LEU E 338 0.08 17.09 -23.50
C LEU E 338 1.40 17.70 -23.95
N ARG E 339 2.53 17.12 -23.52
CA ARG E 339 3.83 17.65 -23.92
C ARG E 339 4.32 17.01 -25.20
N ARG E 340 3.61 16.00 -25.70
CA ARG E 340 3.92 15.36 -26.96
C ARG E 340 3.62 16.34 -28.10
N PRO E 341 4.31 16.22 -29.24
CA PRO E 341 3.99 17.07 -30.40
C PRO E 341 2.58 16.85 -30.92
N GLY E 342 2.20 17.61 -31.95
CA GLY E 342 0.83 17.65 -32.41
C GLY E 342 -0.13 18.36 -31.49
N ARG E 343 0.34 18.89 -30.36
CA ARG E 343 -0.48 19.54 -29.36
C ARG E 343 0.41 20.50 -28.59
N PHE E 344 -0.06 20.93 -27.42
CA PHE E 344 0.59 22.00 -26.67
C PHE E 344 2.09 21.78 -26.55
N ASP E 345 2.87 22.81 -26.89
CA ASP E 345 4.33 22.69 -26.96
C ASP E 345 5.00 23.65 -25.98
N ARG E 346 4.78 24.95 -26.15
CA ARG E 346 5.34 25.96 -25.26
C ARG E 346 4.66 25.89 -23.90
N GLU E 347 5.46 25.80 -22.83
CA GLU E 347 4.94 25.92 -21.47
C GLU E 347 5.65 27.08 -20.78
N ILE E 348 4.88 28.07 -20.37
CA ILE E 348 5.42 29.24 -19.69
C ILE E 348 5.01 29.17 -18.22
N GLU E 349 5.98 28.96 -17.35
CA GLU E 349 5.74 28.87 -15.91
C GLU E 349 5.63 30.27 -15.33
N ILE E 350 4.49 30.55 -14.70
CA ILE E 350 4.24 31.83 -14.05
C ILE E 350 4.59 31.67 -12.58
N GLY E 351 5.60 32.40 -12.12
CA GLY E 351 6.08 32.30 -10.76
C GLY E 351 5.35 33.22 -9.80
N VAL E 352 6.05 33.69 -8.78
CA VAL E 352 5.45 34.57 -7.77
C VAL E 352 6.18 35.90 -7.84
N PRO E 353 5.76 36.95 -7.10
CA PRO E 353 6.47 38.23 -7.21
C PRO E 353 7.65 38.35 -6.26
N ASP E 354 8.35 39.48 -6.34
CA ASP E 354 9.45 39.83 -5.47
C ASP E 354 9.10 41.15 -4.77
N ARG E 355 10.04 41.67 -3.98
CA ARG E 355 9.80 42.95 -3.30
C ARG E 355 9.42 44.04 -4.30
N ASN E 356 10.07 44.06 -5.47
CA ASN E 356 9.68 44.99 -6.52
C ASN E 356 8.47 44.48 -7.28
N GLY E 357 8.37 43.16 -7.47
CA GLY E 357 7.24 42.61 -8.19
C GLY E 357 5.94 42.72 -7.41
N ARG E 358 6.02 42.63 -6.09
CA ARG E 358 4.84 42.79 -5.25
C ARG E 358 4.30 44.22 -5.34
N LYS E 359 5.21 45.19 -5.42
CA LYS E 359 4.80 46.58 -5.58
C LYS E 359 4.01 46.78 -6.87
N GLU E 360 4.36 46.05 -7.92
CA GLU E 360 3.60 46.12 -9.16
C GLU E 360 2.22 45.49 -8.99
N ILE E 361 2.14 44.38 -8.25
CA ILE E 361 0.84 43.77 -7.98
C ILE E 361 0.02 44.64 -7.05
N LEU E 362 0.65 45.20 -6.02
CA LEU E 362 -0.06 46.11 -5.12
C LEU E 362 -0.53 47.36 -5.84
N MET E 363 0.27 47.86 -6.79
CA MET E 363 -0.09 49.10 -7.47
C MET E 363 -1.43 48.97 -8.19
N ILE E 364 -1.77 47.76 -8.65
CA ILE E 364 -3.06 47.53 -9.26
C ILE E 364 -4.18 47.71 -8.24
N HIS E 365 -3.98 47.14 -7.05
CA HIS E 365 -4.99 47.25 -6.00
C HIS E 365 -4.72 48.42 -5.05
N THR E 366 -3.62 49.14 -5.26
CA THR E 366 -3.34 50.32 -4.45
C THR E 366 -4.40 51.39 -4.58
N ARG E 367 -4.78 51.77 -5.81
CA ARG E 367 -5.73 52.87 -5.98
C ARG E 367 -7.08 52.32 -6.43
N ASN E 368 -7.93 52.06 -5.45
CA ASN E 368 -9.36 52.34 -5.55
C ASN E 368 -9.67 53.48 -4.60
N MET E 369 -8.64 53.90 -3.84
CA MET E 369 -8.80 54.57 -2.55
C MET E 369 -7.91 55.80 -2.48
N PRO E 370 -7.96 56.61 -1.39
CA PRO E 370 -7.13 57.81 -1.34
C PRO E 370 -5.74 57.57 -0.78
N LEU E 371 -4.89 56.89 -1.54
CA LEU E 371 -3.48 56.75 -1.18
C LEU E 371 -2.61 57.45 -2.21
N GLY E 372 -1.29 57.41 -2.00
CA GLY E 372 -0.37 58.06 -2.91
C GLY E 372 1.03 57.50 -2.85
N MET E 373 1.79 57.69 -3.93
CA MET E 373 3.18 57.26 -4.02
C MET E 373 4.17 58.39 -3.81
N SER E 374 4.15 59.41 -4.67
CA SER E 374 5.05 60.55 -4.49
C SER E 374 4.52 61.47 -3.40
N GLU E 375 3.21 61.47 -3.18
CA GLU E 375 2.59 62.40 -2.23
C GLU E 375 2.73 61.91 -0.78
N GLU E 376 2.76 60.60 -0.54
CA GLU E 376 3.35 60.07 0.68
C GLU E 376 4.61 59.28 0.33
N GLU E 377 5.78 59.81 0.70
CA GLU E 377 7.05 59.26 0.24
C GLU E 377 7.34 57.89 0.84
N LYS E 378 7.08 57.72 2.15
CA LYS E 378 7.50 56.50 2.83
C LYS E 378 6.36 55.78 3.52
N ASN E 379 5.74 56.43 4.51
CA ASN E 379 4.74 55.81 5.39
C ASN E 379 3.67 55.03 4.66
N LYS E 380 3.06 55.57 3.60
CA LYS E 380 2.08 54.83 2.83
C LYS E 380 2.64 54.16 1.58
N PHE E 381 3.94 54.25 1.32
CA PHE E 381 4.52 53.65 0.12
C PHE E 381 4.46 52.13 0.20
N LEU E 382 4.48 51.45 -0.94
CA LEU E 382 4.17 50.03 -0.97
C LEU E 382 5.32 49.18 -0.44
N GLU E 383 6.55 49.67 -0.50
CA GLU E 383 7.69 48.86 -0.07
C GLU E 383 7.65 48.61 1.44
N GLU E 384 7.17 49.58 2.22
CA GLU E 384 7.00 49.35 3.65
C GLU E 384 5.95 48.28 3.91
N MET E 385 4.96 48.17 3.03
CA MET E 385 3.98 47.09 3.13
C MET E 385 4.53 45.81 2.52
N ALA E 386 5.52 45.93 1.63
CA ALA E 386 6.05 44.76 0.95
C ALA E 386 7.01 43.96 1.82
N ASP E 387 7.84 44.65 2.61
CA ASP E 387 8.88 43.95 3.37
C ASP E 387 8.28 43.07 4.46
N TYR E 388 7.16 43.47 5.05
CA TYR E 388 6.54 42.65 6.09
C TYR E 388 5.76 41.49 5.48
N THR E 389 5.05 41.74 4.37
CA THR E 389 4.26 40.71 3.72
C THR E 389 5.15 39.71 3.00
N TYR E 390 4.88 38.42 3.18
CA TYR E 390 5.65 37.34 2.55
C TYR E 390 4.67 36.22 2.16
N GLY E 391 4.79 35.74 0.94
CA GLY E 391 3.96 34.64 0.47
C GLY E 391 2.50 34.99 0.29
N PHE E 392 2.23 36.04 -0.48
CA PHE E 392 0.86 36.45 -0.77
C PHE E 392 0.66 36.48 -2.28
N VAL E 393 -0.53 36.89 -2.69
CA VAL E 393 -0.89 36.95 -4.11
C VAL E 393 -1.99 37.99 -4.27
N GLY E 394 -2.23 38.40 -5.51
CA GLY E 394 -3.10 39.55 -5.77
C GLY E 394 -4.46 39.44 -5.11
N ALA E 395 -5.16 38.33 -5.35
CA ALA E 395 -6.48 38.15 -4.75
C ALA E 395 -6.39 38.05 -3.24
N ASP E 396 -5.35 37.38 -2.73
CA ASP E 396 -5.13 37.36 -1.29
C ASP E 396 -4.84 38.76 -0.76
N LEU E 397 -4.00 39.50 -1.48
CA LEU E 397 -3.76 40.90 -1.12
C LEU E 397 -5.02 41.74 -1.29
N ALA E 398 -5.82 41.45 -2.32
CA ALA E 398 -7.07 42.18 -2.51
C ALA E 398 -8.05 41.90 -1.38
N ALA E 399 -8.20 40.62 -1.01
CA ALA E 399 -9.09 40.28 0.10
C ALA E 399 -8.49 40.71 1.44
N LEU E 400 -7.16 40.82 1.51
CA LEU E 400 -6.53 41.26 2.74
C LEU E 400 -6.78 42.75 2.98
N VAL E 401 -6.61 43.57 1.94
CA VAL E 401 -6.86 45.00 2.07
C VAL E 401 -8.36 45.27 2.21
N ARG E 402 -9.18 44.45 1.55
CA ARG E 402 -10.63 44.57 1.73
C ARG E 402 -11.02 44.24 3.17
N GLU E 403 -10.41 43.21 3.75
CA GLU E 403 -10.58 42.96 5.18
C GLU E 403 -9.93 44.06 6.00
N SER E 404 -8.81 44.61 5.50
CA SER E 404 -8.20 45.75 6.17
C SER E 404 -8.98 47.03 5.91
N ALA E 405 -9.81 47.04 4.87
CA ALA E 405 -10.73 48.16 4.67
C ALA E 405 -11.78 48.19 5.77
N MET E 406 -12.19 47.01 6.25
CA MET E 406 -13.14 46.96 7.35
C MET E 406 -12.54 47.56 8.61
N ASN E 407 -11.22 47.48 8.77
CA ASN E 407 -10.55 48.23 9.84
C ASN E 407 -10.79 49.73 9.66
N ALA E 408 -10.72 50.22 8.42
CA ALA E 408 -11.06 51.61 8.16
C ALA E 408 -12.55 51.84 8.34
N LEU E 409 -13.38 50.82 8.09
CA LEU E 409 -14.80 50.95 8.38
C LEU E 409 -15.07 50.97 9.87
N ARG E 410 -14.59 49.96 10.61
CA ARG E 410 -14.95 49.84 12.03
C ARG E 410 -14.49 51.04 12.83
N ARG E 411 -13.53 51.82 12.33
CA ARG E 411 -13.13 53.03 13.03
C ARG E 411 -13.98 54.22 12.59
N TYR E 412 -14.78 54.04 11.53
CA TYR E 412 -15.57 55.13 10.99
C TYR E 412 -17.04 54.76 10.78
N LEU E 413 -17.30 53.82 9.86
CA LEU E 413 -18.64 53.71 9.29
C LEU E 413 -19.72 53.29 10.29
N PRO E 414 -19.60 52.17 11.01
CA PRO E 414 -20.75 51.71 11.80
C PRO E 414 -21.21 52.67 12.89
N GLU E 415 -20.29 53.24 13.67
CA GLU E 415 -20.70 54.02 14.82
C GLU E 415 -20.98 55.47 14.46
N ILE E 416 -20.84 55.83 13.17
CA ILE E 416 -21.12 57.20 12.77
C ILE E 416 -22.34 57.26 11.86
N ASP E 417 -22.22 56.74 10.63
CA ASP E 417 -23.30 56.85 9.66
C ASP E 417 -23.75 55.45 9.26
N LEU E 418 -24.95 55.08 9.72
CA LEU E 418 -25.62 53.87 9.27
C LEU E 418 -26.64 54.16 8.18
N ASP E 419 -26.80 55.45 7.86
CA ASP E 419 -27.86 55.86 6.95
C ASP E 419 -27.56 55.43 5.52
N LYS E 420 -28.61 55.11 4.78
CA LYS E 420 -28.48 54.74 3.37
C LYS E 420 -28.05 55.93 2.52
N PRO E 421 -28.64 57.12 2.69
CA PRO E 421 -28.07 58.30 2.04
C PRO E 421 -26.66 58.58 2.55
N ILE E 422 -25.76 58.81 1.60
CA ILE E 422 -24.35 59.01 1.92
C ILE E 422 -24.10 60.48 2.19
N PRO E 423 -23.71 60.86 3.42
CA PRO E 423 -23.45 62.27 3.71
C PRO E 423 -22.23 62.79 2.97
N THR E 424 -22.14 64.13 2.88
CA THR E 424 -20.97 64.73 2.26
C THR E 424 -19.81 64.83 3.24
N GLU E 425 -20.09 64.74 4.54
CA GLU E 425 -19.02 64.86 5.54
C GLU E 425 -18.23 63.56 5.68
N ILE E 426 -18.87 62.42 5.42
CA ILE E 426 -18.19 61.14 5.58
C ILE E 426 -17.13 60.97 4.51
N LEU E 427 -17.16 61.80 3.47
CA LEU E 427 -16.21 61.65 2.37
C LEU E 427 -14.83 62.17 2.75
N GLU E 428 -14.76 63.25 3.53
CA GLU E 428 -13.47 63.74 4.00
C GLU E 428 -12.91 62.81 5.07
N LYS E 429 -13.77 62.04 5.73
CA LYS E 429 -13.32 61.21 6.84
C LYS E 429 -12.63 59.94 6.35
N MET E 430 -12.66 59.70 5.04
CA MET E 430 -12.13 58.46 4.50
C MET E 430 -10.66 58.62 4.14
N VAL E 431 -9.80 57.96 4.92
CA VAL E 431 -8.37 57.85 4.64
C VAL E 431 -7.94 56.44 5.04
N VAL E 432 -6.66 56.12 4.85
CA VAL E 432 -6.12 54.83 5.27
C VAL E 432 -4.82 55.05 6.02
N THR E 433 -4.83 54.70 7.30
CA THR E 433 -3.64 54.70 8.14
C THR E 433 -2.98 53.33 8.03
N GLU E 434 -1.64 53.32 8.08
CA GLU E 434 -0.89 52.07 7.95
C GLU E 434 -1.28 51.06 9.02
N ASP E 435 -1.84 51.50 10.15
CA ASP E 435 -2.21 50.58 11.21
C ASP E 435 -3.27 49.58 10.76
N ASP E 436 -4.14 49.98 9.83
CA ASP E 436 -5.13 49.06 9.30
C ASP E 436 -4.48 47.89 8.57
N PHE E 437 -3.41 48.16 7.84
CA PHE E 437 -2.70 47.09 7.15
C PHE E 437 -1.79 46.32 8.10
N LYS E 438 -1.38 46.95 9.20
CA LYS E 438 -0.55 46.26 10.19
C LYS E 438 -1.38 45.35 11.07
N ASN E 439 -2.62 45.75 11.37
CA ASN E 439 -3.49 44.92 12.19
C ASN E 439 -3.81 43.59 11.51
N ALA E 440 -3.85 43.57 10.17
CA ALA E 440 -4.08 42.32 9.46
C ALA E 440 -2.83 41.46 9.47
N LEU E 441 -1.65 42.07 9.58
CA LEU E 441 -0.41 41.30 9.67
C LEU E 441 -0.31 40.58 11.00
N LYS E 442 -0.79 41.21 12.09
CA LYS E 442 -0.78 40.55 13.38
C LYS E 442 -1.87 39.49 13.46
N SER E 443 -3.01 39.74 12.82
CA SER E 443 -4.09 38.76 12.77
C SER E 443 -3.71 37.58 11.88
N ILE E 444 -4.43 36.48 12.03
CA ILE E 444 -4.01 35.19 11.50
C ILE E 444 -4.13 35.05 9.98
N GLU E 445 -4.66 36.05 9.28
CA GLU E 445 -4.93 35.91 7.84
C GLU E 445 -3.71 35.45 7.03
N PRO E 446 -2.49 35.98 7.27
CA PRO E 446 -1.33 35.51 6.48
C PRO E 446 -1.08 34.02 6.60
N SER E 447 -0.98 33.34 5.45
CA SER E 447 -0.58 31.94 5.39
C SER E 447 0.20 31.72 4.10
N SER E 448 1.30 30.97 4.19
CA SER E 448 2.09 30.66 3.01
C SER E 448 2.20 29.15 2.87
N LEU E 449 1.54 28.61 1.84
CA LEU E 449 1.66 27.18 1.52
C LEU E 449 2.64 26.94 0.39
N ARG E 450 3.26 28.01 -0.13
CA ARG E 450 4.08 27.90 -1.32
C ARG E 450 5.39 27.17 -1.02
N GLU E 451 5.62 26.07 -1.74
CA GLU E 451 6.85 25.30 -1.55
C GLU E 451 8.08 26.13 -1.88
N VAL E 452 8.26 26.47 -3.15
CA VAL E 452 9.47 27.12 -3.63
C VAL E 452 9.28 28.64 -3.60
N MET E 453 10.20 29.31 -2.91
CA MET E 453 10.20 30.77 -2.81
C MET E 453 11.64 31.26 -2.89
N VAL E 454 11.78 32.54 -3.23
CA VAL E 454 13.07 33.22 -3.26
C VAL E 454 12.97 34.50 -2.45
N GLU E 455 14.08 35.21 -2.32
CA GLU E 455 14.12 36.46 -1.57
C GLU E 455 15.38 37.23 -1.96
N VAL E 456 15.50 38.44 -1.38
CA VAL E 456 16.68 39.29 -1.51
C VAL E 456 16.93 39.94 -0.15
N PRO E 457 18.18 40.14 0.26
CA PRO E 457 18.41 40.70 1.60
C PRO E 457 18.48 42.22 1.65
N ASN E 458 18.52 42.77 2.87
CA ASN E 458 18.74 44.19 3.09
C ASN E 458 20.16 44.52 3.53
N VAL E 459 21.00 43.49 3.72
CA VAL E 459 22.24 43.67 4.46
C VAL E 459 23.31 44.28 3.56
N HIS E 460 23.94 45.34 4.06
CA HIS E 460 25.06 45.99 3.38
C HIS E 460 26.32 45.78 4.20
N TRP E 461 27.43 46.35 3.72
CA TRP E 461 28.70 46.21 4.42
C TRP E 461 28.88 47.26 5.50
N ASP E 462 27.92 48.20 5.64
CA ASP E 462 28.02 49.19 6.69
C ASP E 462 27.74 48.57 8.06
N ASP E 463 26.92 47.53 8.10
CA ASP E 463 26.65 46.84 9.37
C ASP E 463 27.66 45.73 9.62
N ILE E 464 28.52 45.45 8.65
CA ILE E 464 29.50 44.37 8.78
C ILE E 464 30.70 44.86 9.59
N GLY E 465 31.28 43.95 10.35
CA GLY E 465 32.42 44.23 11.21
C GLY E 465 33.75 43.97 10.53
N GLY E 466 34.71 43.47 11.30
CA GLY E 466 36.05 43.22 10.81
C GLY E 466 36.13 41.99 9.93
N LEU E 467 37.31 41.38 9.85
CA LEU E 467 37.60 40.26 8.95
C LEU E 467 37.55 40.74 7.49
N GLU E 468 38.21 41.87 7.26
CA GLU E 468 38.27 42.43 5.91
C GLU E 468 39.12 41.58 4.98
N ASP E 469 39.92 40.66 5.53
CA ASP E 469 40.72 39.76 4.70
C ASP E 469 39.82 38.84 3.88
N VAL E 470 38.71 38.39 4.48
CA VAL E 470 37.75 37.58 3.75
C VAL E 470 36.88 38.45 2.87
N LYS E 471 36.66 39.71 3.29
CA LYS E 471 35.85 40.64 2.50
C LYS E 471 36.36 40.75 1.06
N ARG E 472 37.59 41.22 0.88
CA ARG E 472 38.17 41.30 -0.45
C ARG E 472 38.34 39.92 -1.06
N GLU E 473 38.37 38.87 -0.22
CA GLU E 473 38.47 37.51 -0.73
C GLU E 473 37.12 37.03 -1.26
N ILE E 474 36.02 37.47 -0.64
CA ILE E 474 34.70 37.17 -1.18
C ILE E 474 34.50 37.88 -2.51
N LYS E 475 34.99 39.12 -2.62
CA LYS E 475 34.96 39.82 -3.90
C LYS E 475 35.81 39.09 -4.93
N GLU E 476 36.92 38.51 -4.49
CA GLU E 476 37.79 37.76 -5.40
C GLU E 476 37.04 36.61 -6.05
N THR E 477 36.45 35.73 -5.24
CA THR E 477 35.68 34.61 -5.76
C THR E 477 34.51 35.07 -6.61
N VAL E 478 33.55 35.76 -5.99
CA VAL E 478 32.25 35.95 -6.62
C VAL E 478 32.29 37.03 -7.71
N GLU E 479 32.86 38.19 -7.39
CA GLU E 479 32.62 39.37 -8.22
C GLU E 479 33.52 39.39 -9.47
N LEU E 480 34.65 38.69 -9.44
CA LEU E 480 35.56 38.73 -10.58
C LEU E 480 34.99 38.10 -11.85
N PRO E 481 34.44 36.88 -11.83
CA PRO E 481 34.02 36.26 -13.10
C PRO E 481 32.94 37.03 -13.85
N LEU E 482 32.24 37.97 -13.20
CA LEU E 482 31.16 38.69 -13.88
C LEU E 482 31.71 39.73 -14.86
N LEU E 483 32.59 40.61 -14.37
CA LEU E 483 33.08 41.72 -15.21
C LEU E 483 34.22 41.26 -16.11
N LYS E 484 35.13 40.45 -15.57
CA LYS E 484 36.38 40.01 -16.18
C LYS E 484 36.36 39.16 -17.46
N PRO E 485 35.33 38.31 -17.74
CA PRO E 485 35.59 37.07 -18.49
C PRO E 485 36.54 37.14 -19.69
N ASP E 486 36.64 38.29 -20.37
CA ASP E 486 37.66 38.42 -21.40
C ASP E 486 39.06 38.39 -20.79
N VAL E 487 39.15 38.77 -19.51
CA VAL E 487 40.39 38.56 -18.76
C VAL E 487 40.48 37.13 -18.27
N PHE E 488 39.33 36.53 -17.93
CA PHE E 488 39.30 35.12 -17.52
C PHE E 488 39.81 34.22 -18.63
N LYS E 489 39.58 34.59 -19.89
CA LYS E 489 40.09 33.80 -21.01
C LYS E 489 41.56 34.07 -21.24
N ARG E 490 42.08 35.18 -20.70
CA ARG E 490 43.50 35.49 -20.87
C ARG E 490 44.37 34.56 -20.04
N LEU E 491 44.01 34.35 -18.77
CA LEU E 491 44.77 33.44 -17.92
C LEU E 491 44.49 31.99 -18.29
N GLY E 492 43.24 31.67 -18.62
CA GLY E 492 42.88 30.33 -19.03
C GLY E 492 42.76 29.35 -17.88
N ILE E 493 42.45 29.85 -16.69
CA ILE E 493 42.27 29.01 -15.52
C ILE E 493 40.96 28.24 -15.66
N ARG E 494 40.85 27.13 -14.94
CA ARG E 494 39.67 26.25 -15.05
C ARG E 494 38.49 26.85 -14.30
N PRO E 495 37.29 26.26 -14.39
CA PRO E 495 36.16 26.77 -13.61
C PRO E 495 36.12 26.17 -12.20
N SER E 496 35.06 26.49 -11.46
CA SER E 496 34.89 26.05 -10.08
C SER E 496 33.53 26.48 -9.55
N LYS E 497 33.11 25.91 -8.42
CA LYS E 497 31.78 26.18 -7.88
C LYS E 497 31.83 27.36 -6.90
N GLY E 498 32.43 27.17 -5.74
CA GLY E 498 32.51 28.24 -4.77
C GLY E 498 33.11 27.74 -3.47
N PHE E 499 33.40 28.70 -2.59
CA PHE E 499 34.06 28.45 -1.32
C PHE E 499 33.06 27.85 -0.34
N LEU E 500 33.51 27.68 0.91
CA LEU E 500 32.69 27.11 1.98
C LEU E 500 33.13 27.73 3.30
N LEU E 501 32.19 27.86 4.23
CA LEU E 501 32.46 28.54 5.49
C LEU E 501 32.30 27.58 6.66
N TYR E 502 32.95 27.92 7.77
CA TYR E 502 32.76 27.18 9.01
C TYR E 502 32.98 28.11 10.20
N GLY E 503 32.16 27.92 11.24
CA GLY E 503 32.22 28.72 12.44
C GLY E 503 30.95 28.57 13.26
N PRO E 504 30.96 29.07 14.49
CA PRO E 504 29.77 28.98 15.36
C PRO E 504 28.56 29.59 14.67
N PRO E 505 27.36 29.10 14.94
CA PRO E 505 26.20 29.40 14.07
C PRO E 505 25.87 30.88 14.05
N GLY E 506 25.77 31.43 12.84
CA GLY E 506 25.31 32.79 12.63
C GLY E 506 26.11 33.87 13.31
N VAL E 507 27.39 33.63 13.59
CA VAL E 507 28.20 34.66 14.24
C VAL E 507 28.25 35.93 13.38
N GLY E 508 29.06 35.94 12.32
CA GLY E 508 28.88 36.83 11.20
C GLY E 508 28.46 36.04 9.97
N LYS E 509 28.55 34.72 10.09
CA LYS E 509 28.57 33.85 8.90
C LYS E 509 27.25 33.93 8.13
N THR E 510 26.12 33.93 8.83
CA THR E 510 24.84 34.11 8.14
C THR E 510 24.69 35.54 7.63
N LEU E 511 25.32 36.49 8.31
CA LEU E 511 25.25 37.88 7.86
C LEU E 511 26.24 38.17 6.75
N LEU E 512 27.42 37.54 6.79
CA LEU E 512 28.43 37.80 5.78
C LEU E 512 27.98 37.36 4.40
N ALA E 513 27.53 36.11 4.28
CA ALA E 513 27.03 35.64 2.99
C ALA E 513 25.73 36.35 2.60
N LYS E 514 25.06 36.96 3.58
CA LYS E 514 23.84 37.71 3.29
C LYS E 514 24.19 39.12 2.80
N ALA E 515 25.39 39.61 3.11
CA ALA E 515 25.77 40.95 2.71
C ALA E 515 26.22 41.01 1.25
N VAL E 516 26.82 39.92 0.76
CA VAL E 516 27.42 39.94 -0.58
C VAL E 516 26.33 39.98 -1.65
N ALA E 517 25.14 39.47 -1.33
CA ALA E 517 24.07 39.43 -2.33
C ALA E 517 23.55 40.82 -2.66
N THR E 518 23.60 41.75 -1.70
CA THR E 518 23.08 43.09 -1.94
C THR E 518 24.09 43.94 -2.72
N GLU E 519 25.38 43.83 -2.37
CA GLU E 519 26.39 44.65 -3.03
C GLU E 519 26.47 44.34 -4.53
N SER E 520 26.53 43.05 -4.88
CA SER E 520 26.55 42.67 -6.29
C SER E 520 25.24 42.93 -7.00
N ASN E 521 24.20 43.33 -6.26
CA ASN E 521 22.87 43.60 -6.82
C ASN E 521 22.28 42.38 -7.50
N ALA E 522 22.68 41.19 -7.06
CA ALA E 522 22.13 39.94 -7.54
C ALA E 522 21.05 39.44 -6.59
N ASN E 523 20.47 38.30 -6.93
CA ASN E 523 19.43 37.71 -6.11
C ASN E 523 20.07 36.85 -5.03
N PHE E 524 19.25 36.29 -4.14
CA PHE E 524 19.76 35.49 -3.02
C PHE E 524 18.90 34.25 -2.88
N ILE E 525 19.52 33.07 -3.01
CA ILE E 525 18.84 31.79 -2.86
C ILE E 525 19.41 31.10 -1.64
N SER E 526 18.58 30.90 -0.62
CA SER E 526 19.01 30.30 0.64
C SER E 526 18.42 28.91 0.74
N ILE E 527 19.28 27.91 0.93
CA ILE E 527 18.87 26.54 1.24
C ILE E 527 19.39 26.25 2.64
N LYS E 528 18.48 26.17 3.61
CA LYS E 528 18.86 26.09 5.01
C LYS E 528 18.14 24.92 5.65
N GLY E 529 18.69 24.44 6.77
CA GLY E 529 18.17 23.29 7.47
C GLY E 529 16.70 23.41 7.82
N PRO E 530 16.32 24.44 8.58
CA PRO E 530 14.89 24.65 8.83
C PRO E 530 14.11 24.97 7.56
N GLU E 531 14.78 25.45 6.51
CA GLU E 531 14.11 25.64 5.23
C GLU E 531 13.98 24.33 4.47
N VAL E 532 14.94 23.42 4.63
CA VAL E 532 14.87 22.12 3.96
C VAL E 532 13.90 21.20 4.69
N LEU E 533 13.91 21.25 6.02
CA LEU E 533 12.98 20.41 6.79
C LEU E 533 11.53 20.74 6.46
N SER E 534 11.29 21.91 5.87
CA SER E 534 9.97 22.19 5.32
C SER E 534 9.78 21.54 3.96
N LYS E 535 10.87 21.30 3.24
CA LYS E 535 10.77 20.79 1.88
C LYS E 535 10.44 19.30 1.85
N TRP E 536 11.20 18.47 2.57
CA TRP E 536 11.07 17.03 2.38
C TRP E 536 9.91 16.47 3.20
N VAL E 537 9.28 17.28 4.04
CA VAL E 537 8.07 16.86 4.72
C VAL E 537 6.87 17.01 3.78
N GLY E 538 6.85 18.07 2.98
CA GLY E 538 5.77 18.28 2.04
C GLY E 538 6.02 17.71 0.67
N GLU E 539 6.91 16.73 0.56
CA GLU E 539 7.28 16.05 -0.68
C GLU E 539 7.91 17.02 -1.69
N SER E 540 8.67 18.01 -1.22
CA SER E 540 9.32 18.95 -2.11
C SER E 540 10.77 18.57 -2.37
N GLU E 541 11.21 17.44 -1.81
CA GLU E 541 12.59 17.01 -2.03
C GLU E 541 12.86 16.69 -3.50
N LYS E 542 11.81 16.33 -4.26
CA LYS E 542 11.97 16.20 -5.70
C LYS E 542 11.99 17.56 -6.37
N ALA E 543 11.32 18.56 -5.76
CA ALA E 543 11.35 19.91 -6.30
C ALA E 543 12.70 20.57 -6.09
N ILE E 544 13.55 19.98 -5.24
CA ILE E 544 14.91 20.48 -5.09
C ILE E 544 15.66 20.37 -6.41
N ARG E 545 15.36 19.32 -7.19
CA ARG E 545 15.90 19.23 -8.54
C ARG E 545 15.43 20.39 -9.40
N GLU E 546 14.20 20.85 -9.17
CA GLU E 546 13.69 22.00 -9.92
C GLU E 546 14.30 23.30 -9.41
N ILE E 547 14.55 23.38 -8.10
CA ILE E 547 15.24 24.55 -7.55
C ILE E 547 16.62 24.70 -8.18
N PHE E 548 17.28 23.58 -8.49
CA PHE E 548 18.53 23.65 -9.23
C PHE E 548 18.32 24.28 -10.60
N LYS E 549 17.27 23.85 -11.31
CA LYS E 549 16.95 24.45 -12.60
C LYS E 549 16.34 25.82 -12.43
N LYS E 550 15.84 26.12 -11.22
CA LYS E 550 15.26 27.44 -10.96
C LYS E 550 16.34 28.51 -10.84
N ALA E 551 17.57 28.10 -10.52
CA ALA E 551 18.61 29.07 -10.23
C ALA E 551 19.20 29.67 -11.50
N LYS E 552 19.01 29.00 -12.65
CA LYS E 552 19.67 29.46 -13.87
C LYS E 552 18.95 30.63 -14.51
N GLN E 553 17.62 30.69 -14.39
CA GLN E 553 16.90 31.83 -14.94
C GLN E 553 17.01 33.05 -14.03
N VAL E 554 16.89 32.86 -12.71
CA VAL E 554 16.99 33.93 -11.74
C VAL E 554 18.41 34.47 -11.65
N ALA E 555 19.38 33.78 -12.26
CA ALA E 555 20.77 34.22 -12.26
C ALA E 555 20.93 35.62 -12.84
N PRO E 556 21.93 36.38 -12.36
CA PRO E 556 22.89 36.04 -11.30
C PRO E 556 22.25 35.91 -9.91
N ALA E 557 22.55 34.80 -9.24
CA ALA E 557 22.09 34.55 -7.88
C ALA E 557 23.07 33.60 -7.22
N ILE E 558 23.22 33.74 -5.91
CA ILE E 558 24.10 32.88 -5.12
C ILE E 558 23.23 31.83 -4.45
N VAL E 559 23.73 30.58 -4.40
CA VAL E 559 23.02 29.50 -3.74
C VAL E 559 23.69 29.21 -2.41
N PHE E 560 22.92 29.27 -1.33
CA PHE E 560 23.42 29.18 0.03
C PHE E 560 22.87 27.91 0.66
N LEU E 561 23.74 26.91 0.86
CA LEU E 561 23.31 25.56 1.25
C LEU E 561 23.99 25.18 2.56
N ASP E 562 23.19 25.02 3.62
CA ASP E 562 23.72 24.73 4.95
C ASP E 562 22.92 23.63 5.62
N GLU E 563 23.63 22.77 6.37
CA GLU E 563 23.09 21.70 7.20
C GLU E 563 22.04 20.82 6.54
N ILE E 564 22.18 20.55 5.24
CA ILE E 564 21.39 19.48 4.64
C ILE E 564 22.12 18.18 4.97
N ASP E 565 23.45 18.26 5.06
CA ASP E 565 24.26 17.07 5.36
C ASP E 565 24.15 16.66 6.82
N SER E 566 23.44 17.45 7.64
CA SER E 566 23.32 17.12 9.06
C SER E 566 22.54 15.82 9.25
N ILE E 567 21.65 15.48 8.30
CA ILE E 567 20.88 14.25 8.41
C ILE E 567 21.60 13.10 7.71
N ALA E 568 22.76 13.37 7.12
CA ALA E 568 23.54 12.32 6.47
C ALA E 568 24.15 11.31 7.43
N PRO E 569 24.84 11.70 8.51
CA PRO E 569 25.59 10.70 9.30
C PRO E 569 24.72 9.71 10.05
N ARG E 570 23.43 9.98 10.22
CA ARG E 570 22.60 9.10 11.05
C ARG E 570 22.37 7.76 10.36
N ARG E 571 22.24 7.75 9.04
CA ARG E 571 22.06 6.49 8.33
C ARG E 571 23.37 5.75 8.17
N GLY E 572 24.46 6.46 7.86
CA GLY E 572 25.78 5.86 7.77
C GLY E 572 26.83 6.89 8.09
N THR E 573 28.00 6.46 8.53
CA THR E 573 29.00 7.39 9.04
C THR E 573 29.63 8.18 7.91
N THR E 574 29.48 9.50 7.97
CA THR E 574 30.13 10.37 6.98
C THR E 574 30.75 11.60 7.63
N SER E 575 32.07 11.70 7.54
CA SER E 575 32.80 12.94 7.75
C SER E 575 33.80 13.20 6.63
N ASP E 576 34.87 12.41 6.59
CA ASP E 576 35.62 12.23 5.36
C ASP E 576 35.27 10.93 4.64
N SER E 577 34.36 10.12 5.17
CA SER E 577 34.03 8.80 4.62
C SER E 577 33.17 8.94 3.36
N GLY E 578 32.13 9.78 3.47
CA GLY E 578 31.27 10.08 2.34
C GLY E 578 30.18 9.08 1.99
N VAL E 579 29.47 8.56 2.98
CA VAL E 579 28.25 7.79 2.79
C VAL E 579 27.13 8.62 3.39
N THR E 580 26.27 9.20 2.55
CA THR E 580 25.39 10.27 3.03
C THR E 580 23.93 9.85 3.25
N GLU E 581 23.12 9.76 2.18
CA GLU E 581 21.68 9.59 2.31
C GLU E 581 21.05 9.58 0.92
N ARG E 582 19.81 9.11 0.81
CA ARG E 582 19.23 8.87 -0.52
C ARG E 582 18.79 10.17 -1.20
N ILE E 583 18.29 11.13 -0.42
CA ILE E 583 17.86 12.40 -1.02
C ILE E 583 19.06 13.31 -1.22
N VAL E 584 20.08 13.19 -0.37
CA VAL E 584 21.21 14.11 -0.43
C VAL E 584 22.06 13.85 -1.67
N ASN E 585 22.03 12.62 -2.18
CA ASN E 585 22.80 12.32 -3.39
C ASN E 585 22.25 13.09 -4.59
N GLN E 586 20.99 13.53 -4.51
CA GLN E 586 20.45 14.40 -5.54
C GLN E 586 21.15 15.76 -5.52
N LEU E 587 21.62 16.18 -4.34
CA LEU E 587 22.48 17.36 -4.27
C LEU E 587 23.83 17.08 -4.89
N LEU E 588 24.46 15.96 -4.48
CA LEU E 588 25.78 15.59 -4.98
C LEU E 588 25.80 15.47 -6.49
N THR E 589 25.02 14.52 -7.03
CA THR E 589 25.05 14.23 -8.46
C THR E 589 24.74 15.49 -9.29
N SER E 590 23.86 16.35 -8.77
CA SER E 590 23.51 17.56 -9.51
C SER E 590 24.71 18.50 -9.63
N LEU E 591 25.44 18.70 -8.52
CA LEU E 591 26.61 19.58 -8.55
C LEU E 591 27.68 19.05 -9.50
N ASP E 592 27.66 17.74 -9.77
CA ASP E 592 28.59 17.17 -10.73
C ASP E 592 28.13 17.42 -12.16
N GLY E 593 26.81 17.46 -12.38
CA GLY E 593 26.30 17.57 -13.75
C GLY E 593 25.81 18.96 -14.10
N ILE E 594 25.74 19.86 -13.11
CA ILE E 594 25.28 21.22 -13.35
C ILE E 594 26.35 21.97 -14.13
N GLU E 595 25.93 22.82 -15.07
CA GLU E 595 26.84 23.54 -15.93
C GLU E 595 27.52 24.65 -15.14
N VAL E 596 28.82 24.84 -15.39
CA VAL E 596 29.59 25.91 -14.76
C VAL E 596 29.41 27.19 -15.57
N MET E 597 30.20 28.20 -15.25
CA MET E 597 30.22 29.48 -15.97
C MET E 597 28.94 30.27 -15.79
N ASN E 598 27.96 29.68 -15.09
CA ASN E 598 26.67 30.33 -14.87
C ASN E 598 26.84 31.43 -13.83
N GLY E 599 25.76 32.15 -13.52
CA GLY E 599 25.82 33.20 -12.53
C GLY E 599 25.57 32.70 -11.12
N VAL E 600 25.57 31.37 -10.95
CA VAL E 600 25.33 30.74 -9.65
C VAL E 600 26.66 30.65 -8.90
N VAL E 601 26.59 30.86 -7.58
CA VAL E 601 27.76 30.79 -6.71
C VAL E 601 27.45 29.85 -5.57
N VAL E 602 28.17 28.73 -5.49
CA VAL E 602 27.94 27.69 -4.50
C VAL E 602 28.58 28.14 -3.19
N ILE E 603 27.78 28.14 -2.13
CA ILE E 603 28.22 28.58 -0.80
C ILE E 603 27.67 27.60 0.23
N GLY E 604 28.46 27.29 1.24
CA GLY E 604 28.04 26.41 2.33
C GLY E 604 28.68 26.82 3.64
N ALA E 605 28.11 26.34 4.74
CA ALA E 605 28.55 26.74 6.08
C ALA E 605 28.12 25.68 7.10
N THR E 606 28.75 25.74 8.28
CA THR E 606 28.54 24.76 9.34
C THR E 606 29.35 25.13 10.59
N ASN E 607 28.99 24.54 11.73
CA ASN E 607 29.66 24.92 12.98
C ASN E 607 31.09 24.40 13.05
N ARG E 608 31.26 23.08 12.93
CA ARG E 608 32.53 22.43 12.72
C ARG E 608 32.13 21.52 11.57
N PRO E 609 32.96 21.34 10.56
CA PRO E 609 32.46 20.70 9.34
C PRO E 609 31.98 19.28 9.55
N ASP E 610 32.86 18.39 10.01
CA ASP E 610 32.61 17.10 10.66
C ASP E 610 31.49 16.27 10.03
N ILE E 611 30.97 16.72 8.89
CA ILE E 611 30.11 15.95 8.01
C ILE E 611 30.39 16.42 6.58
N MET E 612 30.77 15.49 5.70
CA MET E 612 31.19 15.79 4.34
C MET E 612 31.43 14.49 3.59
N ASP E 613 31.69 14.61 2.29
CA ASP E 613 32.08 13.51 1.45
C ASP E 613 33.47 13.82 0.90
N PRO E 614 34.31 12.81 0.64
CA PRO E 614 35.59 13.09 -0.02
C PRO E 614 35.41 13.67 -1.41
N ALA E 615 34.23 13.49 -2.02
CA ALA E 615 33.91 14.15 -3.26
C ALA E 615 33.57 15.61 -3.03
N LEU E 616 32.98 15.93 -1.87
CA LEU E 616 32.68 17.32 -1.56
C LEU E 616 33.96 18.13 -1.38
N LEU E 617 35.06 17.45 -1.01
CA LEU E 617 36.34 18.14 -0.92
C LEU E 617 36.98 18.28 -2.31
N ARG E 618 36.68 17.36 -3.21
CA ARG E 618 37.22 17.42 -4.57
C ARG E 618 36.54 18.53 -5.38
N ALA E 619 37.19 18.91 -6.49
CA ALA E 619 36.72 20.03 -7.29
C ALA E 619 35.43 19.66 -8.03
N GLY E 620 34.93 20.63 -8.81
CA GLY E 620 33.59 20.53 -9.36
C GLY E 620 32.49 20.54 -8.33
N ARG E 621 32.82 20.87 -7.08
CA ARG E 621 31.96 20.70 -5.91
C ARG E 621 32.45 21.71 -4.88
N PHE E 622 32.05 21.49 -3.62
CA PHE E 622 32.52 22.35 -2.55
C PHE E 622 34.05 22.44 -2.56
N ASP E 623 34.56 23.60 -2.13
CA ASP E 623 35.94 23.97 -2.41
C ASP E 623 36.63 24.55 -1.18
N LYS E 624 37.80 25.17 -1.40
CA LYS E 624 38.74 25.53 -0.35
C LYS E 624 38.07 26.24 0.82
N LEU E 625 38.35 25.78 2.03
CA LEU E 625 37.69 26.30 3.22
C LEU E 625 38.10 27.74 3.47
N ILE E 626 37.19 28.52 4.05
CA ILE E 626 37.46 29.90 4.44
C ILE E 626 37.37 29.97 5.96
N TYR E 627 38.51 30.18 6.61
CA TYR E 627 38.59 30.21 8.07
C TYR E 627 38.02 31.53 8.58
N ILE E 628 37.04 31.44 9.48
CA ILE E 628 36.45 32.60 10.13
C ILE E 628 37.12 32.77 11.49
N PRO E 629 38.02 33.73 11.67
CA PRO E 629 38.66 33.93 12.97
C PRO E 629 37.73 34.63 13.93
N PRO E 630 37.93 34.45 15.24
CA PRO E 630 37.18 35.24 16.22
C PRO E 630 37.59 36.70 16.14
N PRO E 631 36.63 37.61 16.25
CA PRO E 631 36.96 39.04 16.12
C PRO E 631 37.97 39.50 17.16
N ASP E 632 38.99 40.19 16.66
CA ASP E 632 40.05 40.75 17.49
C ASP E 632 39.56 42.06 18.09
N LYS E 633 40.44 42.73 18.83
CA LYS E 633 40.10 44.01 19.46
C LYS E 633 39.64 45.02 18.43
N GLU E 634 40.42 45.20 17.35
CA GLU E 634 40.01 46.13 16.30
C GLU E 634 38.78 45.63 15.55
N ALA E 635 38.60 44.30 15.50
CA ALA E 635 37.39 43.75 14.87
C ALA E 635 36.20 43.83 15.81
N ARG E 636 36.41 43.52 17.10
CA ARG E 636 35.32 43.60 18.06
C ARG E 636 34.80 45.02 18.21
N LEU E 637 35.72 45.99 18.32
CA LEU E 637 35.31 47.39 18.44
C LEU E 637 34.49 47.82 17.23
N SER E 638 34.84 47.32 16.04
CA SER E 638 34.04 47.61 14.86
C SER E 638 32.69 46.90 14.90
N ILE E 639 32.64 45.74 15.55
CA ILE E 639 31.37 45.03 15.69
C ILE E 639 30.54 45.63 16.82
N LEU E 640 31.19 46.04 17.92
CA LEU E 640 30.44 46.60 19.04
C LEU E 640 29.79 47.93 18.67
N LYS E 641 30.44 48.73 17.83
CA LYS E 641 29.86 50.00 17.44
C LYS E 641 28.65 49.81 16.54
N VAL E 642 28.57 48.66 15.86
CA VAL E 642 27.39 48.33 15.07
C VAL E 642 26.23 47.97 15.99
N HIS E 643 26.52 47.34 17.12
CA HIS E 643 25.46 46.94 18.04
C HIS E 643 24.96 48.11 18.86
N THR E 644 25.84 49.07 19.19
CA THR E 644 25.48 50.17 20.06
C THR E 644 25.06 51.43 19.32
N LYS E 645 25.05 51.42 17.98
CA LYS E 645 24.60 52.61 17.26
C LYS E 645 23.09 52.74 17.30
N ASN E 646 22.38 51.61 17.37
CA ASN E 646 20.92 51.68 17.50
C ASN E 646 20.51 51.96 18.94
N MET E 647 21.31 51.51 19.91
CA MET E 647 21.08 51.83 21.31
C MET E 647 21.62 53.23 21.62
N PRO E 648 21.15 53.85 22.70
CA PRO E 648 21.68 55.17 23.08
C PRO E 648 23.17 55.13 23.37
N LEU E 649 23.82 56.29 23.34
CA LEU E 649 25.25 56.41 23.56
C LEU E 649 25.51 57.28 24.78
N ALA E 650 26.58 56.93 25.52
CA ALA E 650 26.96 57.60 26.75
C ALA E 650 28.28 57.01 27.27
N PRO E 651 29.07 57.80 28.03
CA PRO E 651 30.35 57.29 28.54
C PRO E 651 30.19 56.09 29.47
N ASP E 652 28.96 55.86 29.95
CA ASP E 652 28.68 54.74 30.85
C ASP E 652 29.05 53.41 30.23
N VAL E 653 29.03 53.33 28.90
CA VAL E 653 29.40 52.12 28.17
C VAL E 653 30.76 52.35 27.53
N ASP E 654 31.76 51.62 28.01
CA ASP E 654 33.11 51.70 27.46
C ASP E 654 33.43 50.43 26.68
N LEU E 655 33.76 50.60 25.40
CA LEU E 655 34.02 49.45 24.55
C LEU E 655 35.49 49.06 24.55
N ASN E 656 36.35 49.91 25.13
CA ASN E 656 37.78 49.65 25.07
C ASN E 656 38.21 48.63 26.12
N ASP E 657 37.65 48.70 27.32
CA ASP E 657 38.13 47.86 28.42
C ASP E 657 37.78 46.40 28.21
N ILE E 658 36.59 46.13 27.66
CA ILE E 658 36.17 44.74 27.48
C ILE E 658 36.82 44.14 26.23
N ALA E 659 37.31 45.00 25.33
CA ALA E 659 37.93 44.51 24.11
C ALA E 659 39.36 44.04 24.36
N GLN E 660 40.03 44.63 25.36
CA GLN E 660 41.41 44.26 25.63
C GLN E 660 41.50 42.95 26.39
N ARG E 661 40.56 42.70 27.31
CA ARG E 661 40.67 41.54 28.18
C ARG E 661 40.21 40.26 27.47
N THR E 662 39.24 40.37 26.58
CA THR E 662 38.63 39.21 25.94
C THR E 662 38.99 39.20 24.46
N GLU E 663 39.85 38.28 24.06
CA GLU E 663 40.24 38.13 22.67
C GLU E 663 39.43 37.09 21.91
N GLY E 664 38.64 36.27 22.59
CA GLY E 664 38.08 35.09 21.96
C GLY E 664 36.60 35.06 21.63
N TYR E 665 35.86 36.12 21.96
CA TYR E 665 34.43 36.12 21.72
C TYR E 665 34.14 36.20 20.22
N VAL E 666 33.21 35.35 19.76
CA VAL E 666 32.84 35.27 18.36
C VAL E 666 31.75 36.28 18.06
N GLY E 667 31.17 36.21 16.86
CA GLY E 667 30.16 37.18 16.46
C GLY E 667 28.83 36.96 17.14
N ALA E 668 28.47 35.70 17.39
CA ALA E 668 27.18 35.41 18.03
C ALA E 668 27.18 35.87 19.47
N ASP E 669 28.28 35.67 20.19
CA ASP E 669 28.36 36.14 21.58
C ASP E 669 28.27 37.66 21.64
N LEU E 670 29.03 38.35 20.80
CA LEU E 670 28.95 39.81 20.75
C LEU E 670 27.55 40.26 20.35
N GLU E 671 26.89 39.49 19.48
CA GLU E 671 25.51 39.80 19.12
C GLU E 671 24.56 39.42 20.26
N ASN E 672 24.92 38.42 21.06
CA ASN E 672 24.06 38.00 22.16
C ASN E 672 24.21 38.91 23.37
N LEU E 673 25.45 39.31 23.69
CA LEU E 673 25.69 40.08 24.91
C LEU E 673 24.90 41.38 24.93
N CYS E 674 24.66 41.97 23.76
CA CYS E 674 23.92 43.23 23.71
C CYS E 674 22.41 42.98 23.83
N ARG E 675 21.96 41.77 23.51
CA ARG E 675 20.54 41.47 23.60
C ARG E 675 20.01 41.62 25.02
N GLU E 676 20.42 40.73 25.93
CA GLU E 676 19.84 40.73 27.27
C GLU E 676 20.45 41.81 28.15
N ALA E 677 21.75 42.07 27.99
CA ALA E 677 22.39 43.08 28.83
C ALA E 677 22.09 44.48 28.31
N GLY E 678 21.72 44.61 27.03
CA GLY E 678 21.27 45.90 26.53
C GLY E 678 19.92 46.29 27.09
N MET E 679 19.06 45.30 27.39
CA MET E 679 17.86 45.58 28.16
C MET E 679 18.23 46.06 29.56
N ASN E 680 19.37 45.61 30.07
CA ASN E 680 19.86 46.10 31.36
C ASN E 680 20.62 47.40 31.19
N ALA E 681 20.91 47.79 29.95
CA ALA E 681 21.67 49.01 29.69
C ALA E 681 20.76 50.23 29.79
N TYR E 682 21.29 51.28 30.42
CA TYR E 682 20.57 52.53 30.65
C TYR E 682 19.24 52.26 31.35
N ARG E 683 18.19 52.99 30.99
CA ARG E 683 16.87 52.77 31.62
C ARG E 683 15.90 52.29 30.56
N GLU E 684 15.69 50.96 30.53
CA GLU E 684 14.51 50.38 29.87
C GLU E 684 13.50 49.89 30.91
N ASN E 685 13.85 49.96 32.20
CA ASN E 685 13.18 49.20 33.25
C ASN E 685 13.77 49.52 34.64
N PRO E 686 13.00 49.37 35.71
CA PRO E 686 13.40 49.91 37.03
C PRO E 686 14.60 49.25 37.69
N ASP E 687 15.07 48.11 37.22
CA ASP E 687 16.06 47.34 37.97
C ASP E 687 17.35 48.14 38.18
N ALA E 688 18.10 47.77 39.22
CA ALA E 688 19.21 48.56 39.73
C ALA E 688 20.52 48.32 38.99
N THR E 689 20.51 47.47 37.95
CA THR E 689 21.71 47.20 37.16
C THR E 689 21.93 48.24 36.07
N SER E 690 21.10 49.28 36.04
CA SER E 690 21.12 50.31 35.00
C SER E 690 22.42 51.12 34.99
N VAL E 691 22.71 51.74 33.84
CA VAL E 691 23.78 52.70 33.62
C VAL E 691 25.11 52.27 34.26
N SER E 692 25.51 51.03 34.00
CA SER E 692 26.77 50.50 34.49
C SER E 692 27.49 49.75 33.38
N GLN E 693 28.82 49.73 33.47
CA GLN E 693 29.60 48.88 32.57
C GLN E 693 29.71 47.46 33.09
N LYS E 694 29.40 47.26 34.38
CA LYS E 694 29.55 45.93 34.99
C LYS E 694 28.42 45.01 34.57
N ASN E 695 27.31 45.56 34.06
CA ASN E 695 26.23 44.71 33.58
C ASN E 695 26.67 43.87 32.39
N PHE E 696 27.50 44.45 31.52
CA PHE E 696 28.13 43.67 30.46
C PHE E 696 29.16 42.70 31.04
N LEU E 697 29.80 43.10 32.14
CA LEU E 697 30.80 42.23 32.76
C LEU E 697 30.14 41.13 33.60
N ASP E 698 28.98 41.44 34.20
CA ASP E 698 28.26 40.42 34.95
C ASP E 698 27.78 39.29 34.03
N ALA E 699 27.26 39.65 32.86
CA ALA E 699 26.90 38.63 31.88
C ALA E 699 28.12 38.03 31.22
N LEU E 700 29.26 38.73 31.29
CA LEU E 700 30.50 38.21 30.71
C LEU E 700 31.00 37.00 31.48
N LYS E 701 30.79 36.97 32.80
CA LYS E 701 31.23 35.85 33.60
C LYS E 701 30.29 34.66 33.45
N THR E 702 29.01 34.93 33.23
CA THR E 702 28.03 33.85 33.09
C THR E 702 28.19 33.14 31.75
N ILE E 703 28.33 33.90 30.67
CA ILE E 703 28.48 33.29 29.35
C ILE E 703 29.87 32.66 29.23
N ARG E 704 29.93 31.57 28.47
CA ARG E 704 31.18 30.88 28.23
C ARG E 704 32.14 31.77 27.43
N PRO E 705 33.44 31.65 27.69
CA PRO E 705 34.42 32.43 26.92
C PRO E 705 34.48 32.08 25.44
N SER E 706 34.02 30.90 25.06
CA SER E 706 33.99 30.44 23.68
C SER E 706 35.39 30.47 23.05
N VAL E 707 36.39 30.26 23.91
CA VAL E 707 37.78 30.21 23.49
C VAL E 707 38.20 28.75 23.47
N ASP E 708 38.34 28.20 22.27
CA ASP E 708 38.79 26.81 22.11
C ASP E 708 39.94 26.81 21.09
N GLU E 709 41.14 26.47 21.56
CA GLU E 709 42.28 26.39 20.66
C GLU E 709 42.32 25.05 19.95
N GLU E 710 41.64 24.04 20.52
CA GLU E 710 41.72 22.70 19.97
C GLU E 710 40.89 22.56 18.70
N VAL E 711 39.71 23.20 18.65
CA VAL E 711 38.87 23.11 17.46
C VAL E 711 39.46 23.94 16.33
N ILE E 712 40.17 25.02 16.67
CA ILE E 712 40.88 25.79 15.65
C ILE E 712 42.03 24.98 15.08
N LYS E 713 42.71 24.21 15.94
CA LYS E 713 43.73 23.28 15.46
C LYS E 713 43.09 22.15 14.67
N PHE E 714 41.89 21.72 15.05
CA PHE E 714 41.20 20.67 14.30
C PHE E 714 40.82 21.15 12.90
N TYR E 715 40.58 22.45 12.75
CA TYR E 715 40.27 22.99 11.43
C TYR E 715 41.47 22.91 10.49
N ARG E 716 42.67 23.21 11.00
CA ARG E 716 43.86 23.21 10.16
C ARG E 716 44.25 21.78 9.77
N THR E 717 43.94 20.81 10.63
CA THR E 717 44.27 19.43 10.31
C THR E 717 43.31 18.85 9.28
N LEU E 718 42.03 19.20 9.38
CA LEU E 718 41.05 18.66 8.44
C LEU E 718 41.11 19.39 7.10
N SER E 719 41.57 20.64 7.10
CA SER E 719 41.62 21.42 5.87
C SER E 719 42.66 20.88 4.90
N GLU E 720 43.89 20.65 5.39
CA GLU E 720 44.95 20.15 4.51
C GLU E 720 44.70 18.70 4.11
N THR E 721 44.27 17.87 5.05
CA THR E 721 44.00 16.46 4.77
C THR E 721 42.68 16.30 4.02
N GLY F 1 -28.91 59.98 22.37
CA GLY F 1 -29.47 61.01 23.23
C GLY F 1 -30.45 60.44 24.23
N ILE F 2 -31.57 59.94 23.72
CA ILE F 2 -32.52 59.09 24.42
C ILE F 2 -32.34 57.68 23.89
N ILE F 3 -31.38 57.52 22.99
CA ILE F 3 -31.37 56.53 21.92
C ILE F 3 -30.77 55.21 22.40
N LEU F 4 -30.59 55.07 23.72
CA LEU F 4 -29.69 54.09 24.33
C LEU F 4 -29.79 52.69 23.72
N ARG F 5 -28.64 52.07 23.48
CA ARG F 5 -28.50 50.91 22.62
C ARG F 5 -29.20 49.67 23.18
N VAL F 6 -29.42 48.70 22.31
CA VAL F 6 -29.81 47.35 22.71
C VAL F 6 -28.63 46.41 22.47
N ALA F 7 -28.50 45.38 23.29
CA ALA F 7 -27.38 44.46 23.19
C ALA F 7 -27.80 43.08 23.69
N GLU F 8 -26.83 42.17 23.75
CA GLU F 8 -27.04 40.81 24.24
C GLU F 8 -26.67 40.76 25.72
N ALA F 9 -27.63 40.39 26.57
CA ALA F 9 -27.43 40.46 28.01
C ALA F 9 -26.41 39.42 28.45
N ASN F 10 -25.35 39.89 29.14
CA ASN F 10 -24.39 39.02 29.78
C ASN F 10 -24.96 38.41 31.06
N SER F 11 -25.24 39.24 32.06
CA SER F 11 -26.12 38.84 33.15
C SER F 11 -27.51 38.77 32.54
N THR F 12 -28.13 37.58 32.62
CA THR F 12 -29.36 37.36 31.87
C THR F 12 -30.56 37.97 32.57
N ASP F 13 -30.62 37.85 33.90
CA ASP F 13 -31.84 38.14 34.65
C ASP F 13 -32.96 37.31 34.04
N PRO F 14 -33.00 35.99 34.30
CA PRO F 14 -33.98 35.12 33.64
C PRO F 14 -35.42 35.62 33.78
N GLY F 15 -35.71 36.32 34.87
CA GLY F 15 -36.95 37.05 34.95
C GLY F 15 -36.95 38.19 33.94
N MET F 16 -37.92 38.20 33.03
CA MET F 16 -37.92 39.18 31.96
C MET F 16 -38.32 40.56 32.51
N SER F 17 -38.03 41.62 31.76
CA SER F 17 -38.36 43.00 32.12
C SER F 17 -37.43 43.51 33.23
N ARG F 18 -36.50 42.66 33.66
CA ARG F 18 -35.50 42.99 34.66
C ARG F 18 -34.25 43.61 34.04
N VAL F 19 -34.34 44.00 32.76
CA VAL F 19 -33.21 44.38 31.91
C VAL F 19 -32.24 45.33 32.60
N ARG F 20 -30.94 45.03 32.46
CA ARG F 20 -29.87 45.80 33.09
C ARG F 20 -29.72 47.13 32.37
N LEU F 21 -29.68 48.21 33.14
CA LEU F 21 -29.33 49.54 32.63
C LEU F 21 -28.25 50.12 33.55
N ASP F 22 -27.19 50.66 32.94
CA ASP F 22 -26.05 51.17 33.71
C ASP F 22 -26.44 52.34 34.60
N GLU F 23 -25.71 52.52 35.70
CA GLU F 23 -25.90 53.70 36.53
C GLU F 23 -25.41 54.95 35.81
N SER F 24 -24.35 54.81 35.01
CA SER F 24 -23.84 55.93 34.24
C SER F 24 -24.69 56.19 33.01
N SER F 25 -25.37 55.16 32.50
CA SER F 25 -26.24 55.34 31.34
C SER F 25 -27.58 55.94 31.75
N ARG F 26 -28.07 55.62 32.95
CA ARG F 26 -29.35 56.15 33.38
C ARG F 26 -29.24 57.60 33.81
N ARG F 27 -28.07 58.04 34.28
CA ARG F 27 -27.90 59.44 34.65
C ARG F 27 -27.76 60.32 33.41
N LEU F 28 -27.42 59.72 32.27
CA LEU F 28 -27.46 60.46 31.01
C LEU F 28 -28.90 60.76 30.61
N LEU F 29 -29.82 59.86 30.95
CA LEU F 29 -31.23 60.11 30.68
C LEU F 29 -31.91 60.83 31.84
N ASP F 30 -31.19 61.00 32.94
CA ASP F 30 -31.72 61.60 34.16
C ASP F 30 -32.88 60.80 34.72
N ALA F 31 -32.79 59.47 34.63
CA ALA F 31 -33.79 58.58 35.18
C ALA F 31 -33.20 57.78 36.34
N GLU F 32 -33.81 57.87 37.52
CA GLU F 32 -33.24 57.24 38.69
C GLU F 32 -33.46 55.72 38.65
N ILE F 33 -32.94 55.04 39.67
CA ILE F 33 -32.96 53.59 39.70
C ILE F 33 -34.29 53.10 40.27
N GLY F 34 -34.74 51.95 39.76
CA GLY F 34 -35.93 51.30 40.28
C GLY F 34 -37.24 51.93 39.89
N ASP F 35 -37.38 52.30 38.62
CA ASP F 35 -38.61 52.91 38.12
C ASP F 35 -39.10 52.14 36.89
N VAL F 36 -40.37 52.37 36.56
CA VAL F 36 -40.96 51.73 35.38
C VAL F 36 -40.45 52.41 34.13
N VAL F 37 -40.05 51.62 33.14
CA VAL F 37 -39.44 52.12 31.92
C VAL F 37 -40.39 51.88 30.76
N GLU F 38 -40.47 52.85 29.84
CA GLU F 38 -41.22 52.73 28.61
C GLU F 38 -40.26 52.72 27.42
N ILE F 39 -40.16 51.58 26.76
CA ILE F 39 -39.31 51.41 25.58
C ILE F 39 -40.16 51.62 24.33
N GLU F 40 -39.87 52.70 23.61
CA GLU F 40 -40.61 53.04 22.40
C GLU F 40 -39.63 53.18 21.24
N LYS F 41 -39.96 52.53 20.13
CA LYS F 41 -39.09 52.55 18.95
C LYS F 41 -39.90 52.62 17.66
N VAL F 42 -39.23 52.44 16.52
CA VAL F 42 -39.94 52.45 15.25
C VAL F 42 -40.93 51.30 15.19
N ARG F 43 -41.92 51.43 14.30
CA ARG F 43 -43.07 50.52 14.13
C ARG F 43 -44.06 50.66 15.27
N LYS F 44 -43.78 51.50 16.27
CA LYS F 44 -44.68 51.77 17.38
C LYS F 44 -44.93 50.53 18.22
N THR F 45 -43.94 49.66 18.30
CA THR F 45 -43.95 48.54 19.22
C THR F 45 -43.31 48.98 20.53
N VAL F 46 -43.94 48.60 21.65
CA VAL F 46 -43.57 49.09 22.97
C VAL F 46 -43.39 47.91 23.92
N GLY F 47 -42.68 48.19 25.02
CA GLY F 47 -42.46 47.22 26.07
C GLY F 47 -41.92 47.91 27.31
N ARG F 48 -42.08 47.29 28.48
CA ARG F 48 -41.67 47.89 29.73
C ARG F 48 -40.67 47.01 30.45
N VAL F 49 -39.63 47.64 31.00
CA VAL F 49 -38.56 46.94 31.70
C VAL F 49 -38.27 47.63 33.02
N TYR F 50 -37.51 46.96 33.89
CA TYR F 50 -37.13 47.47 35.19
C TYR F 50 -35.63 47.71 35.22
N ARG F 51 -35.22 48.87 35.74
CA ARG F 51 -33.81 49.22 35.73
C ARG F 51 -33.06 48.58 36.90
N ALA F 52 -31.95 47.91 36.57
CA ALA F 52 -31.03 47.36 37.55
C ALA F 52 -29.60 47.56 37.04
N ARG F 53 -28.71 48.02 37.91
CA ARG F 53 -27.39 48.47 37.47
C ARG F 53 -26.40 47.31 37.37
N PRO F 54 -25.80 47.11 36.19
CA PRO F 54 -24.60 46.27 36.12
C PRO F 54 -23.34 47.10 36.35
N GLU F 55 -22.17 46.51 36.17
CA GLU F 55 -20.92 47.19 36.50
C GLU F 55 -20.01 47.38 35.30
N ASP F 56 -19.55 46.28 34.70
CA ASP F 56 -18.49 46.35 33.70
C ASP F 56 -18.93 47.14 32.46
N GLU F 57 -20.23 47.21 32.21
CA GLU F 57 -20.72 47.89 31.01
C GLU F 57 -20.53 49.40 31.14
N ASN F 58 -20.41 50.07 29.98
CA ASN F 58 -20.22 51.51 29.93
C ASN F 58 -21.46 52.16 29.29
N LYS F 59 -21.46 53.49 29.24
CA LYS F 59 -22.59 54.26 28.77
C LYS F 59 -22.78 54.20 27.26
N GLY F 60 -21.79 53.69 26.52
CA GLY F 60 -21.92 53.58 25.08
C GLY F 60 -23.07 52.71 24.60
N ILE F 61 -23.40 51.66 25.34
CA ILE F 61 -24.49 50.76 25.00
C ILE F 61 -25.27 50.43 26.26
N VAL F 62 -26.50 49.98 26.07
CA VAL F 62 -27.33 49.45 27.15
C VAL F 62 -27.61 47.99 26.84
N ARG F 63 -27.25 47.10 27.77
CA ARG F 63 -27.30 45.68 27.51
C ARG F 63 -28.65 45.11 27.93
N ILE F 64 -29.40 44.62 26.96
CA ILE F 64 -30.82 44.33 27.13
C ILE F 64 -31.07 42.84 26.96
N ASP F 65 -32.11 42.34 27.62
CA ASP F 65 -32.46 40.93 27.57
C ASP F 65 -32.93 40.53 26.17
N SER F 66 -32.89 39.23 25.89
CA SER F 66 -33.20 38.73 24.56
C SER F 66 -34.68 38.88 24.22
N VAL F 67 -35.55 38.38 25.09
CA VAL F 67 -36.98 38.32 24.75
C VAL F 67 -37.57 39.71 24.65
N MET F 68 -37.13 40.64 25.50
CA MET F 68 -37.61 42.01 25.40
C MET F 68 -37.12 42.68 24.13
N ARG F 69 -35.98 42.23 23.59
CA ARG F 69 -35.61 42.61 22.24
C ARG F 69 -36.35 41.76 21.21
N ASN F 70 -36.78 40.56 21.62
CA ASN F 70 -37.58 39.73 20.74
C ASN F 70 -39.04 40.15 20.75
N ASN F 71 -39.44 40.96 21.74
CA ASN F 71 -40.78 41.52 21.73
C ASN F 71 -40.87 42.73 20.80
N CYS F 72 -39.87 43.60 20.83
CA CYS F 72 -39.89 44.77 19.96
C CYS F 72 -39.20 44.48 18.62
N GLY F 73 -38.77 43.24 18.42
CA GLY F 73 -38.00 42.87 17.24
C GLY F 73 -36.70 43.62 17.10
N ALA F 74 -36.01 43.89 18.20
CA ALA F 74 -34.84 44.76 18.17
C ALA F 74 -33.61 44.02 17.64
N SER F 75 -32.87 44.71 16.78
CA SER F 75 -31.58 44.25 16.31
C SER F 75 -30.52 45.17 16.90
N ILE F 76 -29.30 44.63 17.06
CA ILE F 76 -28.22 45.35 17.72
C ILE F 76 -27.97 46.67 16.99
N GLY F 77 -28.01 47.78 17.74
CA GLY F 77 -27.79 49.09 17.16
C GLY F 77 -29.02 49.81 16.67
N ASP F 78 -30.21 49.48 17.17
CA ASP F 78 -31.42 50.15 16.74
C ASP F 78 -31.61 51.47 17.46
N LYS F 79 -32.75 52.10 17.23
CA LYS F 79 -33.09 53.40 17.79
C LYS F 79 -34.37 53.29 18.62
N VAL F 80 -34.28 53.68 19.89
CA VAL F 80 -35.40 53.60 20.82
C VAL F 80 -35.53 54.92 21.56
N LYS F 81 -36.71 55.12 22.15
CA LYS F 81 -36.99 56.27 23.02
C LYS F 81 -37.46 55.74 24.37
N VAL F 82 -36.68 55.99 25.42
CA VAL F 82 -36.98 55.49 26.75
C VAL F 82 -36.98 56.64 27.74
N ARG F 83 -37.92 56.57 28.68
CA ARG F 83 -38.01 57.56 29.75
C ARG F 83 -38.75 56.94 30.93
N LYS F 84 -38.58 57.55 32.10
CA LYS F 84 -39.28 57.08 33.28
C LYS F 84 -40.72 57.57 33.28
N VAL F 85 -41.61 56.72 33.79
CA VAL F 85 -43.04 57.00 33.82
C VAL F 85 -43.57 56.77 35.23
N ARG F 86 -44.89 56.90 35.36
CA ARG F 86 -45.57 56.68 36.63
C ARG F 86 -45.55 55.21 37.00
N THR F 87 -45.70 54.90 38.29
CA THR F 87 -45.63 53.53 38.78
C THR F 87 -46.98 53.10 39.34
N GLU F 88 -47.48 51.96 38.85
CA GLU F 88 -48.74 51.42 39.36
C GLU F 88 -48.54 49.94 39.65
N ILE F 89 -49.62 49.25 40.03
CA ILE F 89 -49.58 47.82 40.30
C ILE F 89 -50.82 47.17 39.70
N ALA F 90 -50.70 45.92 39.25
CA ALA F 90 -51.82 45.23 38.63
C ALA F 90 -52.84 44.83 39.69
N LYS F 91 -53.93 44.21 39.22
CA LYS F 91 -54.98 43.72 40.11
C LYS F 91 -55.31 42.28 39.78
N LYS F 92 -55.93 42.05 38.63
CA LYS F 92 -56.21 40.70 38.15
C LYS F 92 -55.92 40.65 36.66
N VAL F 93 -55.04 39.71 36.28
CA VAL F 93 -54.57 39.59 34.91
C VAL F 93 -55.04 38.26 34.33
N THR F 94 -55.37 38.26 33.05
CA THR F 94 -55.81 37.07 32.35
C THR F 94 -54.82 36.74 31.23
N LEU F 95 -54.43 35.48 31.14
CA LEU F 95 -53.44 35.04 30.17
C LEU F 95 -54.04 33.94 29.28
N ALA F 96 -53.41 33.73 28.13
CA ALA F 96 -53.87 32.75 27.16
C ALA F 96 -52.69 32.03 26.54
N PRO F 97 -52.86 30.77 26.14
CA PRO F 97 -51.75 30.03 25.53
C PRO F 97 -51.44 30.53 24.12
N ILE F 98 -50.21 30.27 23.69
CA ILE F 98 -49.78 30.61 22.32
C ILE F 98 -49.61 29.27 21.60
N ILE F 99 -50.51 29.01 20.64
CA ILE F 99 -50.53 27.73 19.96
C ILE F 99 -50.23 27.93 18.48
N ARG F 100 -49.04 27.50 18.03
CA ARG F 100 -48.74 27.47 16.60
C ARG F 100 -48.17 26.10 16.28
N LYS F 101 -46.94 25.79 16.67
CA LYS F 101 -46.37 24.46 16.52
C LYS F 101 -46.43 23.71 17.84
N ASP F 102 -46.98 24.34 18.87
CA ASP F 102 -46.85 23.90 20.25
C ASP F 102 -47.68 22.65 20.54
N GLN F 103 -48.71 22.40 19.72
CA GLN F 103 -49.64 21.30 19.97
C GLN F 103 -50.27 21.44 21.35
N ARG F 104 -51.16 22.42 21.48
CA ARG F 104 -51.78 22.84 22.74
C ARG F 104 -50.69 23.20 23.75
N LEU F 105 -50.88 22.91 25.03
CA LEU F 105 -49.98 23.39 26.07
C LEU F 105 -50.33 22.72 27.41
N LYS F 106 -49.73 23.20 28.50
CA LYS F 106 -49.99 22.75 29.86
C LYS F 106 -51.48 22.68 30.19
N PHE F 107 -51.89 21.61 30.85
CA PHE F 107 -53.30 21.34 31.16
C PHE F 107 -53.64 21.76 32.59
N GLY F 108 -52.99 21.12 33.56
CA GLY F 108 -53.43 21.18 34.94
C GLY F 108 -53.13 22.51 35.62
N GLU F 109 -53.10 22.45 36.95
CA GLU F 109 -53.01 23.62 37.80
C GLU F 109 -51.61 24.20 37.77
N GLY F 110 -51.36 25.16 38.65
CA GLY F 110 -50.12 25.91 38.64
C GLY F 110 -50.32 27.31 38.06
N ILE F 111 -51.58 27.71 37.91
CA ILE F 111 -51.92 29.06 37.48
C ILE F 111 -51.46 30.10 38.49
N GLU F 112 -51.40 29.75 39.77
CA GLU F 112 -50.85 30.61 40.81
C GLU F 112 -49.39 30.34 41.12
N GLU F 113 -49.04 29.15 41.61
CA GLU F 113 -47.66 28.82 42.00
C GLU F 113 -46.65 29.24 40.94
N TYR F 114 -46.73 28.62 39.76
CA TYR F 114 -45.71 28.81 38.74
C TYR F 114 -45.63 30.25 38.27
N VAL F 115 -46.77 30.93 38.17
CA VAL F 115 -46.77 32.30 37.67
C VAL F 115 -46.34 33.27 38.76
N GLN F 116 -46.91 33.14 39.97
CA GLN F 116 -46.78 34.18 40.98
C GLN F 116 -45.34 34.40 41.40
N ARG F 117 -44.65 33.34 41.83
CA ARG F 117 -43.30 33.50 42.37
C ARG F 117 -42.31 33.91 41.28
N ALA F 118 -42.69 33.74 40.00
CA ALA F 118 -41.82 34.14 38.91
C ALA F 118 -42.12 35.54 38.40
N LEU F 119 -43.08 36.24 39.01
CA LEU F 119 -43.44 37.58 38.54
C LEU F 119 -42.37 38.59 38.90
N ILE F 120 -41.92 38.60 40.17
CA ILE F 120 -40.86 39.44 40.69
C ILE F 120 -40.96 40.88 40.18
N ARG F 121 -42.18 41.42 40.17
CA ARG F 121 -42.43 42.83 39.85
C ARG F 121 -41.95 43.19 38.45
N ARG F 122 -42.46 42.45 37.42
CA ARG F 122 -42.16 42.75 36.02
C ARG F 122 -43.03 43.89 35.52
N PRO F 123 -42.46 45.02 35.10
CA PRO F 123 -43.24 46.00 34.34
C PRO F 123 -43.63 45.41 32.99
N MET F 124 -44.88 45.64 32.58
CA MET F 124 -45.40 45.09 31.33
C MET F 124 -46.69 45.82 30.94
N LEU F 125 -47.26 45.38 29.82
CA LEU F 125 -48.49 45.94 29.28
C LEU F 125 -49.38 44.82 28.77
N GLU F 126 -50.63 45.17 28.47
CA GLU F 126 -51.58 44.22 27.92
C GLU F 126 -51.08 43.68 26.58
N GLN F 127 -51.44 42.41 26.30
CA GLN F 127 -51.08 41.74 25.06
C GLN F 127 -49.57 41.64 24.88
N ASP F 128 -48.86 41.37 25.97
CA ASP F 128 -47.43 41.16 25.90
C ASP F 128 -47.08 39.72 26.25
N ASN F 129 -46.07 39.19 25.57
CA ASN F 129 -45.64 37.80 25.74
C ASN F 129 -44.49 37.76 26.74
N ILE F 130 -44.73 37.12 27.87
CA ILE F 130 -43.74 36.98 28.94
C ILE F 130 -43.12 35.60 28.84
N SER F 131 -41.82 35.53 29.10
CA SER F 131 -41.07 34.27 29.07
C SER F 131 -40.74 33.84 30.49
N VAL F 132 -41.24 32.67 30.87
CA VAL F 132 -41.05 32.13 32.21
C VAL F 132 -40.51 30.70 32.12
N PRO F 133 -39.19 30.51 32.15
CA PRO F 133 -38.64 29.14 32.18
C PRO F 133 -38.71 28.52 33.56
N GLY F 134 -38.04 27.39 33.76
CA GLY F 134 -37.96 26.79 35.07
C GLY F 134 -38.69 25.47 35.24
N LEU F 135 -38.41 24.86 36.39
CA LEU F 135 -38.94 23.60 36.91
C LEU F 135 -38.29 22.34 36.35
N THR F 136 -37.59 22.45 35.21
CA THR F 136 -36.84 21.32 34.64
C THR F 136 -36.19 21.69 33.31
N LEU F 137 -35.21 20.88 32.89
CA LEU F 137 -34.61 21.06 31.56
C LEU F 137 -35.48 20.47 30.47
N ALA F 138 -36.00 19.26 30.68
CA ALA F 138 -36.77 18.55 29.66
C ALA F 138 -38.26 18.62 29.96
N GLY F 139 -39.01 19.16 28.99
CA GLY F 139 -40.44 19.33 29.13
C GLY F 139 -40.84 20.75 29.46
N GLN F 140 -39.90 21.52 30.01
CA GLN F 140 -40.14 22.93 30.32
C GLN F 140 -38.98 23.74 29.79
N THR F 141 -39.29 24.62 28.83
CA THR F 141 -38.30 25.53 28.26
C THR F 141 -38.83 26.95 28.31
N GLY F 142 -38.14 27.89 27.70
CA GLY F 142 -38.67 29.24 27.59
C GLY F 142 -40.02 29.22 26.91
N LEU F 143 -41.04 29.73 27.62
CA LEU F 143 -42.41 29.59 27.18
C LEU F 143 -43.11 30.94 27.26
N LEU F 144 -43.81 31.29 26.19
CA LEU F 144 -44.46 32.59 26.05
C LEU F 144 -45.96 32.45 26.28
N PHE F 145 -46.52 33.36 27.08
CA PHE F 145 -47.94 33.42 27.34
C PHE F 145 -48.51 34.71 26.78
N LYS F 146 -49.65 34.58 26.11
CA LYS F 146 -50.40 35.71 25.57
C LYS F 146 -51.30 36.25 26.66
N VAL F 147 -51.12 37.52 27.01
CA VAL F 147 -51.90 38.16 28.06
C VAL F 147 -53.15 38.76 27.40
N VAL F 148 -54.32 38.33 27.85
CA VAL F 148 -55.56 38.83 27.25
C VAL F 148 -55.92 40.19 27.82
N LYS F 149 -56.32 40.25 29.08
CA LYS F 149 -56.76 41.49 29.68
C LYS F 149 -56.34 41.55 31.15
N THR F 150 -55.86 42.71 31.56
CA THR F 150 -55.67 43.04 32.97
C THR F 150 -56.57 44.22 33.31
N LEU F 151 -56.94 44.33 34.59
CA LEU F 151 -57.86 45.39 35.00
C LEU F 151 -57.23 46.76 34.79
N PRO F 152 -55.97 47.00 35.20
CA PRO F 152 -55.29 48.23 34.76
C PRO F 152 -54.62 48.06 33.40
N SER F 153 -55.41 48.16 32.34
CA SER F 153 -54.97 47.85 30.98
C SER F 153 -54.28 49.06 30.36
N LYS F 154 -53.23 48.79 29.57
CA LYS F 154 -52.52 49.77 28.76
C LYS F 154 -51.72 50.78 29.60
N VAL F 155 -51.97 50.81 30.90
CA VAL F 155 -51.24 51.70 31.80
C VAL F 155 -50.01 50.95 32.33
N PRO F 156 -48.94 51.66 32.74
CA PRO F 156 -47.78 50.96 33.29
C PRO F 156 -48.13 50.19 34.56
N VAL F 157 -47.78 48.91 34.60
CA VAL F 157 -48.16 48.05 35.71
C VAL F 157 -47.01 47.11 36.04
N GLU F 158 -46.76 46.92 37.33
CA GLU F 158 -45.89 45.87 37.83
C GLU F 158 -46.73 44.90 38.65
N ILE F 159 -46.93 43.70 38.12
CA ILE F 159 -47.81 42.71 38.72
C ILE F 159 -47.20 42.29 40.06
N GLY F 160 -47.99 42.40 41.12
CA GLY F 160 -47.46 42.17 42.45
C GLY F 160 -47.68 40.74 42.94
N GLU F 161 -47.18 40.49 44.15
CA GLU F 161 -47.25 39.17 44.77
C GLU F 161 -48.64 38.85 45.32
N GLU F 162 -49.44 39.85 45.66
CA GLU F 162 -50.78 39.64 46.20
C GLU F 162 -51.85 39.69 45.12
N THR F 163 -51.45 39.84 43.85
CA THR F 163 -52.38 39.93 42.73
C THR F 163 -52.59 38.54 42.15
N LYS F 164 -53.84 38.17 41.92
CA LYS F 164 -54.17 36.88 41.36
C LYS F 164 -53.89 36.84 39.87
N ILE F 165 -53.71 35.62 39.35
CA ILE F 165 -53.44 35.39 37.93
C ILE F 165 -54.42 34.33 37.43
N GLU F 166 -55.09 34.63 36.32
CA GLU F 166 -56.03 33.70 35.71
C GLU F 166 -55.52 33.28 34.34
N ILE F 167 -55.59 31.97 34.07
CA ILE F 167 -55.19 31.39 32.80
C ILE F 167 -56.45 30.92 32.11
N ARG F 168 -56.78 31.54 30.97
CA ARG F 168 -58.01 31.19 30.27
C ARG F 168 -57.90 29.81 29.63
N GLU F 169 -56.71 29.43 29.19
CA GLU F 169 -56.41 28.16 28.51
C GLU F 169 -57.04 28.06 27.13
N GLU F 170 -57.84 29.03 26.71
CA GLU F 170 -58.45 29.00 25.39
C GLU F 170 -57.36 29.07 24.32
N PRO F 171 -57.29 28.09 23.41
CA PRO F 171 -56.17 28.05 22.46
C PRO F 171 -56.19 29.23 21.50
N ALA F 172 -55.02 29.85 21.33
CA ALA F 172 -54.85 30.96 20.40
C ALA F 172 -53.40 31.05 19.94
N SER F 173 -53.07 32.07 19.15
CA SER F 173 -51.71 32.22 18.65
C SER F 173 -51.05 33.45 19.27
N GLU F 174 -49.80 33.71 18.90
CA GLU F 174 -49.08 34.85 19.44
C GLU F 174 -49.58 36.14 18.80
N VAL F 175 -49.71 37.18 19.62
CA VAL F 175 -49.95 38.52 19.11
C VAL F 175 -48.63 39.14 18.68
N LEU F 176 -47.57 38.89 19.45
CA LEU F 176 -46.29 39.53 19.17
C LEU F 176 -45.13 38.56 19.15
N GLU F 177 -44.55 38.34 17.95
CA GLU F 177 -43.22 37.80 17.75
C GLU F 177 -42.84 36.65 18.68
N GLU F 178 -43.42 35.47 18.46
CA GLU F 178 -43.15 34.28 19.27
C GLU F 178 -41.80 33.71 18.83
N VAL F 179 -41.47 32.53 19.34
CA VAL F 179 -40.19 31.87 19.15
C VAL F 179 -40.18 31.30 17.73
N SER F 180 -39.19 30.45 17.41
CA SER F 180 -38.76 30.02 16.08
C SER F 180 -37.73 31.00 15.56
N ARG F 181 -37.50 32.08 16.32
CA ARG F 181 -36.39 32.97 16.08
C ARG F 181 -35.39 32.81 17.22
N ILE F 182 -34.11 32.82 16.87
CA ILE F 182 -33.05 32.69 17.87
C ILE F 182 -32.17 33.94 17.85
N SER F 183 -32.24 34.73 18.92
CA SER F 183 -31.45 35.95 19.04
C SER F 183 -30.00 35.66 19.34
N TYR F 184 -29.12 36.65 19.10
CA TYR F 184 -27.71 36.50 19.41
C TYR F 184 -27.48 36.20 20.88
N GLU F 185 -28.33 36.73 21.77
CA GLU F 185 -28.27 36.33 23.17
C GLU F 185 -28.73 34.89 23.37
N ASP F 186 -29.76 34.47 22.65
CA ASP F 186 -30.15 33.06 22.66
C ASP F 186 -29.05 32.17 22.10
N ILE F 187 -28.18 32.72 21.27
CA ILE F 187 -26.98 32.05 20.79
C ILE F 187 -25.93 32.12 21.90
N GLY F 188 -25.03 31.15 21.92
CA GLY F 188 -23.92 31.20 22.84
C GLY F 188 -22.70 30.50 22.28
N GLY F 189 -21.52 30.93 22.71
CA GLY F 189 -20.29 30.45 22.11
C GLY F 189 -19.18 31.47 22.19
N LEU F 190 -18.23 31.38 21.25
CA LEU F 190 -17.17 32.39 21.12
C LEU F 190 -17.82 33.75 20.93
N SER F 191 -17.32 34.72 21.71
CA SER F 191 -17.95 36.04 21.75
C SER F 191 -17.48 36.92 20.59
N GLU F 192 -16.19 37.25 20.57
CA GLU F 192 -15.66 38.14 19.54
C GLU F 192 -15.84 37.53 18.15
N GLN F 193 -15.79 36.21 18.05
CA GLN F 193 -16.00 35.56 16.76
C GLN F 193 -17.44 35.71 16.29
N LEU F 194 -18.40 35.72 17.22
CA LEU F 194 -19.80 35.92 16.83
C LEU F 194 -20.01 37.29 16.22
N GLY F 195 -19.31 38.31 16.73
CA GLY F 195 -19.43 39.64 16.16
C GLY F 195 -18.62 39.80 14.89
N LYS F 196 -17.54 39.02 14.75
CA LYS F 196 -16.70 39.13 13.57
C LYS F 196 -17.33 38.42 12.37
N ILE F 197 -18.00 37.29 12.63
CA ILE F 197 -18.67 36.57 11.55
C ILE F 197 -19.84 37.38 11.02
N ARG F 198 -20.58 38.03 11.92
CA ARG F 198 -21.80 38.72 11.52
C ARG F 198 -21.51 40.05 10.85
N GLU F 199 -20.43 40.73 11.27
CA GLU F 199 -20.20 42.11 10.85
C GLU F 199 -19.97 42.22 9.35
N MET F 200 -19.53 41.13 8.71
CA MET F 200 -19.32 41.18 7.27
C MET F 200 -20.64 41.11 6.51
N ILE F 201 -21.59 40.30 7.02
CA ILE F 201 -22.89 40.22 6.38
C ILE F 201 -23.91 41.12 7.07
N GLU F 202 -23.49 41.79 8.15
CA GLU F 202 -24.41 42.67 8.88
C GLU F 202 -24.97 43.77 7.98
N LEU F 203 -24.10 44.68 7.54
CA LEU F 203 -24.56 45.84 6.78
C LEU F 203 -25.24 45.47 5.46
N PRO F 204 -24.72 44.56 4.64
CA PRO F 204 -25.43 44.26 3.37
C PRO F 204 -26.83 43.71 3.57
N LEU F 205 -27.00 42.73 4.46
CA LEU F 205 -28.28 42.04 4.56
C LEU F 205 -29.38 42.97 5.09
N LYS F 206 -29.03 43.89 5.99
CA LYS F 206 -30.00 44.86 6.47
C LYS F 206 -30.56 45.70 5.32
N HIS F 207 -29.73 46.55 4.73
CA HIS F 207 -30.14 47.35 3.58
C HIS F 207 -29.15 47.10 2.45
N PRO F 208 -29.63 46.98 1.20
CA PRO F 208 -28.71 46.81 0.07
C PRO F 208 -27.85 48.03 -0.20
N GLU F 209 -28.39 49.25 -0.12
CA GLU F 209 -27.67 50.46 -0.47
C GLU F 209 -26.87 51.07 0.68
N LEU F 210 -27.05 50.59 1.91
CA LEU F 210 -26.25 51.10 3.03
C LEU F 210 -24.77 50.80 2.81
N PHE F 211 -24.43 49.53 2.66
CA PHE F 211 -23.09 49.09 2.27
C PHE F 211 -23.24 48.15 1.09
N GLU F 212 -22.81 48.59 -0.10
CA GLU F 212 -22.92 47.73 -1.27
C GLU F 212 -21.56 47.55 -1.95
N ARG F 213 -21.11 48.55 -2.73
CA ARG F 213 -19.74 48.56 -3.23
C ARG F 213 -18.83 49.51 -2.45
N LEU F 214 -19.36 50.22 -1.45
CA LEU F 214 -18.65 51.34 -0.85
C LEU F 214 -17.28 50.97 -0.30
N GLY F 215 -17.24 50.24 0.82
CA GLY F 215 -15.98 49.90 1.43
C GLY F 215 -15.14 48.92 0.63
N ILE F 216 -15.70 47.74 0.37
CA ILE F 216 -15.01 46.69 -0.37
C ILE F 216 -16.02 45.90 -1.19
N THR F 217 -15.58 44.81 -1.81
CA THR F 217 -16.47 43.85 -2.45
C THR F 217 -17.13 43.07 -1.33
N PRO F 218 -18.44 42.84 -1.38
CA PRO F 218 -19.11 42.12 -0.29
C PRO F 218 -18.63 40.69 -0.18
N PRO F 219 -19.06 39.94 0.84
CA PRO F 219 -18.57 38.56 0.98
C PRO F 219 -19.01 37.65 -0.15
N LYS F 220 -18.04 36.90 -0.71
CA LYS F 220 -18.34 35.90 -1.71
C LYS F 220 -18.88 34.65 -1.05
N GLY F 221 -18.06 34.00 -0.23
CA GLY F 221 -18.50 32.85 0.53
C GLY F 221 -17.82 32.72 1.88
N VAL F 222 -18.41 31.95 2.78
CA VAL F 222 -17.89 31.74 4.12
C VAL F 222 -17.96 30.25 4.44
N ILE F 223 -16.84 29.70 4.89
CA ILE F 223 -16.74 28.29 5.26
C ILE F 223 -16.65 28.20 6.78
N LEU F 224 -17.51 27.38 7.37
CA LEU F 224 -17.61 27.24 8.81
C LEU F 224 -17.12 25.86 9.25
N TYR F 225 -16.62 25.78 10.46
CA TYR F 225 -16.03 24.56 11.02
C TYR F 225 -16.64 24.26 12.38
N GLY F 226 -16.33 23.07 12.89
CA GLY F 226 -16.79 22.67 14.20
C GLY F 226 -17.92 21.66 14.17
N PRO F 227 -18.54 21.45 15.33
CA PRO F 227 -19.50 20.34 15.51
C PRO F 227 -20.81 20.60 14.79
N PRO F 228 -20.95 20.10 13.56
CA PRO F 228 -22.04 20.54 12.69
C PRO F 228 -23.42 20.05 13.12
N GLY F 229 -24.11 20.84 13.92
CA GLY F 229 -25.34 20.44 14.55
C GLY F 229 -25.30 20.31 16.06
N THR F 230 -24.20 20.68 16.70
CA THR F 230 -24.19 20.86 18.16
C THR F 230 -24.93 22.12 18.59
N GLY F 231 -25.45 22.90 17.65
CA GLY F 231 -25.83 24.28 17.90
C GLY F 231 -24.95 25.24 17.13
N LYS F 232 -23.90 24.73 16.49
CA LYS F 232 -23.23 25.49 15.44
C LYS F 232 -24.13 25.61 14.21
N THR F 233 -24.88 24.54 13.90
CA THR F 233 -25.85 24.60 12.81
C THR F 233 -27.07 25.42 13.22
N LEU F 234 -27.40 25.41 14.51
CA LEU F 234 -28.49 26.26 14.99
C LEU F 234 -28.17 27.73 14.78
N ILE F 235 -26.88 28.09 14.77
CA ILE F 235 -26.49 29.47 14.50
C ILE F 235 -26.91 29.88 13.09
N ALA F 236 -26.78 28.96 12.13
CA ALA F 236 -27.19 29.24 10.75
C ALA F 236 -28.62 29.74 10.69
N ARG F 237 -29.58 28.90 11.10
CA ARG F 237 -30.97 29.34 11.15
C ARG F 237 -31.16 30.53 12.08
N ALA F 238 -30.26 30.71 13.05
CA ALA F 238 -30.39 31.82 13.98
C ALA F 238 -30.02 33.14 13.32
N VAL F 239 -28.96 33.16 12.52
CA VAL F 239 -28.50 34.39 11.88
C VAL F 239 -29.58 34.95 10.96
N ALA F 240 -30.36 34.06 10.34
CA ALA F 240 -31.40 34.51 9.42
C ALA F 240 -32.58 35.12 10.17
N ASN F 241 -32.63 34.96 11.49
CA ASN F 241 -33.75 35.49 12.26
C ASN F 241 -33.64 37.00 12.45
N GLU F 242 -32.45 37.49 12.82
CA GLU F 242 -32.29 38.93 13.01
C GLU F 242 -32.38 39.67 11.69
N SER F 243 -31.80 39.10 10.63
CA SER F 243 -31.85 39.72 9.31
C SER F 243 -33.25 39.74 8.72
N GLY F 244 -34.09 38.78 9.08
CA GLY F 244 -35.46 38.72 8.57
C GLY F 244 -35.61 38.22 7.15
N ALA F 245 -34.49 37.93 6.49
CA ALA F 245 -34.52 37.44 5.11
C ALA F 245 -34.86 35.96 5.07
N ASN F 246 -34.92 35.39 3.87
CA ASN F 246 -35.23 33.97 3.71
C ASN F 246 -34.00 33.12 3.99
N PHE F 247 -34.24 31.93 4.53
CA PHE F 247 -33.17 31.00 4.85
C PHE F 247 -33.36 29.71 4.07
N LEU F 248 -32.44 29.45 3.14
CA LEU F 248 -32.46 28.25 2.32
C LEU F 248 -31.70 27.15 3.05
N SER F 249 -32.29 25.96 3.10
CA SER F 249 -31.73 24.84 3.85
C SER F 249 -31.26 23.76 2.89
N ILE F 250 -29.94 23.57 2.80
CA ILE F 250 -29.33 22.45 2.09
C ILE F 250 -28.98 21.41 3.15
N ASN F 251 -29.64 20.26 3.10
CA ASN F 251 -29.59 19.29 4.19
C ASN F 251 -29.23 17.90 3.67
N GLY F 252 -28.88 17.02 4.61
CA GLY F 252 -28.52 15.65 4.33
C GLY F 252 -29.62 14.79 3.72
N PRO F 253 -30.78 14.72 4.37
CA PRO F 253 -31.83 13.81 3.87
C PRO F 253 -32.30 14.11 2.46
N GLU F 254 -32.20 15.36 1.98
CA GLU F 254 -32.64 15.66 0.62
C GLU F 254 -31.60 15.24 -0.40
N ILE F 255 -30.32 15.43 -0.10
CA ILE F 255 -29.28 15.06 -1.07
C ILE F 255 -29.11 13.55 -1.10
N MET F 256 -29.45 12.87 -0.01
CA MET F 256 -29.39 11.41 0.00
C MET F 256 -30.60 10.79 -0.70
N SER F 257 -31.77 11.43 -0.60
CA SER F 257 -32.97 10.88 -1.19
C SER F 257 -33.05 11.16 -2.68
N LYS F 258 -32.29 12.14 -3.17
CA LYS F 258 -32.31 12.51 -4.58
C LYS F 258 -31.09 11.93 -5.27
N TYR F 259 -31.32 10.93 -6.11
CA TYR F 259 -30.29 10.27 -6.89
C TYR F 259 -30.14 10.95 -8.25
N TYR F 260 -29.46 10.27 -9.18
CA TYR F 260 -29.15 10.85 -10.49
C TYR F 260 -30.39 11.42 -11.17
N GLY F 261 -30.33 12.70 -11.53
CA GLY F 261 -31.42 13.38 -12.19
C GLY F 261 -32.42 14.02 -11.25
N GLN F 262 -32.54 13.48 -10.03
CA GLN F 262 -33.37 14.15 -9.03
C GLN F 262 -32.60 15.25 -8.32
N SER F 263 -31.34 15.01 -7.97
CA SER F 263 -30.55 16.00 -7.26
C SER F 263 -30.01 17.05 -8.23
N GLU F 264 -29.66 16.62 -9.44
CA GLU F 264 -29.11 17.55 -10.43
C GLU F 264 -30.11 18.64 -10.78
N GLN F 265 -31.40 18.31 -10.85
CA GLN F 265 -32.41 19.33 -11.09
C GLN F 265 -32.73 20.08 -9.80
N LYS F 266 -32.54 19.44 -8.65
CA LYS F 266 -32.82 20.10 -7.38
C LYS F 266 -31.80 21.19 -7.07
N LEU F 267 -30.57 21.03 -7.58
CA LEU F 267 -29.54 22.05 -7.36
C LEU F 267 -29.93 23.37 -8.02
N ARG F 268 -30.51 23.31 -9.22
CA ARG F 268 -31.02 24.53 -9.84
C ARG F 268 -32.36 24.92 -9.23
N GLU F 269 -33.09 23.96 -8.69
CA GLU F 269 -34.38 24.25 -8.06
C GLU F 269 -34.20 25.08 -6.80
N ILE F 270 -33.25 24.69 -5.95
CA ILE F 270 -32.96 25.48 -4.76
C ILE F 270 -32.26 26.77 -5.13
N PHE F 271 -31.56 26.79 -6.28
CA PHE F 271 -30.94 28.02 -6.74
C PHE F 271 -31.97 28.94 -7.40
N SER F 272 -33.04 28.37 -7.96
CA SER F 272 -34.10 29.18 -8.52
C SER F 272 -34.84 29.94 -7.43
N LYS F 273 -35.00 29.32 -6.26
CA LYS F 273 -35.60 30.02 -5.13
C LYS F 273 -34.64 31.06 -4.55
N ALA F 274 -33.34 30.86 -4.75
CA ALA F 274 -32.36 31.84 -4.28
C ALA F 274 -32.54 33.17 -5.01
N GLU F 275 -32.88 33.12 -6.30
CA GLU F 275 -33.12 34.36 -7.04
C GLU F 275 -34.49 34.93 -6.73
N GLU F 276 -35.47 34.06 -6.45
CA GLU F 276 -36.82 34.54 -6.13
C GLU F 276 -36.89 35.09 -4.72
N THR F 277 -36.34 34.37 -3.74
CA THR F 277 -36.38 34.82 -2.36
C THR F 277 -35.36 35.92 -2.10
N ALA F 278 -34.51 36.23 -3.07
CA ALA F 278 -33.51 37.28 -2.94
C ALA F 278 -34.13 38.61 -2.50
N PRO F 279 -33.54 39.25 -1.48
CA PRO F 279 -32.33 38.86 -0.75
C PRO F 279 -32.51 37.65 0.16
N SER F 280 -31.55 36.73 0.12
CA SER F 280 -31.58 35.54 0.96
C SER F 280 -30.14 35.05 1.16
N ILE F 281 -29.97 34.23 2.19
CA ILE F 281 -28.66 33.68 2.55
C ILE F 281 -28.70 32.19 2.27
N ILE F 282 -27.59 31.63 1.79
CA ILE F 282 -27.52 30.22 1.44
C ILE F 282 -26.52 29.53 2.37
N PHE F 283 -27.01 28.67 3.24
CA PHE F 283 -26.18 27.92 4.19
C PHE F 283 -26.14 26.46 3.76
N ILE F 284 -24.92 25.93 3.60
CA ILE F 284 -24.71 24.53 3.26
C ILE F 284 -23.86 23.89 4.34
N ASP F 285 -24.46 22.97 5.11
CA ASP F 285 -23.72 22.14 6.04
C ASP F 285 -23.32 20.81 5.42
N GLU F 286 -23.62 20.61 4.14
CA GLU F 286 -23.41 19.34 3.44
C GLU F 286 -22.07 19.29 2.72
N ILE F 287 -21.21 20.30 2.90
CA ILE F 287 -19.90 20.31 2.26
C ILE F 287 -19.17 18.99 2.48
N ASP F 288 -19.40 18.37 3.65
CA ASP F 288 -18.85 17.04 3.90
C ASP F 288 -19.44 16.01 2.93
N SER F 289 -20.77 16.03 2.74
CA SER F 289 -21.39 15.10 1.81
C SER F 289 -21.24 15.57 0.36
N ILE F 290 -21.50 16.86 0.11
CA ILE F 290 -21.39 17.40 -1.25
C ILE F 290 -19.99 17.24 -1.80
N ALA F 291 -19.01 17.90 -1.20
CA ALA F 291 -17.65 17.93 -1.72
C ALA F 291 -16.65 17.43 -0.68
N PRO F 292 -16.70 16.14 -0.34
CA PRO F 292 -15.59 15.54 0.43
C PRO F 292 -14.30 15.40 -0.37
N LYS F 293 -14.38 15.60 -1.69
CA LYS F 293 -13.42 15.07 -2.65
C LYS F 293 -11.97 15.43 -2.35
N ARG F 294 -11.13 14.40 -2.21
CA ARG F 294 -9.67 14.47 -2.14
C ARG F 294 -9.06 14.22 -3.51
N GLU F 295 -9.88 14.26 -4.55
CA GLU F 295 -9.58 13.76 -5.90
C GLU F 295 -9.38 12.26 -5.91
N GLU F 296 -10.47 11.53 -5.64
CA GLU F 296 -10.61 10.11 -5.95
C GLU F 296 -11.93 9.94 -6.69
N VAL F 297 -12.32 8.69 -6.92
CA VAL F 297 -13.59 8.44 -7.60
C VAL F 297 -14.64 8.03 -6.58
N GLN F 298 -15.57 8.95 -6.32
CA GLN F 298 -16.72 8.67 -5.46
C GLN F 298 -17.94 8.33 -6.30
N GLY F 299 -17.78 8.31 -7.62
CA GLY F 299 -18.91 8.14 -8.51
C GLY F 299 -19.24 9.41 -9.27
N GLU F 300 -20.09 9.30 -10.30
CA GLU F 300 -20.39 10.45 -11.14
C GLU F 300 -21.26 11.47 -10.41
N VAL F 301 -22.14 10.99 -9.52
CA VAL F 301 -23.06 11.90 -8.84
C VAL F 301 -22.29 12.85 -7.93
N GLU F 302 -21.18 12.38 -7.35
CA GLU F 302 -20.41 13.24 -6.45
C GLU F 302 -19.67 14.33 -7.22
N ARG F 303 -19.14 14.00 -8.40
CA ARG F 303 -18.47 15.02 -9.21
C ARG F 303 -19.49 15.92 -9.90
N ARG F 304 -20.71 15.43 -10.10
CA ARG F 304 -21.72 16.24 -10.77
C ARG F 304 -22.34 17.25 -9.81
N VAL F 305 -22.53 16.88 -8.54
CA VAL F 305 -23.17 17.77 -7.58
C VAL F 305 -22.22 18.90 -7.20
N VAL F 306 -20.91 18.62 -7.18
CA VAL F 306 -19.96 19.66 -6.82
C VAL F 306 -19.69 20.59 -8.01
N ALA F 307 -19.64 20.03 -9.22
CA ALA F 307 -19.39 20.86 -10.40
C ALA F 307 -20.56 21.81 -10.65
N GLN F 308 -21.78 21.39 -10.32
CA GLN F 308 -22.92 22.28 -10.46
C GLN F 308 -22.89 23.38 -9.41
N LEU F 309 -22.63 23.02 -8.15
CA LEU F 309 -22.56 24.02 -7.09
C LEU F 309 -21.48 25.07 -7.38
N LEU F 310 -20.41 24.67 -8.08
CA LEU F 310 -19.42 25.64 -8.51
C LEU F 310 -20.01 26.57 -9.58
N THR F 311 -20.80 26.01 -10.51
CA THR F 311 -21.39 26.83 -11.55
C THR F 311 -22.62 27.59 -11.04
N LEU F 312 -23.29 27.06 -10.00
CA LEU F 312 -24.41 27.78 -9.41
C LEU F 312 -23.94 29.10 -8.81
N MET F 313 -22.78 29.11 -8.15
CA MET F 313 -22.23 30.36 -7.66
C MET F 313 -21.60 31.16 -8.79
N ASP F 314 -21.08 30.49 -9.81
CA ASP F 314 -20.56 31.19 -10.97
C ASP F 314 -21.68 31.72 -11.86
N GLY F 315 -22.83 31.06 -11.86
CA GLY F 315 -23.95 31.55 -12.66
C GLY F 315 -24.50 32.87 -12.13
N MET F 316 -24.18 33.19 -10.87
CA MET F 316 -24.60 34.45 -10.29
C MET F 316 -23.56 35.53 -10.56
N LYS F 317 -24.03 36.73 -10.90
CA LYS F 317 -23.15 37.87 -11.10
C LYS F 317 -22.49 38.31 -9.80
N GLU F 318 -22.87 37.68 -8.68
CA GLU F 318 -22.54 38.02 -7.29
C GLU F 318 -23.51 39.07 -6.78
N ARG F 319 -24.31 39.65 -7.67
CA ARG F 319 -25.42 40.46 -7.19
C ARG F 319 -26.76 39.85 -7.57
N GLY F 320 -27.37 39.13 -6.63
CA GLY F 320 -28.82 39.06 -6.51
C GLY F 320 -29.12 39.72 -5.18
N HIS F 321 -28.06 40.30 -4.61
CA HIS F 321 -27.91 40.59 -3.19
C HIS F 321 -28.11 39.35 -2.33
N VAL F 322 -27.25 38.32 -2.51
CA VAL F 322 -27.32 37.08 -1.74
C VAL F 322 -25.91 36.69 -1.33
N ILE F 323 -25.81 35.94 -0.23
CA ILE F 323 -24.53 35.47 0.30
C ILE F 323 -24.62 33.99 0.56
N VAL F 324 -23.78 33.21 -0.13
CA VAL F 324 -23.72 31.77 0.04
C VAL F 324 -22.63 31.46 1.06
N ILE F 325 -22.96 30.63 2.05
CA ILE F 325 -22.02 30.24 3.09
C ILE F 325 -22.05 28.72 3.22
N GLY F 326 -21.08 28.18 3.95
CA GLY F 326 -20.95 26.74 4.09
C GLY F 326 -20.36 26.37 5.43
N ALA F 327 -20.57 25.11 5.81
CA ALA F 327 -20.12 24.59 7.08
C ALA F 327 -19.78 23.12 6.95
N THR F 328 -18.85 22.66 7.79
CA THR F 328 -18.41 21.27 7.79
C THR F 328 -17.85 20.94 9.16
N ASN F 329 -17.71 19.64 9.42
CA ASN F 329 -17.33 19.13 10.73
C ASN F 329 -15.95 19.64 11.15
N ARG F 330 -14.96 19.51 10.28
CA ARG F 330 -13.59 19.84 10.66
C ARG F 330 -12.84 20.54 9.52
N ILE F 331 -11.53 20.73 9.70
CA ILE F 331 -10.72 21.38 8.68
C ILE F 331 -10.62 20.49 7.43
N ASP F 332 -11.10 19.26 7.52
CA ASP F 332 -11.02 18.29 6.45
C ASP F 332 -12.41 18.04 5.87
N ALA F 333 -12.49 17.11 4.92
CA ALA F 333 -13.71 16.83 4.15
C ALA F 333 -14.18 18.10 3.46
N ILE F 334 -13.35 18.62 2.54
CA ILE F 334 -13.66 19.83 1.79
C ILE F 334 -12.94 19.74 0.46
N ASP F 335 -13.55 20.34 -0.58
CA ASP F 335 -12.90 20.29 -1.87
C ASP F 335 -11.77 21.31 -1.96
N PRO F 336 -10.58 20.88 -2.38
CA PRO F 336 -9.44 21.81 -2.44
C PRO F 336 -9.62 22.97 -3.39
N ALA F 337 -10.46 22.82 -4.42
CA ALA F 337 -10.62 23.89 -5.39
C ALA F 337 -11.55 24.99 -4.87
N LEU F 338 -12.16 24.76 -3.71
CA LEU F 338 -13.09 25.75 -3.15
C LEU F 338 -12.36 27.00 -2.68
N ARG F 339 -11.04 26.91 -2.52
CA ARG F 339 -10.28 28.08 -2.06
C ARG F 339 -9.81 28.93 -3.24
N ARG F 340 -10.01 28.45 -4.46
CA ARG F 340 -9.69 29.20 -5.66
C ARG F 340 -10.65 30.37 -5.79
N PRO F 341 -10.23 31.47 -6.44
CA PRO F 341 -11.16 32.59 -6.67
C PRO F 341 -12.35 32.21 -7.53
N GLY F 342 -13.26 33.16 -7.75
CA GLY F 342 -14.53 32.89 -8.39
C GLY F 342 -15.52 32.13 -7.53
N ARG F 343 -15.14 31.78 -6.30
CA ARG F 343 -15.96 30.98 -5.40
C ARG F 343 -15.52 31.32 -3.98
N PHE F 344 -15.88 30.47 -3.02
CA PHE F 344 -15.71 30.76 -1.60
C PHE F 344 -14.31 31.26 -1.29
N ASP F 345 -14.23 32.39 -0.58
CA ASP F 345 -12.96 33.05 -0.33
C ASP F 345 -12.66 33.13 1.16
N ARG F 346 -13.52 33.80 1.92
CA ARG F 346 -13.37 33.92 3.37
C ARG F 346 -13.63 32.57 4.02
N GLU F 347 -12.70 32.12 4.86
CA GLU F 347 -12.92 30.95 5.71
C GLU F 347 -12.75 31.36 7.16
N ILE F 348 -13.81 31.20 7.94
CA ILE F 348 -13.79 31.52 9.36
C ILE F 348 -13.81 30.23 10.15
N GLU F 349 -12.71 29.95 10.84
CA GLU F 349 -12.57 28.74 11.64
C GLU F 349 -13.25 28.96 12.99
N ILE F 350 -14.21 28.12 13.31
CA ILE F 350 -14.92 28.16 14.58
C ILE F 350 -14.26 27.17 15.52
N GLY F 351 -13.67 27.68 16.59
CA GLY F 351 -12.94 26.85 17.54
C GLY F 351 -13.82 26.27 18.63
N VAL F 352 -13.26 26.09 19.81
CA VAL F 352 -13.99 25.51 20.94
C VAL F 352 -14.04 26.58 22.03
N PRO F 353 -14.76 26.36 23.14
CA PRO F 353 -14.82 27.41 24.17
C PRO F 353 -13.69 27.33 25.18
N ASP F 354 -13.67 28.27 26.12
CA ASP F 354 -12.73 28.33 27.23
C ASP F 354 -13.54 28.31 28.52
N ARG F 355 -12.85 28.44 29.66
CA ARG F 355 -13.54 28.47 30.94
C ARG F 355 -14.60 29.56 30.97
N ASN F 356 -14.29 30.73 30.40
CA ASN F 356 -15.30 31.78 30.27
C ASN F 356 -16.23 31.52 29.10
N GLY F 357 -15.70 30.95 28.01
CA GLY F 357 -16.53 30.67 26.85
C GLY F 357 -17.52 29.55 27.10
N ARG F 358 -17.14 28.58 27.92
CA ARG F 358 -18.06 27.50 28.28
C ARG F 358 -19.22 28.02 29.10
N LYS F 359 -18.95 29.00 29.97
CA LYS F 359 -20.03 29.62 30.75
C LYS F 359 -21.05 30.30 29.84
N GLU F 360 -20.60 30.86 28.73
CA GLU F 360 -21.53 31.45 27.77
C GLU F 360 -22.36 30.37 27.08
N ILE F 361 -21.73 29.24 26.75
CA ILE F 361 -22.47 28.13 26.15
C ILE F 361 -23.41 27.51 27.17
N LEU F 362 -22.95 27.33 28.41
CA LEU F 362 -23.80 26.79 29.45
C LEU F 362 -24.97 27.72 29.75
N MET F 363 -24.73 29.03 29.70
CA MET F 363 -25.78 29.99 30.04
C MET F 363 -27.00 29.83 29.13
N ILE F 364 -26.78 29.40 27.89
CA ILE F 364 -27.89 29.13 26.99
C ILE F 364 -28.71 27.95 27.49
N HIS F 365 -28.03 26.88 27.92
CA HIS F 365 -28.72 25.71 28.42
C HIS F 365 -28.87 25.72 29.93
N THR F 366 -28.35 26.75 30.60
CA THR F 366 -28.52 26.88 32.04
C THR F 366 -29.98 27.02 32.44
N ARG F 367 -30.73 27.93 31.82
CA ARG F 367 -32.10 28.16 32.23
C ARG F 367 -33.07 27.59 31.19
N ASN F 368 -33.48 26.35 31.44
CA ASN F 368 -34.84 25.90 31.20
C ASN F 368 -35.47 25.62 32.55
N MET F 369 -34.66 25.76 33.61
CA MET F 369 -34.86 25.09 34.89
C MET F 369 -34.70 26.06 36.05
N PRO F 370 -34.92 25.64 37.31
CA PRO F 370 -34.80 26.61 38.42
C PRO F 370 -33.39 26.71 38.98
N LEU F 371 -32.48 27.33 38.21
CA LEU F 371 -31.16 27.65 38.71
C LEU F 371 -30.97 29.15 38.77
N GLY F 372 -29.80 29.60 39.22
CA GLY F 372 -29.52 31.01 39.32
C GLY F 372 -28.04 31.35 39.33
N MET F 373 -27.71 32.58 38.96
CA MET F 373 -26.35 33.07 38.95
C MET F 373 -26.02 33.95 40.14
N SER F 374 -26.71 35.08 40.31
CA SER F 374 -26.48 35.94 41.46
C SER F 374 -27.16 35.36 42.70
N GLU F 375 -28.22 34.58 42.51
CA GLU F 375 -29.01 34.06 43.62
C GLU F 375 -28.36 32.83 44.26
N GLU F 376 -27.63 32.01 43.49
CA GLU F 376 -26.63 31.13 44.07
C GLU F 376 -25.25 31.57 43.60
N GLU F 377 -24.45 32.11 44.53
CA GLU F 377 -23.20 32.76 44.16
C GLU F 377 -22.15 31.77 43.65
N LYS F 378 -22.03 30.62 44.31
CA LYS F 378 -20.93 29.71 44.00
C LYS F 378 -21.40 28.31 43.65
N ASN F 379 -22.05 27.63 44.60
CA ASN F 379 -22.41 26.22 44.47
C ASN F 379 -23.08 25.85 43.15
N LYS F 380 -24.08 26.61 42.69
CA LYS F 380 -24.70 26.35 41.41
C LYS F 380 -24.14 27.18 40.26
N PHE F 381 -23.13 28.02 40.49
CA PHE F 381 -22.59 28.87 39.44
C PHE F 381 -21.88 28.02 38.39
N LEU F 382 -21.76 28.52 37.16
CA LEU F 382 -21.33 27.69 36.05
C LEU F 382 -19.82 27.41 36.08
N GLU F 383 -19.03 28.29 36.72
CA GLU F 383 -17.59 28.08 36.72
C GLU F 383 -17.19 26.84 37.51
N GLU F 384 -17.92 26.54 38.59
CA GLU F 384 -17.66 25.30 39.32
C GLU F 384 -17.98 24.08 38.45
N MET F 385 -18.94 24.22 37.54
CA MET F 385 -19.21 23.14 36.60
C MET F 385 -18.24 23.20 35.42
N ALA F 386 -17.64 24.36 35.18
CA ALA F 386 -16.75 24.52 34.04
C ALA F 386 -15.37 23.94 34.29
N ASP F 387 -14.85 24.09 35.52
CA ASP F 387 -13.48 23.66 35.78
C ASP F 387 -13.32 22.15 35.70
N TYR F 388 -14.35 21.40 36.10
CA TYR F 388 -14.27 19.95 36.03
C TYR F 388 -14.48 19.45 34.59
N THR F 389 -15.42 20.05 33.87
CA THR F 389 -15.71 19.64 32.50
C THR F 389 -14.62 20.09 31.55
N TYR F 390 -14.17 19.18 30.68
CA TYR F 390 -13.11 19.45 29.70
C TYR F 390 -13.47 18.73 28.41
N GLY F 391 -13.37 19.43 27.28
CA GLY F 391 -13.63 18.84 25.99
C GLY F 391 -15.07 18.47 25.74
N PHE F 392 -15.98 19.43 25.92
CA PHE F 392 -17.39 19.20 25.65
C PHE F 392 -17.88 20.23 24.64
N VAL F 393 -19.18 20.19 24.36
CA VAL F 393 -19.80 21.08 23.39
C VAL F 393 -21.28 21.21 23.74
N GLY F 394 -21.93 22.22 23.16
CA GLY F 394 -23.28 22.57 23.58
C GLY F 394 -24.24 21.40 23.57
N ALA F 395 -24.34 20.68 22.44
CA ALA F 395 -25.25 19.55 22.37
C ALA F 395 -24.82 18.44 23.32
N ASP F 396 -23.50 18.22 23.44
CA ASP F 396 -23.02 17.25 24.42
C ASP F 396 -23.35 17.70 25.83
N LEU F 397 -23.16 19.00 26.12
CA LEU F 397 -23.57 19.54 27.41
C LEU F 397 -25.09 19.50 27.57
N ALA F 398 -25.82 19.74 26.48
CA ALA F 398 -27.28 19.65 26.55
C ALA F 398 -27.74 18.23 26.84
N ALA F 399 -27.17 17.25 26.13
CA ALA F 399 -27.52 15.86 26.38
C ALA F 399 -26.96 15.38 27.72
N LEU F 400 -25.88 15.99 28.19
CA LEU F 400 -25.31 15.61 29.47
C LEU F 400 -26.20 16.07 30.62
N VAL F 401 -26.67 17.32 30.57
CA VAL F 401 -27.57 17.82 31.60
C VAL F 401 -28.93 17.16 31.50
N ARG F 402 -29.37 16.84 30.28
CA ARG F 402 -30.61 16.10 30.10
C ARG F 402 -30.50 14.70 30.70
N GLU F 403 -29.35 14.05 30.51
CA GLU F 403 -29.08 12.80 31.21
C GLU F 403 -28.91 13.05 32.70
N SER F 404 -28.35 14.21 33.06
CA SER F 404 -28.25 14.58 34.47
C SER F 404 -29.59 15.04 35.00
N ALA F 405 -30.51 15.43 34.11
CA ALA F 405 -31.87 15.70 34.54
C ALA F 405 -32.56 14.43 35.01
N MET F 406 -32.23 13.30 34.38
CA MET F 406 -32.79 12.03 34.82
C MET F 406 -32.33 11.69 36.23
N ASN F 407 -31.13 12.15 36.61
CA ASN F 407 -30.72 12.05 38.01
C ASN F 407 -31.69 12.82 38.91
N ALA F 408 -32.12 14.00 38.46
CA ALA F 408 -33.16 14.73 39.19
C ALA F 408 -34.50 14.02 39.09
N LEU F 409 -34.74 13.30 37.99
CA LEU F 409 -35.96 12.50 37.90
C LEU F 409 -35.89 11.29 38.83
N ARG F 410 -34.84 10.48 38.70
CA ARG F 410 -34.80 9.21 39.45
C ARG F 410 -34.84 9.44 40.96
N ARG F 411 -34.51 10.64 41.42
CA ARG F 411 -34.63 10.93 42.85
C ARG F 411 -36.02 11.44 43.18
N TYR F 412 -36.82 11.76 42.16
CA TYR F 412 -38.14 12.33 42.38
C TYR F 412 -39.24 11.60 41.60
N LEU F 413 -39.19 11.69 40.26
CA LEU F 413 -40.39 11.43 39.46
C LEU F 413 -40.89 9.99 39.54
N PRO F 414 -40.09 8.95 39.25
CA PRO F 414 -40.68 7.60 39.13
C PRO F 414 -41.31 7.09 40.40
N GLU F 415 -40.66 7.24 41.56
CA GLU F 415 -41.16 6.59 42.76
C GLU F 415 -42.19 7.45 43.49
N ILE F 416 -42.51 8.62 42.94
CA ILE F 416 -43.50 9.48 43.58
C ILE F 416 -44.74 9.61 42.71
N ASP F 417 -44.63 10.30 41.57
CA ASP F 417 -45.80 10.57 40.74
C ASP F 417 -45.57 9.94 39.37
N LEU F 418 -46.32 8.87 39.09
CA LEU F 418 -46.36 8.28 37.75
C LEU F 418 -47.60 8.74 37.00
N ASP F 419 -48.43 9.54 37.65
CA ASP F 419 -49.72 9.92 37.07
C ASP F 419 -49.54 10.90 35.92
N LYS F 420 -50.42 10.78 34.92
CA LYS F 420 -50.41 11.69 33.78
C LYS F 420 -50.81 13.11 34.19
N PRO F 421 -51.85 13.30 34.99
CA PRO F 421 -52.09 14.64 35.56
C PRO F 421 -50.93 15.06 36.46
N ILE F 422 -50.46 16.28 36.23
CA ILE F 422 -49.30 16.80 36.95
C ILE F 422 -49.77 17.46 38.23
N PRO F 423 -49.37 16.94 39.40
CA PRO F 423 -49.80 17.54 40.67
C PRO F 423 -49.17 18.91 40.88
N THR F 424 -49.77 19.69 41.78
CA THR F 424 -49.21 21.00 42.12
C THR F 424 -48.07 20.87 43.13
N GLU F 425 -47.99 19.74 43.83
CA GLU F 425 -46.96 19.57 44.85
C GLU F 425 -45.62 19.19 44.23
N ILE F 426 -45.65 18.51 43.08
CA ILE F 426 -44.41 18.06 42.45
C ILE F 426 -43.64 19.25 41.90
N LEU F 427 -44.28 20.42 41.80
CA LEU F 427 -43.63 21.59 41.23
C LEU F 427 -42.64 22.21 42.20
N GLU F 428 -42.96 22.22 43.50
CA GLU F 428 -42.01 22.71 44.49
C GLU F 428 -40.86 21.74 44.67
N LYS F 429 -41.08 20.47 44.32
CA LYS F 429 -40.07 19.45 44.59
C LYS F 429 -38.95 19.49 43.54
N MET F 430 -39.12 20.32 42.51
CA MET F 430 -38.17 20.33 41.40
C MET F 430 -37.07 21.36 41.67
N VAL F 431 -35.87 20.86 41.92
CA VAL F 431 -34.66 21.68 42.04
C VAL F 431 -33.52 20.88 41.40
N VAL F 432 -32.32 21.45 41.38
CA VAL F 432 -31.14 20.76 40.88
C VAL F 432 -30.00 20.92 41.86
N THR F 433 -29.58 19.81 42.44
CA THR F 433 -28.40 19.75 43.30
C THR F 433 -27.19 19.45 42.43
N GLU F 434 -26.04 20.03 42.79
CA GLU F 434 -24.82 19.84 42.02
C GLU F 434 -24.43 18.37 41.89
N ASP F 435 -24.90 17.51 42.80
CA ASP F 435 -24.54 16.10 42.75
C ASP F 435 -25.04 15.45 41.47
N ASP F 436 -26.16 15.92 40.91
CA ASP F 436 -26.65 15.37 39.66
C ASP F 436 -25.67 15.62 38.52
N PHE F 437 -25.04 16.80 38.51
CA PHE F 437 -24.06 17.09 37.48
C PHE F 437 -22.72 16.44 37.79
N LYS F 438 -22.46 16.14 39.07
CA LYS F 438 -21.22 15.47 39.43
C LYS F 438 -21.29 13.97 39.15
N ASN F 439 -22.48 13.38 39.30
CA ASN F 439 -22.64 11.96 39.01
C ASN F 439 -22.40 11.64 37.55
N ALA F 440 -22.69 12.60 36.65
CA ALA F 440 -22.41 12.39 35.24
C ALA F 440 -20.92 12.53 34.96
N LEU F 441 -20.20 13.30 35.77
CA LEU F 441 -18.76 13.43 35.60
C LEU F 441 -18.04 12.14 36.00
N LYS F 442 -18.55 11.45 37.02
CA LYS F 442 -17.96 10.16 37.40
C LYS F 442 -18.34 9.07 36.40
N SER F 443 -19.56 9.13 35.87
CA SER F 443 -19.99 8.17 34.87
C SER F 443 -19.27 8.42 33.55
N ILE F 444 -19.31 7.41 32.66
CA ILE F 444 -18.43 7.35 31.51
C ILE F 444 -18.75 8.33 30.40
N GLU F 445 -19.84 9.10 30.51
CA GLU F 445 -20.29 9.96 29.41
C GLU F 445 -19.20 10.89 28.86
N PRO F 446 -18.37 11.55 29.71
CA PRO F 446 -17.33 12.43 29.16
C PRO F 446 -16.35 11.71 28.24
N SER F 447 -16.16 12.26 27.04
CA SER F 447 -15.15 11.78 26.09
C SER F 447 -14.64 12.96 25.30
N SER F 448 -13.32 13.04 25.12
CA SER F 448 -12.73 14.12 24.34
C SER F 448 -11.92 13.53 23.19
N LEU F 449 -12.42 13.69 21.96
CA LEU F 449 -11.69 13.27 20.77
C LEU F 449 -10.96 14.43 20.11
N ARG F 450 -11.07 15.63 20.70
CA ARG F 450 -10.56 16.83 20.05
C ARG F 450 -9.04 16.85 20.07
N GLU F 451 -8.44 16.94 18.88
CA GLU F 451 -6.99 16.98 18.76
C GLU F 451 -6.42 18.21 19.46
N VAL F 452 -6.70 19.39 18.92
CA VAL F 452 -6.10 20.63 19.39
C VAL F 452 -6.99 21.27 20.44
N MET F 453 -6.40 21.55 21.60
CA MET F 453 -7.10 22.21 22.70
C MET F 453 -6.14 23.18 23.37
N VAL F 454 -6.71 24.13 24.11
CA VAL F 454 -5.96 25.09 24.89
C VAL F 454 -6.53 25.09 26.31
N GLU F 455 -5.90 25.88 27.19
CA GLU F 455 -6.33 25.96 28.58
C GLU F 455 -5.74 27.22 29.21
N VAL F 456 -6.11 27.46 30.47
CA VAL F 456 -5.55 28.52 31.29
C VAL F 456 -5.39 27.98 32.71
N PRO F 457 -4.35 28.36 33.44
CA PRO F 457 -4.15 27.77 34.78
C PRO F 457 -4.84 28.53 35.91
N ASN F 458 -4.82 27.93 37.10
CA ASN F 458 -5.30 28.58 38.32
C ASN F 458 -4.17 29.08 39.21
N VAL F 459 -2.92 28.82 38.82
CA VAL F 459 -1.80 28.96 39.75
C VAL F 459 -1.37 30.42 39.87
N HIS F 460 -1.27 30.88 41.12
CA HIS F 460 -0.77 32.21 41.42
C HIS F 460 0.55 32.09 42.14
N TRP F 461 1.12 33.25 42.52
CA TRP F 461 2.41 33.25 43.20
C TRP F 461 2.25 33.08 44.71
N ASP F 462 1.02 33.00 45.21
CA ASP F 462 0.82 32.77 46.63
C ASP F 462 1.17 31.34 47.02
N ASP F 463 1.00 30.40 46.09
CA ASP F 463 1.37 29.01 46.36
C ASP F 463 2.81 28.74 46.00
N ILE F 464 3.49 29.70 45.38
CA ILE F 464 4.87 29.53 44.95
C ILE F 464 5.81 29.75 46.13
N GLY F 465 6.90 28.99 46.14
CA GLY F 465 7.90 29.04 47.20
C GLY F 465 9.02 30.02 46.91
N GLY F 466 10.23 29.66 47.30
CA GLY F 466 11.39 30.52 47.15
C GLY F 466 11.88 30.58 45.72
N LEU F 467 13.18 30.88 45.54
CA LEU F 467 13.78 31.11 44.23
C LEU F 467 13.22 32.39 43.60
N GLU F 468 13.16 33.44 44.44
CA GLU F 468 12.67 34.73 43.97
C GLU F 468 13.63 35.38 42.97
N ASP F 469 14.86 34.89 42.89
CA ASP F 469 15.81 35.42 41.91
C ASP F 469 15.35 35.13 40.49
N VAL F 470 14.75 33.96 40.28
CA VAL F 470 14.20 33.64 38.97
C VAL F 470 12.84 34.31 38.80
N LYS F 471 12.12 34.54 39.90
CA LYS F 471 10.82 35.20 39.85
C LYS F 471 10.90 36.53 39.11
N ARG F 472 11.68 37.48 39.64
CA ARG F 472 11.86 38.76 38.98
C ARG F 472 12.57 38.59 37.64
N GLU F 473 13.27 37.48 37.46
CA GLU F 473 13.93 37.21 36.17
C GLU F 473 12.91 36.73 35.14
N ILE F 474 11.89 35.98 35.58
CA ILE F 474 10.81 35.61 34.67
C ILE F 474 10.02 36.85 34.25
N LYS F 475 9.80 37.77 35.20
CA LYS F 475 9.18 39.04 34.84
C LYS F 475 10.05 39.83 33.87
N GLU F 476 11.37 39.73 34.04
CA GLU F 476 12.29 40.43 33.14
C GLU F 476 12.08 39.98 31.70
N THR F 477 12.18 38.67 31.45
CA THR F 477 11.99 38.13 30.11
C THR F 477 10.59 38.44 29.58
N VAL F 478 9.57 37.88 30.23
CA VAL F 478 8.24 37.83 29.62
C VAL F 478 7.53 39.18 29.68
N GLU F 479 7.51 39.80 30.86
CA GLU F 479 6.56 40.88 31.09
C GLU F 479 7.05 42.22 30.54
N LEU F 480 8.36 42.37 30.34
CA LEU F 480 8.87 43.66 29.87
C LEU F 480 8.45 44.00 28.44
N PRO F 481 8.58 43.12 27.44
CA PRO F 481 8.28 43.54 26.06
C PRO F 481 6.84 43.97 25.84
N LEU F 482 5.92 43.64 26.75
CA LEU F 482 4.51 44.00 26.54
C LEU F 482 4.26 45.49 26.79
N LEU F 483 4.67 45.99 27.96
CA LEU F 483 4.37 47.37 28.32
C LEU F 483 5.38 48.34 27.71
N LYS F 484 6.66 47.96 27.72
CA LYS F 484 7.82 48.77 27.33
C LYS F 484 7.95 49.27 25.89
N PRO F 485 7.45 48.57 24.83
CA PRO F 485 8.13 48.61 23.52
C PRO F 485 8.66 49.97 23.04
N ASP F 486 8.03 51.08 23.44
CA ASP F 486 8.62 52.38 23.11
C ASP F 486 9.94 52.56 23.87
N VAL F 487 10.10 51.87 25.00
CA VAL F 487 11.40 51.79 25.66
C VAL F 487 12.28 50.75 24.97
N PHE F 488 11.67 49.68 24.48
CA PHE F 488 12.42 48.65 23.73
C PHE F 488 13.08 49.25 22.50
N LYS F 489 12.45 50.25 21.88
CA LYS F 489 13.04 50.91 20.72
C LYS F 489 14.11 51.90 21.14
N ARG F 490 14.12 52.30 22.41
CA ARG F 490 15.12 53.24 22.89
C ARG F 490 16.49 52.57 23.00
N LEU F 491 16.53 51.37 23.58
CA LEU F 491 17.80 50.65 23.69
C LEU F 491 18.21 50.06 22.34
N GLY F 492 17.24 49.57 21.58
CA GLY F 492 17.52 49.02 20.27
C GLY F 492 18.12 47.64 20.28
N ILE F 493 17.86 46.88 21.34
CA ILE F 493 18.35 45.52 21.46
C ILE F 493 17.59 44.62 20.48
N ARG F 494 18.19 43.48 20.13
CA ARG F 494 17.61 42.59 19.14
C ARG F 494 16.46 41.80 19.74
N PRO F 495 15.72 41.00 18.94
CA PRO F 495 14.67 40.16 19.53
C PRO F 495 15.21 38.82 20.01
N SER F 496 14.31 37.93 20.45
CA SER F 496 14.66 36.63 20.99
C SER F 496 13.41 35.82 21.30
N LYS F 497 13.56 34.52 21.50
CA LYS F 497 12.41 33.65 21.72
C LYS F 497 12.06 33.55 23.21
N GLY F 498 12.90 32.88 23.98
CA GLY F 498 12.64 32.73 25.40
C GLY F 498 13.65 31.82 26.05
N PHE F 499 13.60 31.80 27.38
CA PHE F 499 14.54 31.04 28.21
C PHE F 499 14.19 29.57 28.16
N LEU F 500 14.90 28.78 28.97
CA LEU F 500 14.71 27.34 29.05
C LEU F 500 15.03 26.89 30.47
N LEU F 501 14.36 25.84 30.93
CA LEU F 501 14.51 25.38 32.30
C LEU F 501 15.09 23.97 32.35
N TYR F 502 15.70 23.63 33.48
CA TYR F 502 16.14 22.27 33.71
C TYR F 502 16.11 21.97 35.21
N GLY F 503 15.73 20.74 35.54
CA GLY F 503 15.63 20.29 36.90
C GLY F 503 14.79 19.02 37.00
N PRO F 504 14.80 18.37 38.17
CA PRO F 504 14.01 17.15 38.35
C PRO F 504 12.55 17.39 38.03
N PRO F 505 11.82 16.38 37.55
CA PRO F 505 10.53 16.63 36.91
C PRO F 505 9.51 17.24 37.86
N GLY F 506 8.92 18.35 37.43
CA GLY F 506 7.80 18.97 38.13
C GLY F 506 8.08 19.39 39.56
N VAL F 507 9.35 19.65 39.90
CA VAL F 507 9.65 20.08 41.27
C VAL F 507 8.90 21.36 41.63
N GLY F 508 9.38 22.51 41.15
CA GLY F 508 8.55 23.70 41.00
C GLY F 508 8.34 24.01 39.54
N LYS F 509 9.08 23.30 38.68
CA LYS F 509 9.28 23.74 37.31
C LYS F 509 7.98 23.73 36.52
N THR F 510 7.16 22.69 36.68
CA THR F 510 5.86 22.68 36.02
C THR F 510 4.92 23.70 36.66
N LEU F 511 5.12 23.98 37.95
CA LEU F 511 4.28 24.96 38.64
C LEU F 511 4.75 26.38 38.37
N LEU F 512 6.08 26.59 38.26
CA LEU F 512 6.61 27.94 38.05
C LEU F 512 6.16 28.51 36.70
N ALA F 513 6.36 27.76 35.62
CA ALA F 513 5.92 28.23 34.31
C ALA F 513 4.39 28.27 34.24
N LYS F 514 3.71 27.55 35.13
CA LYS F 514 2.26 27.57 35.16
C LYS F 514 1.75 28.79 35.93
N ALA F 515 2.60 29.37 36.79
CA ALA F 515 2.17 30.51 37.59
C ALA F 515 2.24 31.82 36.80
N VAL F 516 3.18 31.91 35.85
CA VAL F 516 3.41 33.16 35.15
C VAL F 516 2.25 33.47 34.19
N ALA F 517 1.56 32.42 33.72
CA ALA F 517 0.47 32.63 32.78
C ALA F 517 -0.71 33.34 33.42
N THR F 518 -0.94 33.12 34.71
CA THR F 518 -2.09 33.72 35.38
C THR F 518 -1.82 35.18 35.73
N GLU F 519 -0.60 35.48 36.21
CA GLU F 519 -0.28 36.84 36.63
C GLU F 519 -0.36 37.81 35.46
N SER F 520 0.25 37.46 34.32
CA SER F 520 0.18 38.30 33.13
C SER F 520 -1.21 38.35 32.52
N ASN F 521 -2.14 37.52 33.02
CA ASN F 521 -3.51 37.45 32.50
C ASN F 521 -3.54 37.05 31.03
N ALA F 522 -2.53 36.32 30.58
CA ALA F 522 -2.47 35.79 29.23
C ALA F 522 -2.95 34.34 29.22
N ASN F 523 -2.95 33.76 28.03
CA ASN F 523 -3.37 32.37 27.87
C ASN F 523 -2.18 31.45 28.14
N PHE F 524 -2.42 30.14 28.10
CA PHE F 524 -1.37 29.17 28.40
C PHE F 524 -1.46 28.05 27.39
N ILE F 525 -0.39 27.84 26.63
CA ILE F 525 -0.31 26.78 25.63
C ILE F 525 0.77 25.80 26.09
N SER F 526 0.38 24.57 26.39
CA SER F 526 1.28 23.54 26.90
C SER F 526 1.50 22.49 25.83
N ILE F 527 2.75 22.26 25.47
CA ILE F 527 3.13 21.16 24.59
C ILE F 527 4.00 20.24 25.43
N LYS F 528 3.47 19.06 25.77
CA LYS F 528 4.10 18.18 26.73
C LYS F 528 4.21 16.79 26.12
N GLY F 529 5.14 15.99 26.67
CA GLY F 529 5.40 14.66 26.16
C GLY F 529 4.18 13.78 26.08
N PRO F 530 3.50 13.57 27.23
CA PRO F 530 2.23 12.82 27.16
C PRO F 530 1.16 13.55 26.36
N GLU F 531 1.29 14.86 26.19
CA GLU F 531 0.37 15.59 25.32
C GLU F 531 0.74 15.42 23.85
N VAL F 532 2.04 15.30 23.56
CA VAL F 532 2.48 15.10 22.18
C VAL F 532 2.26 13.66 21.76
N LEU F 533 2.51 12.71 22.65
CA LEU F 533 2.29 11.30 22.32
C LEU F 533 0.83 11.03 21.96
N SER F 534 -0.07 11.93 22.35
CA SER F 534 -1.44 11.86 21.85
C SER F 534 -1.55 12.44 20.44
N LYS F 535 -0.64 13.36 20.09
CA LYS F 535 -0.76 14.05 18.81
C LYS F 535 -0.31 13.16 17.65
N TRP F 536 0.89 12.58 17.72
CA TRP F 536 1.46 11.93 16.55
C TRP F 536 0.91 10.52 16.37
N VAL F 537 0.16 10.02 17.35
CA VAL F 537 -0.53 8.75 17.15
C VAL F 537 -1.80 8.95 16.35
N GLY F 538 -2.50 10.06 16.58
CA GLY F 538 -3.72 10.34 15.85
C GLY F 538 -3.50 11.18 14.59
N GLU F 539 -2.28 11.18 14.06
CA GLU F 539 -1.89 11.92 12.85
C GLU F 539 -2.03 13.43 13.06
N SER F 540 -1.79 13.93 14.26
CA SER F 540 -1.88 15.36 14.53
C SER F 540 -0.52 16.03 14.46
N GLU F 541 0.53 15.27 14.14
CA GLU F 541 1.87 15.86 14.04
C GLU F 541 1.94 16.89 12.92
N LYS F 542 1.09 16.78 11.90
CA LYS F 542 0.99 17.84 10.90
C LYS F 542 0.21 19.02 11.45
N ALA F 543 -0.73 18.77 12.37
CA ALA F 543 -1.48 19.85 12.99
C ALA F 543 -0.61 20.66 13.95
N ILE F 544 0.56 20.14 14.31
CA ILE F 544 1.51 20.90 15.12
C ILE F 544 1.93 22.16 14.36
N ARG F 545 2.04 22.06 13.04
CA ARG F 545 2.26 23.25 12.23
C ARG F 545 1.11 24.25 12.37
N GLU F 546 -0.11 23.74 12.53
CA GLU F 546 -1.26 24.62 12.72
C GLU F 546 -1.27 25.19 14.14
N ILE F 547 -0.84 24.39 15.12
CA ILE F 547 -0.72 24.89 16.49
C ILE F 547 0.25 26.07 16.55
N PHE F 548 1.29 26.04 15.72
CA PHE F 548 2.17 27.20 15.60
C PHE F 548 1.40 28.41 15.10
N LYS F 549 0.58 28.23 14.06
CA LYS F 549 -0.24 29.33 13.55
C LYS F 549 -1.41 29.60 14.50
N LYS F 550 -1.73 28.64 15.36
CA LYS F 550 -2.82 28.83 16.32
C LYS F 550 -2.41 29.79 17.44
N ALA F 551 -1.10 29.92 17.68
CA ALA F 551 -0.63 30.69 18.83
C ALA F 551 -0.68 32.19 18.57
N LYS F 552 -0.75 32.60 17.31
CA LYS F 552 -0.66 34.03 17.00
C LYS F 552 -1.97 34.74 17.23
N GLN F 553 -3.11 34.06 17.00
CA GLN F 553 -4.40 34.71 17.28
C GLN F 553 -4.72 34.70 18.77
N VAL F 554 -4.46 33.58 19.45
CA VAL F 554 -4.70 33.45 20.88
C VAL F 554 -3.76 34.32 21.70
N ALA F 555 -2.72 34.87 21.06
CA ALA F 555 -1.75 35.74 21.72
C ALA F 555 -2.43 36.94 22.39
N PRO F 556 -1.86 37.44 23.49
CA PRO F 556 -0.66 36.93 24.20
C PRO F 556 -0.86 35.57 24.85
N ALA F 557 0.07 34.66 24.57
CA ALA F 557 0.08 33.33 25.16
C ALA F 557 1.51 32.82 25.17
N ILE F 558 1.84 32.00 26.17
CA ILE F 558 3.16 31.41 26.30
C ILE F 558 3.08 29.99 25.76
N VAL F 559 4.11 29.56 25.04
CA VAL F 559 4.19 28.21 24.50
C VAL F 559 5.17 27.41 25.36
N PHE F 560 4.70 26.29 25.90
CA PHE F 560 5.44 25.48 26.85
C PHE F 560 5.74 24.13 26.22
N LEU F 561 7.00 23.89 25.85
CA LEU F 561 7.39 22.73 25.04
C LEU F 561 8.40 21.90 25.81
N ASP F 562 8.03 20.68 26.18
CA ASP F 562 8.88 19.80 26.97
C ASP F 562 8.89 18.38 26.43
N GLU F 563 10.06 17.74 26.49
CA GLU F 563 10.30 16.35 26.13
C GLU F 563 9.71 15.90 24.79
N ILE F 564 9.71 16.78 23.80
CA ILE F 564 9.45 16.32 22.44
C ILE F 564 10.76 15.76 21.91
N ASP F 565 11.87 16.35 22.37
CA ASP F 565 13.19 15.91 21.93
C ASP F 565 13.61 14.60 22.57
N SER F 566 12.79 14.06 23.48
CA SER F 566 13.12 12.80 24.13
C SER F 566 13.15 11.65 23.13
N ILE F 567 12.37 11.76 22.05
CA ILE F 567 12.35 10.71 21.05
C ILE F 567 13.38 10.98 19.95
N ALA F 568 14.11 12.09 20.06
CA ALA F 568 15.16 12.39 19.08
C ALA F 568 16.37 11.48 19.16
N PRO F 569 16.98 11.21 20.32
CA PRO F 569 18.26 10.48 20.32
C PRO F 569 18.16 9.03 19.88
N ARG F 570 16.97 8.43 19.85
CA ARG F 570 16.86 7.01 19.55
C ARG F 570 17.19 6.72 18.09
N ARG F 571 16.82 7.64 17.18
CA ARG F 571 17.15 7.43 15.77
C ARG F 571 18.60 7.79 15.47
N GLY F 572 19.11 8.88 16.06
CA GLY F 572 20.49 9.25 15.92
C GLY F 572 20.93 10.03 17.14
N THR F 573 22.24 10.03 17.42
CA THR F 573 22.72 10.59 18.67
C THR F 573 22.65 12.11 18.66
N THR F 574 21.88 12.66 19.60
CA THR F 574 21.81 14.10 19.74
C THR F 574 21.85 14.54 21.20
N SER F 575 22.89 15.28 21.56
CA SER F 575 22.94 16.09 22.76
C SER F 575 23.45 17.49 22.48
N ASP F 576 24.73 17.63 22.17
CA ASP F 576 25.21 18.78 21.42
C ASP F 576 25.40 18.49 19.95
N SER F 577 25.13 17.28 19.47
CA SER F 577 25.39 16.88 18.09
C SER F 577 24.34 17.46 17.14
N GLY F 578 23.08 17.31 17.54
CA GLY F 578 21.97 17.88 16.79
C GLY F 578 21.48 17.13 15.57
N VAL F 579 21.33 15.81 15.67
CA VAL F 579 20.63 15.00 14.68
C VAL F 579 19.39 14.46 15.37
N THR F 580 18.21 14.96 15.01
CA THR F 580 17.05 14.75 15.86
C THR F 580 16.05 13.70 15.33
N GLU F 581 15.20 14.06 14.36
CA GLU F 581 14.09 13.20 13.95
C GLU F 581 13.28 13.92 12.87
N ARG F 582 12.43 13.19 12.13
CA ARG F 582 11.80 13.76 10.95
C ARG F 582 10.65 14.70 11.32
N ILE F 583 9.90 14.39 12.38
CA ILE F 583 8.80 15.26 12.79
C ILE F 583 9.32 16.43 13.61
N VAL F 584 10.41 16.21 14.35
CA VAL F 584 10.92 17.24 15.26
C VAL F 584 11.50 18.41 14.48
N ASN F 585 11.99 18.16 13.26
CA ASN F 585 12.54 19.25 12.46
C ASN F 585 11.46 20.25 12.08
N GLN F 586 10.20 19.83 12.12
CA GLN F 586 9.10 20.78 11.93
C GLN F 586 9.03 21.76 13.09
N LEU F 587 9.45 21.34 14.28
CA LEU F 587 9.61 22.27 15.39
C LEU F 587 10.78 23.21 15.14
N LEU F 588 11.94 22.64 14.77
CA LEU F 588 13.13 23.44 14.53
C LEU F 588 12.91 24.49 13.45
N THR F 589 12.60 24.04 12.22
CA THR F 589 12.49 24.96 11.09
C THR F 589 11.44 26.04 11.36
N SER F 590 10.37 25.69 12.09
CA SER F 590 9.34 26.68 12.38
C SER F 590 9.86 27.78 13.29
N LEU F 591 10.60 27.42 14.33
CA LEU F 591 11.15 28.43 15.24
C LEU F 591 12.13 29.34 14.52
N ASP F 592 12.69 28.88 13.40
CA ASP F 592 13.57 29.73 12.61
C ASP F 592 12.77 30.69 11.74
N GLY F 593 11.59 30.25 11.29
CA GLY F 593 10.84 31.07 10.35
C GLY F 593 9.67 31.79 10.98
N ILE F 594 9.37 31.49 12.24
CA ILE F 594 8.25 32.13 12.92
C ILE F 594 8.62 33.57 13.23
N GLU F 595 7.66 34.48 13.11
CA GLU F 595 7.90 35.91 13.30
C GLU F 595 8.10 36.20 14.78
N VAL F 596 9.05 37.08 15.09
CA VAL F 596 9.30 37.51 16.46
C VAL F 596 8.36 38.65 16.80
N MET F 597 8.59 39.30 17.94
CA MET F 597 7.84 40.48 18.37
C MET F 597 6.40 40.14 18.73
N ASN F 598 6.00 38.88 18.51
CA ASN F 598 4.63 38.45 18.79
C ASN F 598 4.44 38.31 20.29
N GLY F 599 3.24 37.95 20.72
CA GLY F 599 2.96 37.77 22.13
C GLY F 599 3.28 36.38 22.63
N VAL F 600 3.97 35.59 21.80
CA VAL F 600 4.35 34.22 22.13
C VAL F 600 5.66 34.24 22.90
N VAL F 601 5.77 33.36 23.90
CA VAL F 601 6.97 33.23 24.72
C VAL F 601 7.40 31.77 24.72
N VAL F 602 8.58 31.50 24.15
CA VAL F 602 9.10 30.15 24.01
C VAL F 602 9.67 29.71 25.34
N ILE F 603 9.21 28.56 25.84
CA ILE F 603 9.64 28.02 27.13
C ILE F 603 9.86 26.52 26.96
N GLY F 604 10.89 25.99 27.61
CA GLY F 604 11.18 24.56 27.57
C GLY F 604 11.79 24.11 28.89
N ALA F 605 11.76 22.80 29.13
CA ALA F 605 12.21 22.23 30.39
C ALA F 605 12.57 20.75 30.19
N THR F 606 13.32 20.22 31.17
CA THR F 606 13.84 18.86 31.11
C THR F 606 14.59 18.50 32.40
N ASN F 607 14.81 17.21 32.64
CA ASN F 607 15.44 16.80 33.89
C ASN F 607 16.92 17.15 33.93
N ARG F 608 17.69 16.66 32.96
CA ARG F 608 19.05 17.08 32.69
C ARG F 608 18.91 17.28 31.19
N PRO F 609 19.52 18.31 30.62
CA PRO F 609 19.15 18.65 29.24
C PRO F 609 19.49 17.56 28.24
N ASP F 610 20.77 17.19 28.15
CA ASP F 610 21.32 15.95 27.58
C ASP F 610 20.66 15.47 26.29
N ILE F 611 19.75 16.29 25.73
CA ILE F 611 19.23 16.14 24.38
C ILE F 611 18.96 17.54 23.85
N MET F 612 19.56 17.91 22.72
CA MET F 612 19.49 19.25 22.14
C MET F 612 20.19 19.26 20.80
N ASP F 613 20.08 20.39 20.11
CA ASP F 613 20.79 20.64 18.86
C ASP F 613 21.69 21.83 19.09
N PRO F 614 22.85 21.91 18.42
CA PRO F 614 23.66 23.12 18.52
C PRO F 614 22.95 24.34 17.97
N ALA F 615 21.92 24.15 17.15
CA ALA F 615 21.07 25.24 16.72
C ALA F 615 20.10 25.64 17.83
N LEU F 616 19.69 24.69 18.65
CA LEU F 616 18.81 25.01 19.77
C LEU F 616 19.53 25.87 20.79
N LEU F 617 20.86 25.79 20.85
CA LEU F 617 21.63 26.66 21.71
C LEU F 617 21.83 28.04 21.09
N ARG F 618 21.84 28.10 19.75
CA ARG F 618 22.00 29.37 19.06
C ARG F 618 20.72 30.20 19.14
N ALA F 619 20.85 31.50 18.86
CA ALA F 619 19.74 32.43 19.00
C ALA F 619 18.68 32.19 17.92
N GLY F 620 17.62 33.00 17.97
CA GLY F 620 16.42 32.74 17.19
C GLY F 620 15.70 31.48 17.59
N ARG F 621 16.07 30.89 18.72
CA ARG F 621 15.67 29.55 19.14
C ARG F 621 15.78 29.52 20.66
N PHE F 622 15.81 28.31 21.23
CA PHE F 622 15.99 28.18 22.67
C PHE F 622 17.24 28.95 23.12
N ASP F 623 17.19 29.44 24.36
CA ASP F 623 18.11 30.48 24.80
C ASP F 623 18.67 30.20 26.19
N LYS F 624 19.31 31.21 26.78
CA LYS F 624 20.14 31.05 27.98
C LYS F 624 19.46 30.25 29.07
N LEU F 625 20.16 29.27 29.61
CA LEU F 625 19.58 28.35 30.58
C LEU F 625 19.29 29.08 31.88
N ILE F 626 18.24 28.64 32.57
CA ILE F 626 17.87 29.15 33.88
C ILE F 626 18.06 28.04 34.90
N TYR F 627 19.05 28.19 35.77
CA TYR F 627 19.40 27.19 36.76
C TYR F 627 18.37 27.21 37.89
N ILE F 628 17.77 26.05 38.16
CA ILE F 628 16.83 25.89 39.26
C ILE F 628 17.59 25.28 40.44
N PRO F 629 17.90 26.06 41.47
CA PRO F 629 18.62 25.51 42.62
C PRO F 629 17.68 24.72 43.52
N PRO F 630 18.19 23.77 44.29
CA PRO F 630 17.38 23.09 45.30
C PRO F 630 16.98 24.07 46.39
N PRO F 631 15.74 24.02 46.87
CA PRO F 631 15.28 24.97 47.88
C PRO F 631 16.12 24.91 49.15
N ASP F 632 16.56 26.09 49.58
CA ASP F 632 17.34 26.26 50.80
C ASP F 632 16.40 26.25 51.99
N LYS F 633 16.96 26.46 53.18
CA LYS F 633 16.17 26.48 54.41
C LYS F 633 15.07 27.53 54.34
N GLU F 634 15.43 28.76 53.97
CA GLU F 634 14.42 29.81 53.83
C GLU F 634 13.47 29.53 52.67
N ALA F 635 13.96 28.82 51.64
CA ALA F 635 13.08 28.45 50.54
C ALA F 635 12.22 27.24 50.89
N ARG F 636 12.81 26.25 51.57
CA ARG F 636 12.05 25.06 51.96
C ARG F 636 10.94 25.42 52.95
N LEU F 637 11.26 26.27 53.95
CA LEU F 637 10.25 26.69 54.91
C LEU F 637 9.10 27.40 54.21
N SER F 638 9.39 28.18 53.17
CA SER F 638 8.33 28.82 52.41
C SER F 638 7.56 27.81 51.58
N ILE F 639 8.23 26.72 51.16
CA ILE F 639 7.52 25.68 50.42
C ILE F 639 6.75 24.77 51.37
N LEU F 640 7.31 24.48 52.54
CA LEU F 640 6.63 23.59 53.48
C LEU F 640 5.35 24.22 54.02
N LYS F 641 5.34 25.54 54.20
CA LYS F 641 4.14 26.19 54.71
C LYS F 641 3.03 26.18 53.66
N VAL F 642 3.40 26.07 52.38
CA VAL F 642 2.40 25.94 51.33
C VAL F 642 1.78 24.55 51.37
N HIS F 643 2.57 23.53 51.74
CA HIS F 643 2.05 22.17 51.77
C HIS F 643 1.21 21.93 53.02
N THR F 644 1.55 22.58 54.14
CA THR F 644 0.88 22.32 55.41
C THR F 644 -0.24 23.30 55.71
N LYS F 645 -0.52 24.27 54.82
CA LYS F 645 -1.63 25.18 55.09
C LYS F 645 -2.96 24.51 54.81
N ASN F 646 -3.00 23.56 53.87
CA ASN F 646 -4.23 22.82 53.62
C ASN F 646 -4.44 21.72 54.66
N MET F 647 -3.34 21.17 55.18
CA MET F 647 -3.41 20.19 56.26
C MET F 647 -3.58 20.92 57.59
N PRO F 648 -4.07 20.22 58.62
CA PRO F 648 -4.19 20.86 59.95
C PRO F 648 -2.85 21.32 60.50
N LEU F 649 -2.88 22.22 61.48
CA LEU F 649 -1.68 22.78 62.07
C LEU F 649 -1.64 22.45 63.55
N ALA F 650 -0.42 22.24 64.06
CA ALA F 650 -0.17 21.84 65.45
C ALA F 650 1.33 21.79 65.71
N PRO F 651 1.76 22.00 66.97
CA PRO F 651 3.20 21.96 67.27
C PRO F 651 3.85 20.60 66.98
N ASP F 652 3.02 19.57 66.81
CA ASP F 652 3.51 18.22 66.53
C ASP F 652 4.36 18.18 65.27
N VAL F 653 4.11 19.10 64.34
CA VAL F 653 4.87 19.20 63.10
C VAL F 653 5.78 20.41 63.19
N ASP F 654 7.09 20.17 63.25
CA ASP F 654 8.07 21.24 63.30
C ASP F 654 8.81 21.31 61.97
N LEU F 655 8.76 22.49 61.35
CA LEU F 655 9.36 22.66 60.03
C LEU F 655 10.80 23.15 60.14
N ASN F 656 11.23 23.54 61.35
CA ASN F 656 12.56 24.13 61.50
C ASN F 656 13.64 23.05 61.56
N ASP F 657 13.36 21.95 62.25
CA ASP F 657 14.41 20.95 62.50
C ASP F 657 14.79 20.21 61.22
N ILE F 658 13.81 19.92 60.37
CA ILE F 658 14.10 19.17 59.15
C ILE F 658 14.70 20.08 58.08
N ALA F 659 14.50 21.40 58.23
CA ALA F 659 15.02 22.33 57.24
C ALA F 659 16.52 22.58 57.45
N GLN F 660 17.00 22.45 58.69
CA GLN F 660 18.40 22.71 58.97
C GLN F 660 19.28 21.54 58.55
N ARG F 661 18.79 20.31 58.73
CA ARG F 661 19.63 19.14 58.49
C ARG F 661 19.73 18.81 57.01
N THR F 662 18.66 19.06 56.25
CA THR F 662 18.60 18.66 54.85
C THR F 662 18.60 19.91 53.97
N GLU F 663 19.72 20.14 53.28
CA GLU F 663 19.84 21.27 52.37
C GLU F 663 19.51 20.92 50.92
N GLY F 664 19.38 19.64 50.57
CA GLY F 664 19.36 19.24 49.17
C GLY F 664 18.06 18.79 48.56
N TYR F 665 16.97 18.73 49.34
CA TYR F 665 15.71 18.25 48.80
C TYR F 665 15.13 19.24 47.81
N VAL F 666 14.67 18.72 46.67
CA VAL F 666 14.11 19.53 45.59
C VAL F 666 12.62 19.75 45.84
N GLY F 667 11.93 20.31 44.85
CA GLY F 667 10.53 20.62 45.03
C GLY F 667 9.63 19.39 44.97
N ALA F 668 10.00 18.42 44.14
CA ALA F 668 9.19 17.21 44.01
C ALA F 668 9.24 16.38 45.29
N ASP F 669 10.43 16.28 45.90
CA ASP F 669 10.55 15.53 47.15
C ASP F 669 9.72 16.21 48.25
N LEU F 670 9.86 17.52 48.39
CA LEU F 670 9.06 18.25 49.37
C LEU F 670 7.57 18.11 49.08
N GLU F 671 7.22 18.05 47.79
CA GLU F 671 5.83 17.82 47.42
C GLU F 671 5.44 16.37 47.65
N ASN F 672 6.40 15.45 47.55
CA ASN F 672 6.10 14.04 47.74
C ASN F 672 6.03 13.68 49.22
N LEU F 673 6.93 14.22 50.04
CA LEU F 673 7.01 13.83 51.44
C LEU F 673 5.70 14.10 52.17
N CYS F 674 4.97 15.14 51.77
CA CYS F 674 3.71 15.45 52.45
C CYS F 674 2.59 14.55 51.97
N ARG F 675 2.74 13.96 50.77
CA ARG F 675 1.70 13.09 50.24
C ARG F 675 1.46 11.87 51.14
N GLU F 676 2.43 10.95 51.20
CA GLU F 676 2.21 9.70 51.93
C GLU F 676 2.37 9.89 53.43
N ALA F 677 3.32 10.74 53.85
CA ALA F 677 3.53 10.94 55.28
C ALA F 677 2.47 11.88 55.87
N GLY F 678 1.85 12.70 55.02
CA GLY F 678 0.72 13.49 55.49
C GLY F 678 -0.50 12.66 55.79
N MET F 679 -0.67 11.55 55.07
CA MET F 679 -1.67 10.56 55.45
C MET F 679 -1.32 9.95 56.80
N ASN F 680 -0.03 9.89 57.11
CA ASN F 680 0.40 9.42 58.43
C ASN F 680 0.38 10.56 59.45
N ALA F 681 0.17 11.79 58.98
CA ALA F 681 0.17 12.94 59.88
C ALA F 681 -1.18 13.05 60.58
N TYR F 682 -1.13 13.37 61.87
CA TYR F 682 -2.30 13.49 62.72
C TYR F 682 -3.16 12.23 62.65
N ARG F 683 -4.48 12.36 62.66
CA ARG F 683 -5.35 11.19 62.58
C ARG F 683 -6.16 11.26 61.29
N GLU F 684 -5.69 10.52 60.26
CA GLU F 684 -6.52 10.16 59.13
C GLU F 684 -6.95 8.68 59.19
N ASN F 685 -6.41 7.94 60.17
CA ASN F 685 -6.39 6.48 60.14
C ASN F 685 -5.78 5.91 61.43
N PRO F 686 -6.13 4.69 61.82
CA PRO F 686 -5.80 4.19 63.16
C PRO F 686 -4.33 3.93 63.45
N ASP F 687 -3.45 3.92 62.45
CA ASP F 687 -2.08 3.45 62.66
C ASP F 687 -1.36 4.29 63.69
N ALA F 688 -0.32 3.70 64.29
CA ALA F 688 0.34 4.24 65.48
C ALA F 688 1.41 5.28 65.16
N THR F 689 1.62 5.60 63.88
CA THR F 689 2.60 6.60 63.48
C THR F 689 2.06 8.01 63.57
N SER F 690 0.83 8.17 64.07
CA SER F 690 0.15 9.46 64.13
C SER F 690 0.84 10.47 65.03
N VAL F 691 0.55 11.76 64.80
CA VAL F 691 0.94 12.91 65.63
C VAL F 691 2.39 12.83 66.07
N SER F 692 3.29 12.59 65.12
CA SER F 692 4.72 12.54 65.40
C SER F 692 5.48 13.32 64.33
N GLN F 693 6.63 13.87 64.71
CA GLN F 693 7.53 14.47 63.72
C GLN F 693 8.43 13.41 63.09
N LYS F 694 8.52 12.23 63.70
CA LYS F 694 9.42 11.21 63.19
C LYS F 694 8.84 10.52 61.96
N ASN F 695 7.52 10.65 61.74
CA ASN F 695 6.93 10.07 60.54
C ASN F 695 7.48 10.72 59.28
N PHE F 696 7.73 12.04 59.34
CA PHE F 696 8.42 12.71 58.25
C PHE F 696 9.88 12.28 58.21
N LEU F 697 10.47 11.98 59.37
CA LEU F 697 11.86 11.55 59.42
C LEU F 697 12.00 10.09 59.01
N ASP F 698 11.00 9.25 59.33
CA ASP F 698 11.04 7.86 58.90
C ASP F 698 11.01 7.74 57.39
N ALA F 699 10.15 8.54 56.73
CA ALA F 699 10.15 8.58 55.28
C ALA F 699 11.35 9.33 54.74
N LEU F 700 11.98 10.15 55.58
CA LEU F 700 13.17 10.89 55.14
C LEU F 700 14.35 9.96 54.91
N LYS F 701 14.44 8.89 55.70
CA LYS F 701 15.54 7.94 55.54
C LYS F 701 15.30 7.02 54.35
N THR F 702 14.03 6.73 54.06
CA THR F 702 13.70 5.83 52.96
C THR F 702 13.92 6.53 51.61
N ILE F 703 13.46 7.77 51.49
CA ILE F 703 13.61 8.48 50.24
C ILE F 703 15.07 8.90 50.07
N ARG F 704 15.51 8.94 48.81
CA ARG F 704 16.87 9.36 48.48
C ARG F 704 17.07 10.82 48.85
N PRO F 705 18.29 11.19 49.26
CA PRO F 705 18.57 12.59 49.58
C PRO F 705 18.51 13.52 48.38
N SER F 706 18.62 13.00 47.17
CA SER F 706 18.54 13.77 45.93
C SER F 706 19.58 14.89 45.91
N VAL F 707 20.70 14.63 46.57
CA VAL F 707 21.83 15.55 46.63
C VAL F 707 22.89 15.03 45.69
N ASP F 708 23.05 15.69 44.54
CA ASP F 708 24.07 15.32 43.56
C ASP F 708 24.83 16.60 43.20
N GLU F 709 26.11 16.65 43.58
CA GLU F 709 26.95 17.79 43.23
C GLU F 709 27.50 17.65 41.82
N GLU F 710 27.53 16.43 41.29
CA GLU F 710 28.15 16.20 39.99
C GLU F 710 27.25 16.68 38.85
N VAL F 711 25.94 16.47 38.97
CA VAL F 711 25.04 16.91 37.91
C VAL F 711 24.90 18.42 37.92
N ILE F 712 25.03 19.05 39.10
CA ILE F 712 25.04 20.51 39.17
C ILE F 712 26.30 21.04 38.50
N LYS F 713 27.43 20.35 38.70
CA LYS F 713 28.65 20.71 37.99
C LYS F 713 28.52 20.43 36.50
N PHE F 714 27.78 19.38 36.13
CA PHE F 714 27.58 19.08 34.71
C PHE F 714 26.72 20.16 34.04
N TYR F 715 25.85 20.82 34.81
CA TYR F 715 25.05 21.91 34.25
C TYR F 715 25.92 23.10 33.90
N ARG F 716 26.89 23.44 34.76
CA ARG F 716 27.73 24.60 34.51
C ARG F 716 28.68 24.36 33.35
N THR F 717 29.07 23.11 33.13
CA THR F 717 29.98 22.80 32.02
C THR F 717 29.25 22.82 30.69
N LEU F 718 28.01 22.32 30.66
CA LEU F 718 27.25 22.29 29.41
C LEU F 718 26.67 23.65 29.08
N SER F 719 26.45 24.49 30.10
CA SER F 719 25.85 25.80 29.85
C SER F 719 26.81 26.73 29.11
N GLU F 720 28.06 26.82 29.58
CA GLU F 720 29.02 27.70 28.92
C GLU F 720 29.44 27.16 27.56
N THR F 721 29.68 25.86 27.48
CA THR F 721 30.09 25.23 26.22
C THR F 721 28.91 25.08 25.27
#